data_8P30
#
_entry.id   8P30
#
_cell.length_a   1.00
_cell.length_b   1.00
_cell.length_c   1.00
_cell.angle_alpha   90.00
_cell.angle_beta   90.00
_cell.angle_gamma   90.00
#
_symmetry.space_group_name_H-M   'P 1'
#
loop_
_entity.id
_entity.type
_entity.pdbx_description
1 polymer 'Processed angiotensin-converting enzyme 2'
2 polymer 'Sodium- and chloride-dependent transporter XTRP3'
3 branched alpha-D-mannopyranose-(1-3)-[alpha-D-mannopyranose-(1-6)]alpha-D-mannopyranose-(1-6)-[alpha-D-mannopyranose-(1-3)]beta-D-mannopyranose-(1-4)-2-acetamido-2-deoxy-beta-D-glucopyranose-(1-4)-2-acetamido-2-deoxy-beta-D-glucopyranose
4 branched 2-acetamido-2-deoxy-beta-D-glucopyranose-(1-4)-2-acetamido-2-deoxy-beta-D-glucopyranose
5 non-polymer 'ZINC ION'
6 non-polymer 2-acetamido-2-deoxy-alpha-D-glucopyranose
7 non-polymer 2-acetamido-2-deoxy-beta-D-glucopyranose
8 non-polymer '(2S)-piperidine-2-carboxylic acid'
9 non-polymer 'CHLORIDE ION'
#
loop_
_entity_poly.entity_id
_entity_poly.type
_entity_poly.pdbx_seq_one_letter_code
_entity_poly.pdbx_strand_id
1 'polypeptide(L)'
;MSSSSWLLLSLVAVTAADYKDDDDKSTIEEQAKTFLDKFNHEAEDLFYQSSLASWNYNTNITEENVQNMNNAGDKWSAFL
KEQSTLAQMYPLQEIQNLTVKLQLQALQQNGSSVLSEDKSKRLNTILNTMSTIYSTGKVCNPDNPQECLLLEPGLNEIMA
NSLDYNERLWAWESWRSEVGKQLRPLYEEYVVLKNEMARANHYEDYGDYWRGDYEVNGVDGYDYSRGQLIEDVEHTFEEI
KPLYEHLHAYVRAKLMNAYPSYISPIGCLPAHLLGDMWGRFWTNLYSLTVPFGQKPNIDVTDAMVDQAWDAQRIFKEAEK
FFVSVGLPNMTQGFWENSMLTDPGNVQKAVCHPTAWDLGKGDFRILMCTKVTMDDFLTAHHEMGHIQYDMAYAAQPFLLR
NGANEGFHEAVGEIMSLSAATPKHLKSIGLLSPDFQEDNETEINFLLKQALTIVGTLPFTYMLEKWRWMVFKGEIPKDQW
MKKWWEMKREIVGVVEPVPHDETYCDPASLFHVSNDYSFIRYYTRTLYQFQFQEALCQAAKHEGPLHKCDISNSTEAGQK
LFNMLRLGKSEPWTLALENVVGAKNMNVRPLLNYFEPLFTWLKDQNKNSFVGWSTDWSPYADQSIKVRISLKSALGDKAY
EWNDNEMYLFRSSVAYAMRQYFLKVKNQMILFGEEDVRVANLKPRISFNFFVTAPKNVSDIIPRTEVEKAIRMSRSRIND
AFRLNDNSLEFLGIQPTLGPPNQPPVSIWLIVFGVVMGVIVVGIVILIFTGIRDRKKKNKARSGENPYASIDISKGENNP
GFQNTDDVQTSF
;
A,B
2 'polypeptide(L)'
;MEKARPLWANSLQFVFACISYAVGLGNVWRFPYLCQMYGGGSFLVPYIIMLIVEGMPLLYLELAVGQRMRQGSIGAWRTI
SPYLSGVGVASVVVSFFLSMYYNVINAWAFWYLFHSFQDPLPWSVCPLNGNHTGYDEECEKASSTQYFWYRKTLNISPSL
QENGGVQWEPALCLLLAWLVVYLCILRGTESTGKVVYFTASLPYCVLIIYLIRGLTLHGATNGLMYMFTPKIEQLANPKA
WINAATQIFFSLGLGFGSLIAFASYNEPSNNCQKHAIIVSLINSFTSIFASIVTFSIYGFKATFNYENCLKKVSLLLTNT
FDLEDGFLTASNLEQVKGYLASAYPSKYSEMFPQIKNCSLESELDTAVQGTGLAFIVYTEAIKNMEVSQLWSVLYFFMLL
MLGIGSMLGNTAAILTPLTDSKIISSHLPKEAISGLVCLVNCAIGMVFTMEAGNYWFDIFNDYAATLSLLLIVLVETIAV
CYVYGLRRFESDLKAMTGRAVSWYWKVMWAGVSPLLIVSLFVFYLSDYILTGTLKYQAWDASQGQLVTKDYPAYALAVIG
LLVASSTMCIPLAALGTFVQRRLKRGDADPVAAENLYFQSHHHHHHHHHHGSAWSHPQFEKGGGSGGGSGGSAWSHPQFE
K
;
C,D
#
# COMPACT_ATOMS: atom_id res chain seq x y z
N ILE A 28 78.15 20.18 -9.33
CA ILE A 28 76.81 20.72 -9.56
C ILE A 28 76.43 21.65 -8.40
N GLU A 29 76.97 21.37 -7.21
CA GLU A 29 76.70 22.24 -6.07
C GLU A 29 77.29 23.63 -6.29
N GLU A 30 78.51 23.69 -6.84
CA GLU A 30 79.16 24.98 -7.05
C GLU A 30 78.39 25.83 -8.06
N GLN A 31 77.97 25.23 -9.17
CA GLN A 31 77.22 25.99 -10.17
C GLN A 31 75.84 26.36 -9.65
N ALA A 32 75.23 25.51 -8.82
CA ALA A 32 73.97 25.88 -8.19
C ALA A 32 74.14 27.07 -7.27
N LYS A 33 75.22 27.09 -6.48
CA LYS A 33 75.49 28.24 -5.63
C LYS A 33 75.73 29.50 -6.45
N THR A 34 76.46 29.37 -7.56
CA THR A 34 76.67 30.51 -8.44
C THR A 34 75.37 31.03 -9.01
N PHE A 35 74.48 30.12 -9.42
CA PHE A 35 73.17 30.51 -9.93
C PHE A 35 72.35 31.24 -8.87
N LEU A 36 72.38 30.72 -7.63
CA LEU A 36 71.66 31.39 -6.54
C LEU A 36 72.23 32.78 -6.27
N ASP A 37 73.56 32.91 -6.29
CA ASP A 37 74.18 34.22 -6.09
C ASP A 37 73.78 35.19 -7.19
N LYS A 38 73.76 34.72 -8.44
CA LYS A 38 73.30 35.58 -9.53
C LYS A 38 71.84 35.97 -9.37
N PHE A 39 71.01 35.02 -8.91
CA PHE A 39 69.58 35.28 -8.81
C PHE A 39 69.26 36.27 -7.70
N ASN A 40 69.98 36.22 -6.57
CA ASN A 40 69.65 37.10 -5.45
C ASN A 40 69.81 38.57 -5.83
N HIS A 41 70.90 38.91 -6.52
CA HIS A 41 71.15 40.30 -6.88
C HIS A 41 70.04 40.85 -7.77
N GLU A 42 69.60 40.07 -8.76
CA GLU A 42 68.53 40.52 -9.63
C GLU A 42 67.18 40.53 -8.93
N ALA A 43 66.96 39.61 -7.98
CA ALA A 43 65.66 39.53 -7.32
C ALA A 43 65.45 40.68 -6.35
N GLU A 44 66.50 41.08 -5.62
CA GLU A 44 66.31 42.09 -4.58
C GLU A 44 65.84 43.42 -5.15
N ASP A 45 66.44 43.86 -6.27
CA ASP A 45 66.07 45.14 -6.86
C ASP A 45 64.64 45.15 -7.34
N LEU A 46 64.24 44.12 -8.09
CA LEU A 46 62.88 44.05 -8.60
C LEU A 46 61.87 43.95 -7.47
N PHE A 47 62.18 43.18 -6.42
CA PHE A 47 61.27 43.10 -5.29
C PHE A 47 61.14 44.44 -4.58
N TYR A 48 62.25 45.18 -4.44
CA TYR A 48 62.16 46.50 -3.83
C TYR A 48 61.30 47.43 -4.68
N GLN A 49 61.44 47.37 -6.00
CA GLN A 49 60.61 48.20 -6.87
C GLN A 49 59.13 47.85 -6.72
N SER A 50 58.81 46.54 -6.71
CA SER A 50 57.41 46.14 -6.57
C SER A 50 56.84 46.54 -5.22
N SER A 51 57.62 46.38 -4.15
CA SER A 51 57.16 46.79 -2.83
C SER A 51 56.96 48.30 -2.75
N LEU A 52 57.84 49.07 -3.38
CA LEU A 52 57.66 50.52 -3.42
C LEU A 52 56.40 50.90 -4.19
N ALA A 53 56.13 50.21 -5.29
CA ALA A 53 54.91 50.47 -6.05
C ALA A 53 53.67 50.17 -5.21
N SER A 54 53.67 49.05 -4.49
CA SER A 54 52.55 48.71 -3.62
C SER A 54 52.38 49.74 -2.51
N TRP A 55 53.50 50.19 -1.93
CA TRP A 55 53.45 51.20 -0.88
C TRP A 55 52.88 52.50 -1.41
N ASN A 56 53.27 52.89 -2.62
CA ASN A 56 52.73 54.11 -3.22
C ASN A 56 51.24 53.97 -3.48
N TYR A 57 50.80 52.79 -3.96
CA TYR A 57 49.37 52.59 -4.19
C TYR A 57 48.59 52.67 -2.89
N ASN A 58 49.09 52.06 -1.83
CA ASN A 58 48.37 52.10 -0.56
C ASN A 58 48.43 53.47 0.10
N THR A 59 49.50 54.23 -0.16
CA THR A 59 49.62 55.57 0.40
C THR A 59 48.59 56.52 -0.22
N ASN A 60 48.51 56.53 -1.54
CA ASN A 60 47.57 57.38 -2.27
C ASN A 60 46.78 56.52 -3.24
N ILE A 61 45.46 56.49 -3.07
CA ILE A 61 44.59 55.65 -3.89
C ILE A 61 44.27 56.37 -5.19
N THR A 62 45.04 56.13 -6.23
CA THR A 62 44.80 56.68 -7.55
C THR A 62 44.93 55.58 -8.60
N GLU A 63 44.16 55.70 -9.68
CA GLU A 63 44.14 54.69 -10.73
C GLU A 63 45.50 54.54 -11.41
N GLU A 64 46.23 55.64 -11.59
CA GLU A 64 47.57 55.54 -12.15
C GLU A 64 48.48 54.69 -11.27
N ASN A 65 48.36 54.85 -9.94
CA ASN A 65 49.11 54.00 -9.03
C ASN A 65 48.64 52.55 -9.14
N VAL A 66 47.35 52.33 -9.40
CA VAL A 66 46.86 50.97 -9.62
C VAL A 66 47.58 50.35 -10.81
N GLN A 67 47.66 51.09 -11.92
CA GLN A 67 48.34 50.58 -13.10
C GLN A 67 49.82 50.32 -12.83
N ASN A 68 50.48 51.25 -12.13
CA ASN A 68 51.91 51.08 -11.84
C ASN A 68 52.16 49.85 -10.97
N MET A 69 51.33 49.67 -9.93
CA MET A 69 51.48 48.51 -9.06
C MET A 69 51.21 47.22 -9.82
N ASN A 70 50.20 47.22 -10.70
CA ASN A 70 49.91 46.04 -11.49
C ASN A 70 51.08 45.69 -12.40
N ASN A 71 51.68 46.70 -13.04
CA ASN A 71 52.82 46.45 -13.90
C ASN A 71 54.01 45.89 -13.11
N ALA A 72 54.29 46.49 -11.95
CA ALA A 72 55.40 46.01 -11.13
C ALA A 72 55.17 44.58 -10.67
N GLY A 73 53.95 44.27 -10.22
CA GLY A 73 53.65 42.91 -9.78
C GLY A 73 53.74 41.90 -10.91
N ASP A 74 53.26 42.28 -12.10
CA ASP A 74 53.35 41.39 -13.25
C ASP A 74 54.80 41.13 -13.63
N LYS A 75 55.64 42.17 -13.61
CA LYS A 75 57.05 41.97 -13.92
C LYS A 75 57.71 41.06 -12.89
N TRP A 76 57.41 41.28 -11.61
CA TRP A 76 57.98 40.43 -10.57
C TRP A 76 57.54 38.98 -10.72
N SER A 77 56.25 38.77 -11.02
CA SER A 77 55.75 37.41 -11.19
C SER A 77 56.38 36.72 -12.39
N ALA A 78 56.53 37.44 -13.50
CA ALA A 78 57.18 36.86 -14.67
C ALA A 78 58.63 36.50 -14.39
N PHE A 79 59.34 37.38 -13.69
CA PHE A 79 60.72 37.07 -13.30
C PHE A 79 60.77 35.84 -12.41
N LEU A 80 59.85 35.75 -11.45
CA LEU A 80 59.82 34.59 -10.56
C LEU A 80 59.55 33.30 -11.35
N LYS A 81 58.62 33.35 -12.29
CA LYS A 81 58.29 32.15 -13.07
C LYS A 81 59.47 31.71 -13.93
N GLU A 82 60.12 32.66 -14.60
CA GLU A 82 61.24 32.27 -15.45
C GLU A 82 62.42 31.77 -14.61
N GLN A 83 62.65 32.37 -13.44
CA GLN A 83 63.69 31.83 -12.56
C GLN A 83 63.31 30.45 -12.02
N SER A 84 62.03 30.21 -11.79
CA SER A 84 61.58 28.87 -11.40
C SER A 84 61.89 27.86 -12.48
N THR A 85 61.64 28.23 -13.74
CA THR A 85 61.98 27.34 -14.85
C THR A 85 63.49 27.11 -14.90
N LEU A 86 64.27 28.16 -14.68
CA LEU A 86 65.74 28.02 -14.73
C LEU A 86 66.27 27.16 -13.59
N ALA A 87 65.60 27.20 -12.43
CA ALA A 87 66.08 26.48 -11.25
C ALA A 87 65.99 24.96 -11.40
N GLN A 88 65.26 24.47 -12.40
CA GLN A 88 65.11 23.03 -12.59
C GLN A 88 66.42 22.36 -13.02
N MET A 89 67.43 23.13 -13.43
CA MET A 89 68.68 22.56 -13.88
C MET A 89 69.49 21.92 -12.75
N TYR A 90 69.12 22.17 -11.50
CA TYR A 90 69.83 21.62 -10.34
C TYR A 90 68.86 20.74 -9.56
N PRO A 91 68.91 19.42 -9.74
CA PRO A 91 68.04 18.55 -8.94
C PRO A 91 68.48 18.49 -7.49
N LEU A 92 67.51 18.21 -6.62
CA LEU A 92 67.81 18.10 -5.19
C LEU A 92 68.55 16.82 -4.83
N GLN A 93 68.63 15.86 -5.75
CA GLN A 93 69.32 14.61 -5.49
C GLN A 93 70.83 14.77 -5.37
N GLU A 94 71.37 15.92 -5.76
CA GLU A 94 72.80 16.16 -5.70
C GLU A 94 73.20 17.38 -4.87
N ILE A 95 72.25 18.20 -4.46
CA ILE A 95 72.58 19.38 -3.65
C ILE A 95 72.87 18.93 -2.22
N GLN A 96 74.05 19.29 -1.71
CA GLN A 96 74.46 18.92 -0.37
C GLN A 96 74.42 20.08 0.62
N ASN A 97 74.21 21.31 0.15
CA ASN A 97 74.13 22.47 1.03
C ASN A 97 72.68 22.67 1.44
N LEU A 98 72.45 22.73 2.75
CA LEU A 98 71.09 22.84 3.26
C LEU A 98 70.44 24.17 2.84
N THR A 99 71.16 25.28 3.02
CA THR A 99 70.61 26.58 2.65
C THR A 99 70.37 26.68 1.15
N VAL A 100 71.34 26.22 0.35
CA VAL A 100 71.18 26.23 -1.10
C VAL A 100 70.01 25.33 -1.51
N LYS A 101 69.89 24.16 -0.89
CA LYS A 101 68.79 23.26 -1.21
C LYS A 101 67.45 23.88 -0.84
N LEU A 102 67.40 24.61 0.28
CA LEU A 102 66.15 25.24 0.68
C LEU A 102 65.76 26.36 -0.28
N GLN A 103 66.74 27.16 -0.71
CA GLN A 103 66.45 28.16 -1.74
C GLN A 103 65.98 27.52 -3.03
N LEU A 104 66.60 26.40 -3.40
CA LEU A 104 66.19 25.66 -4.59
C LEU A 104 64.76 25.15 -4.47
N GLN A 105 64.39 24.64 -3.29
CA GLN A 105 63.03 24.20 -3.06
C GLN A 105 62.06 25.37 -3.16
N ALA A 106 62.43 26.51 -2.59
CA ALA A 106 61.56 27.69 -2.63
C ALA A 106 61.32 28.16 -4.05
N LEU A 107 62.38 28.18 -4.87
CA LEU A 107 62.27 28.65 -6.25
C LEU A 107 61.88 27.55 -7.24
N GLN A 108 61.76 26.31 -6.79
CA GLN A 108 61.53 25.19 -7.70
C GLN A 108 60.09 24.71 -7.74
N GLN A 109 59.25 25.14 -6.79
CA GLN A 109 57.86 24.70 -6.77
C GLN A 109 57.12 25.22 -7.98
N ASN A 110 56.62 24.29 -8.81
CA ASN A 110 55.90 24.68 -10.01
C ASN A 110 54.61 25.44 -9.68
N GLY A 111 53.89 24.98 -8.66
CA GLY A 111 52.63 25.62 -8.32
C GLY A 111 51.59 25.38 -9.40
N SER A 112 50.96 26.47 -9.85
CA SER A 112 49.90 26.39 -10.84
C SER A 112 50.43 26.25 -12.27
N SER A 113 51.75 26.33 -12.47
CA SER A 113 52.32 26.22 -13.80
C SER A 113 52.38 24.78 -14.30
N VAL A 114 52.07 23.80 -13.45
CA VAL A 114 52.13 22.41 -13.86
C VAL A 114 50.86 21.95 -14.57
N LEU A 115 49.76 22.69 -14.46
CA LEU A 115 48.53 22.33 -15.13
C LEU A 115 48.55 22.82 -16.57
N SER A 116 47.61 22.30 -17.36
CA SER A 116 47.47 22.73 -18.74
C SER A 116 46.87 24.13 -18.81
N GLU A 117 46.92 24.72 -19.99
CA GLU A 117 46.41 26.08 -20.17
C GLU A 117 44.92 26.16 -19.88
N ASP A 118 44.14 25.21 -20.40
CA ASP A 118 42.70 25.20 -20.13
C ASP A 118 42.41 25.01 -18.65
N LYS A 119 43.11 24.07 -18.01
CA LYS A 119 42.89 23.83 -16.59
C LYS A 119 43.30 25.03 -15.75
N SER A 120 44.44 25.65 -16.08
CA SER A 120 44.87 26.83 -15.34
C SER A 120 43.88 27.98 -15.49
N LYS A 121 43.40 28.20 -16.72
CA LYS A 121 42.42 29.26 -16.95
C LYS A 121 41.13 28.98 -16.20
N ARG A 122 40.67 27.73 -16.21
CA ARG A 122 39.46 27.37 -15.48
C ARG A 122 39.64 27.58 -13.98
N LEU A 123 40.80 27.20 -13.45
CA LEU A 123 41.06 27.37 -12.02
C LEU A 123 41.07 28.84 -11.64
N ASN A 124 41.74 29.68 -12.43
CA ASN A 124 41.75 31.10 -12.14
C ASN A 124 40.35 31.69 -12.24
N THR A 125 39.58 31.26 -13.24
CA THR A 125 38.22 31.77 -13.41
C THR A 125 37.35 31.41 -12.21
N ILE A 126 37.42 30.16 -11.76
CA ILE A 126 36.56 29.76 -10.65
C ILE A 126 37.01 30.41 -9.35
N LEU A 127 38.32 30.59 -9.15
CA LEU A 127 38.79 31.28 -7.96
C LEU A 127 38.30 32.72 -7.94
N ASN A 128 38.41 33.42 -9.08
CA ASN A 128 37.94 34.80 -9.15
C ASN A 128 36.43 34.85 -8.95
N THR A 129 35.70 33.90 -9.53
CA THR A 129 34.25 33.88 -9.37
C THR A 129 33.85 33.68 -7.91
N MET A 130 34.51 32.76 -7.21
CA MET A 130 34.21 32.55 -5.80
C MET A 130 34.52 33.79 -4.99
N SER A 131 35.67 34.43 -5.25
CA SER A 131 36.02 35.64 -4.52
C SER A 131 34.98 36.74 -4.75
N THR A 132 34.55 36.92 -6.00
CA THR A 132 33.55 37.94 -6.30
C THR A 132 32.21 37.61 -5.66
N ILE A 133 31.82 36.33 -5.65
CA ILE A 133 30.56 35.95 -5.04
C ILE A 133 30.58 36.23 -3.55
N TYR A 134 31.69 35.91 -2.88
CA TYR A 134 31.79 36.20 -1.45
C TYR A 134 31.79 37.70 -1.21
N SER A 135 32.50 38.47 -2.02
CA SER A 135 32.58 39.91 -1.80
C SER A 135 31.24 40.59 -2.01
N THR A 136 30.52 40.21 -3.06
CA THR A 136 29.29 40.87 -3.45
C THR A 136 28.04 40.25 -2.83
N GLY A 137 28.22 39.28 -1.94
CA GLY A 137 27.07 38.64 -1.32
C GLY A 137 26.19 39.62 -0.56
N LYS A 138 24.90 39.63 -0.89
CA LYS A 138 23.95 40.53 -0.26
C LYS A 138 22.67 39.77 0.07
N VAL A 139 22.06 40.13 1.19
CA VAL A 139 20.78 39.56 1.61
C VAL A 139 19.70 40.61 1.38
N CYS A 140 18.69 40.26 0.58
CA CYS A 140 17.65 41.19 0.19
C CYS A 140 16.28 40.65 0.61
N ASN A 141 15.44 41.55 1.13
CA ASN A 141 14.08 41.18 1.45
C ASN A 141 13.29 40.95 0.16
N PRO A 142 12.59 39.82 0.02
CA PRO A 142 11.82 39.60 -1.20
C PRO A 142 10.75 40.65 -1.44
N ASP A 143 10.24 41.28 -0.38
CA ASP A 143 9.24 42.33 -0.54
C ASP A 143 9.80 43.51 -1.30
N ASN A 144 11.01 43.94 -0.95
CA ASN A 144 11.68 45.07 -1.61
C ASN A 144 13.09 44.63 -1.99
N PRO A 145 13.27 44.11 -3.21
CA PRO A 145 14.61 43.69 -3.63
C PRO A 145 15.60 44.83 -3.73
N GLN A 146 15.13 46.08 -3.78
CA GLN A 146 16.06 47.21 -3.89
C GLN A 146 16.95 47.32 -2.66
N GLU A 147 16.39 47.14 -1.47
CA GLU A 147 17.14 47.27 -0.23
C GLU A 147 17.80 45.93 0.10
N CYS A 148 19.12 45.94 0.26
CA CYS A 148 19.88 44.75 0.59
C CYS A 148 20.92 45.09 1.64
N LEU A 149 21.31 44.09 2.41
CA LEU A 149 22.34 44.21 3.42
C LEU A 149 23.57 43.43 2.99
N LEU A 150 24.73 44.07 3.07
CA LEU A 150 26.00 43.42 2.75
C LEU A 150 26.55 42.71 3.97
N LEU A 151 27.69 42.04 3.81
CA LEU A 151 28.26 41.28 4.91
C LEU A 151 28.92 42.19 5.94
N GLU A 152 29.92 42.97 5.52
CA GLU A 152 30.68 43.78 6.46
C GLU A 152 29.82 44.80 7.20
N PRO A 153 28.96 45.59 6.55
CA PRO A 153 28.08 46.48 7.33
C PRO A 153 26.72 45.85 7.59
N GLY A 154 26.20 46.12 8.79
CA GLY A 154 24.85 45.71 9.13
C GLY A 154 24.71 44.25 9.52
N LEU A 155 25.00 43.34 8.59
CA LEU A 155 24.79 41.92 8.85
C LEU A 155 25.66 41.46 10.02
N ASN A 156 26.93 41.87 10.04
CA ASN A 156 27.77 41.58 11.19
C ASN A 156 27.22 42.24 12.45
N GLU A 157 26.70 43.46 12.33
CA GLU A 157 26.06 44.10 13.47
C GLU A 157 24.85 43.31 13.93
N ILE A 158 24.07 42.77 12.99
CA ILE A 158 22.92 41.95 13.35
C ILE A 158 23.37 40.72 14.12
N MET A 159 24.41 40.05 13.65
CA MET A 159 24.88 38.84 14.30
C MET A 159 25.61 39.10 15.62
N ALA A 160 26.15 40.29 15.82
CA ALA A 160 26.95 40.58 16.99
C ALA A 160 26.25 41.45 18.02
N ASN A 161 25.07 41.97 17.73
CA ASN A 161 24.38 42.86 18.67
C ASN A 161 22.97 42.41 18.99
N SER A 162 22.24 41.86 18.02
CA SER A 162 20.85 41.50 18.24
C SER A 162 20.72 40.39 19.27
N LEU A 163 19.63 40.45 20.05
CA LEU A 163 19.30 39.43 21.02
C LEU A 163 18.06 38.65 20.62
N ASP A 164 17.62 38.78 19.36
CA ASP A 164 16.43 38.12 18.88
C ASP A 164 16.83 36.81 18.21
N TYR A 165 16.27 35.70 18.69
CA TYR A 165 16.58 34.41 18.12
C TYR A 165 16.20 34.36 16.64
N ASN A 166 14.99 34.83 16.31
CA ASN A 166 14.52 34.76 14.93
C ASN A 166 15.35 35.65 14.01
N GLU A 167 15.72 36.85 14.47
CA GLU A 167 16.48 37.76 13.62
C GLU A 167 17.87 37.20 13.32
N ARG A 168 18.56 36.70 14.35
CA ARG A 168 19.86 36.09 14.14
C ARG A 168 19.76 34.87 13.25
N LEU A 169 18.73 34.06 13.46
CA LEU A 169 18.52 32.88 12.61
C LEU A 169 18.31 33.29 11.16
N TRP A 170 17.52 34.33 10.93
CA TRP A 170 17.29 34.79 9.56
C TRP A 170 18.59 35.28 8.93
N ALA A 171 19.37 36.06 9.66
CA ALA A 171 20.63 36.55 9.10
C ALA A 171 21.56 35.40 8.76
N TRP A 172 21.71 34.45 9.68
CA TRP A 172 22.60 33.32 9.47
C TRP A 172 22.16 32.47 8.28
N GLU A 173 20.89 32.09 8.25
CA GLU A 173 20.39 31.23 7.17
C GLU A 173 20.42 31.95 5.83
N SER A 174 20.08 33.24 5.81
CA SER A 174 20.11 33.98 4.56
C SER A 174 21.54 34.08 4.03
N TRP A 175 22.51 34.36 4.91
CA TRP A 175 23.88 34.42 4.44
C TRP A 175 24.36 33.07 3.91
N ARG A 176 23.99 31.98 4.58
CA ARG A 176 24.45 30.67 4.17
C ARG A 176 23.63 30.06 3.05
N SER A 177 22.53 30.69 2.64
CA SER A 177 21.76 30.24 1.50
C SER A 177 21.89 31.13 0.27
N GLU A 178 22.37 32.36 0.43
CA GLU A 178 22.61 33.23 -0.71
C GLU A 178 24.02 33.16 -1.23
N VAL A 179 24.99 32.73 -0.41
CA VAL A 179 26.37 32.64 -0.82
C VAL A 179 26.83 31.19 -0.96
N GLY A 180 26.47 30.33 0.01
CA GLY A 180 26.94 28.96 -0.04
C GLY A 180 26.41 28.20 -1.24
N LYS A 181 25.12 28.36 -1.54
CA LYS A 181 24.52 27.64 -2.66
C LYS A 181 25.17 28.04 -3.98
N GLN A 182 25.48 29.33 -4.15
CA GLN A 182 26.18 29.77 -5.35
C GLN A 182 27.63 29.32 -5.39
N LEU A 183 28.19 28.88 -4.26
CA LEU A 183 29.58 28.46 -4.22
C LEU A 183 29.78 26.96 -4.25
N ARG A 184 28.73 26.17 -4.04
CA ARG A 184 28.90 24.72 -3.97
C ARG A 184 29.47 24.12 -5.25
N PRO A 185 28.91 24.34 -6.44
CA PRO A 185 29.49 23.71 -7.63
C PRO A 185 30.88 24.22 -7.96
N LEU A 186 31.09 25.53 -7.83
CA LEU A 186 32.42 26.08 -8.02
C LEU A 186 33.41 25.46 -7.06
N TYR A 187 32.99 25.20 -5.82
CA TYR A 187 33.89 24.59 -4.85
C TYR A 187 34.18 23.14 -5.21
N GLU A 188 33.20 22.40 -5.74
CA GLU A 188 33.49 21.04 -6.19
C GLU A 188 34.54 21.04 -7.30
N GLU A 189 34.36 21.92 -8.30
CA GLU A 189 35.35 22.01 -9.36
C GLU A 189 36.71 22.44 -8.83
N TYR A 190 36.72 23.37 -7.87
CA TYR A 190 37.97 23.81 -7.26
C TYR A 190 38.68 22.68 -6.54
N VAL A 191 37.92 21.85 -5.81
CA VAL A 191 38.52 20.70 -5.15
C VAL A 191 39.16 19.77 -6.17
N VAL A 192 38.43 19.47 -7.25
CA VAL A 192 38.96 18.55 -8.25
C VAL A 192 40.24 19.11 -8.88
N LEU A 193 40.22 20.39 -9.26
CA LEU A 193 41.38 20.97 -9.93
C LEU A 193 42.58 21.06 -9.00
N LYS A 194 42.36 21.43 -7.74
CA LYS A 194 43.48 21.49 -6.79
C LYS A 194 44.06 20.11 -6.54
N ASN A 195 43.20 19.08 -6.47
CA ASN A 195 43.71 17.72 -6.36
C ASN A 195 44.56 17.35 -7.57
N GLU A 196 44.09 17.71 -8.77
CA GLU A 196 44.86 17.41 -9.97
C GLU A 196 46.23 18.09 -9.94
N MET A 197 46.27 19.37 -9.55
CA MET A 197 47.54 20.07 -9.51
C MET A 197 48.49 19.47 -8.47
N ALA A 198 47.97 19.16 -7.27
CA ALA A 198 48.79 18.57 -6.24
C ALA A 198 49.34 17.21 -6.67
N ARG A 199 48.51 16.38 -7.30
CA ARG A 199 49.01 15.11 -7.80
C ARG A 199 50.04 15.31 -8.90
N ALA A 200 49.86 16.31 -9.75
CA ALA A 200 50.86 16.63 -10.74
C ALA A 200 52.17 17.10 -10.12
N ASN A 201 52.16 17.60 -8.88
CA ASN A 201 53.38 17.99 -8.19
C ASN A 201 53.83 16.94 -7.18
N HIS A 202 53.54 15.67 -7.46
CA HIS A 202 53.98 14.55 -6.61
C HIS A 202 53.49 14.70 -5.17
N TYR A 203 52.24 15.15 -5.01
CA TYR A 203 51.60 15.22 -3.70
C TYR A 203 50.34 14.38 -3.72
N GLU A 204 50.09 13.66 -2.62
CA GLU A 204 48.93 12.77 -2.57
C GLU A 204 47.62 13.55 -2.65
N ASP A 205 47.56 14.73 -2.05
CA ASP A 205 46.37 15.56 -2.13
C ASP A 205 46.77 17.01 -1.89
N TYR A 206 45.84 17.92 -2.20
CA TYR A 206 46.10 19.34 -2.00
C TYR A 206 46.29 19.67 -0.54
N GLY A 207 45.58 18.98 0.35
CA GLY A 207 45.82 19.15 1.77
C GLY A 207 47.25 18.79 2.16
N ASP A 208 47.82 17.78 1.51
CA ASP A 208 49.23 17.46 1.72
C ASP A 208 50.12 18.61 1.26
N TYR A 209 49.76 19.24 0.14
CA TYR A 209 50.50 20.41 -0.33
C TYR A 209 50.46 21.53 0.70
N TRP A 210 49.30 21.75 1.32
CA TRP A 210 49.21 22.75 2.38
C TRP A 210 50.05 22.37 3.58
N ARG A 211 49.98 21.11 4.01
CA ARG A 211 50.75 20.65 5.15
C ARG A 211 52.25 20.68 4.89
N GLY A 212 52.66 20.72 3.62
CA GLY A 212 54.07 20.71 3.30
C GLY A 212 54.84 21.91 3.82
N ASP A 213 54.15 22.97 4.24
CA ASP A 213 54.83 24.14 4.78
C ASP A 213 55.61 23.81 6.06
N TYR A 214 55.24 22.76 6.77
CA TYR A 214 55.93 22.35 7.99
C TYR A 214 56.86 21.17 7.76
N GLU A 215 57.11 20.81 6.51
CA GLU A 215 57.94 19.65 6.19
C GLU A 215 59.41 19.99 6.37
N VAL A 216 60.13 19.12 7.08
CA VAL A 216 61.57 19.23 7.26
C VAL A 216 62.19 17.89 6.91
N ASN A 217 63.17 17.90 6.01
CA ASN A 217 63.87 16.69 5.61
C ASN A 217 65.38 16.94 5.58
N GLY A 218 66.14 15.91 5.91
CA GLY A 218 67.58 15.97 5.86
C GLY A 218 68.27 16.70 6.99
N VAL A 219 67.53 17.09 8.03
CA VAL A 219 68.11 17.76 9.18
C VAL A 219 67.90 16.85 10.38
N ASP A 220 69.01 16.35 10.94
CA ASP A 220 68.93 15.32 11.96
C ASP A 220 68.25 15.83 13.22
N GLY A 221 67.30 15.05 13.73
CA GLY A 221 66.57 15.40 14.94
C GLY A 221 65.48 16.43 14.70
N TYR A 222 65.60 17.18 13.61
CA TYR A 222 64.67 18.26 13.30
C TYR A 222 63.74 17.93 12.15
N ASP A 223 63.84 16.73 11.57
CA ASP A 223 62.98 16.37 10.45
C ASP A 223 61.53 16.28 10.88
N TYR A 224 60.63 16.64 9.96
CA TYR A 224 59.19 16.63 10.24
C TYR A 224 58.47 16.19 8.98
N SER A 225 57.65 15.15 9.08
CA SER A 225 56.92 14.63 7.95
C SER A 225 55.55 15.30 7.83
N ARG A 226 55.05 15.36 6.60
CA ARG A 226 53.75 15.98 6.36
C ARG A 226 52.62 15.23 7.04
N GLY A 227 52.76 13.92 7.21
CA GLY A 227 51.77 13.16 7.94
C GLY A 227 51.84 13.28 9.45
N GLN A 228 52.93 13.83 9.97
CA GLN A 228 53.08 14.01 11.41
C GLN A 228 52.23 15.17 11.92
N LEU A 229 51.96 16.15 11.07
CA LEU A 229 51.20 17.32 11.49
C LEU A 229 49.79 16.96 11.94
N ILE A 230 49.13 16.07 11.20
CA ILE A 230 47.76 15.69 11.55
C ILE A 230 47.73 15.04 12.93
N GLU A 231 48.64 14.10 13.16
CA GLU A 231 48.69 13.42 14.45
C GLU A 231 49.04 14.39 15.58
N ASP A 232 49.99 15.30 15.36
CA ASP A 232 50.33 16.25 16.41
C ASP A 232 49.15 17.16 16.73
N VAL A 233 48.44 17.64 15.71
CA VAL A 233 47.30 18.52 15.94
C VAL A 233 46.20 17.80 16.70
N GLU A 234 45.89 16.55 16.30
CA GLU A 234 44.86 15.80 16.99
C GLU A 234 45.25 15.52 18.44
N HIS A 235 46.50 15.14 18.67
CA HIS A 235 46.99 14.88 20.02
C HIS A 235 46.89 16.13 20.89
N THR A 236 47.24 17.29 20.34
CA THR A 236 47.16 18.53 21.10
C THR A 236 45.72 18.92 21.40
N PHE A 237 44.83 18.79 20.41
CA PHE A 237 43.44 19.14 20.64
C PHE A 237 42.81 18.21 21.67
N GLU A 238 43.27 16.96 21.75
CA GLU A 238 42.77 16.08 22.79
C GLU A 238 43.11 16.59 24.18
N GLU A 239 44.27 17.20 24.36
CA GLU A 239 44.61 17.83 25.63
C GLU A 239 43.87 19.14 25.85
N ILE A 240 43.51 19.84 24.78
CA ILE A 240 42.78 21.10 24.93
C ILE A 240 41.34 20.83 25.36
N LYS A 241 40.78 19.71 24.91
CA LYS A 241 39.36 19.44 25.11
C LYS A 241 38.85 19.62 26.53
N PRO A 242 39.56 19.22 27.60
CA PRO A 242 39.01 19.42 28.95
C PRO A 242 38.69 20.87 29.28
N LEU A 243 39.52 21.82 28.85
CA LEU A 243 39.24 23.23 29.11
C LEU A 243 38.08 23.72 28.26
N TYR A 244 38.05 23.31 26.99
CA TYR A 244 36.99 23.77 26.09
C TYR A 244 35.63 23.26 26.55
N GLU A 245 35.57 22.06 27.10
CA GLU A 245 34.28 21.54 27.57
C GLU A 245 33.72 22.41 28.69
N HIS A 246 34.57 22.80 29.65
CA HIS A 246 34.11 23.66 30.74
C HIS A 246 33.72 25.04 30.23
N LEU A 247 34.52 25.60 29.32
CA LEU A 247 34.15 26.90 28.76
C LEU A 247 32.82 26.82 28.03
N HIS A 248 32.61 25.75 27.27
CA HIS A 248 31.35 25.57 26.55
C HIS A 248 30.18 25.42 27.52
N ALA A 249 30.37 24.67 28.60
CA ALA A 249 29.30 24.49 29.57
C ALA A 249 28.94 25.82 30.23
N TYR A 250 29.94 26.61 30.62
CA TYR A 250 29.66 27.91 31.22
C TYR A 250 28.96 28.83 30.23
N VAL A 251 29.41 28.86 28.98
CA VAL A 251 28.80 29.73 27.99
C VAL A 251 27.36 29.31 27.73
N ARG A 252 27.10 28.00 27.63
CA ARG A 252 25.75 27.53 27.42
C ARG A 252 24.85 27.89 28.59
N ALA A 253 25.33 27.71 29.82
CA ALA A 253 24.53 28.06 30.99
C ALA A 253 24.23 29.56 31.01
N LYS A 254 25.20 30.38 30.67
CA LYS A 254 24.97 31.82 30.65
C LYS A 254 24.04 32.23 29.53
N LEU A 255 24.08 31.54 28.38
CA LEU A 255 23.20 31.87 27.27
C LEU A 255 21.78 31.36 27.48
N MET A 256 21.57 30.39 28.37
CA MET A 256 20.21 29.93 28.64
C MET A 256 19.34 31.07 29.18
N ASN A 257 19.95 32.03 29.88
CA ASN A 257 19.20 33.14 30.45
C ASN A 257 18.93 34.27 29.47
N ALA A 258 19.62 34.30 28.33
CA ALA A 258 19.41 35.35 27.35
C ALA A 258 18.55 34.92 26.18
N TYR A 259 18.54 33.63 25.86
CA TYR A 259 17.66 33.08 24.82
C TYR A 259 16.92 31.88 25.42
N PRO A 260 15.95 32.15 26.29
CA PRO A 260 15.26 31.05 26.98
C PRO A 260 14.46 30.19 26.03
N SER A 261 14.32 28.91 26.40
CA SER A 261 13.58 27.90 25.65
C SER A 261 14.21 27.62 24.28
N TYR A 262 15.47 28.00 24.08
CA TYR A 262 16.14 27.72 22.81
C TYR A 262 17.45 26.99 23.04
N ILE A 263 18.04 27.17 24.22
CA ILE A 263 19.32 26.58 24.58
C ILE A 263 19.02 25.42 25.52
N SER A 264 19.19 24.20 25.03
CA SER A 264 19.00 23.04 25.88
C SER A 264 20.18 22.89 26.84
N PRO A 265 19.95 22.63 28.12
CA PRO A 265 21.07 22.41 29.04
C PRO A 265 21.79 21.10 28.82
N ILE A 266 21.27 20.21 27.98
CA ILE A 266 21.89 18.92 27.71
C ILE A 266 22.55 18.85 26.35
N GLY A 267 22.21 19.76 25.42
CA GLY A 267 22.68 19.70 24.06
C GLY A 267 23.75 20.72 23.76
N CYS A 268 23.92 21.01 22.48
CA CYS A 268 24.93 21.91 21.97
C CYS A 268 24.37 23.32 21.86
N LEU A 269 25.17 24.24 21.35
CA LEU A 269 24.75 25.61 21.12
C LEU A 269 24.32 25.78 19.67
N PRO A 270 23.16 26.37 19.40
CA PRO A 270 22.79 26.68 18.02
C PRO A 270 23.82 27.61 17.38
N ALA A 271 24.06 27.41 16.09
CA ALA A 271 25.17 28.07 15.42
C ALA A 271 25.01 29.58 15.33
N HIS A 272 23.79 30.09 15.35
CA HIS A 272 23.55 31.52 15.16
C HIS A 272 23.57 32.30 16.46
N LEU A 273 23.87 31.65 17.58
CA LEU A 273 23.88 32.30 18.88
C LEU A 273 25.30 32.39 19.45
N LEU A 274 26.30 32.50 18.58
CA LEU A 274 27.69 32.52 18.99
C LEU A 274 28.35 33.88 18.73
N GLY A 275 27.56 34.94 18.66
CA GLY A 275 28.10 36.28 18.60
C GLY A 275 28.70 36.68 17.27
N ASP A 276 28.94 35.71 16.39
CA ASP A 276 29.54 35.99 15.09
C ASP A 276 28.83 35.19 14.02
N MET A 277 29.08 35.58 12.77
CA MET A 277 28.37 34.98 11.64
C MET A 277 28.67 33.49 11.51
N TRP A 278 29.94 33.10 11.64
CA TRP A 278 30.33 31.71 11.48
C TRP A 278 30.65 31.01 12.79
N GLY A 279 30.70 31.73 13.91
CA GLY A 279 31.10 31.14 15.16
C GLY A 279 32.60 31.03 15.35
N ARG A 280 33.40 31.65 14.47
CA ARG A 280 34.84 31.54 14.58
C ARG A 280 35.35 32.16 15.87
N PHE A 281 34.80 33.31 16.26
CA PHE A 281 35.17 33.98 17.50
C PHE A 281 33.95 34.13 18.38
N TRP A 282 34.14 33.93 19.68
CA TRP A 282 33.09 34.13 20.67
C TRP A 282 33.21 35.46 21.37
N THR A 283 33.99 36.40 20.81
CA THR A 283 34.26 37.65 21.50
C THR A 283 33.00 38.46 21.74
N ASN A 284 32.15 38.56 20.72
CA ASN A 284 30.92 39.33 20.84
C ASN A 284 29.94 38.75 21.84
N LEU A 285 30.16 37.50 22.26
CA LEU A 285 29.35 36.88 23.30
C LEU A 285 29.72 37.37 24.69
N TYR A 286 30.79 38.16 24.82
CA TYR A 286 31.31 38.54 26.13
C TYR A 286 30.28 39.28 26.96
N SER A 287 29.50 40.17 26.33
CA SER A 287 28.49 40.92 27.07
C SER A 287 27.45 40.01 27.69
N LEU A 288 27.21 38.83 27.10
CA LEU A 288 26.23 37.88 27.63
C LEU A 288 26.86 36.85 28.55
N THR A 289 28.18 36.89 28.77
CA THR A 289 28.84 35.87 29.56
C THR A 289 29.87 36.45 30.52
N VAL A 290 29.84 37.74 30.80
CA VAL A 290 30.84 38.35 31.67
C VAL A 290 30.70 37.76 33.07
N PRO A 291 31.80 37.32 33.71
CA PRO A 291 31.68 36.73 35.04
C PRO A 291 31.15 37.69 36.09
N PHE A 292 31.78 38.86 36.20
CA PHE A 292 31.39 39.88 37.17
C PHE A 292 31.23 41.19 36.42
N GLY A 293 30.01 41.45 35.95
CA GLY A 293 29.75 42.65 35.17
C GLY A 293 29.78 43.93 35.98
N GLN A 294 29.62 43.84 37.30
CA GLN A 294 29.65 45.03 38.13
C GLN A 294 31.05 45.63 38.22
N LYS A 295 32.09 44.81 38.03
CA LYS A 295 33.46 45.30 38.04
C LYS A 295 33.86 45.71 36.63
N PRO A 296 34.13 46.99 36.37
CA PRO A 296 34.50 47.40 35.02
C PRO A 296 35.86 46.84 34.62
N ASN A 297 36.01 46.62 33.31
CA ASN A 297 37.27 46.15 32.79
C ASN A 297 38.30 47.26 32.79
N ILE A 298 39.57 46.85 32.70
CA ILE A 298 40.68 47.81 32.75
C ILE A 298 40.71 48.58 31.43
N ASP A 299 40.42 49.87 31.49
CA ASP A 299 40.42 50.75 30.32
C ASP A 299 41.30 51.96 30.62
N VAL A 300 42.12 52.36 29.64
CA VAL A 300 43.06 53.45 29.83
C VAL A 300 42.96 54.44 28.68
N THR A 301 41.87 54.37 27.92
CA THR A 301 41.70 55.31 26.80
C THR A 301 41.53 56.74 27.31
N ASP A 302 40.65 56.93 28.29
CA ASP A 302 40.44 58.26 28.84
C ASP A 302 41.70 58.80 29.50
N ALA A 303 42.50 57.90 30.10
CA ALA A 303 43.78 58.34 30.67
C ALA A 303 44.71 58.86 29.59
N MET A 304 44.76 58.18 28.43
CA MET A 304 45.55 58.68 27.31
C MET A 304 45.03 60.03 26.82
N VAL A 305 43.71 60.18 26.76
CA VAL A 305 43.15 61.46 26.33
C VAL A 305 43.52 62.58 27.31
N ASP A 306 43.48 62.29 28.62
CA ASP A 306 43.81 63.29 29.62
C ASP A 306 45.26 63.72 29.53
N GLN A 307 46.17 62.81 29.21
CA GLN A 307 47.58 63.13 29.07
C GLN A 307 47.93 63.59 27.66
N ALA A 308 46.95 63.71 26.77
CA ALA A 308 47.14 64.19 25.40
C ALA A 308 48.15 63.31 24.66
N TRP A 309 47.80 62.04 24.51
CA TRP A 309 48.63 61.09 23.78
C TRP A 309 48.23 61.10 22.31
N ASP A 310 49.06 61.69 21.47
CA ASP A 310 48.83 61.67 20.03
C ASP A 310 49.32 60.37 19.43
N ALA A 311 49.04 60.17 18.15
CA ALA A 311 49.52 58.99 17.42
C ALA A 311 50.96 59.20 16.94
N GLN A 312 51.79 59.79 17.79
CA GLN A 312 53.22 59.88 17.53
C GLN A 312 54.08 59.42 18.71
N ARG A 313 53.57 59.45 19.94
CA ARG A 313 54.34 59.05 21.10
C ARG A 313 54.09 57.60 21.55
N ILE A 314 52.96 57.02 21.15
CA ILE A 314 52.70 55.62 21.50
C ILE A 314 53.69 54.70 20.78
N PHE A 315 54.06 55.05 19.55
CA PHE A 315 55.10 54.29 18.86
C PHE A 315 56.44 54.44 19.56
N LYS A 316 56.71 55.63 20.11
CA LYS A 316 57.94 55.80 20.90
C LYS A 316 57.91 54.94 22.15
N GLU A 317 56.75 54.86 22.81
CA GLU A 317 56.62 54.00 23.99
C GLU A 317 56.83 52.54 23.62
N ALA A 318 56.27 52.11 22.50
CA ALA A 318 56.46 50.73 22.05
C ALA A 318 57.93 50.47 21.72
N GLU A 319 58.59 51.45 21.09
CA GLU A 319 60.02 51.31 20.81
C GLU A 319 60.82 51.19 22.10
N LYS A 320 60.49 51.99 23.11
CA LYS A 320 61.16 51.89 24.39
C LYS A 320 60.92 50.52 25.03
N PHE A 321 59.70 50.01 24.92
CA PHE A 321 59.39 48.67 25.44
C PHE A 321 60.23 47.61 24.73
N PHE A 322 60.36 47.73 23.41
CA PHE A 322 61.17 46.76 22.65
C PHE A 322 62.64 46.84 23.06
N VAL A 323 63.18 48.06 23.19
CA VAL A 323 64.57 48.22 23.57
C VAL A 323 64.84 47.77 25.00
N SER A 324 63.84 47.84 25.87
CA SER A 324 64.02 47.43 27.26
C SER A 324 64.47 45.99 27.38
N VAL A 325 64.08 45.14 26.42
CA VAL A 325 64.49 43.73 26.42
C VAL A 325 65.76 43.50 25.62
N GLY A 326 66.35 44.55 25.04
CA GLY A 326 67.57 44.43 24.29
C GLY A 326 67.40 44.50 22.78
N LEU A 327 66.17 44.56 22.28
CA LEU A 327 65.95 44.66 20.85
C LEU A 327 66.42 46.03 20.35
N PRO A 328 66.88 46.12 19.11
CA PRO A 328 67.49 47.36 18.62
C PRO A 328 66.45 48.47 18.46
N ASN A 329 66.97 49.67 18.23
CA ASN A 329 66.16 50.86 18.06
C ASN A 329 65.50 50.85 16.68
N MET A 330 64.76 51.92 16.38
CA MET A 330 64.13 52.08 15.08
C MET A 330 65.10 52.73 14.08
N THR A 331 64.84 52.48 12.80
CA THR A 331 65.68 53.07 11.76
C THR A 331 65.35 54.56 11.59
N GLN A 332 66.31 55.28 11.02
CA GLN A 332 66.17 56.73 10.87
C GLN A 332 65.00 57.08 9.96
N GLY A 333 64.87 56.39 8.83
CA GLY A 333 63.82 56.70 7.87
C GLY A 333 62.47 56.12 8.19
N PHE A 334 62.37 55.26 9.20
CA PHE A 334 61.09 54.65 9.54
C PHE A 334 60.07 55.71 9.96
N TRP A 335 60.47 56.61 10.85
CA TRP A 335 59.54 57.65 11.31
C TRP A 335 59.19 58.61 10.19
N GLU A 336 60.15 58.95 9.33
CA GLU A 336 59.88 59.89 8.24
C GLU A 336 58.92 59.31 7.21
N ASN A 337 59.14 58.04 6.82
CA ASN A 337 58.33 57.44 5.77
C ASN A 337 57.02 56.87 6.26
N SER A 338 56.82 56.76 7.57
CA SER A 338 55.61 56.12 8.09
C SER A 338 54.40 57.03 7.91
N MET A 339 53.23 56.42 8.10
CA MET A 339 51.94 57.13 8.03
C MET A 339 51.16 56.86 9.32
N LEU A 340 51.83 57.08 10.45
CA LEU A 340 51.27 56.78 11.76
C LEU A 340 49.95 57.50 12.03
N THR A 341 49.61 58.52 11.26
CA THR A 341 48.35 59.22 11.40
C THR A 341 47.58 59.17 10.09
N ASP A 342 46.25 59.21 10.20
CA ASP A 342 45.41 59.18 9.03
C ASP A 342 45.61 60.44 8.20
N PRO A 343 45.72 60.32 6.87
CA PRO A 343 45.94 61.50 6.02
C PRO A 343 44.69 62.34 5.77
N GLY A 344 43.61 62.11 6.50
CA GLY A 344 42.41 62.90 6.30
C GLY A 344 41.70 62.50 5.00
N ASN A 345 40.81 63.40 4.56
CA ASN A 345 40.05 63.18 3.35
C ASN A 345 40.78 63.62 2.09
N VAL A 346 41.83 64.44 2.22
CA VAL A 346 42.57 64.89 1.05
C VAL A 346 43.28 63.72 0.38
N GLN A 347 43.95 62.88 1.16
CA GLN A 347 44.67 61.72 0.65
C GLN A 347 43.91 60.45 1.01
N LYS A 348 43.65 59.62 0.01
CA LYS A 348 42.95 58.35 0.21
C LYS A 348 43.98 57.26 0.48
N ALA A 349 43.79 56.53 1.58
CA ALA A 349 44.69 55.45 1.95
C ALA A 349 43.92 54.40 2.73
N VAL A 350 44.46 53.19 2.76
CA VAL A 350 43.85 52.11 3.51
C VAL A 350 44.18 52.26 5.00
N CYS A 351 43.40 51.59 5.84
CA CYS A 351 43.53 51.74 7.27
C CYS A 351 43.81 50.43 8.01
N HIS A 352 44.08 49.34 7.30
CA HIS A 352 44.47 48.10 7.97
C HIS A 352 45.91 48.24 8.45
N PRO A 353 46.18 48.11 9.75
CA PRO A 353 47.56 48.23 10.24
C PRO A 353 48.42 47.12 9.67
N THR A 354 49.40 47.51 8.85
CA THR A 354 50.26 46.57 8.16
C THR A 354 51.72 46.99 8.30
N ALA A 355 52.60 45.99 8.25
CA ALA A 355 54.04 46.21 8.26
C ALA A 355 54.61 45.86 6.89
N TRP A 356 55.47 46.74 6.37
CA TRP A 356 56.02 46.59 5.03
C TRP A 356 57.54 46.50 5.12
N ASP A 357 58.09 45.45 4.55
CA ASP A 357 59.53 45.25 4.44
C ASP A 357 59.89 45.39 2.96
N LEU A 358 60.14 46.63 2.54
CA LEU A 358 60.42 46.89 1.13
C LEU A 358 61.77 46.29 0.72
N GLY A 359 62.74 46.26 1.62
CA GLY A 359 64.06 45.73 1.31
C GLY A 359 65.13 46.79 1.43
N LYS A 360 66.39 46.36 1.46
CA LYS A 360 67.54 47.26 1.61
C LYS A 360 67.38 48.13 2.86
N GLY A 361 66.93 47.52 3.95
CA GLY A 361 66.74 48.24 5.20
C GLY A 361 65.65 49.28 5.17
N ASP A 362 64.51 48.97 4.55
CA ASP A 362 63.38 49.87 4.47
C ASP A 362 62.17 49.18 5.11
N PHE A 363 61.87 49.56 6.35
CA PHE A 363 60.76 48.99 7.10
C PHE A 363 59.79 50.09 7.46
N ARG A 364 58.50 49.88 7.18
CA ARG A 364 57.49 50.91 7.35
C ARG A 364 56.25 50.31 7.99
N ILE A 365 55.44 51.18 8.60
CA ILE A 365 54.17 50.79 9.22
C ILE A 365 53.08 51.68 8.66
N LEU A 366 51.97 51.08 8.24
CA LEU A 366 50.81 51.80 7.76
C LEU A 366 49.66 51.55 8.72
N MET A 367 49.10 52.61 9.29
CA MET A 367 48.06 52.47 10.30
C MET A 367 47.35 53.79 10.49
N CYS A 368 46.02 53.78 10.41
CA CYS A 368 45.20 54.94 10.74
C CYS A 368 44.97 54.97 12.25
N THR A 369 46.04 55.31 12.97
CA THR A 369 46.06 55.18 14.42
C THR A 369 45.18 56.24 15.07
N LYS A 370 44.23 55.81 15.88
CA LYS A 370 43.44 56.68 16.73
C LYS A 370 44.03 56.69 18.13
N VAL A 371 43.33 57.30 19.07
CA VAL A 371 43.77 57.34 20.47
C VAL A 371 42.91 56.31 21.20
N THR A 372 43.41 55.08 21.28
CA THR A 372 42.68 54.00 21.94
C THR A 372 43.70 52.98 22.44
N MET A 373 43.32 52.27 23.51
CA MET A 373 44.17 51.20 24.04
C MET A 373 44.34 50.10 23.01
N ASP A 374 43.27 49.76 22.30
CA ASP A 374 43.37 48.78 21.22
C ASP A 374 44.35 49.25 20.14
N ASP A 375 44.36 50.56 19.87
CA ASP A 375 45.34 51.09 18.93
C ASP A 375 46.76 50.91 19.45
N PHE A 376 46.95 51.09 20.76
CA PHE A 376 48.27 50.89 21.36
C PHE A 376 48.72 49.45 21.20
N LEU A 377 47.82 48.49 21.49
CA LEU A 377 48.16 47.09 21.35
C LEU A 377 48.43 46.71 19.91
N THR A 378 47.65 47.26 18.97
CA THR A 378 47.88 46.99 17.56
C THR A 378 49.21 47.57 17.10
N ALA A 379 49.57 48.75 17.61
CA ALA A 379 50.88 49.32 17.30
C ALA A 379 51.99 48.42 17.81
N HIS A 380 51.82 47.87 19.02
CA HIS A 380 52.81 46.92 19.54
C HIS A 380 52.90 45.69 18.63
N HIS A 381 51.76 45.18 18.17
CA HIS A 381 51.75 44.02 17.28
C HIS A 381 52.49 44.31 15.98
N GLU A 382 52.22 45.47 15.38
CA GLU A 382 52.88 45.82 14.12
C GLU A 382 54.37 46.07 14.33
N MET A 383 54.75 46.63 15.47
CA MET A 383 56.17 46.80 15.77
C MET A 383 56.85 45.45 15.98
N GLY A 384 56.13 44.48 16.54
CA GLY A 384 56.68 43.13 16.62
C GLY A 384 56.92 42.53 15.25
N HIS A 385 55.96 42.72 14.34
CA HIS A 385 56.16 42.28 12.95
C HIS A 385 57.37 42.97 12.34
N ILE A 386 57.52 44.28 12.58
CA ILE A 386 58.64 45.03 12.03
C ILE A 386 59.97 44.51 12.59
N GLN A 387 60.01 44.25 13.89
CA GLN A 387 61.24 43.73 14.50
C GLN A 387 61.59 42.36 13.94
N TYR A 388 60.59 41.51 13.75
CA TYR A 388 60.84 40.20 13.14
C TYR A 388 61.41 40.36 11.74
N ASP A 389 60.84 41.27 10.95
CA ASP A 389 61.36 41.51 9.60
C ASP A 389 62.80 42.02 9.64
N MET A 390 63.09 42.92 10.57
CA MET A 390 64.44 43.48 10.68
C MET A 390 65.45 42.43 11.13
N ALA A 391 65.02 41.44 11.90
CA ALA A 391 65.95 40.49 12.50
C ALA A 391 66.70 39.69 11.43
N TYR A 392 66.00 39.23 10.40
CA TYR A 392 66.60 38.39 9.37
C TYR A 392 66.95 39.17 8.11
N ALA A 393 67.33 40.44 8.26
CA ALA A 393 67.69 41.23 7.09
C ALA A 393 68.93 40.69 6.40
N ALA A 394 69.90 40.18 7.17
CA ALA A 394 71.12 39.63 6.61
C ALA A 394 70.90 38.32 5.87
N GLN A 395 69.75 37.68 6.05
CA GLN A 395 69.45 36.44 5.36
C GLN A 395 69.23 36.70 3.87
N PRO A 396 69.40 35.67 3.04
CA PRO A 396 69.06 35.83 1.63
C PRO A 396 67.60 36.19 1.45
N PHE A 397 67.31 36.93 0.38
CA PHE A 397 65.94 37.38 0.13
C PHE A 397 64.95 36.22 0.13
N LEU A 398 65.39 35.06 -0.38
CA LEU A 398 64.52 33.88 -0.35
C LEU A 398 64.28 33.40 1.08
N LEU A 399 65.19 33.71 2.00
CA LEU A 399 65.08 33.29 3.38
C LEU A 399 64.58 34.40 4.29
N ARG A 400 64.18 35.54 3.75
CA ARG A 400 63.71 36.67 4.55
C ARG A 400 62.23 36.48 4.88
N ASN A 401 61.99 35.47 5.72
CA ASN A 401 60.64 35.14 6.17
C ASN A 401 60.76 34.32 7.44
N GLY A 402 59.62 34.14 8.12
CA GLY A 402 59.61 33.38 9.35
C GLY A 402 59.87 31.91 9.14
N ALA A 403 60.10 31.22 10.26
CA ALA A 403 60.39 29.79 10.19
C ALA A 403 59.23 29.01 9.58
N ASN A 404 58.01 29.37 9.95
CA ASN A 404 56.83 28.85 9.28
C ASN A 404 55.80 29.97 9.23
N GLU A 405 54.61 29.63 8.73
CA GLU A 405 53.56 30.64 8.55
C GLU A 405 53.02 31.17 9.87
N GLY A 406 53.28 30.51 10.99
CA GLY A 406 52.72 30.94 12.26
C GLY A 406 53.65 31.75 13.14
N PHE A 407 54.95 31.71 12.85
CA PHE A 407 55.92 32.39 13.72
C PHE A 407 55.71 33.90 13.71
N HIS A 408 55.44 34.47 12.53
CA HIS A 408 55.30 35.92 12.42
C HIS A 408 54.21 36.44 13.36
N GLU A 409 53.02 35.86 13.28
CA GLU A 409 51.91 36.35 14.08
C GLU A 409 52.09 36.05 15.56
N ALA A 410 52.73 34.93 15.91
CA ALA A 410 52.99 34.65 17.32
C ALA A 410 53.94 35.67 17.91
N VAL A 411 55.02 36.00 17.18
CA VAL A 411 55.95 37.02 17.65
C VAL A 411 55.26 38.37 17.76
N GLY A 412 54.39 38.70 16.80
CA GLY A 412 53.64 39.94 16.90
C GLY A 412 52.69 39.95 18.08
N GLU A 413 52.11 38.81 18.41
CA GLU A 413 51.05 38.74 19.40
C GLU A 413 51.58 38.72 20.83
N ILE A 414 52.74 38.11 21.06
CA ILE A 414 53.25 38.07 22.43
C ILE A 414 53.56 39.45 22.97
N MET A 415 54.01 40.37 22.12
CA MET A 415 54.25 41.74 22.56
C MET A 415 52.98 42.39 23.08
N SER A 416 51.88 42.24 22.34
CA SER A 416 50.60 42.76 22.80
C SER A 416 50.13 42.07 24.06
N LEU A 417 50.36 40.76 24.16
CA LEU A 417 49.96 40.02 25.35
C LEU A 417 50.68 40.55 26.59
N SER A 418 51.96 40.86 26.47
CA SER A 418 52.71 41.42 27.59
C SER A 418 52.35 42.87 27.87
N ALA A 419 52.09 43.66 26.82
CA ALA A 419 51.83 45.08 27.02
C ALA A 419 50.48 45.33 27.70
N ALA A 420 49.50 44.46 27.45
CA ALA A 420 48.17 44.64 28.02
C ALA A 420 48.13 44.35 29.51
N THR A 421 49.19 43.80 30.09
CA THR A 421 49.19 43.48 31.50
C THR A 421 49.08 44.74 32.33
N PRO A 422 48.33 44.71 33.44
CA PRO A 422 48.22 45.90 34.29
C PRO A 422 49.55 46.32 34.90
N LYS A 423 50.52 45.42 35.02
CA LYS A 423 51.83 45.79 35.54
C LYS A 423 52.51 46.81 34.62
N HIS A 424 52.57 46.51 33.32
CA HIS A 424 53.17 47.45 32.38
C HIS A 424 52.34 48.73 32.29
N LEU A 425 51.03 48.63 32.42
CA LEU A 425 50.18 49.81 32.37
C LEU A 425 50.43 50.73 33.55
N LYS A 426 50.55 50.18 34.76
CA LYS A 426 50.84 51.00 35.92
C LYS A 426 52.28 51.48 35.93
N SER A 427 53.19 50.80 35.23
CA SER A 427 54.55 51.29 35.09
C SER A 427 54.69 52.35 34.01
N ILE A 428 53.77 52.40 33.05
CA ILE A 428 53.87 53.37 31.97
C ILE A 428 53.17 54.69 32.28
N GLY A 429 52.35 54.73 33.33
CA GLY A 429 51.67 55.94 33.73
C GLY A 429 50.21 56.02 33.34
N LEU A 430 49.76 55.17 32.41
CA LEU A 430 48.34 55.17 32.05
C LEU A 430 47.47 54.66 33.19
N LEU A 431 47.91 53.62 33.89
CA LEU A 431 47.19 53.10 35.04
C LEU A 431 47.79 53.68 36.31
N SER A 432 46.93 54.22 37.17
CA SER A 432 47.41 54.85 38.40
C SER A 432 48.06 53.80 39.30
N PRO A 433 49.16 54.13 39.96
CA PRO A 433 49.81 53.16 40.86
C PRO A 433 48.91 52.73 42.01
N ASP A 434 47.94 53.55 42.41
CA ASP A 434 47.00 53.18 43.47
C ASP A 434 45.81 52.42 42.88
N PHE A 435 46.13 51.32 42.20
CA PHE A 435 45.13 50.48 41.55
C PHE A 435 45.57 49.03 41.72
N GLN A 436 44.94 48.33 42.66
CA GLN A 436 45.24 46.93 42.92
C GLN A 436 44.26 46.05 42.16
N GLU A 437 44.80 45.10 41.40
CA GLU A 437 43.97 44.22 40.59
C GLU A 437 43.36 43.13 41.46
N ASP A 438 42.03 43.11 41.52
CA ASP A 438 41.31 42.08 42.26
C ASP A 438 41.22 40.81 41.43
N ASN A 439 41.02 39.68 42.11
CA ASN A 439 40.96 38.40 41.41
C ASN A 439 39.75 38.35 40.49
N GLU A 440 38.68 39.09 40.82
CA GLU A 440 37.53 39.15 39.94
C GLU A 440 37.89 39.77 38.59
N THR A 441 38.65 40.86 38.60
CA THR A 441 39.06 41.48 37.34
C THR A 441 39.98 40.57 36.56
N GLU A 442 40.86 39.83 37.24
CA GLU A 442 41.71 38.87 36.55
C GLU A 442 40.87 37.78 35.89
N ILE A 443 39.85 37.29 36.59
CA ILE A 443 38.96 36.29 36.00
C ILE A 443 38.24 36.86 34.78
N ASN A 444 37.77 38.10 34.88
CA ASN A 444 37.08 38.71 33.74
C ASN A 444 38.00 38.84 32.55
N PHE A 445 39.23 39.31 32.77
CA PHE A 445 40.18 39.45 31.67
C PHE A 445 40.53 38.11 31.07
N LEU A 446 40.73 37.08 31.90
CA LEU A 446 41.06 35.77 31.40
C LEU A 446 39.92 35.19 30.57
N LEU A 447 38.67 35.38 31.02
CA LEU A 447 37.55 34.87 30.23
C LEU A 447 37.39 35.64 28.92
N LYS A 448 37.62 36.95 28.94
CA LYS A 448 37.57 37.71 27.69
C LYS A 448 38.63 37.23 26.72
N GLN A 449 39.83 36.94 27.22
CA GLN A 449 40.87 36.38 26.36
C GLN A 449 40.48 34.99 25.86
N ALA A 450 39.87 34.18 26.71
CA ALA A 450 39.55 32.80 26.34
C ALA A 450 38.45 32.75 25.28
N LEU A 451 37.50 33.67 25.34
CA LEU A 451 36.43 33.69 24.34
C LEU A 451 36.98 33.87 22.93
N THR A 452 38.18 34.43 22.79
CA THR A 452 38.83 34.56 21.49
C THR A 452 39.81 33.42 21.25
N ILE A 453 40.71 33.19 22.20
CA ILE A 453 41.81 32.24 22.00
C ILE A 453 41.30 30.81 22.01
N VAL A 454 40.57 30.43 23.07
CA VAL A 454 40.04 29.07 23.15
C VAL A 454 38.77 28.90 22.34
N GLY A 455 38.13 29.99 21.93
CA GLY A 455 36.97 29.86 21.07
C GLY A 455 37.32 29.46 19.66
N THR A 456 38.39 30.03 19.11
CA THR A 456 38.75 29.80 17.72
C THR A 456 39.44 28.46 17.49
N LEU A 457 39.99 27.83 18.53
CA LEU A 457 40.79 26.63 18.35
C LEU A 457 39.97 25.43 17.88
N PRO A 458 38.88 25.05 18.54
CA PRO A 458 38.10 23.91 18.02
C PRO A 458 37.52 24.18 16.65
N PHE A 459 37.08 25.42 16.40
CA PHE A 459 36.55 25.74 15.07
C PHE A 459 37.62 25.61 14.01
N THR A 460 38.83 26.12 14.27
CA THR A 460 39.91 26.02 13.31
C THR A 460 40.29 24.57 13.06
N TYR A 461 40.42 23.78 14.14
CA TYR A 461 40.79 22.38 13.97
C TYR A 461 39.73 21.62 13.20
N MET A 462 38.45 21.84 13.51
CA MET A 462 37.39 21.12 12.80
C MET A 462 37.35 21.53 11.32
N LEU A 463 37.48 22.83 11.04
CA LEU A 463 37.47 23.28 9.65
C LEU A 463 38.62 22.67 8.87
N GLU A 464 39.83 22.68 9.45
CA GLU A 464 40.97 22.13 8.73
C GLU A 464 40.85 20.63 8.56
N LYS A 465 40.31 19.93 9.57
CA LYS A 465 40.13 18.49 9.42
C LYS A 465 39.13 18.17 8.32
N TRP A 466 38.03 18.94 8.24
CA TRP A 466 37.06 18.73 7.18
C TRP A 466 37.67 19.02 5.81
N ARG A 467 38.44 20.09 5.69
CA ARG A 467 39.07 20.39 4.41
C ARG A 467 40.07 19.31 4.01
N TRP A 468 40.86 18.83 4.96
CA TRP A 468 41.81 17.76 4.66
C TRP A 468 41.10 16.48 4.24
N MET A 469 40.01 16.14 4.92
CA MET A 469 39.28 14.93 4.56
C MET A 469 38.61 15.07 3.20
N VAL A 470 38.15 16.27 2.85
CA VAL A 470 37.57 16.48 1.52
C VAL A 470 38.64 16.36 0.45
N PHE A 471 39.78 17.02 0.65
CA PHE A 471 40.84 16.99 -0.35
C PHE A 471 41.45 15.60 -0.49
N LYS A 472 41.38 14.79 0.55
CA LYS A 472 41.90 13.44 0.51
C LYS A 472 40.87 12.44 0.01
N GLY A 473 39.64 12.88 -0.27
CA GLY A 473 38.63 12.02 -0.84
C GLY A 473 37.92 11.12 0.14
N GLU A 474 38.20 11.23 1.43
CA GLU A 474 37.54 10.38 2.40
C GLU A 474 36.06 10.72 2.56
N ILE A 475 35.63 11.89 2.11
CA ILE A 475 34.23 12.32 2.19
C ILE A 475 33.66 12.33 0.77
N PRO A 476 32.63 11.55 0.48
CA PRO A 476 32.03 11.59 -0.85
C PRO A 476 31.39 12.94 -1.14
N LYS A 477 31.33 13.28 -2.43
CA LYS A 477 30.80 14.57 -2.83
C LYS A 477 29.32 14.73 -2.48
N ASP A 478 28.60 13.63 -2.26
CA ASP A 478 27.19 13.69 -1.90
C ASP A 478 26.98 13.55 -0.40
N GLN A 479 28.05 13.61 0.38
CA GLN A 479 27.96 13.55 1.83
C GLN A 479 28.75 14.65 2.53
N TRP A 480 28.98 15.77 1.86
CA TRP A 480 29.80 16.85 2.42
C TRP A 480 29.15 17.51 3.63
N MET A 481 27.94 18.06 3.44
CA MET A 481 27.30 18.80 4.53
C MET A 481 26.90 17.89 5.68
N LYS A 482 26.47 16.67 5.37
CA LYS A 482 26.17 15.70 6.42
C LYS A 482 27.39 15.50 7.32
N LYS A 483 28.55 15.25 6.71
CA LYS A 483 29.76 15.04 7.49
C LYS A 483 30.21 16.31 8.20
N TRP A 484 30.01 17.47 7.57
CA TRP A 484 30.42 18.73 8.18
C TRP A 484 29.63 19.00 9.46
N TRP A 485 28.31 18.91 9.37
CA TRP A 485 27.50 19.12 10.57
C TRP A 485 27.57 17.95 11.55
N GLU A 486 28.06 16.79 11.11
CA GLU A 486 28.36 15.72 12.05
C GLU A 486 29.63 16.02 12.82
N MET A 487 30.65 16.56 12.16
CA MET A 487 31.89 16.92 12.83
C MET A 487 31.68 18.09 13.78
N LYS A 488 30.89 19.08 13.36
CA LYS A 488 30.66 20.24 14.22
C LYS A 488 29.90 19.88 15.50
N ARG A 489 29.15 18.79 15.49
CA ARG A 489 28.39 18.39 16.68
C ARG A 489 29.21 17.63 17.70
N GLU A 490 30.42 17.20 17.35
CA GLU A 490 31.24 16.44 18.28
C GLU A 490 32.65 16.98 18.45
N ILE A 491 32.98 18.11 17.81
CA ILE A 491 34.29 18.72 18.00
C ILE A 491 34.10 20.13 18.54
N VAL A 492 33.35 20.96 17.81
CA VAL A 492 33.09 22.31 18.27
C VAL A 492 31.92 22.33 19.24
N GLY A 493 31.04 21.33 19.19
CA GLY A 493 29.86 21.34 20.02
C GLY A 493 28.82 22.35 19.59
N VAL A 494 28.64 22.54 18.29
CA VAL A 494 27.71 23.51 17.73
C VAL A 494 26.78 22.77 16.78
N VAL A 495 25.49 23.07 16.87
CA VAL A 495 24.45 22.38 16.10
C VAL A 495 23.77 23.38 15.18
N GLU A 496 23.44 22.93 13.97
CA GLU A 496 22.79 23.81 13.02
C GLU A 496 21.34 24.04 13.41
N PRO A 497 20.86 25.28 13.44
CA PRO A 497 19.46 25.53 13.81
C PRO A 497 18.46 24.92 12.84
N VAL A 498 18.78 24.86 11.55
CA VAL A 498 17.87 24.30 10.55
C VAL A 498 18.63 23.30 9.70
N PRO A 499 17.98 22.22 9.24
CA PRO A 499 18.71 21.20 8.49
C PRO A 499 19.23 21.74 7.17
N HIS A 500 20.38 21.22 6.74
CA HIS A 500 21.03 21.60 5.50
C HIS A 500 21.33 20.36 4.69
N ASP A 501 20.96 20.37 3.42
CA ASP A 501 21.23 19.26 2.51
C ASP A 501 22.55 19.52 1.78
N GLU A 502 22.81 18.73 0.74
CA GLU A 502 24.05 18.88 -0.01
C GLU A 502 24.05 20.09 -0.94
N THR A 503 22.91 20.76 -1.10
CA THR A 503 22.87 21.99 -1.87
C THR A 503 23.64 23.12 -1.21
N TYR A 504 23.73 23.13 0.11
CA TYR A 504 24.47 24.16 0.82
C TYR A 504 25.96 23.86 0.80
N CYS A 505 26.75 24.93 0.97
CA CYS A 505 28.21 24.82 1.06
C CYS A 505 28.70 25.68 2.21
N ASP A 506 28.11 25.49 3.39
CA ASP A 506 28.36 26.34 4.56
C ASP A 506 29.83 26.68 4.80
N PRO A 507 30.78 25.72 4.76
CA PRO A 507 32.19 26.12 4.96
C PRO A 507 32.68 27.11 3.92
N ALA A 508 32.16 27.07 2.70
CA ALA A 508 32.57 28.03 1.68
C ALA A 508 32.10 29.45 1.99
N SER A 509 31.15 29.60 2.91
CA SER A 509 30.70 30.94 3.28
C SER A 509 31.75 31.69 4.07
N LEU A 510 32.75 31.01 4.59
CA LEU A 510 33.84 31.67 5.32
C LEU A 510 34.83 32.24 4.32
N PHE A 511 35.41 33.39 4.68
CA PHE A 511 36.30 34.09 3.77
C PHE A 511 37.53 33.26 3.42
N HIS A 512 38.13 32.60 4.41
CA HIS A 512 39.37 31.87 4.17
C HIS A 512 39.15 30.60 3.35
N VAL A 513 37.91 30.13 3.23
CA VAL A 513 37.64 28.92 2.45
C VAL A 513 37.41 29.26 0.99
N SER A 514 36.58 30.26 0.70
CA SER A 514 36.27 30.62 -0.68
C SER A 514 37.42 31.37 -1.35
N ASN A 515 38.40 31.86 -0.60
CA ASN A 515 39.53 32.58 -1.18
C ASN A 515 40.81 31.76 -1.19
N ASP A 516 40.72 30.46 -0.92
CA ASP A 516 41.85 29.54 -1.04
C ASP A 516 43.02 29.97 -0.14
N TYR A 517 42.76 29.93 1.17
CA TYR A 517 43.79 30.21 2.16
C TYR A 517 43.89 29.03 3.13
N SER A 518 45.12 28.65 3.46
CA SER A 518 45.34 27.63 4.46
C SER A 518 44.89 28.14 5.82
N PHE A 519 44.17 27.30 6.57
CA PHE A 519 43.58 27.72 7.82
C PHE A 519 44.26 27.12 9.05
N ILE A 520 45.09 26.09 8.87
CA ILE A 520 45.79 25.50 10.01
C ILE A 520 46.77 26.49 10.62
N ARG A 521 47.16 27.52 9.87
CA ARG A 521 48.08 28.52 10.39
C ARG A 521 47.52 29.20 11.63
N TYR A 522 46.22 29.47 11.65
CA TYR A 522 45.60 30.09 12.82
C TYR A 522 45.55 29.18 14.02
N TYR A 523 45.80 27.88 13.85
CA TYR A 523 45.82 26.97 14.99
C TYR A 523 47.18 26.98 15.68
N THR A 524 48.23 26.64 14.92
CA THR A 524 49.57 26.56 15.51
C THR A 524 50.00 27.91 16.08
N ARG A 525 49.63 29.00 15.39
CA ARG A 525 49.96 30.33 15.91
C ARG A 525 49.38 30.54 17.29
N THR A 526 48.20 29.99 17.56
CA THR A 526 47.61 30.12 18.89
C THR A 526 48.48 29.45 19.94
N LEU A 527 49.13 28.34 19.60
CA LEU A 527 49.98 27.65 20.56
C LEU A 527 51.36 28.30 20.68
N TYR A 528 52.01 28.56 19.55
CA TYR A 528 53.40 29.02 19.56
C TYR A 528 53.59 30.21 20.49
N GLN A 529 52.71 31.21 20.38
CA GLN A 529 52.83 32.40 21.21
C GLN A 529 52.95 32.04 22.68
N PHE A 530 52.05 31.18 23.16
CA PHE A 530 52.13 30.77 24.56
C PHE A 530 53.44 30.04 24.84
N GLN A 531 53.82 29.13 23.94
CA GLN A 531 55.12 28.47 24.09
C GLN A 531 56.24 29.49 24.13
N PHE A 532 56.11 30.56 23.35
CA PHE A 532 57.07 31.66 23.47
C PHE A 532 56.89 32.38 24.79
N GLN A 533 55.65 32.75 25.12
CA GLN A 533 55.42 33.59 26.30
C GLN A 533 55.89 32.88 27.56
N GLU A 534 55.42 31.65 27.78
CA GLU A 534 55.85 30.88 28.93
C GLU A 534 57.36 30.73 28.95
N ALA A 535 58.00 30.65 27.78
CA ALA A 535 59.46 30.61 27.74
C ALA A 535 60.05 31.96 28.13
N LEU A 536 59.52 33.04 27.57
CA LEU A 536 60.12 34.35 27.80
C LEU A 536 59.93 34.82 29.23
N CYS A 537 58.92 34.32 29.94
CA CYS A 537 58.76 34.63 31.34
C CYS A 537 59.74 33.86 32.22
N GLN A 538 60.30 32.77 31.72
CA GLN A 538 61.34 32.07 32.47
C GLN A 538 62.63 32.86 32.50
N ALA A 539 63.04 33.39 31.34
CA ALA A 539 64.23 34.24 31.30
C ALA A 539 64.00 35.56 32.01
N ALA A 540 62.76 36.02 32.08
CA ALA A 540 62.43 37.23 32.82
C ALA A 540 62.28 36.98 34.31
N LYS A 541 62.35 35.72 34.75
CA LYS A 541 62.25 35.35 36.16
C LYS A 541 60.92 35.81 36.75
N HIS A 542 59.84 35.35 36.14
CA HIS A 542 58.50 35.65 36.62
C HIS A 542 58.10 34.64 37.70
N GLU A 543 57.53 35.14 38.78
CA GLU A 543 57.14 34.31 39.92
C GLU A 543 55.65 34.04 40.00
N GLY A 544 54.82 35.00 39.62
CA GLY A 544 53.38 34.87 39.75
C GLY A 544 52.75 34.14 38.59
N PRO A 545 51.45 34.32 38.41
CA PRO A 545 50.76 33.66 37.30
C PRO A 545 51.26 34.15 35.95
N LEU A 546 51.11 33.30 34.94
CA LEU A 546 51.63 33.61 33.62
C LEU A 546 50.94 34.84 33.03
N HIS A 547 49.63 34.98 33.25
CA HIS A 547 48.90 36.08 32.64
C HIS A 547 49.32 37.44 33.17
N LYS A 548 49.98 37.50 34.32
CA LYS A 548 50.51 38.74 34.87
C LYS A 548 51.97 38.97 34.51
N CYS A 549 52.58 38.06 33.76
CA CYS A 549 53.99 38.17 33.44
C CYS A 549 54.24 39.33 32.48
N ASP A 550 55.39 39.97 32.65
CA ASP A 550 55.86 41.03 31.75
C ASP A 550 57.32 40.75 31.42
N ILE A 551 57.64 40.72 30.13
CA ILE A 551 58.98 40.36 29.69
C ILE A 551 59.82 41.62 29.50
N SER A 552 59.25 42.77 29.87
CA SER A 552 59.96 44.03 29.71
C SER A 552 61.16 44.10 30.64
N ASN A 553 62.12 44.94 30.27
CA ASN A 553 63.32 45.27 31.05
C ASN A 553 64.27 44.09 31.22
N SER A 554 63.96 42.92 30.66
CA SER A 554 64.77 41.72 30.83
C SER A 554 65.52 41.46 29.52
N THR A 555 66.83 41.70 29.55
CA THR A 555 67.64 41.57 28.35
C THR A 555 67.86 40.11 27.96
N GLU A 556 67.88 39.21 28.94
CA GLU A 556 68.11 37.80 28.64
C GLU A 556 66.99 37.22 27.78
N ALA A 557 65.74 37.56 28.11
CA ALA A 557 64.62 37.10 27.30
C ALA A 557 64.69 37.68 25.89
N GLY A 558 65.06 38.96 25.77
CA GLY A 558 65.21 39.55 24.46
C GLY A 558 66.28 38.88 23.62
N GLN A 559 67.40 38.54 24.25
CA GLN A 559 68.46 37.84 23.54
C GLN A 559 68.03 36.44 23.12
N LYS A 560 67.32 35.73 24.00
CA LYS A 560 66.81 34.41 23.64
C LYS A 560 65.85 34.50 22.46
N LEU A 561 64.96 35.50 22.48
CA LEU A 561 64.05 35.69 21.36
C LEU A 561 64.79 36.05 20.09
N PHE A 562 65.77 36.94 20.18
CA PHE A 562 66.50 37.38 19.00
C PHE A 562 67.32 36.26 18.38
N ASN A 563 67.79 35.31 19.20
CA ASN A 563 68.53 34.17 18.67
C ASN A 563 67.69 33.40 17.65
N MET A 564 66.38 33.34 17.85
CA MET A 564 65.48 32.73 16.87
C MET A 564 65.01 33.71 15.82
N LEU A 565 64.83 34.99 16.18
CA LEU A 565 64.36 35.98 15.21
C LEU A 565 65.37 36.16 14.08
N ARG A 566 66.66 36.25 14.41
CA ARG A 566 67.67 36.41 13.38
C ARG A 566 67.81 35.16 12.52
N LEU A 567 67.32 34.02 12.99
CA LEU A 567 67.47 32.77 12.26
C LEU A 567 66.74 32.82 10.92
N GLY A 568 65.53 33.37 10.91
CA GLY A 568 64.75 33.39 9.69
C GLY A 568 64.37 31.99 9.27
N LYS A 569 64.33 31.78 7.95
CA LYS A 569 64.00 30.48 7.37
C LYS A 569 65.23 29.62 7.10
N SER A 570 66.41 30.09 7.50
CA SER A 570 67.65 29.37 7.19
C SER A 570 67.69 27.99 7.82
N GLU A 571 66.98 27.78 8.92
CA GLU A 571 66.98 26.52 9.65
C GLU A 571 65.56 26.04 9.87
N PRO A 572 65.36 24.74 10.11
CA PRO A 572 64.02 24.21 10.32
C PRO A 572 63.34 24.87 11.51
N TRP A 573 62.01 25.02 11.41
CA TRP A 573 61.25 25.68 12.46
C TRP A 573 61.35 24.93 13.79
N THR A 574 61.58 23.61 13.74
CA THR A 574 61.79 22.86 14.98
C THR A 574 63.06 23.32 15.69
N LEU A 575 64.13 23.54 14.93
CA LEU A 575 65.37 24.06 15.53
C LEU A 575 65.15 25.45 16.09
N ALA A 576 64.36 26.27 15.39
CA ALA A 576 64.04 27.60 15.91
C ALA A 576 63.27 27.51 17.22
N LEU A 577 62.34 26.56 17.32
CA LEU A 577 61.60 26.35 18.56
C LEU A 577 62.54 25.93 19.69
N GLU A 578 63.46 25.01 19.40
CA GLU A 578 64.36 24.52 20.43
C GLU A 578 65.29 25.62 20.95
N ASN A 579 65.49 26.69 20.18
CA ASN A 579 66.30 27.81 20.63
C ASN A 579 65.56 28.73 21.60
N VAL A 580 64.24 28.59 21.74
CA VAL A 580 63.47 29.44 22.63
C VAL A 580 62.76 28.59 23.67
N VAL A 581 61.91 27.67 23.22
CA VAL A 581 61.14 26.84 24.15
C VAL A 581 61.89 25.59 24.57
N GLY A 582 63.03 25.29 23.96
CA GLY A 582 63.78 24.10 24.32
C GLY A 582 63.16 22.80 23.91
N ALA A 583 62.22 22.82 22.96
CA ALA A 583 61.56 21.62 22.47
C ALA A 583 61.53 21.64 20.95
N LYS A 584 61.45 20.45 20.37
CA LYS A 584 61.44 20.31 18.91
C LYS A 584 60.03 20.22 18.33
N ASN A 585 59.03 19.90 19.14
CA ASN A 585 57.65 19.78 18.68
C ASN A 585 56.77 20.78 19.43
N MET A 586 55.71 21.21 18.76
CA MET A 586 54.77 22.14 19.40
C MET A 586 54.08 21.46 20.57
N ASN A 587 53.96 22.18 21.67
CA ASN A 587 53.38 21.65 22.90
C ASN A 587 52.28 22.59 23.39
N VAL A 588 51.18 22.01 23.88
CA VAL A 588 50.03 22.79 24.29
C VAL A 588 50.03 23.12 25.78
N ARG A 589 50.95 22.55 26.55
CA ARG A 589 50.99 22.81 27.99
C ARG A 589 51.06 24.28 28.36
N PRO A 590 51.84 25.13 27.66
CA PRO A 590 51.81 26.56 28.03
C PRO A 590 50.42 27.18 27.98
N LEU A 591 49.58 26.80 27.02
CA LEU A 591 48.23 27.35 26.97
C LEU A 591 47.42 26.98 28.20
N LEU A 592 47.50 25.71 28.60
CA LEU A 592 46.77 25.27 29.79
C LEU A 592 47.33 25.94 31.04
N ASN A 593 48.64 26.14 31.10
CA ASN A 593 49.21 26.87 32.24
C ASN A 593 48.72 28.31 32.26
N TYR A 594 48.59 28.93 31.09
CA TYR A 594 48.10 30.30 31.02
C TYR A 594 46.65 30.38 31.50
N PHE A 595 45.81 29.43 31.11
CA PHE A 595 44.39 29.48 31.43
C PHE A 595 44.02 28.69 32.68
N GLU A 596 44.99 28.16 33.41
CA GLU A 596 44.69 27.43 34.64
C GLU A 596 43.88 28.25 35.65
N PRO A 597 44.22 29.51 35.96
CA PRO A 597 43.37 30.27 36.88
C PRO A 597 41.94 30.37 36.43
N LEU A 598 41.69 30.50 35.13
CA LEU A 598 40.34 30.48 34.61
C LEU A 598 39.76 29.08 34.64
N PHE A 599 40.59 28.06 34.39
CA PHE A 599 40.10 26.69 34.36
C PHE A 599 39.56 26.25 35.70
N THR A 600 40.28 26.58 36.78
CA THR A 600 39.80 26.23 38.12
C THR A 600 38.48 26.92 38.44
N TRP A 601 38.38 28.21 38.11
CA TRP A 601 37.14 28.94 38.37
C TRP A 601 35.98 28.37 37.57
N LEU A 602 36.22 28.02 36.31
CA LEU A 602 35.16 27.44 35.49
C LEU A 602 34.73 26.09 36.03
N LYS A 603 35.68 25.27 36.49
CA LYS A 603 35.32 24.01 37.12
C LYS A 603 34.49 24.24 38.38
N ASP A 604 34.84 25.26 39.16
CA ASP A 604 34.09 25.56 40.37
C ASP A 604 32.70 26.11 40.05
N GLN A 605 32.52 26.76 38.90
CA GLN A 605 31.23 27.34 38.54
C GLN A 605 30.26 26.32 37.95
N ASN A 606 30.76 25.14 37.56
CA ASN A 606 29.94 24.14 36.89
C ASN A 606 29.67 22.93 37.77
N LYS A 607 29.51 23.15 39.08
CA LYS A 607 29.25 22.03 39.98
C LYS A 607 27.91 21.37 39.71
N ASN A 608 26.87 22.18 39.48
CA ASN A 608 25.53 21.65 39.27
C ASN A 608 25.14 21.53 37.81
N SER A 609 25.79 22.27 36.92
CA SER A 609 25.49 22.18 35.50
C SER A 609 26.10 20.92 34.90
N PHE A 610 25.63 20.56 33.71
CA PHE A 610 26.11 19.38 33.01
C PHE A 610 27.22 19.79 32.06
N VAL A 611 28.39 19.17 32.21
CA VAL A 611 29.54 19.47 31.37
C VAL A 611 29.56 18.49 30.22
N GLY A 612 29.74 19.01 29.01
CA GLY A 612 29.71 18.22 27.80
C GLY A 612 28.49 18.53 26.96
N TRP A 613 28.29 17.70 25.94
CA TRP A 613 27.16 17.89 25.04
C TRP A 613 26.80 16.55 24.41
N SER A 614 25.56 16.45 23.96
CA SER A 614 25.09 15.27 23.25
C SER A 614 24.96 15.59 21.77
N THR A 615 25.44 14.67 20.93
CA THR A 615 25.41 14.86 19.49
C THR A 615 24.08 14.46 18.87
N ASP A 616 23.01 14.40 19.67
CA ASP A 616 21.71 14.00 19.16
C ASP A 616 20.61 15.03 19.35
N TRP A 617 20.89 16.14 20.04
CA TRP A 617 19.89 17.18 20.22
C TRP A 617 20.11 18.30 19.20
N SER A 618 19.01 18.79 18.65
CA SER A 618 19.05 19.86 17.66
C SER A 618 17.79 20.71 17.83
N PRO A 619 17.86 22.00 17.49
CA PRO A 619 16.68 22.86 17.66
C PRO A 619 15.48 22.40 16.85
N TYR A 620 15.68 21.67 15.75
CA TYR A 620 14.60 21.17 14.95
C TYR A 620 14.21 19.74 15.31
N ALA A 621 14.79 19.18 16.36
CA ALA A 621 14.48 17.81 16.75
C ALA A 621 13.10 17.66 17.37
N ASP A 622 12.46 18.76 17.76
CA ASP A 622 11.10 18.68 18.27
C ASP A 622 10.12 18.27 17.18
N GLN A 623 10.43 18.61 15.93
CA GLN A 623 9.51 18.36 14.81
C GLN A 623 9.62 16.95 14.28
N SER A 624 10.53 16.12 14.78
CA SER A 624 10.67 14.76 14.30
C SER A 624 9.54 13.89 14.83
N ILE A 625 9.13 12.91 14.03
CA ILE A 625 8.14 11.93 14.43
C ILE A 625 8.80 10.56 14.38
N LYS A 626 8.66 9.80 15.46
CA LYS A 626 9.33 8.52 15.60
C LYS A 626 8.40 7.39 15.20
N VAL A 627 8.89 6.51 14.33
CA VAL A 627 8.12 5.39 13.80
C VAL A 627 8.78 4.10 14.28
N ARG A 628 7.96 3.17 14.77
CA ARG A 628 8.42 1.87 15.22
C ARG A 628 7.60 0.81 14.52
N ILE A 629 8.29 -0.12 13.85
CA ILE A 629 7.65 -1.12 12.99
C ILE A 629 8.00 -2.50 13.51
N SER A 630 6.99 -3.36 13.58
CA SER A 630 7.14 -4.74 14.06
C SER A 630 6.65 -5.69 12.97
N LEU A 631 7.55 -6.07 12.07
CA LEU A 631 7.15 -6.90 10.94
C LEU A 631 6.83 -8.33 11.35
N LYS A 632 7.68 -8.93 12.17
CA LYS A 632 7.57 -10.36 12.46
C LYS A 632 6.53 -10.69 13.51
N SER A 633 5.88 -9.70 14.11
CA SER A 633 4.77 -9.94 15.02
C SER A 633 3.42 -9.87 14.33
N ALA A 634 3.22 -8.92 13.41
CA ALA A 634 1.96 -8.84 12.70
C ALA A 634 1.84 -9.90 11.61
N LEU A 635 2.96 -10.31 11.01
CA LEU A 635 2.94 -11.30 9.94
C LEU A 635 3.47 -12.66 10.35
N GLY A 636 4.25 -12.75 11.43
CA GLY A 636 4.85 -14.01 11.81
C GLY A 636 5.83 -14.48 10.77
N ASP A 637 5.46 -15.54 10.05
CA ASP A 637 6.22 -15.98 8.88
C ASP A 637 5.85 -15.10 7.69
N LYS A 638 6.29 -15.52 6.49
CA LYS A 638 5.99 -14.83 5.23
C LYS A 638 6.16 -13.32 5.34
N ALA A 639 7.12 -12.88 6.16
CA ALA A 639 7.35 -11.46 6.41
C ALA A 639 8.56 -10.99 5.61
N TYR A 640 8.37 -9.92 4.86
CA TYR A 640 9.43 -9.36 4.04
C TYR A 640 10.48 -8.71 4.93
N GLU A 641 11.68 -8.55 4.37
CA GLU A 641 12.76 -7.87 5.07
C GLU A 641 12.74 -6.39 4.76
N TRP A 642 13.23 -5.59 5.71
CA TRP A 642 13.15 -4.13 5.61
C TRP A 642 14.45 -3.60 5.01
N ASN A 643 14.54 -3.66 3.68
CA ASN A 643 15.69 -3.15 2.97
C ASN A 643 15.42 -1.71 2.54
N ASP A 644 16.30 -1.16 1.69
CA ASP A 644 16.17 0.24 1.27
C ASP A 644 14.92 0.48 0.44
N ASN A 645 14.47 -0.52 -0.32
CA ASN A 645 13.27 -0.35 -1.13
C ASN A 645 12.05 -0.13 -0.24
N GLU A 646 11.99 -0.83 0.90
CA GLU A 646 10.89 -0.62 1.83
C GLU A 646 10.92 0.79 2.41
N MET A 647 12.12 1.31 2.69
CA MET A 647 12.22 2.68 3.16
C MET A 647 11.78 3.67 2.09
N TYR A 648 12.13 3.40 0.84
CA TYR A 648 11.67 4.25 -0.25
C TYR A 648 10.15 4.24 -0.35
N LEU A 649 9.54 3.06 -0.24
CA LEU A 649 8.09 2.99 -0.27
C LEU A 649 7.46 3.72 0.91
N PHE A 650 8.08 3.61 2.09
CA PHE A 650 7.54 4.30 3.25
C PHE A 650 7.60 5.82 3.07
N ARG A 651 8.73 6.33 2.56
CA ARG A 651 8.82 7.76 2.33
C ARG A 651 7.83 8.21 1.26
N SER A 652 7.62 7.39 0.23
CA SER A 652 6.62 7.73 -0.77
C SER A 652 5.22 7.77 -0.16
N SER A 653 4.90 6.83 0.73
CA SER A 653 3.61 6.83 1.39
C SER A 653 3.43 8.07 2.27
N VAL A 654 4.48 8.45 3.00
CA VAL A 654 4.40 9.64 3.84
C VAL A 654 4.20 10.89 2.99
N ALA A 655 4.93 10.99 1.87
CA ALA A 655 4.75 12.14 0.98
C ALA A 655 3.35 12.17 0.39
N TYR A 656 2.81 11.00 0.04
CA TYR A 656 1.44 10.93 -0.44
C TYR A 656 0.46 11.41 0.61
N ALA A 657 0.66 11.01 1.86
CA ALA A 657 -0.22 11.46 2.93
C ALA A 657 -0.15 12.98 3.10
N MET A 658 1.07 13.54 3.01
CA MET A 658 1.22 14.99 3.11
C MET A 658 0.50 15.69 1.96
N ARG A 659 0.63 15.15 0.74
CA ARG A 659 -0.07 15.74 -0.40
C ARG A 659 -1.58 15.72 -0.18
N GLN A 660 -2.10 14.58 0.29
CA GLN A 660 -3.54 14.47 0.51
C GLN A 660 -4.01 15.47 1.57
N TYR A 661 -3.24 15.62 2.65
CA TYR A 661 -3.65 16.57 3.68
C TYR A 661 -3.62 17.99 3.16
N PHE A 662 -2.58 18.37 2.44
CA PHE A 662 -2.49 19.75 1.95
C PHE A 662 -3.49 20.01 0.83
N LEU A 663 -3.99 18.98 0.16
CA LEU A 663 -4.98 19.19 -0.88
C LEU A 663 -6.41 19.22 -0.33
N LYS A 664 -6.72 18.36 0.64
CA LYS A 664 -8.08 18.23 1.13
C LYS A 664 -8.40 19.13 2.31
N VAL A 665 -7.42 19.87 2.84
CA VAL A 665 -7.67 20.71 4.00
C VAL A 665 -7.32 22.15 3.70
N LYS A 666 -6.05 22.40 3.36
CA LYS A 666 -5.58 23.75 3.11
C LYS A 666 -5.78 24.20 1.67
N ASN A 667 -6.25 23.31 0.79
CA ASN A 667 -6.51 23.65 -0.61
C ASN A 667 -5.26 24.21 -1.30
N GLN A 668 -4.10 23.65 -0.95
CA GLN A 668 -2.83 24.03 -1.55
C GLN A 668 -2.24 22.82 -2.24
N MET A 669 -1.78 23.00 -3.47
CA MET A 669 -1.16 21.91 -4.24
C MET A 669 0.35 22.01 -4.04
N ILE A 670 0.89 21.15 -3.18
CA ILE A 670 2.31 21.12 -2.88
C ILE A 670 2.87 19.79 -3.35
N LEU A 671 3.93 19.84 -4.15
CA LEU A 671 4.51 18.64 -4.76
C LEU A 671 5.58 18.08 -3.84
N PHE A 672 5.12 17.33 -2.84
CA PHE A 672 6.05 16.58 -2.01
C PHE A 672 6.62 15.41 -2.78
N GLY A 673 7.72 14.85 -2.26
CA GLY A 673 8.39 13.74 -2.90
C GLY A 673 9.04 12.83 -1.88
N GLU A 674 9.70 11.79 -2.39
CA GLU A 674 10.38 10.85 -1.52
C GLU A 674 11.66 11.44 -0.91
N GLU A 675 12.15 12.55 -1.44
CA GLU A 675 13.33 13.21 -0.89
C GLU A 675 12.97 14.26 0.16
N ASP A 676 11.69 14.57 0.33
CA ASP A 676 11.25 15.56 1.30
C ASP A 676 10.85 14.94 2.63
N VAL A 677 11.06 13.64 2.80
CA VAL A 677 10.78 12.95 4.06
C VAL A 677 12.12 12.43 4.56
N ARG A 678 12.78 13.23 5.40
CA ARG A 678 14.13 12.90 5.84
C ARG A 678 14.07 11.97 7.03
N VAL A 679 14.87 10.89 6.98
CA VAL A 679 14.82 9.79 7.93
C VAL A 679 16.20 9.63 8.57
N ALA A 680 16.21 9.41 9.88
CA ALA A 680 17.45 9.22 10.62
C ALA A 680 17.25 8.20 11.72
N ASN A 681 18.36 7.75 12.30
CA ASN A 681 18.38 6.84 13.45
C ASN A 681 17.69 5.52 13.13
N LEU A 682 18.00 4.95 11.96
CA LEU A 682 17.47 3.64 11.62
C LEU A 682 18.17 2.56 12.44
N LYS A 683 17.37 1.63 12.97
CA LYS A 683 17.91 0.59 13.85
C LYS A 683 17.26 -0.75 13.57
N PRO A 684 17.87 -1.87 13.96
CA PRO A 684 17.32 -3.19 13.59
C PRO A 684 15.92 -3.46 14.07
N ARG A 685 15.46 -2.78 15.12
CA ARG A 685 14.05 -2.86 15.50
C ARG A 685 13.14 -2.29 14.42
N ILE A 686 13.70 -1.57 13.45
CA ILE A 686 12.97 -0.79 12.47
C ILE A 686 12.23 0.29 13.24
N SER A 687 13.00 1.22 13.81
CA SER A 687 12.47 2.35 14.54
C SER A 687 13.35 3.55 14.22
N PHE A 688 12.79 4.53 13.54
CA PHE A 688 13.55 5.69 13.06
C PHE A 688 12.79 6.97 13.39
N ASN A 689 13.37 8.09 12.99
CA ASN A 689 12.76 9.40 13.16
C ASN A 689 12.71 10.09 11.80
N PHE A 690 11.53 10.51 11.38
CA PHE A 690 11.38 11.20 10.12
C PHE A 690 10.76 12.57 10.33
N PHE A 691 11.15 13.52 9.48
CA PHE A 691 10.48 14.80 9.43
C PHE A 691 10.34 15.24 7.98
N VAL A 692 9.26 15.95 7.69
CA VAL A 692 8.91 16.35 6.34
C VAL A 692 9.21 17.83 6.17
N THR A 693 9.99 18.16 5.15
CA THR A 693 10.40 19.53 4.89
C THR A 693 9.60 20.10 3.71
N ALA A 694 9.93 21.32 3.31
CA ALA A 694 9.31 21.95 2.17
C ALA A 694 9.73 21.22 0.90
N PRO A 695 8.93 21.32 -0.18
CA PRO A 695 9.23 20.51 -1.37
C PRO A 695 10.62 20.71 -1.96
N LYS A 696 11.13 21.93 -1.97
CA LYS A 696 12.47 22.18 -2.51
C LYS A 696 13.19 23.23 -1.68
N ASN A 697 13.02 23.15 -0.36
CA ASN A 697 13.60 24.15 0.55
C ASN A 697 13.79 23.45 1.89
N VAL A 698 15.01 22.98 2.14
CA VAL A 698 15.28 22.15 3.33
C VAL A 698 15.13 22.96 4.60
N SER A 699 15.48 24.25 4.56
CA SER A 699 15.43 25.06 5.77
C SER A 699 14.04 25.16 6.37
N ASP A 700 13.01 24.87 5.59
CA ASP A 700 11.63 24.96 6.05
C ASP A 700 11.16 23.56 6.44
N ILE A 701 10.70 23.42 7.68
CA ILE A 701 10.22 22.15 8.21
C ILE A 701 8.73 22.28 8.49
N ILE A 702 7.95 21.35 7.97
CA ILE A 702 6.53 21.34 8.27
C ILE A 702 6.34 21.08 9.76
N PRO A 703 5.58 21.91 10.47
CA PRO A 703 5.42 21.71 11.93
C PRO A 703 4.80 20.37 12.23
N ARG A 704 5.18 19.82 13.39
CA ARG A 704 4.79 18.45 13.73
C ARG A 704 3.29 18.27 13.83
N THR A 705 2.56 19.33 14.20
CA THR A 705 1.11 19.21 14.32
C THR A 705 0.48 18.89 12.97
N GLU A 706 0.91 19.59 11.93
CA GLU A 706 0.37 19.33 10.60
C GLU A 706 0.74 17.93 10.12
N VAL A 707 1.96 17.47 10.40
CA VAL A 707 2.35 16.13 9.99
C VAL A 707 1.52 15.09 10.72
N GLU A 708 1.25 15.30 12.00
CA GLU A 708 0.41 14.37 12.74
C GLU A 708 -1.00 14.35 12.19
N LYS A 709 -1.56 15.50 11.84
CA LYS A 709 -2.88 15.52 11.23
C LYS A 709 -2.89 14.78 9.90
N ALA A 710 -1.84 14.97 9.10
CA ALA A 710 -1.74 14.28 7.82
C ALA A 710 -1.67 12.76 8.02
N ILE A 711 -0.88 12.32 9.00
CA ILE A 711 -0.77 10.89 9.27
C ILE A 711 -2.11 10.34 9.73
N ARG A 712 -2.81 11.06 10.60
CA ARG A 712 -4.13 10.61 11.05
C ARG A 712 -5.10 10.49 9.89
N MET A 713 -5.06 11.44 8.95
CA MET A 713 -6.00 11.41 7.85
C MET A 713 -5.82 10.17 6.98
N SER A 714 -4.58 9.80 6.69
CA SER A 714 -4.30 8.71 5.75
C SER A 714 -3.46 7.62 6.40
N ARG A 715 -3.79 7.28 7.64
CA ARG A 715 -3.08 6.20 8.31
C ARG A 715 -3.48 4.83 7.79
N SER A 716 -4.74 4.69 7.36
CA SER A 716 -5.20 3.41 6.84
C SER A 716 -4.44 3.01 5.58
N ARG A 717 -4.19 3.98 4.70
CA ARG A 717 -3.46 3.68 3.47
C ARG A 717 -2.03 3.26 3.75
N ILE A 718 -1.37 3.96 4.69
CA ILE A 718 -0.01 3.58 5.06
C ILE A 718 0.00 2.19 5.68
N ASN A 719 -0.99 1.88 6.52
CA ASN A 719 -1.09 0.56 7.09
C ASN A 719 -1.27 -0.51 6.02
N ASP A 720 -2.12 -0.23 5.03
CA ASP A 720 -2.38 -1.21 3.98
C ASP A 720 -1.17 -1.40 3.07
N ALA A 721 -0.38 -0.35 2.87
CA ALA A 721 0.77 -0.47 1.97
C ALA A 721 1.77 -1.50 2.46
N PHE A 722 1.83 -1.73 3.77
CA PHE A 722 2.79 -2.65 4.36
C PHE A 722 2.13 -3.85 5.04
N ARG A 723 0.81 -3.97 4.94
CA ARG A 723 0.06 -5.05 5.58
C ARG A 723 0.28 -5.08 7.08
N LEU A 724 0.25 -3.90 7.69
CA LEU A 724 0.32 -3.73 9.15
C LEU A 724 -0.96 -3.09 9.64
N ASN A 725 -1.31 -3.36 10.90
CA ASN A 725 -2.59 -2.87 11.45
C ASN A 725 -2.39 -2.20 12.80
N ASP A 726 -1.98 -0.93 12.77
CA ASP A 726 -2.17 0.01 13.88
C ASP A 726 -1.49 -0.40 15.17
N ASN A 727 -0.78 -1.52 15.16
CA ASN A 727 -0.13 -2.03 16.37
C ASN A 727 1.30 -2.40 16.07
N SER A 728 1.53 -2.85 14.84
CA SER A 728 2.87 -3.11 14.35
C SER A 728 3.46 -1.92 13.61
N LEU A 729 2.69 -0.84 13.45
CA LEU A 729 3.16 0.41 12.84
C LEU A 729 2.76 1.53 13.79
N GLU A 730 3.62 1.83 14.75
CA GLU A 730 3.34 2.80 15.79
C GLU A 730 4.06 4.10 15.50
N PHE A 731 3.33 5.21 15.49
CA PHE A 731 3.94 6.50 15.23
C PHE A 731 4.32 7.25 16.49
N LEU A 732 4.14 6.65 17.66
CA LEU A 732 4.65 7.17 18.94
C LEU A 732 4.27 8.63 19.14
N GLY A 733 2.97 8.86 19.20
CA GLY A 733 2.44 10.20 19.40
C GLY A 733 1.09 10.36 18.74
N ILE A 734 0.79 9.44 17.82
CA ILE A 734 -0.48 9.40 17.12
C ILE A 734 -1.17 8.11 17.56
N GLN A 735 -2.23 8.24 18.35
CA GLN A 735 -2.85 7.01 18.81
C GLN A 735 -4.17 6.79 18.10
N PRO A 736 -4.43 5.57 17.67
CA PRO A 736 -5.67 5.28 16.92
C PRO A 736 -6.88 5.27 17.85
N THR A 737 -8.05 5.29 17.23
CA THR A 737 -9.33 5.23 17.93
C THR A 737 -10.00 3.90 17.59
N LEU A 738 -10.39 3.15 18.62
CA LEU A 738 -10.93 1.82 18.40
C LEU A 738 -12.33 1.87 17.80
N GLY A 739 -13.15 2.82 18.24
CA GLY A 739 -14.50 2.95 17.72
C GLY A 739 -15.55 2.65 18.77
N PRO A 740 -16.60 3.47 18.81
CA PRO A 740 -17.63 3.31 19.84
C PRO A 740 -18.35 1.99 19.72
N PRO A 741 -18.60 1.31 20.84
CA PRO A 741 -19.33 0.04 20.79
C PRO A 741 -20.84 0.24 20.84
N ASN A 742 -21.46 0.42 19.67
CA ASN A 742 -22.89 0.64 19.54
C ASN A 742 -23.71 -0.36 20.36
N GLN A 743 -24.75 0.13 21.02
CA GLN A 743 -25.53 -0.69 21.94
C GLN A 743 -26.81 -1.21 21.27
N PRO A 744 -27.29 -2.38 21.67
CA PRO A 744 -28.58 -2.88 21.19
C PRO A 744 -29.71 -1.95 21.63
N PRO A 745 -30.91 -2.10 21.04
CA PRO A 745 -31.99 -1.12 21.28
C PRO A 745 -32.27 -0.78 22.74
N VAL A 746 -32.65 -1.76 23.56
CA VAL A 746 -32.84 -1.46 24.97
C VAL A 746 -32.01 -2.39 25.85
N SER A 747 -32.35 -3.69 25.83
CA SER A 747 -31.64 -4.70 26.60
C SER A 747 -32.23 -6.06 26.27
N ILE A 748 -31.41 -6.99 25.76
CA ILE A 748 -31.91 -8.32 25.45
C ILE A 748 -32.25 -9.10 26.71
N TRP A 749 -31.40 -9.02 27.73
CA TRP A 749 -31.61 -9.74 28.98
C TRP A 749 -32.89 -9.31 29.67
N LEU A 750 -33.21 -8.01 29.67
CA LEU A 750 -34.42 -7.55 30.33
C LEU A 750 -35.66 -8.08 29.62
N ILE A 751 -35.65 -8.10 28.29
CA ILE A 751 -36.79 -8.62 27.54
C ILE A 751 -36.97 -10.11 27.82
N VAL A 752 -35.88 -10.87 27.79
CA VAL A 752 -35.98 -12.30 28.05
C VAL A 752 -36.47 -12.57 29.47
N PHE A 753 -35.95 -11.82 30.43
CA PHE A 753 -36.38 -11.98 31.82
C PHE A 753 -37.85 -11.64 31.97
N GLY A 754 -38.32 -10.58 31.30
CA GLY A 754 -39.73 -10.24 31.37
C GLY A 754 -40.61 -11.34 30.82
N VAL A 755 -40.23 -11.91 29.67
CA VAL A 755 -41.01 -12.99 29.07
C VAL A 755 -41.06 -14.19 30.02
N VAL A 756 -39.90 -14.59 30.57
CA VAL A 756 -39.84 -15.75 31.43
C VAL A 756 -40.65 -15.53 32.69
N MET A 757 -40.51 -14.35 33.31
CA MET A 757 -41.25 -14.07 34.53
C MET A 757 -42.74 -14.04 34.27
N GLY A 758 -43.16 -13.49 33.13
CA GLY A 758 -44.57 -13.47 32.80
C GLY A 758 -45.14 -14.87 32.66
N VAL A 759 -44.44 -15.75 31.92
CA VAL A 759 -44.96 -17.09 31.73
C VAL A 759 -44.97 -17.86 33.04
N ILE A 760 -43.95 -17.67 33.88
CA ILE A 760 -43.91 -18.36 35.17
C ILE A 760 -45.06 -17.88 36.06
N VAL A 761 -45.31 -16.57 36.10
CA VAL A 761 -46.39 -16.05 36.92
C VAL A 761 -47.74 -16.55 36.43
N VAL A 762 -47.94 -16.60 35.11
CA VAL A 762 -49.18 -17.12 34.55
C VAL A 762 -49.37 -18.58 34.95
N GLY A 763 -48.30 -19.38 34.85
CA GLY A 763 -48.40 -20.78 35.25
C GLY A 763 -48.74 -20.93 36.71
N ILE A 764 -48.11 -20.13 37.57
CA ILE A 764 -48.39 -20.20 39.00
C ILE A 764 -49.84 -19.84 39.28
N VAL A 765 -50.33 -18.77 38.65
CA VAL A 765 -51.70 -18.33 38.89
C VAL A 765 -52.69 -19.40 38.43
N ILE A 766 -52.48 -19.97 37.25
CA ILE A 766 -53.42 -20.96 36.75
C ILE A 766 -53.39 -22.22 37.59
N LEU A 767 -52.21 -22.63 38.06
CA LEU A 767 -52.13 -23.81 38.92
C LEU A 767 -52.83 -23.57 40.25
N ILE A 768 -52.63 -22.40 40.85
CA ILE A 768 -53.30 -22.10 42.11
C ILE A 768 -54.81 -22.07 41.91
N PHE A 769 -55.27 -21.43 40.84
CA PHE A 769 -56.71 -21.35 40.59
C PHE A 769 -57.32 -22.73 40.37
N THR A 770 -56.65 -23.58 39.58
CA THR A 770 -57.18 -24.92 39.35
C THR A 770 -57.19 -25.75 40.63
N GLY A 771 -56.13 -25.64 41.44
CA GLY A 771 -56.11 -26.37 42.70
C GLY A 771 -57.20 -25.92 43.65
N ILE A 772 -57.45 -24.62 43.72
CA ILE A 772 -58.50 -24.11 44.59
C ILE A 772 -59.87 -24.54 44.08
N ARG A 773 -60.09 -24.46 42.76
CA ARG A 773 -61.39 -24.81 42.20
C ARG A 773 -61.68 -26.31 42.33
N ASP A 774 -60.65 -27.15 42.21
CA ASP A 774 -60.86 -28.59 42.36
C ASP A 774 -61.34 -28.93 43.76
N ARG A 775 -60.77 -28.29 44.78
CA ARG A 775 -61.18 -28.52 46.15
C ARG A 775 -62.23 -27.51 46.59
N ILE B 28 8.93 69.30 -41.46
CA ILE B 28 9.72 68.21 -40.91
C ILE B 28 10.03 67.20 -42.01
N GLU B 29 9.12 67.10 -43.00
CA GLU B 29 9.35 66.20 -44.12
C GLU B 29 10.55 66.64 -44.94
N GLU B 30 10.68 67.95 -45.17
CA GLU B 30 11.78 68.47 -45.99
C GLU B 30 13.12 68.22 -45.32
N GLN B 31 13.22 68.49 -44.02
CA GLN B 31 14.48 68.25 -43.32
C GLN B 31 14.77 66.76 -43.20
N ALA B 32 13.74 65.92 -43.08
CA ALA B 32 13.95 64.47 -43.09
C ALA B 32 14.50 64.02 -44.44
N LYS B 33 13.96 64.56 -45.53
CA LYS B 33 14.48 64.23 -46.86
C LYS B 33 15.91 64.69 -47.01
N THR B 34 16.23 65.89 -46.50
CA THR B 34 17.60 66.38 -46.55
C THR B 34 18.55 65.47 -45.77
N PHE B 35 18.10 65.03 -44.59
CA PHE B 35 18.91 64.11 -43.79
C PHE B 35 19.14 62.79 -44.51
N LEU B 36 18.10 62.26 -45.16
CA LEU B 36 18.26 61.03 -45.92
C LEU B 36 19.22 61.21 -47.08
N ASP B 37 19.13 62.35 -47.78
CA ASP B 37 20.05 62.62 -48.88
C ASP B 37 21.48 62.71 -48.38
N LYS B 38 21.70 63.37 -47.25
CA LYS B 38 23.04 63.43 -46.67
C LYS B 38 23.53 62.05 -46.27
N PHE B 39 22.63 61.22 -45.72
CA PHE B 39 23.04 59.91 -45.22
C PHE B 39 23.41 58.95 -46.36
N ASN B 40 22.69 59.03 -47.49
CA ASN B 40 22.95 58.08 -48.58
C ASN B 40 24.37 58.22 -49.13
N HIS B 41 24.82 59.46 -49.32
CA HIS B 41 26.15 59.70 -49.89
C HIS B 41 27.24 59.12 -48.99
N GLU B 42 27.12 59.33 -47.68
CA GLU B 42 28.11 58.79 -46.75
C GLU B 42 27.99 57.28 -46.60
N ALA B 43 26.79 56.73 -46.72
CA ALA B 43 26.61 55.30 -46.51
C ALA B 43 27.16 54.49 -47.68
N GLU B 44 26.98 54.98 -48.92
CA GLU B 44 27.36 54.18 -50.07
C GLU B 44 28.86 53.91 -50.10
N ASP B 45 29.68 54.93 -49.82
CA ASP B 45 31.13 54.75 -49.87
C ASP B 45 31.61 53.77 -48.82
N LEU B 46 31.15 53.92 -47.57
CA LEU B 46 31.58 53.01 -46.52
C LEU B 46 31.10 51.59 -46.79
N PHE B 47 29.88 51.43 -47.30
CA PHE B 47 29.40 50.09 -47.62
C PHE B 47 30.24 49.46 -48.73
N TYR B 48 30.61 50.25 -49.74
CA TYR B 48 31.47 49.73 -50.80
C TYR B 48 32.82 49.29 -50.24
N GLN B 49 33.38 50.08 -49.33
CA GLN B 49 34.66 49.70 -48.72
C GLN B 49 34.53 48.40 -47.93
N SER B 50 33.46 48.28 -47.14
CA SER B 50 33.27 47.06 -46.35
C SER B 50 33.06 45.84 -47.24
N SER B 51 32.28 46.00 -48.31
CA SER B 51 32.05 44.90 -49.24
C SER B 51 33.34 44.51 -49.95
N LEU B 52 34.16 45.49 -50.31
CA LEU B 52 35.45 45.17 -50.93
C LEU B 52 36.36 44.44 -49.96
N ALA B 53 36.35 44.84 -48.68
CA ALA B 53 37.15 44.13 -47.69
C ALA B 53 36.69 42.69 -47.53
N SER B 54 35.37 42.48 -47.48
CA SER B 54 34.85 41.11 -47.39
C SER B 54 35.22 40.29 -48.62
N TRP B 55 35.13 40.91 -49.80
CA TRP B 55 35.49 40.21 -51.04
C TRP B 55 36.97 39.83 -51.03
N ASN B 56 37.83 40.73 -50.55
CA ASN B 56 39.25 40.41 -50.47
C ASN B 56 39.50 39.28 -49.49
N TYR B 57 38.81 39.30 -48.35
CA TYR B 57 38.98 38.21 -47.39
C TYR B 57 38.55 36.88 -47.97
N ASN B 58 37.42 36.84 -48.67
CA ASN B 58 36.95 35.59 -49.25
C ASN B 58 37.81 35.15 -50.43
N THR B 59 38.40 36.10 -51.14
CA THR B 59 39.25 35.77 -52.28
C THR B 59 40.54 35.09 -51.82
N ASN B 60 41.21 35.68 -50.83
CA ASN B 60 42.45 35.14 -50.28
C ASN B 60 42.31 35.05 -48.77
N ILE B 61 42.42 33.82 -48.24
CA ILE B 61 42.24 33.61 -46.80
C ILE B 61 43.55 33.87 -46.08
N THR B 62 43.73 35.10 -45.58
CA THR B 62 44.89 35.48 -44.80
C THR B 62 44.43 36.25 -43.57
N GLU B 63 45.19 36.10 -42.48
CA GLU B 63 44.82 36.74 -41.21
C GLU B 63 44.81 38.26 -41.31
N GLU B 64 45.72 38.85 -42.09
CA GLU B 64 45.68 40.29 -42.28
C GLU B 64 44.38 40.72 -42.93
N ASN B 65 43.90 39.95 -43.91
CA ASN B 65 42.59 40.23 -44.49
C ASN B 65 41.47 40.06 -43.47
N VAL B 66 41.63 39.11 -42.54
CA VAL B 66 40.65 38.97 -41.46
C VAL B 66 40.57 40.25 -40.64
N GLN B 67 41.74 40.78 -40.27
CA GLN B 67 41.76 42.02 -39.50
C GLN B 67 41.17 43.18 -40.28
N ASN B 68 41.51 43.29 -41.56
CA ASN B 68 41.00 44.38 -42.37
C ASN B 68 39.48 44.31 -42.50
N MET B 69 38.95 43.11 -42.76
CA MET B 69 37.51 42.94 -42.87
C MET B 69 36.81 43.24 -41.55
N ASN B 70 37.42 42.80 -40.44
CA ASN B 70 36.83 43.09 -39.13
C ASN B 70 36.77 44.60 -38.88
N ASN B 71 37.86 45.31 -39.21
CA ASN B 71 37.87 46.76 -39.03
C ASN B 71 36.81 47.44 -39.89
N ALA B 72 36.71 47.02 -41.16
CA ALA B 72 35.73 47.63 -42.05
C ALA B 72 34.30 47.37 -41.55
N GLY B 73 34.02 46.14 -41.12
CA GLY B 73 32.70 45.83 -40.61
C GLY B 73 32.38 46.58 -39.34
N ASP B 74 33.36 46.72 -38.45
CA ASP B 74 33.14 47.47 -37.21
C ASP B 74 32.84 48.94 -37.52
N LYS B 75 33.60 49.53 -38.45
CA LYS B 75 33.35 50.92 -38.83
C LYS B 75 31.96 51.08 -39.43
N TRP B 76 31.56 50.15 -40.32
CA TRP B 76 30.23 50.23 -40.92
C TRP B 76 29.14 50.10 -39.86
N SER B 77 29.32 49.17 -38.91
CA SER B 77 28.32 48.98 -37.86
C SER B 77 28.21 50.20 -36.97
N ALA B 78 29.35 50.81 -36.61
CA ALA B 78 29.32 52.01 -35.79
C ALA B 78 28.62 53.16 -36.52
N PHE B 79 28.91 53.32 -37.81
CA PHE B 79 28.24 54.34 -38.60
C PHE B 79 26.74 54.08 -38.65
N LEU B 80 26.34 52.83 -38.84
CA LEU B 80 24.93 52.49 -38.88
C LEU B 80 24.25 52.80 -37.55
N LYS B 81 24.90 52.47 -36.43
CA LYS B 81 24.31 52.72 -35.12
C LYS B 81 24.16 54.22 -34.85
N GLU B 82 25.19 55.00 -35.16
CA GLU B 82 25.08 56.43 -34.91
C GLU B 82 24.05 57.08 -35.84
N GLN B 83 23.94 56.63 -37.08
CA GLN B 83 22.89 57.14 -37.96
C GLN B 83 21.51 56.71 -37.46
N SER B 84 21.41 55.52 -36.88
CA SER B 84 20.14 55.10 -36.28
C SER B 84 19.75 56.03 -35.14
N THR B 85 20.72 56.39 -34.30
CA THR B 85 20.44 57.35 -33.23
C THR B 85 20.01 58.69 -33.81
N LEU B 86 20.68 59.14 -34.88
CA LEU B 86 20.34 60.43 -35.48
C LEU B 86 18.96 60.42 -36.13
N ALA B 87 18.54 59.26 -36.65
CA ALA B 87 17.27 59.17 -37.37
C ALA B 87 16.06 59.34 -36.46
N GLN B 88 16.24 59.28 -35.13
CA GLN B 88 15.13 59.42 -34.21
C GLN B 88 14.55 60.83 -34.20
N MET B 89 15.24 61.81 -34.78
CA MET B 89 14.76 63.19 -34.79
C MET B 89 13.53 63.38 -35.66
N TYR B 90 13.18 62.42 -36.51
CA TYR B 90 12.04 62.51 -37.40
C TYR B 90 11.06 61.38 -37.06
N PRO B 91 10.02 61.68 -36.29
CA PRO B 91 9.02 60.65 -36.00
C PRO B 91 8.19 60.30 -37.23
N LEU B 92 7.68 59.07 -37.24
CA LEU B 92 6.85 58.61 -38.34
C LEU B 92 5.45 59.23 -38.32
N GLN B 93 5.07 59.87 -37.22
CA GLN B 93 3.74 60.48 -37.11
C GLN B 93 3.58 61.68 -38.03
N GLU B 94 4.67 62.23 -38.57
CA GLU B 94 4.61 63.39 -39.44
C GLU B 94 5.17 63.17 -40.83
N ILE B 95 5.84 62.05 -41.09
CA ILE B 95 6.40 61.80 -42.41
C ILE B 95 5.27 61.37 -43.35
N GLN B 96 5.13 62.09 -44.46
CA GLN B 96 4.10 61.81 -45.44
C GLN B 96 4.62 61.15 -46.72
N ASN B 97 5.93 61.06 -46.88
CA ASN B 97 6.51 60.42 -48.05
C ASN B 97 6.72 58.94 -47.75
N LEU B 98 6.18 58.07 -48.61
CA LEU B 98 6.25 56.63 -48.37
C LEU B 98 7.69 56.14 -48.42
N THR B 99 8.44 56.54 -49.45
CA THR B 99 9.82 56.09 -49.57
C THR B 99 10.68 56.63 -48.42
N VAL B 100 10.52 57.91 -48.10
CA VAL B 100 11.26 58.49 -46.99
C VAL B 100 10.89 57.81 -45.69
N LYS B 101 9.61 57.54 -45.48
CA LYS B 101 9.17 56.86 -44.26
C LYS B 101 9.74 55.45 -44.19
N LEU B 102 9.82 54.75 -45.32
CA LEU B 102 10.38 53.41 -45.33
C LEU B 102 11.87 53.43 -45.00
N GLN B 103 12.61 54.39 -45.56
CA GLN B 103 14.01 54.53 -45.20
C GLN B 103 14.17 54.85 -43.72
N LEU B 104 13.29 55.70 -43.20
CA LEU B 104 13.31 56.03 -41.78
C LEU B 104 13.04 54.80 -40.92
N GLN B 105 12.10 53.96 -41.33
CA GLN B 105 11.83 52.72 -40.60
C GLN B 105 13.04 51.79 -40.65
N ALA B 106 13.68 51.71 -41.82
CA ALA B 106 14.85 50.83 -41.95
C ALA B 106 15.98 51.29 -41.04
N LEU B 107 16.22 52.60 -40.98
CA LEU B 107 17.32 53.13 -40.18
C LEU B 107 16.92 53.43 -38.73
N GLN B 108 15.66 53.24 -38.37
CA GLN B 108 15.20 53.65 -37.04
C GLN B 108 15.04 52.48 -36.08
N GLN B 109 15.08 51.24 -36.57
CA GLN B 109 14.91 50.09 -35.69
C GLN B 109 16.08 49.99 -34.71
N ASN B 110 15.78 50.10 -33.42
CA ASN B 110 16.81 50.03 -32.40
C ASN B 110 17.51 48.67 -32.40
N GLY B 111 16.74 47.60 -32.53
CA GLY B 111 17.33 46.27 -32.49
C GLY B 111 17.83 45.94 -31.10
N SER B 112 19.08 45.49 -31.02
CA SER B 112 19.67 45.09 -29.74
C SER B 112 20.16 46.28 -28.92
N SER B 113 20.11 47.50 -29.45
CA SER B 113 20.57 48.67 -28.73
C SER B 113 19.56 49.14 -27.68
N VAL B 114 18.36 48.56 -27.63
CA VAL B 114 17.36 48.99 -26.67
C VAL B 114 17.52 48.31 -25.31
N LEU B 115 18.28 47.22 -25.24
CA LEU B 115 18.51 46.55 -23.98
C LEU B 115 19.63 47.22 -23.19
N SER B 116 19.72 46.87 -21.91
CA SER B 116 20.79 47.39 -21.07
C SER B 116 22.12 46.74 -21.44
N GLU B 117 23.20 47.31 -20.91
CA GLU B 117 24.54 46.80 -21.22
C GLU B 117 24.71 45.37 -20.74
N ASP B 118 24.27 45.07 -19.51
CA ASP B 118 24.38 43.71 -19.00
C ASP B 118 23.54 42.73 -19.82
N LYS B 119 22.30 43.13 -20.15
CA LYS B 119 21.44 42.26 -20.94
C LYS B 119 22.00 42.05 -22.34
N SER B 120 22.50 43.12 -22.96
CA SER B 120 23.08 42.97 -24.30
C SER B 120 24.30 42.07 -24.28
N LYS B 121 25.17 42.24 -23.28
CA LYS B 121 26.35 41.39 -23.17
C LYS B 121 25.96 39.94 -22.95
N ARG B 122 24.97 39.70 -22.08
CA ARG B 122 24.51 38.33 -21.85
C ARG B 122 23.93 37.71 -23.11
N LEU B 123 23.15 38.50 -23.86
CA LEU B 123 22.55 37.99 -25.09
C LEU B 123 23.63 37.63 -26.11
N ASN B 124 24.62 38.50 -26.30
CA ASN B 124 25.70 38.19 -27.22
C ASN B 124 26.48 36.97 -26.76
N THR B 125 26.72 36.86 -25.45
CA THR B 125 27.47 35.72 -24.93
C THR B 125 26.73 34.42 -25.18
N ILE B 126 25.42 34.40 -24.91
CA ILE B 126 24.67 33.16 -25.09
C ILE B 126 24.54 32.81 -26.57
N LEU B 127 24.37 33.82 -27.42
CA LEU B 127 24.30 33.54 -28.86
C LEU B 127 25.61 32.94 -29.35
N ASN B 128 26.74 33.52 -28.94
CA ASN B 128 28.03 32.98 -29.35
C ASN B 128 28.24 31.59 -28.79
N THR B 129 27.81 31.35 -27.55
CA THR B 129 27.97 30.04 -26.94
C THR B 129 27.15 29.00 -27.69
N MET B 130 25.91 29.32 -28.05
CA MET B 130 25.09 28.38 -28.81
C MET B 130 25.70 28.09 -30.18
N SER B 131 26.20 29.14 -30.85
CA SER B 131 26.82 28.93 -32.15
C SER B 131 28.04 28.02 -32.03
N THR B 132 28.88 28.25 -31.02
CA THR B 132 30.07 27.42 -30.83
C THR B 132 29.69 25.99 -30.48
N ILE B 133 28.67 25.81 -29.65
CA ILE B 133 28.24 24.46 -29.27
C ILE B 133 27.76 23.71 -30.50
N TYR B 134 26.97 24.36 -31.35
CA TYR B 134 26.51 23.70 -32.57
C TYR B 134 27.67 23.38 -33.50
N SER B 135 28.62 24.32 -33.65
CA SER B 135 29.72 24.11 -34.58
C SER B 135 30.63 22.99 -34.10
N THR B 136 30.93 22.94 -32.81
CA THR B 136 31.91 22.00 -32.26
C THR B 136 31.27 20.70 -31.80
N GLY B 137 29.98 20.51 -32.02
CA GLY B 137 29.32 19.29 -31.60
C GLY B 137 29.93 18.04 -32.19
N LYS B 138 30.31 17.10 -31.34
CA LYS B 138 30.93 15.87 -31.79
C LYS B 138 30.34 14.70 -31.02
N VAL B 139 30.21 13.56 -31.70
CA VAL B 139 29.73 12.32 -31.10
C VAL B 139 30.91 11.38 -30.93
N CYS B 140 31.16 10.96 -29.69
CA CYS B 140 32.32 10.14 -29.38
C CYS B 140 31.89 8.83 -28.75
N ASN B 141 32.54 7.76 -29.15
CA ASN B 141 32.30 6.46 -28.53
C ASN B 141 32.86 6.46 -27.11
N PRO B 142 32.08 6.06 -26.11
CA PRO B 142 32.61 6.04 -24.74
C PRO B 142 33.80 5.11 -24.58
N ASP B 143 33.91 4.08 -25.41
CA ASP B 143 35.05 3.17 -25.33
C ASP B 143 36.35 3.90 -25.66
N ASN B 144 36.33 4.71 -26.72
CA ASN B 144 37.50 5.47 -27.14
C ASN B 144 37.09 6.92 -27.32
N PRO B 145 37.21 7.75 -26.28
CA PRO B 145 36.83 9.17 -26.42
C PRO B 145 37.70 9.93 -27.40
N GLN B 146 38.87 9.41 -27.76
CA GLN B 146 39.73 10.12 -28.69
C GLN B 146 39.09 10.25 -30.07
N GLU B 147 38.45 9.19 -30.56
CA GLU B 147 37.82 9.21 -31.88
C GLU B 147 36.40 9.77 -31.76
N CYS B 148 36.13 10.82 -32.53
CA CYS B 148 34.82 11.46 -32.53
C CYS B 148 34.42 11.78 -33.96
N LEU B 149 33.12 11.84 -34.20
CA LEU B 149 32.55 12.20 -35.49
C LEU B 149 31.90 13.57 -35.38
N LEU B 150 32.22 14.45 -36.33
CA LEU B 150 31.61 15.78 -36.38
C LEU B 150 30.30 15.71 -37.17
N LEU B 151 29.63 16.86 -37.27
CA LEU B 151 28.34 16.89 -37.96
C LEU B 151 28.51 16.83 -39.47
N GLU B 152 29.22 17.81 -40.04
CA GLU B 152 29.33 17.89 -41.50
C GLU B 152 29.97 16.66 -42.13
N PRO B 153 31.12 16.15 -41.64
CA PRO B 153 31.65 14.92 -42.21
C PRO B 153 31.20 13.69 -41.43
N GLY B 154 30.94 12.61 -42.16
CA GLY B 154 30.65 11.33 -41.54
C GLY B 154 29.23 11.19 -41.02
N LEU B 155 28.86 12.01 -40.04
CA LEU B 155 27.54 11.87 -39.41
C LEU B 155 26.43 12.09 -40.44
N ASN B 156 26.57 13.11 -41.28
CA ASN B 156 25.61 13.29 -42.37
C ASN B 156 25.65 12.11 -43.33
N GLU B 157 26.85 11.58 -43.60
CA GLU B 157 26.95 10.38 -44.43
C GLU B 157 26.25 9.20 -43.77
N ILE B 158 26.38 9.08 -42.45
CA ILE B 158 25.68 8.01 -41.74
C ILE B 158 24.18 8.15 -41.88
N MET B 159 23.67 9.37 -41.73
CA MET B 159 22.22 9.58 -41.81
C MET B 159 21.69 9.52 -43.23
N ALA B 160 22.53 9.75 -44.24
CA ALA B 160 22.07 9.81 -45.63
C ALA B 160 22.43 8.59 -46.45
N ASN B 161 23.21 7.66 -45.92
CA ASN B 161 23.62 6.50 -46.71
C ASN B 161 23.33 5.17 -46.02
N SER B 162 23.44 5.10 -44.71
CA SER B 162 23.27 3.84 -44.01
C SER B 162 21.83 3.34 -44.12
N LEU B 163 21.69 2.02 -44.19
CA LEU B 163 20.38 1.37 -44.20
C LEU B 163 20.12 0.59 -42.92
N ASP B 164 20.92 0.83 -41.88
CA ASP B 164 20.78 0.13 -40.62
C ASP B 164 19.92 0.97 -39.68
N TYR B 165 18.83 0.38 -39.20
CA TYR B 165 17.94 1.08 -38.28
C TYR B 165 18.69 1.49 -37.02
N ASN B 166 19.45 0.57 -36.44
CA ASN B 166 20.14 0.87 -35.18
C ASN B 166 21.22 1.92 -35.37
N GLU B 167 21.96 1.87 -36.48
CA GLU B 167 23.02 2.85 -36.70
C GLU B 167 22.45 4.25 -36.88
N ARG B 168 21.42 4.38 -37.70
CA ARG B 168 20.79 5.69 -37.88
C ARG B 168 20.18 6.19 -36.58
N LEU B 169 19.56 5.29 -35.81
CA LEU B 169 19.00 5.67 -34.53
C LEU B 169 20.10 6.18 -33.59
N TRP B 170 21.23 5.49 -33.55
CA TRP B 170 22.34 5.92 -32.70
C TRP B 170 22.84 7.29 -33.12
N ALA B 171 23.02 7.50 -34.42
CA ALA B 171 23.51 8.80 -34.88
C ALA B 171 22.54 9.91 -34.50
N TRP B 172 21.24 9.69 -34.76
CA TRP B 172 20.22 10.69 -34.48
C TRP B 172 20.17 11.02 -33.00
N GLU B 173 20.06 9.99 -32.16
CA GLU B 173 19.93 10.20 -30.73
C GLU B 173 21.20 10.81 -30.14
N SER B 174 22.37 10.37 -30.59
CA SER B 174 23.61 10.94 -30.09
C SER B 174 23.71 12.42 -30.45
N TRP B 175 23.36 12.78 -31.69
CA TRP B 175 23.41 14.19 -32.06
C TRP B 175 22.44 15.01 -31.23
N ARG B 176 21.24 14.48 -30.99
CA ARG B 176 20.24 15.26 -30.26
C ARG B 176 20.40 15.18 -28.76
N SER B 177 21.32 14.35 -28.25
CA SER B 177 21.61 14.32 -26.82
C SER B 177 22.95 14.94 -26.46
N GLU B 178 23.85 15.13 -27.43
CA GLU B 178 25.12 15.79 -27.16
C GLU B 178 25.07 17.29 -27.43
N VAL B 179 24.15 17.75 -28.27
CA VAL B 179 24.03 19.16 -28.61
C VAL B 179 22.79 19.78 -28.02
N GLY B 180 21.65 19.10 -28.09
CA GLY B 180 20.42 19.70 -27.59
C GLY B 180 20.43 19.93 -26.09
N LYS B 181 20.94 18.95 -25.34
CA LYS B 181 20.97 19.08 -23.88
C LYS B 181 21.84 20.26 -23.46
N GLN B 182 22.98 20.45 -24.13
CA GLN B 182 23.83 21.59 -23.84
C GLN B 182 23.22 22.91 -24.29
N LEU B 183 22.19 22.88 -25.14
CA LEU B 183 21.59 24.11 -25.65
C LEU B 183 20.28 24.47 -24.97
N ARG B 184 19.68 23.55 -24.22
CA ARG B 184 18.37 23.84 -23.61
C ARG B 184 18.38 25.04 -22.68
N PRO B 185 19.24 25.13 -21.66
CA PRO B 185 19.19 26.30 -20.77
C PRO B 185 19.56 27.59 -21.47
N LEU B 186 20.58 27.56 -22.33
CA LEU B 186 20.93 28.73 -23.11
C LEU B 186 19.76 29.17 -23.97
N TYR B 187 19.01 28.21 -24.51
CA TYR B 187 17.86 28.58 -25.34
C TYR B 187 16.74 29.17 -24.50
N GLU B 188 16.54 28.70 -23.28
CA GLU B 188 15.54 29.33 -22.41
C GLU B 188 15.92 30.78 -22.13
N GLU B 189 17.17 31.02 -21.77
CA GLU B 189 17.62 32.38 -21.53
C GLU B 189 17.50 33.24 -22.78
N TYR B 190 17.82 32.66 -23.95
CA TYR B 190 17.71 33.37 -25.22
C TYR B 190 16.26 33.76 -25.50
N VAL B 191 15.32 32.85 -25.25
CA VAL B 191 13.90 33.16 -25.43
C VAL B 191 13.50 34.33 -24.55
N VAL B 192 13.89 34.28 -23.27
CA VAL B 192 13.51 35.34 -22.35
C VAL B 192 14.08 36.69 -22.79
N LEU B 193 15.36 36.71 -23.16
CA LEU B 193 16.00 37.97 -23.54
C LEU B 193 15.42 38.53 -24.84
N LYS B 194 15.16 37.66 -25.82
CA LYS B 194 14.56 38.14 -27.06
C LYS B 194 13.15 38.68 -26.83
N ASN B 195 12.38 38.02 -25.96
CA ASN B 195 11.08 38.58 -25.60
C ASN B 195 11.21 39.94 -24.96
N GLU B 196 12.19 40.10 -24.06
CA GLU B 196 12.39 41.39 -23.41
C GLU B 196 12.73 42.48 -24.44
N MET B 197 13.62 42.16 -25.38
CA MET B 197 14.00 43.15 -26.39
C MET B 197 12.81 43.51 -27.29
N ALA B 198 12.05 42.50 -27.73
CA ALA B 198 10.91 42.77 -28.59
C ALA B 198 9.87 43.62 -27.86
N ARG B 199 9.61 43.32 -26.60
CA ARG B 199 8.66 44.14 -25.83
C ARG B 199 9.20 45.55 -25.66
N ALA B 200 10.51 45.70 -25.46
CA ALA B 200 11.10 47.03 -25.40
C ALA B 200 10.98 47.79 -26.72
N ASN B 201 10.82 47.09 -27.84
CA ASN B 201 10.60 47.75 -29.13
C ASN B 201 9.14 47.76 -29.54
N HIS B 202 8.23 47.80 -28.57
CA HIS B 202 6.79 47.88 -28.82
C HIS B 202 6.29 46.72 -29.70
N TYR B 203 6.80 45.52 -29.43
CA TYR B 203 6.33 44.30 -30.09
C TYR B 203 5.83 43.33 -29.04
N GLU B 204 4.72 42.65 -29.35
CA GLU B 204 4.13 41.74 -28.38
C GLU B 204 5.06 40.57 -28.06
N ASP B 205 5.78 40.08 -29.05
CA ASP B 205 6.73 39.00 -28.84
C ASP B 205 7.79 39.04 -29.93
N TYR B 206 8.87 38.29 -29.71
CA TYR B 206 9.95 38.26 -30.69
C TYR B 206 9.48 37.65 -32.01
N GLY B 207 8.58 36.67 -31.94
CA GLY B 207 7.99 36.15 -33.16
C GLY B 207 7.26 37.22 -33.95
N ASP B 208 6.61 38.16 -33.26
CA ASP B 208 6.01 39.29 -33.95
C ASP B 208 7.07 40.16 -34.61
N TYR B 209 8.22 40.32 -33.95
CA TYR B 209 9.32 41.06 -34.57
C TYR B 209 9.79 40.37 -35.84
N TRP B 210 9.87 39.05 -35.83
CA TRP B 210 10.23 38.33 -37.05
C TRP B 210 9.17 38.49 -38.13
N ARG B 211 7.90 38.37 -37.76
CA ARG B 211 6.82 38.51 -38.73
C ARG B 211 6.73 39.92 -39.29
N GLY B 212 7.30 40.90 -38.59
CA GLY B 212 7.23 42.28 -39.05
C GLY B 212 7.87 42.53 -40.40
N ASP B 213 8.69 41.60 -40.90
CA ASP B 213 9.30 41.79 -42.20
C ASP B 213 8.29 41.85 -43.33
N TYR B 214 7.08 41.30 -43.13
CA TYR B 214 6.04 41.32 -44.13
C TYR B 214 4.97 42.39 -43.83
N GLU B 215 5.24 43.27 -42.87
CA GLU B 215 4.26 44.27 -42.47
C GLU B 215 4.22 45.40 -43.49
N VAL B 216 3.00 45.77 -43.91
CA VAL B 216 2.79 46.91 -44.79
C VAL B 216 1.70 47.77 -44.17
N ASN B 217 1.97 49.06 -44.01
CA ASN B 217 1.03 50.00 -43.45
C ASN B 217 1.01 51.28 -44.29
N GLY B 218 -0.17 51.89 -44.38
CA GLY B 218 -0.33 53.15 -45.06
C GLY B 218 -0.37 53.08 -46.58
N VAL B 219 -0.41 51.89 -47.16
CA VAL B 219 -0.50 51.72 -48.61
C VAL B 219 -1.83 51.07 -48.92
N ASP B 220 -2.71 51.79 -49.60
CA ASP B 220 -4.09 51.33 -49.77
C ASP B 220 -4.15 50.05 -50.61
N GLY B 221 -4.91 49.08 -50.11
CA GLY B 221 -5.08 47.81 -50.79
C GLY B 221 -3.91 46.88 -50.62
N TYR B 222 -2.74 47.43 -50.27
CA TYR B 222 -1.51 46.66 -50.14
C TYR B 222 -1.08 46.47 -48.69
N ASP B 223 -1.83 46.99 -47.72
CA ASP B 223 -1.46 46.87 -46.33
C ASP B 223 -1.50 45.40 -45.89
N TYR B 224 -0.61 45.05 -44.97
CA TYR B 224 -0.52 43.69 -44.46
C TYR B 224 -0.15 43.74 -42.99
N SER B 225 -0.97 43.12 -42.15
CA SER B 225 -0.73 43.12 -40.71
C SER B 225 0.13 41.92 -40.31
N ARG B 226 0.87 42.10 -39.20
CA ARG B 226 1.73 41.03 -38.72
C ARG B 226 0.94 39.81 -38.28
N GLY B 227 -0.29 40.01 -37.81
CA GLY B 227 -1.14 38.88 -37.46
C GLY B 227 -1.78 38.17 -38.64
N GLN B 228 -1.74 38.78 -39.82
CA GLN B 228 -2.31 38.16 -41.01
C GLN B 228 -1.44 37.05 -41.55
N LEU B 229 -0.13 37.12 -41.29
CA LEU B 229 0.80 36.12 -41.83
C LEU B 229 0.50 34.74 -41.28
N ILE B 230 0.21 34.64 -39.98
CA ILE B 230 -0.06 33.34 -39.37
C ILE B 230 -1.29 32.70 -40.01
N GLU B 231 -2.36 33.48 -40.16
CA GLU B 231 -3.58 32.95 -40.76
C GLU B 231 -3.36 32.57 -42.23
N ASP B 232 -2.63 33.38 -42.99
CA ASP B 232 -2.38 33.04 -44.38
C ASP B 232 -1.56 31.76 -44.50
N VAL B 233 -0.53 31.60 -43.66
CA VAL B 233 0.30 30.41 -43.71
C VAL B 233 -0.51 29.17 -43.35
N GLU B 234 -1.32 29.26 -42.30
CA GLU B 234 -2.13 28.10 -41.92
C GLU B 234 -3.15 27.76 -43.00
N HIS B 235 -3.79 28.77 -43.58
CA HIS B 235 -4.76 28.53 -44.65
C HIS B 235 -4.09 27.86 -45.85
N THR B 236 -2.89 28.30 -46.20
CA THR B 236 -2.19 27.71 -47.34
C THR B 236 -1.76 26.27 -47.04
N PHE B 237 -1.23 26.04 -45.85
CA PHE B 237 -0.83 24.67 -45.50
C PHE B 237 -2.02 23.72 -45.47
N GLU B 238 -3.20 24.24 -45.12
CA GLU B 238 -4.38 23.39 -45.18
C GLU B 238 -4.68 22.92 -46.60
N GLU B 239 -4.43 23.76 -47.59
CA GLU B 239 -4.57 23.34 -48.98
C GLU B 239 -3.43 22.44 -49.45
N ILE B 240 -2.24 22.58 -48.86
CA ILE B 240 -1.11 21.73 -49.24
C ILE B 240 -1.32 20.32 -48.71
N LYS B 241 -1.98 20.20 -47.56
CA LYS B 241 -2.07 18.90 -46.86
C LYS B 241 -2.52 17.73 -47.74
N PRO B 242 -3.51 17.85 -48.64
CA PRO B 242 -3.90 16.68 -49.44
C PRO B 242 -2.76 16.07 -50.25
N LEU B 243 -1.88 16.89 -50.82
CA LEU B 243 -0.76 16.34 -51.57
C LEU B 243 0.28 15.72 -50.64
N TYR B 244 0.55 16.37 -49.52
CA TYR B 244 1.56 15.87 -48.60
C TYR B 244 1.13 14.53 -48.00
N GLU B 245 -0.17 14.35 -47.76
CA GLU B 245 -0.63 13.06 -47.22
C GLU B 245 -0.34 11.92 -48.18
N HIS B 246 -0.61 12.13 -49.47
CA HIS B 246 -0.33 11.09 -50.46
C HIS B 246 1.17 10.84 -50.60
N LEU B 247 1.96 11.92 -50.62
CA LEU B 247 3.41 11.73 -50.69
C LEU B 247 3.92 10.96 -49.48
N HIS B 248 3.42 11.28 -48.29
CA HIS B 248 3.81 10.57 -47.08
C HIS B 248 3.41 9.12 -47.13
N ALA B 249 2.20 8.83 -47.62
CA ALA B 249 1.75 7.44 -47.71
C ALA B 249 2.64 6.65 -48.66
N TYR B 250 2.95 7.22 -49.82
CA TYR B 250 3.82 6.53 -50.77
C TYR B 250 5.21 6.31 -50.19
N VAL B 251 5.76 7.32 -49.52
CA VAL B 251 7.10 7.19 -48.95
C VAL B 251 7.11 6.13 -47.86
N ARG B 252 6.08 6.10 -47.01
CA ARG B 252 6.00 5.11 -45.95
C ARG B 252 5.89 3.70 -46.54
N ALA B 253 5.04 3.53 -47.56
CA ALA B 253 4.92 2.22 -48.18
C ALA B 253 6.23 1.76 -48.80
N LYS B 254 6.95 2.68 -49.45
CA LYS B 254 8.22 2.32 -50.05
C LYS B 254 9.29 2.02 -48.99
N LEU B 255 9.24 2.72 -47.85
CA LEU B 255 10.21 2.48 -46.79
C LEU B 255 9.91 1.23 -45.98
N MET B 256 8.67 0.71 -46.04
CA MET B 256 8.39 -0.54 -45.33
C MET B 256 9.23 -1.68 -45.88
N ASN B 257 9.61 -1.62 -47.16
CA ASN B 257 10.41 -2.69 -47.75
C ASN B 257 11.90 -2.56 -47.49
N ALA B 258 12.37 -1.41 -47.02
CA ALA B 258 13.78 -1.21 -46.74
C ALA B 258 14.13 -1.33 -45.27
N TYR B 259 13.18 -1.02 -44.38
CA TYR B 259 13.35 -1.18 -42.94
C TYR B 259 12.17 -1.99 -42.41
N PRO B 260 12.13 -3.28 -42.69
CA PRO B 260 10.96 -4.08 -42.32
C PRO B 260 10.82 -4.19 -40.80
N SER B 261 9.58 -4.35 -40.36
CA SER B 261 9.20 -4.47 -38.96
C SER B 261 9.52 -3.24 -38.15
N TYR B 262 9.73 -2.10 -38.80
CA TYR B 262 10.00 -0.85 -38.08
C TYR B 262 9.05 0.25 -38.52
N ILE B 263 8.53 0.13 -39.74
CA ILE B 263 7.63 1.13 -40.32
C ILE B 263 6.23 0.53 -40.27
N SER B 264 5.40 1.07 -39.39
CA SER B 264 4.02 0.62 -39.32
C SER B 264 3.23 1.18 -40.51
N PRO B 265 2.41 0.37 -41.19
CA PRO B 265 1.59 0.89 -42.28
C PRO B 265 0.45 1.78 -41.81
N ILE B 266 0.20 1.86 -40.51
CA ILE B 266 -0.88 2.68 -39.98
C ILE B 266 -0.39 3.93 -39.29
N GLY B 267 0.90 3.99 -38.91
CA GLY B 267 1.43 5.09 -38.14
C GLY B 267 2.27 6.03 -38.96
N CYS B 268 3.12 6.78 -38.26
CA CYS B 268 3.97 7.80 -38.84
C CYS B 268 5.33 7.20 -39.19
N LEU B 269 6.24 8.04 -39.69
CA LEU B 269 7.59 7.63 -40.00
C LEU B 269 8.51 7.97 -38.84
N PRO B 270 9.34 7.03 -38.38
CA PRO B 270 10.35 7.38 -37.37
C PRO B 270 11.28 8.45 -37.88
N ALA B 271 11.69 9.34 -36.97
CA ALA B 271 12.40 10.55 -37.36
C ALA B 271 13.77 10.27 -37.98
N HIS B 272 14.40 9.16 -37.65
CA HIS B 272 15.75 8.88 -38.11
C HIS B 272 15.79 8.15 -39.44
N LEU B 273 14.63 7.93 -40.07
CA LEU B 273 14.55 7.21 -41.34
C LEU B 273 14.12 8.13 -42.47
N LEU B 274 14.47 9.42 -42.39
CA LEU B 274 14.06 10.40 -43.37
C LEU B 274 15.24 10.93 -44.19
N GLY B 275 16.31 10.16 -44.28
CA GLY B 275 17.40 10.51 -45.17
C GLY B 275 18.30 11.63 -44.71
N ASP B 276 17.86 12.40 -43.72
CA ASP B 276 18.63 13.52 -43.23
C ASP B 276 18.58 13.55 -41.70
N MET B 277 19.49 14.34 -41.12
CA MET B 277 19.65 14.37 -39.67
C MET B 277 18.38 14.87 -38.98
N TRP B 278 17.77 15.93 -39.49
CA TRP B 278 16.60 16.51 -38.87
C TRP B 278 15.30 16.21 -39.62
N GLY B 279 15.37 15.61 -40.79
CA GLY B 279 14.20 15.41 -41.60
C GLY B 279 13.76 16.61 -42.40
N ARG B 280 14.59 17.65 -42.47
CA ARG B 280 14.19 18.86 -43.19
C ARG B 280 14.01 18.57 -44.68
N PHE B 281 14.89 17.77 -45.26
CA PHE B 281 14.81 17.39 -46.66
C PHE B 281 14.70 15.88 -46.79
N TRP B 282 13.87 15.42 -47.71
CA TRP B 282 13.72 14.01 -48.00
C TRP B 282 14.51 13.59 -49.24
N THR B 283 15.45 14.43 -49.68
CA THR B 283 16.15 14.17 -50.93
C THR B 283 16.94 12.87 -50.89
N ASN B 284 17.66 12.64 -49.80
CA ASN B 284 18.47 11.43 -49.68
C ASN B 284 17.63 10.17 -49.63
N LEU B 285 16.33 10.28 -49.41
CA LEU B 285 15.42 9.16 -49.45
C LEU B 285 15.10 8.72 -50.88
N TYR B 286 15.55 9.47 -51.87
CA TYR B 286 15.14 9.22 -53.26
C TYR B 286 15.54 7.83 -53.72
N SER B 287 16.74 7.38 -53.34
CA SER B 287 17.19 6.05 -53.75
C SER B 287 16.28 4.95 -53.23
N LEU B 288 15.60 5.19 -52.10
CA LEU B 288 14.69 4.19 -51.54
C LEU B 288 13.25 4.39 -51.97
N THR B 289 12.96 5.41 -52.79
CA THR B 289 11.58 5.70 -53.17
C THR B 289 11.44 6.05 -54.65
N VAL B 290 12.43 5.72 -55.47
CA VAL B 290 12.36 6.07 -56.90
C VAL B 290 11.19 5.32 -57.54
N PRO B 291 10.33 5.99 -58.31
CA PRO B 291 9.17 5.30 -58.91
C PRO B 291 9.58 4.21 -59.88
N PHE B 292 10.42 4.55 -60.85
CA PHE B 292 10.88 3.61 -61.87
C PHE B 292 12.42 3.69 -61.91
N GLY B 293 13.07 2.85 -61.11
CA GLY B 293 14.51 2.87 -61.02
C GLY B 293 15.21 2.34 -62.27
N GLN B 294 14.52 1.56 -63.08
CA GLN B 294 15.13 1.03 -64.30
C GLN B 294 15.36 2.12 -65.34
N LYS B 295 14.58 3.19 -65.29
CA LYS B 295 14.78 4.30 -66.21
C LYS B 295 15.74 5.30 -65.61
N PRO B 296 16.92 5.51 -66.20
CA PRO B 296 17.88 6.46 -65.61
C PRO B 296 17.37 7.89 -65.70
N ASN B 297 17.79 8.70 -64.73
CA ASN B 297 17.43 10.11 -64.73
C ASN B 297 18.21 10.87 -65.81
N ILE B 298 17.70 12.04 -66.16
CA ILE B 298 18.31 12.85 -67.20
C ILE B 298 19.60 13.44 -66.66
N ASP B 299 20.74 13.02 -67.21
CA ASP B 299 22.06 13.49 -66.81
C ASP B 299 22.80 13.95 -68.05
N VAL B 300 23.48 15.10 -67.94
CA VAL B 300 24.17 15.68 -69.10
C VAL B 300 25.60 16.05 -68.72
N THR B 301 26.09 15.52 -67.61
CA THR B 301 27.46 15.81 -67.19
C THR B 301 28.47 15.25 -68.19
N ASP B 302 28.31 13.98 -68.56
CA ASP B 302 29.22 13.36 -69.52
C ASP B 302 29.14 14.04 -70.87
N ALA B 303 27.95 14.54 -71.26
CA ALA B 303 27.83 15.30 -72.49
C ALA B 303 28.66 16.58 -72.43
N MET B 304 28.63 17.27 -71.29
CA MET B 304 29.47 18.45 -71.11
C MET B 304 30.95 18.10 -71.19
N VAL B 305 31.33 16.98 -70.59
CA VAL B 305 32.73 16.56 -70.65
C VAL B 305 33.14 16.27 -72.09
N ASP B 306 32.26 15.61 -72.85
CA ASP B 306 32.58 15.26 -74.24
C ASP B 306 32.77 16.51 -75.10
N GLN B 307 31.98 17.55 -74.85
CA GLN B 307 32.10 18.80 -75.60
C GLN B 307 33.11 19.76 -74.99
N ALA B 308 33.82 19.33 -73.93
CA ALA B 308 34.87 20.13 -73.29
C ALA B 308 34.31 21.47 -72.81
N TRP B 309 33.35 21.39 -71.89
CA TRP B 309 32.75 22.58 -71.30
C TRP B 309 33.54 22.97 -70.05
N ASP B 310 34.32 24.04 -70.15
CA ASP B 310 35.05 24.55 -69.01
C ASP B 310 34.13 25.43 -68.16
N ALA B 311 34.65 25.85 -67.01
CA ALA B 311 33.91 26.77 -66.13
C ALA B 311 34.07 28.22 -66.58
N GLN B 312 34.02 28.44 -67.90
CA GLN B 312 33.99 29.78 -68.45
C GLN B 312 32.89 29.98 -69.48
N ARG B 313 32.39 28.92 -70.13
CA ARG B 313 31.35 29.06 -71.14
C ARG B 313 29.95 28.80 -70.61
N ILE B 314 29.81 28.09 -69.49
CA ILE B 314 28.50 27.87 -68.90
C ILE B 314 27.90 29.17 -68.41
N PHE B 315 28.72 30.06 -67.88
CA PHE B 315 28.25 31.39 -67.51
C PHE B 315 27.82 32.17 -68.75
N LYS B 316 28.51 32.00 -69.87
CA LYS B 316 28.09 32.63 -71.11
C LYS B 316 26.74 32.08 -71.57
N GLU B 317 26.53 30.76 -71.44
CA GLU B 317 25.24 30.18 -71.79
C GLU B 317 24.14 30.71 -70.89
N ALA B 318 24.41 30.84 -69.59
CA ALA B 318 23.42 31.39 -68.68
C ALA B 318 23.12 32.85 -69.02
N GLU B 319 24.15 33.61 -69.39
CA GLU B 319 23.93 34.99 -69.82
C GLU B 319 23.06 35.06 -71.06
N LYS B 320 23.31 34.17 -72.02
CA LYS B 320 22.48 34.11 -73.22
C LYS B 320 21.05 33.76 -72.88
N PHE B 321 20.86 32.82 -71.94
CA PHE B 321 19.52 32.47 -71.50
C PHE B 321 18.82 33.66 -70.86
N PHE B 322 19.53 34.42 -70.04
CA PHE B 322 18.94 35.60 -69.42
C PHE B 322 18.58 36.65 -70.46
N VAL B 323 19.46 36.89 -71.43
CA VAL B 323 19.18 37.90 -72.45
C VAL B 323 18.06 37.46 -73.38
N SER B 324 17.85 36.15 -73.55
CA SER B 324 16.80 35.66 -74.43
C SER B 324 15.42 36.16 -74.01
N VAL B 325 15.23 36.41 -72.71
CA VAL B 325 13.96 36.93 -72.21
C VAL B 325 13.94 38.44 -72.14
N GLY B 326 15.02 39.12 -72.53
CA GLY B 326 15.08 40.56 -72.53
C GLY B 326 15.91 41.15 -71.40
N LEU B 327 16.39 40.33 -70.47
CA LEU B 327 17.22 40.86 -69.40
C LEU B 327 18.57 41.33 -69.95
N PRO B 328 19.16 42.35 -69.33
CA PRO B 328 20.37 42.96 -69.90
C PRO B 328 21.58 42.03 -69.83
N ASN B 329 22.63 42.44 -70.53
CA ASN B 329 23.87 41.68 -70.59
C ASN B 329 24.64 41.81 -69.28
N MET B 330 25.82 41.21 -69.24
CA MET B 330 26.70 41.30 -68.09
C MET B 330 27.58 42.54 -68.18
N THR B 331 28.04 43.00 -67.02
CA THR B 331 28.91 44.16 -66.97
C THR B 331 30.32 43.79 -67.43
N GLN B 332 31.07 44.82 -67.85
CA GLN B 332 32.40 44.60 -68.41
C GLN B 332 33.34 44.01 -67.36
N GLY B 333 33.33 44.54 -66.14
CA GLY B 333 34.23 44.09 -65.10
C GLY B 333 33.81 42.83 -64.38
N PHE B 334 32.58 42.35 -64.62
CA PHE B 334 32.11 41.15 -63.94
C PHE B 334 32.98 39.94 -64.27
N TRP B 335 33.26 39.73 -65.56
CA TRP B 335 34.07 38.59 -65.95
C TRP B 335 35.50 38.73 -65.47
N GLU B 336 36.06 39.94 -65.48
CA GLU B 336 37.43 40.14 -65.05
C GLU B 336 37.59 39.90 -63.55
N ASN B 337 36.67 40.43 -62.75
CA ASN B 337 36.80 40.34 -61.29
C ASN B 337 36.28 39.04 -60.72
N SER B 338 35.58 38.23 -61.51
CA SER B 338 34.98 37.01 -60.98
C SER B 338 36.04 35.94 -60.71
N MET B 339 35.63 34.91 -59.97
CA MET B 339 36.48 33.77 -59.65
C MET B 339 35.76 32.48 -60.06
N LEU B 340 35.28 32.47 -61.31
CA LEU B 340 34.48 31.37 -61.83
C LEU B 340 35.18 30.01 -61.74
N THR B 341 36.49 29.99 -61.53
CA THR B 341 37.24 28.75 -61.36
C THR B 341 37.96 28.75 -60.03
N ASP B 342 38.14 27.55 -59.48
CA ASP B 342 38.84 27.41 -58.21
C ASP B 342 40.29 27.87 -58.35
N PRO B 343 40.82 28.63 -57.40
CA PRO B 343 42.20 29.10 -57.48
C PRO B 343 43.25 28.06 -57.12
N GLY B 344 42.88 26.79 -57.00
CA GLY B 344 43.85 25.77 -56.66
C GLY B 344 44.26 25.85 -55.20
N ASN B 345 45.40 25.21 -54.90
CA ASN B 345 45.93 25.18 -53.55
C ASN B 345 46.79 26.39 -53.23
N VAL B 346 47.25 27.13 -54.24
CA VAL B 346 48.09 28.30 -53.99
C VAL B 346 47.29 29.38 -53.26
N GLN B 347 46.08 29.65 -53.73
CA GLN B 347 45.22 30.67 -53.13
C GLN B 347 44.08 29.99 -52.39
N LYS B 348 43.90 30.37 -51.13
CA LYS B 348 42.83 29.81 -50.30
C LYS B 348 41.60 30.69 -50.44
N ALA B 349 40.47 30.07 -50.77
CA ALA B 349 39.21 30.79 -50.94
C ALA B 349 38.06 29.85 -50.58
N VAL B 350 36.91 30.45 -50.26
CA VAL B 350 35.72 29.67 -49.96
C VAL B 350 35.08 29.20 -51.27
N CYS B 351 34.22 28.19 -51.15
CA CYS B 351 33.62 27.56 -52.32
C CYS B 351 32.10 27.60 -52.33
N HIS B 352 31.46 28.30 -51.40
CA HIS B 352 30.02 28.46 -51.46
C HIS B 352 29.66 29.43 -52.56
N PRO B 353 28.87 29.03 -53.55
CA PRO B 353 28.51 29.95 -54.64
C PRO B 353 27.68 31.12 -54.11
N THR B 354 28.26 32.31 -54.18
CA THR B 354 27.65 33.51 -53.63
C THR B 354 27.70 34.64 -54.65
N ALA B 355 26.72 35.54 -54.55
CA ALA B 355 26.67 36.75 -55.36
C ALA B 355 26.94 37.96 -54.49
N TRP B 356 27.80 38.85 -54.97
CA TRP B 356 28.24 40.02 -54.21
C TRP B 356 27.86 41.28 -54.97
N ASP B 357 27.15 42.17 -54.29
CA ASP B 357 26.80 43.48 -54.81
C ASP B 357 27.58 44.51 -54.00
N LEU B 358 28.80 44.79 -54.45
CA LEU B 358 29.67 45.71 -53.71
C LEU B 358 29.13 47.14 -53.77
N GLY B 359 28.49 47.52 -54.87
CA GLY B 359 27.98 48.87 -55.02
C GLY B 359 28.66 49.61 -56.16
N LYS B 360 28.06 50.73 -56.57
CA LYS B 360 28.57 51.52 -57.69
C LYS B 360 28.73 50.67 -58.96
N GLY B 361 27.75 49.81 -59.20
CA GLY B 361 27.78 48.94 -60.36
C GLY B 361 28.88 47.89 -60.33
N ASP B 362 29.10 47.25 -59.19
CA ASP B 362 30.11 46.21 -59.03
C ASP B 362 29.41 44.95 -58.56
N PHE B 363 29.17 44.02 -59.48
CA PHE B 363 28.49 42.76 -59.20
C PHE B 363 29.43 41.61 -59.53
N ARG B 364 29.60 40.69 -58.60
CA ARG B 364 30.56 39.60 -58.75
C ARG B 364 29.94 38.28 -58.30
N ILE B 365 30.52 37.19 -58.78
CA ILE B 365 30.10 35.85 -58.41
C ILE B 365 31.32 35.07 -57.93
N LEU B 366 31.19 34.41 -56.79
CA LEU B 366 32.24 33.56 -56.23
C LEU B 366 31.74 32.12 -56.24
N MET B 367 32.47 31.23 -56.91
CA MET B 367 32.02 29.85 -57.06
C MET B 367 33.19 28.98 -57.51
N CYS B 368 33.43 27.89 -56.80
CA CYS B 368 34.41 26.88 -57.22
C CYS B 368 33.72 25.93 -58.20
N THR B 369 33.50 26.45 -59.40
CA THR B 369 32.67 25.76 -60.39
C THR B 369 33.41 24.55 -60.96
N LYS B 370 32.80 23.38 -60.86
CA LYS B 370 33.27 22.17 -61.51
C LYS B 370 32.49 21.98 -62.81
N VAL B 371 32.68 20.83 -63.46
CA VAL B 371 31.95 20.50 -64.68
C VAL B 371 30.86 19.52 -64.27
N THR B 372 29.68 20.06 -63.96
CA THR B 372 28.55 19.24 -63.54
C THR B 372 27.26 19.97 -63.88
N MET B 373 26.20 19.20 -64.11
CA MET B 373 24.89 19.79 -64.36
C MET B 373 24.41 20.60 -63.16
N ASP B 374 24.65 20.07 -61.95
CA ASP B 374 24.31 20.81 -60.75
C ASP B 374 25.08 22.13 -60.69
N ASP B 375 26.34 22.12 -61.14
CA ASP B 375 27.09 23.37 -61.21
C ASP B 375 26.45 24.35 -62.19
N PHE B 376 25.93 23.84 -63.31
CA PHE B 376 25.25 24.69 -64.27
C PHE B 376 24.00 25.32 -63.66
N LEU B 377 23.20 24.52 -62.96
CA LEU B 377 22.00 25.05 -62.31
C LEU B 377 22.35 26.05 -61.22
N THR B 378 23.41 25.78 -60.45
CA THR B 378 23.82 26.72 -59.42
C THR B 378 24.32 28.02 -60.02
N ALA B 379 25.02 27.93 -61.15
CA ALA B 379 25.44 29.14 -61.86
C ALA B 379 24.24 29.95 -62.32
N HIS B 380 23.21 29.27 -62.82
CA HIS B 380 21.98 29.97 -63.18
C HIS B 380 21.35 30.64 -61.97
N HIS B 381 21.33 29.96 -60.84
CA HIS B 381 20.77 30.54 -59.61
C HIS B 381 21.54 31.79 -59.19
N GLU B 382 22.87 31.72 -59.20
CA GLU B 382 23.66 32.87 -58.80
C GLU B 382 23.53 34.01 -59.79
N MET B 383 23.39 33.70 -61.08
CA MET B 383 23.16 34.75 -62.07
C MET B 383 21.78 35.39 -61.88
N GLY B 384 20.79 34.61 -61.44
CA GLY B 384 19.51 35.20 -61.09
C GLY B 384 19.63 36.15 -59.93
N HIS B 385 20.39 35.77 -58.90
CA HIS B 385 20.66 36.68 -57.79
C HIS B 385 21.34 37.95 -58.29
N ILE B 386 22.32 37.80 -59.18
CA ILE B 386 23.05 38.95 -59.71
C ILE B 386 22.12 39.87 -60.49
N GLN B 387 21.25 39.29 -61.32
CA GLN B 387 20.30 40.10 -62.09
C GLN B 387 19.35 40.84 -61.17
N TYR B 388 18.87 40.18 -60.11
CA TYR B 388 18.00 40.85 -59.16
C TYR B 388 18.73 42.02 -58.51
N ASP B 389 20.00 41.82 -58.12
CA ASP B 389 20.76 42.92 -57.53
C ASP B 389 20.95 44.06 -58.51
N MET B 390 21.22 43.74 -59.77
CA MET B 390 21.42 44.78 -60.79
C MET B 390 20.14 45.55 -61.06
N ALA B 391 18.98 44.91 -60.92
CA ALA B 391 17.73 45.52 -61.33
C ALA B 391 17.43 46.79 -60.53
N TYR B 392 17.65 46.77 -59.22
CA TYR B 392 17.33 47.90 -58.35
C TYR B 392 18.57 48.73 -58.01
N ALA B 393 19.52 48.83 -58.94
CA ALA B 393 20.72 49.63 -58.67
C ALA B 393 20.38 51.11 -58.52
N ALA B 394 19.40 51.60 -59.28
CA ALA B 394 19.00 53.00 -59.19
C ALA B 394 18.28 53.34 -57.90
N GLN B 395 17.82 52.33 -57.15
CA GLN B 395 17.15 52.57 -55.90
C GLN B 395 18.14 53.10 -54.86
N PRO B 396 17.63 53.78 -53.82
CA PRO B 396 18.51 54.18 -52.72
C PRO B 396 19.15 52.96 -52.07
N PHE B 397 20.36 53.16 -51.53
CA PHE B 397 21.09 52.07 -50.91
C PHE B 397 20.26 51.37 -49.84
N LEU B 398 19.45 52.12 -49.12
CA LEU B 398 18.57 51.51 -48.12
C LEU B 398 17.49 50.64 -48.79
N LEU B 399 17.16 50.93 -50.04
CA LEU B 399 16.14 50.18 -50.76
C LEU B 399 16.73 49.17 -51.74
N ARG B 400 18.05 48.96 -51.72
CA ARG B 400 18.69 48.03 -52.63
C ARG B 400 18.61 46.62 -52.06
N ASN B 401 17.38 46.11 -52.03
CA ASN B 401 17.10 44.77 -51.53
C ASN B 401 15.75 44.33 -52.08
N GLY B 402 15.46 43.05 -51.93
CA GLY B 402 14.21 42.50 -52.43
C GLY B 402 13.00 43.01 -51.67
N ALA B 403 11.84 42.73 -52.23
CA ALA B 403 10.59 43.18 -51.61
C ALA B 403 10.42 42.58 -50.23
N ASN B 404 10.74 41.30 -50.06
CA ASN B 404 10.83 40.68 -48.76
C ASN B 404 11.98 39.70 -48.77
N GLU B 405 12.13 38.96 -47.67
CA GLU B 405 13.25 38.04 -47.53
C GLU B 405 13.16 36.85 -48.49
N GLY B 406 12.00 36.59 -49.09
CA GLY B 406 11.84 35.42 -49.93
C GLY B 406 11.96 35.69 -51.42
N PHE B 407 11.85 36.95 -51.83
CA PHE B 407 11.84 37.27 -53.26
C PHE B 407 13.18 36.91 -53.91
N HIS B 408 14.29 37.20 -53.23
CA HIS B 408 15.61 36.96 -53.80
C HIS B 408 15.78 35.50 -54.20
N GLU B 409 15.51 34.58 -53.27
CA GLU B 409 15.73 33.18 -53.54
C GLU B 409 14.72 32.63 -54.55
N ALA B 410 13.48 33.14 -54.55
CA ALA B 410 12.51 32.69 -55.53
C ALA B 410 12.94 33.09 -56.95
N VAL B 411 13.40 34.33 -57.11
CA VAL B 411 13.89 34.78 -58.41
C VAL B 411 15.11 33.97 -58.82
N GLY B 412 16.00 33.67 -57.88
CA GLY B 412 17.14 32.83 -58.21
C GLY B 412 16.74 31.42 -58.60
N GLU B 413 15.69 30.89 -57.98
CA GLU B 413 15.33 29.49 -58.15
C GLU B 413 14.52 29.23 -59.41
N ILE B 414 13.70 30.19 -59.84
CA ILE B 414 12.89 29.95 -61.04
C ILE B 414 13.78 29.78 -62.27
N MET B 415 14.91 30.48 -62.34
CA MET B 415 15.82 30.31 -63.48
C MET B 415 16.34 28.88 -63.54
N SER B 416 16.76 28.32 -62.40
CA SER B 416 17.19 26.93 -62.38
C SER B 416 16.05 25.98 -62.70
N LEU B 417 14.85 26.29 -62.22
CA LEU B 417 13.70 25.44 -62.51
C LEU B 417 13.43 25.36 -64.01
N SER B 418 13.55 26.50 -64.70
CA SER B 418 13.35 26.51 -66.15
C SER B 418 14.52 25.88 -66.90
N ALA B 419 15.75 26.09 -66.43
CA ALA B 419 16.91 25.61 -67.16
C ALA B 419 17.02 24.09 -67.10
N ALA B 420 16.56 23.47 -66.02
CA ALA B 420 16.66 22.02 -65.87
C ALA B 420 15.68 21.27 -66.77
N THR B 421 14.76 21.96 -67.42
CA THR B 421 13.79 21.29 -68.27
C THR B 421 14.49 20.63 -69.45
N PRO B 422 14.05 19.44 -69.85
CA PRO B 422 14.67 18.77 -71.02
C PRO B 422 14.51 19.55 -72.31
N LYS B 423 13.53 20.44 -72.41
CA LYS B 423 13.38 21.26 -73.61
C LYS B 423 14.57 22.18 -73.79
N HIS B 424 14.95 22.92 -72.74
CA HIS B 424 16.11 23.79 -72.83
C HIS B 424 17.39 22.99 -73.01
N LEU B 425 17.45 21.79 -72.41
CA LEU B 425 18.63 20.95 -72.55
C LEU B 425 18.81 20.47 -73.98
N LYS B 426 17.72 20.03 -74.62
CA LYS B 426 17.81 19.60 -76.01
C LYS B 426 17.98 20.78 -76.97
N SER B 427 17.58 21.99 -76.56
CA SER B 427 17.85 23.17 -77.36
C SER B 427 19.27 23.71 -77.19
N ILE B 428 19.93 23.39 -76.08
CA ILE B 428 21.27 23.91 -75.84
C ILE B 428 22.36 22.99 -76.39
N GLY B 429 22.03 21.75 -76.76
CA GLY B 429 22.98 20.82 -77.32
C GLY B 429 23.47 19.76 -76.36
N LEU B 430 23.28 19.94 -75.05
CA LEU B 430 23.69 18.90 -74.11
C LEU B 430 22.84 17.64 -74.25
N LEU B 431 21.54 17.79 -74.44
CA LEU B 431 20.65 16.67 -74.65
C LEU B 431 20.43 16.48 -76.15
N SER B 432 20.62 15.25 -76.62
CA SER B 432 20.48 14.97 -78.04
C SER B 432 19.03 15.20 -78.47
N PRO B 433 18.81 15.77 -79.66
CA PRO B 433 17.43 15.99 -80.12
C PRO B 433 16.65 14.69 -80.29
N ASP B 434 17.31 13.57 -80.52
CA ASP B 434 16.64 12.27 -80.63
C ASP B 434 16.48 11.65 -79.26
N PHE B 435 15.81 12.39 -78.37
CA PHE B 435 15.57 11.95 -77.00
C PHE B 435 14.17 12.42 -76.60
N GLN B 436 13.22 11.49 -76.62
CA GLN B 436 11.83 11.78 -76.26
C GLN B 436 11.61 11.43 -74.79
N GLU B 437 11.09 12.39 -74.03
CA GLU B 437 10.86 12.19 -72.61
C GLU B 437 9.61 11.35 -72.40
N ASP B 438 9.78 10.18 -71.78
CA ASP B 438 8.66 9.32 -71.45
C ASP B 438 7.99 9.81 -70.17
N ASN B 439 6.73 9.43 -70.00
CA ASN B 439 5.97 9.86 -68.82
C ASN B 439 6.57 9.31 -67.54
N GLU B 440 7.23 8.14 -67.64
CA GLU B 440 7.91 7.58 -66.47
C GLU B 440 9.03 8.49 -65.98
N THR B 441 9.84 9.01 -66.92
CA THR B 441 10.90 9.91 -66.53
C THR B 441 10.36 11.21 -65.95
N GLU B 442 9.25 11.70 -66.50
CA GLU B 442 8.62 12.89 -65.93
C GLU B 442 8.15 12.63 -64.52
N ILE B 443 7.56 11.47 -64.26
CA ILE B 443 7.13 11.11 -62.92
C ILE B 443 8.33 11.04 -61.98
N ASN B 444 9.42 10.44 -62.44
CA ASN B 444 10.63 10.34 -61.60
C ASN B 444 11.16 11.72 -61.26
N PHE B 445 11.26 12.60 -62.25
CA PHE B 445 11.75 13.95 -62.00
C PHE B 445 10.83 14.72 -61.05
N LEU B 446 9.51 14.59 -61.25
CA LEU B 446 8.57 15.28 -60.37
C LEU B 446 8.68 14.78 -58.94
N LEU B 447 8.83 13.47 -58.75
CA LEU B 447 8.96 12.97 -57.38
C LEU B 447 10.28 13.39 -56.76
N LYS B 448 11.37 13.42 -57.54
CA LYS B 448 12.63 13.91 -57.01
C LYS B 448 12.52 15.36 -56.58
N GLN B 449 11.82 16.17 -57.38
CA GLN B 449 11.58 17.55 -56.99
C GLN B 449 10.71 17.65 -55.74
N ALA B 450 9.70 16.79 -55.64
CA ALA B 450 8.75 16.87 -54.54
C ALA B 450 9.41 16.46 -53.22
N LEU B 451 10.32 15.50 -53.26
CA LEU B 451 11.00 15.09 -52.03
C LEU B 451 11.76 16.24 -51.39
N THR B 452 12.12 17.27 -52.15
CA THR B 452 12.74 18.46 -51.60
C THR B 452 11.72 19.57 -51.33
N ILE B 453 10.91 19.89 -52.35
CA ILE B 453 10.02 21.04 -52.25
C ILE B 453 8.87 20.76 -51.29
N VAL B 454 8.15 19.66 -51.51
CA VAL B 454 7.03 19.33 -50.63
C VAL B 454 7.49 18.67 -49.35
N GLY B 455 8.73 18.19 -49.28
CA GLY B 455 9.23 17.63 -48.04
C GLY B 455 9.52 18.69 -47.00
N THR B 456 10.10 19.82 -47.41
CA THR B 456 10.52 20.84 -46.48
C THR B 456 9.37 21.71 -45.98
N LEU B 457 8.23 21.73 -46.67
CA LEU B 457 7.16 22.66 -46.33
C LEU B 457 6.49 22.33 -44.99
N PRO B 458 6.02 21.11 -44.75
CA PRO B 458 5.44 20.83 -43.43
C PRO B 458 6.42 20.99 -42.30
N PHE B 459 7.68 20.59 -42.51
CA PHE B 459 8.69 20.76 -41.48
C PHE B 459 8.92 22.24 -41.16
N THR B 460 9.03 23.07 -42.19
CA THR B 460 9.24 24.50 -41.98
C THR B 460 8.05 25.12 -41.27
N TYR B 461 6.84 24.78 -41.70
CA TYR B 461 5.65 25.34 -41.07
C TYR B 461 5.55 24.91 -39.61
N MET B 462 5.79 23.64 -39.32
CA MET B 462 5.72 23.17 -37.94
C MET B 462 6.77 23.82 -37.08
N LEU B 463 8.01 23.92 -37.58
CA LEU B 463 9.07 24.55 -36.82
C LEU B 463 8.74 26.00 -36.50
N GLU B 464 8.27 26.74 -37.51
CA GLU B 464 7.96 28.15 -37.29
C GLU B 464 6.77 28.31 -36.35
N LYS B 465 5.77 27.43 -36.45
CA LYS B 465 4.64 27.51 -35.54
C LYS B 465 5.08 27.25 -34.10
N TRP B 466 5.95 26.26 -33.90
CA TRP B 466 6.45 25.98 -32.56
C TRP B 466 7.25 27.15 -32.02
N ARG B 467 8.11 27.74 -32.85
CA ARG B 467 8.89 28.88 -32.39
C ARG B 467 8.00 30.07 -32.05
N TRP B 468 6.98 30.34 -32.87
CA TRP B 468 6.06 31.42 -32.58
C TRP B 468 5.29 31.18 -31.29
N MET B 469 4.83 29.94 -31.08
CA MET B 469 4.10 29.65 -29.86
C MET B 469 5.00 29.73 -28.63
N VAL B 470 6.27 29.37 -28.75
CA VAL B 470 7.20 29.51 -27.64
C VAL B 470 7.43 30.99 -27.33
N PHE B 471 7.72 31.78 -28.37
CA PHE B 471 8.01 33.19 -28.14
C PHE B 471 6.78 33.95 -27.64
N LYS B 472 5.59 33.46 -27.95
CA LYS B 472 4.35 34.09 -27.49
C LYS B 472 3.92 33.58 -26.12
N GLY B 473 4.64 32.62 -25.56
CA GLY B 473 4.35 32.13 -24.23
C GLY B 473 3.22 31.14 -24.13
N GLU B 474 2.64 30.72 -25.25
CA GLU B 474 1.54 29.76 -25.19
C GLU B 474 2.00 28.38 -24.74
N ILE B 475 3.29 28.09 -24.81
CA ILE B 475 3.85 26.81 -24.40
C ILE B 475 4.65 27.02 -23.12
N PRO B 476 4.29 26.37 -22.01
CA PRO B 476 5.07 26.52 -20.79
C PRO B 476 6.48 25.96 -20.95
N LYS B 477 7.41 26.52 -20.17
CA LYS B 477 8.81 26.10 -20.26
C LYS B 477 9.01 24.63 -19.88
N ASP B 478 8.09 24.04 -19.13
CA ASP B 478 8.18 22.65 -18.74
C ASP B 478 7.38 21.73 -19.64
N GLN B 479 6.86 22.25 -20.75
CA GLN B 479 6.12 21.46 -21.72
C GLN B 479 6.60 21.66 -23.15
N TRP B 480 7.85 22.06 -23.35
CA TRP B 480 8.36 22.34 -24.68
C TRP B 480 8.45 21.11 -25.56
N MET B 481 9.21 20.10 -25.11
CA MET B 481 9.43 18.92 -25.96
C MET B 481 8.15 18.11 -26.13
N LYS B 482 7.33 18.04 -25.08
CA LYS B 482 6.03 17.38 -25.21
C LYS B 482 5.22 17.99 -26.34
N LYS B 483 5.11 19.33 -26.35
CA LYS B 483 4.34 20.00 -27.38
C LYS B 483 5.01 19.88 -28.74
N TRP B 484 6.34 19.88 -28.78
CA TRP B 484 7.06 19.78 -30.05
C TRP B 484 6.81 18.44 -30.72
N TRP B 485 6.97 17.35 -29.96
CA TRP B 485 6.71 16.04 -30.53
C TRP B 485 5.22 15.75 -30.67
N GLU B 486 4.36 16.53 -30.02
CA GLU B 486 2.93 16.43 -30.30
C GLU B 486 2.60 17.10 -31.63
N MET B 487 3.23 18.24 -31.91
CA MET B 487 2.99 18.93 -33.18
C MET B 487 3.58 18.15 -34.35
N LYS B 488 4.76 17.54 -34.16
CA LYS B 488 5.36 16.79 -35.25
C LYS B 488 4.58 15.54 -35.61
N ARG B 489 3.75 15.03 -34.70
CA ARG B 489 2.97 13.83 -34.96
C ARG B 489 1.68 14.12 -35.72
N GLU B 490 1.28 15.38 -35.86
CA GLU B 490 0.03 15.71 -36.53
C GLU B 490 0.19 16.78 -37.61
N ILE B 491 1.40 17.23 -37.88
CA ILE B 491 1.62 18.19 -38.95
C ILE B 491 2.60 17.59 -39.95
N VAL B 492 3.79 17.22 -39.48
CA VAL B 492 4.77 16.60 -40.37
C VAL B 492 4.52 15.10 -40.50
N GLY B 493 3.83 14.50 -39.53
CA GLY B 493 3.62 13.08 -39.55
C GLY B 493 4.86 12.27 -39.26
N VAL B 494 5.69 12.75 -38.33
CA VAL B 494 6.95 12.11 -37.96
C VAL B 494 6.95 11.88 -36.46
N VAL B 495 7.37 10.68 -36.05
CA VAL B 495 7.32 10.28 -34.65
C VAL B 495 8.74 10.03 -34.16
N GLU B 496 8.99 10.40 -32.91
CA GLU B 496 10.33 10.21 -32.34
C GLU B 496 10.56 8.74 -32.04
N PRO B 497 11.70 8.17 -32.45
CA PRO B 497 11.96 6.75 -32.15
C PRO B 497 12.07 6.46 -30.67
N VAL B 498 12.60 7.38 -29.87
CA VAL B 498 12.76 7.17 -28.44
C VAL B 498 12.19 8.36 -27.69
N PRO B 499 11.60 8.16 -26.51
CA PRO B 499 10.97 9.30 -25.81
C PRO B 499 11.99 10.33 -25.38
N HIS B 500 11.56 11.60 -25.39
CA HIS B 500 12.38 12.72 -25.00
C HIS B 500 11.66 13.54 -23.94
N ASP B 501 12.35 13.85 -22.85
CA ASP B 501 11.80 14.67 -21.79
C ASP B 501 12.16 16.13 -22.03
N GLU B 502 11.95 16.97 -21.04
CA GLU B 502 12.24 18.40 -21.16
C GLU B 502 13.73 18.71 -21.11
N THR B 503 14.57 17.73 -20.77
CA THR B 503 16.01 17.94 -20.82
C THR B 503 16.52 18.14 -22.23
N TYR B 504 15.88 17.55 -23.23
CA TYR B 504 16.29 17.71 -24.62
C TYR B 504 15.80 19.04 -25.17
N CYS B 505 16.49 19.50 -26.21
CA CYS B 505 16.11 20.71 -26.93
C CYS B 505 16.21 20.47 -28.43
N ASP B 506 15.57 19.39 -28.88
CA ASP B 506 15.69 18.93 -30.28
C ASP B 506 15.62 20.03 -31.32
N PRO B 507 14.67 20.96 -31.29
CA PRO B 507 14.67 22.03 -32.30
C PRO B 507 15.94 22.86 -32.30
N ALA B 508 16.59 23.03 -31.14
CA ALA B 508 17.84 23.77 -31.11
C ALA B 508 18.98 23.04 -31.81
N SER B 509 18.83 21.75 -32.08
CA SER B 509 19.88 21.02 -32.79
C SER B 509 19.97 21.43 -34.25
N LEU B 510 18.95 22.11 -34.77
CA LEU B 510 18.98 22.61 -36.14
C LEU B 510 19.79 23.89 -36.21
N PHE B 511 20.51 24.07 -37.32
CA PHE B 511 21.41 25.22 -37.44
C PHE B 511 20.66 26.54 -37.37
N HIS B 512 19.51 26.64 -38.06
CA HIS B 512 18.80 27.91 -38.11
C HIS B 512 18.15 28.28 -36.78
N VAL B 513 18.01 27.33 -35.86
CA VAL B 513 17.40 27.63 -34.58
C VAL B 513 18.43 28.12 -33.57
N SER B 514 19.56 27.44 -33.47
CA SER B 514 20.60 27.82 -32.52
C SER B 514 21.38 29.05 -32.95
N ASN B 515 21.28 29.46 -34.22
CA ASN B 515 21.99 30.63 -34.72
C ASN B 515 21.08 31.84 -34.93
N ASP B 516 19.84 31.77 -34.43
CA ASP B 516 18.93 32.92 -34.43
C ASP B 516 18.66 33.41 -35.85
N TYR B 517 18.04 32.55 -36.65
CA TYR B 517 17.62 32.89 -37.99
C TYR B 517 16.13 32.64 -38.15
N SER B 518 15.43 33.58 -38.80
CA SER B 518 14.02 33.38 -39.10
C SER B 518 13.88 32.25 -40.12
N PHE B 519 12.92 31.36 -39.88
CA PHE B 519 12.76 30.18 -40.70
C PHE B 519 11.54 30.22 -41.60
N ILE B 520 10.60 31.15 -41.37
CA ILE B 520 9.43 31.25 -42.24
C ILE B 520 9.82 31.66 -43.64
N ARG B 521 11.00 32.25 -43.81
CA ARG B 521 11.45 32.67 -45.14
C ARG B 521 11.52 31.49 -46.09
N TYR B 522 11.95 30.32 -45.59
CA TYR B 522 12.03 29.14 -46.44
C TYR B 522 10.66 28.60 -46.83
N TYR B 523 9.59 29.05 -46.18
CA TYR B 523 8.25 28.61 -46.54
C TYR B 523 7.70 29.44 -47.70
N THR B 524 7.60 30.75 -47.51
CA THR B 524 7.03 31.62 -48.53
C THR B 524 7.84 31.54 -49.82
N ARG B 525 9.16 31.44 -49.71
CA ARG B 525 10.00 31.30 -50.90
C ARG B 525 9.60 30.09 -51.71
N THR B 526 9.19 29.01 -51.05
CA THR B 526 8.76 27.83 -51.78
C THR B 526 7.52 28.11 -52.63
N LEU B 527 6.64 28.99 -52.15
CA LEU B 527 5.43 29.32 -52.90
C LEU B 527 5.70 30.35 -53.98
N TYR B 528 6.37 31.45 -53.62
CA TYR B 528 6.52 32.59 -54.52
C TYR B 528 7.06 32.15 -55.88
N GLN B 529 8.11 31.32 -55.87
CA GLN B 529 8.71 30.88 -57.12
C GLN B 529 7.67 30.28 -58.05
N PHE B 530 6.85 29.37 -57.54
CA PHE B 530 5.80 28.79 -58.36
C PHE B 530 4.83 29.86 -58.83
N GLN B 531 4.41 30.75 -57.93
CA GLN B 531 3.56 31.86 -58.33
C GLN B 531 4.23 32.68 -59.42
N PHE B 532 5.55 32.84 -59.33
CA PHE B 532 6.27 33.47 -60.43
C PHE B 532 6.28 32.57 -61.66
N GLN B 533 6.64 31.29 -61.48
CA GLN B 533 6.82 30.41 -62.62
C GLN B 533 5.53 30.26 -63.41
N GLU B 534 4.45 29.90 -62.71
CA GLU B 534 3.14 29.79 -63.36
C GLU B 534 2.76 31.09 -64.03
N ALA B 535 3.16 32.23 -63.47
CA ALA B 535 2.90 33.50 -64.13
C ALA B 535 3.76 33.65 -65.37
N LEU B 536 5.06 33.36 -65.25
CA LEU B 536 5.97 33.60 -66.36
C LEU B 536 5.70 32.67 -67.54
N CYS B 537 5.09 31.51 -67.29
CA CYS B 537 4.71 30.63 -68.38
C CYS B 537 3.45 31.12 -69.10
N GLN B 538 2.67 31.99 -68.46
CA GLN B 538 1.53 32.57 -69.16
C GLN B 538 1.98 33.59 -70.21
N ALA B 539 2.93 34.45 -69.84
CA ALA B 539 3.47 35.39 -70.81
C ALA B 539 4.29 34.68 -71.87
N ALA B 540 4.87 33.52 -71.54
CA ALA B 540 5.60 32.73 -72.53
C ALA B 540 4.69 31.88 -73.40
N LYS B 541 3.38 31.88 -73.11
CA LYS B 541 2.39 31.13 -73.89
C LYS B 541 2.71 29.63 -73.90
N HIS B 542 2.81 29.07 -72.71
CA HIS B 542 3.04 27.64 -72.55
C HIS B 542 1.72 26.88 -72.61
N GLU B 543 1.71 25.79 -73.36
CA GLU B 543 0.51 25.00 -73.57
C GLU B 543 0.49 23.70 -72.77
N GLY B 544 1.64 23.06 -72.58
CA GLY B 544 1.69 21.78 -71.91
C GLY B 544 1.73 21.91 -70.39
N PRO B 545 2.20 20.86 -69.72
CA PRO B 545 2.29 20.89 -68.27
C PRO B 545 3.28 21.95 -67.80
N LEU B 546 3.07 22.42 -66.57
CA LEU B 546 3.90 23.50 -66.03
C LEU B 546 5.36 23.05 -65.89
N HIS B 547 5.58 21.80 -65.48
CA HIS B 547 6.94 21.35 -65.24
C HIS B 547 7.78 21.29 -66.50
N LYS B 548 7.16 21.26 -67.68
CA LYS B 548 7.88 21.30 -68.95
C LYS B 548 8.01 22.71 -69.52
N CYS B 549 7.48 23.70 -68.82
CA CYS B 549 7.51 25.07 -69.34
C CYS B 549 8.92 25.63 -69.35
N ASP B 550 9.21 26.45 -70.36
CA ASP B 550 10.46 27.17 -70.47
C ASP B 550 10.14 28.62 -70.80
N ILE B 551 10.70 29.55 -70.02
CA ILE B 551 10.39 30.96 -70.18
C ILE B 551 11.42 31.62 -71.07
N SER B 552 12.31 30.82 -71.65
CA SER B 552 13.36 31.36 -72.51
C SER B 552 12.76 31.91 -73.79
N ASN B 553 13.51 32.83 -74.41
CA ASN B 553 13.21 33.42 -75.72
C ASN B 553 11.96 34.29 -75.70
N SER B 554 11.28 34.44 -74.58
CA SER B 554 10.03 35.19 -74.48
C SER B 554 10.33 36.52 -73.78
N THR B 555 10.30 37.61 -74.57
CA THR B 555 10.64 38.93 -74.04
C THR B 555 9.54 39.48 -73.14
N GLU B 556 8.28 39.12 -73.39
CA GLU B 556 7.19 39.63 -72.58
C GLU B 556 7.30 39.16 -71.13
N ALA B 557 7.63 37.89 -70.93
CA ALA B 557 7.83 37.39 -69.57
C ALA B 557 8.99 38.09 -68.89
N GLY B 558 10.08 38.31 -69.63
CA GLY B 558 11.21 39.01 -69.05
C GLY B 558 10.86 40.43 -68.65
N GLN B 559 10.08 41.13 -69.47
CA GLN B 559 9.65 42.48 -69.12
C GLN B 559 8.73 42.47 -67.90
N LYS B 560 7.80 41.51 -67.84
CA LYS B 560 6.93 41.41 -66.67
C LYS B 560 7.75 41.16 -65.41
N LEU B 561 8.75 40.28 -65.49
CA LEU B 561 9.60 40.02 -64.33
C LEU B 561 10.41 41.26 -63.96
N PHE B 562 10.97 41.95 -64.95
CA PHE B 562 11.80 43.12 -64.69
C PHE B 562 11.00 44.26 -64.08
N ASN B 563 9.70 44.36 -64.42
CA ASN B 563 8.87 45.39 -63.82
C ASN B 563 8.84 45.28 -62.31
N MET B 564 8.92 44.06 -61.78
CA MET B 564 9.02 43.85 -60.34
C MET B 564 10.46 43.86 -59.85
N LEU B 565 11.39 43.37 -60.66
CA LEU B 565 12.79 43.34 -60.24
C LEU B 565 13.34 44.74 -60.01
N ARG B 566 13.05 45.67 -60.92
CA ARG B 566 13.50 47.04 -60.74
C ARG B 566 12.84 47.74 -59.57
N LEU B 567 11.71 47.22 -59.11
CA LEU B 567 10.97 47.87 -58.03
C LEU B 567 11.79 47.90 -56.74
N GLY B 568 12.47 46.81 -56.42
CA GLY B 568 13.21 46.74 -55.18
C GLY B 568 12.28 46.79 -53.98
N LYS B 569 12.74 47.44 -52.92
CA LYS B 569 11.97 47.59 -51.70
C LYS B 569 11.17 48.89 -51.66
N SER B 570 11.16 49.65 -52.76
CA SER B 570 10.49 50.95 -52.78
C SER B 570 9.00 50.83 -52.55
N GLU B 571 8.40 49.70 -52.90
CA GLU B 571 6.97 49.50 -52.79
C GLU B 571 6.68 48.21 -52.01
N PRO B 572 5.48 48.08 -51.44
CA PRO B 572 5.14 46.88 -50.67
C PRO B 572 5.25 45.62 -51.52
N TRP B 573 5.64 44.52 -50.87
CA TRP B 573 5.82 43.26 -51.59
C TRP B 573 4.52 42.78 -52.21
N THR B 574 3.38 43.15 -51.63
CA THR B 574 2.10 42.81 -52.24
C THR B 574 1.93 43.48 -53.60
N LEU B 575 2.30 44.76 -53.68
CA LEU B 575 2.26 45.46 -54.97
C LEU B 575 3.21 44.82 -55.97
N ALA B 576 4.38 44.40 -55.50
CA ALA B 576 5.32 43.71 -56.38
C ALA B 576 4.73 42.40 -56.90
N LEU B 577 4.04 41.66 -56.03
CA LEU B 577 3.37 40.43 -56.47
C LEU B 577 2.31 40.73 -57.51
N GLU B 578 1.50 41.77 -57.29
CA GLU B 578 0.44 42.08 -58.23
C GLU B 578 0.96 42.49 -59.61
N ASN B 579 2.22 42.91 -59.68
CA ASN B 579 2.83 43.25 -60.97
C ASN B 579 3.27 42.04 -61.75
N VAL B 580 3.30 40.85 -61.14
CA VAL B 580 3.72 39.64 -61.83
C VAL B 580 2.60 38.61 -61.80
N VAL B 581 2.18 38.21 -60.60
CA VAL B 581 1.14 37.20 -60.48
C VAL B 581 -0.27 37.77 -60.53
N GLY B 582 -0.41 39.10 -60.48
CA GLY B 582 -1.73 39.69 -60.53
C GLY B 582 -2.54 39.53 -59.27
N ALA B 583 -1.91 39.19 -58.15
CA ALA B 583 -2.59 39.01 -56.88
C ALA B 583 -1.82 39.73 -55.78
N LYS B 584 -2.54 40.10 -54.72
CA LYS B 584 -1.96 40.84 -53.62
C LYS B 584 -1.52 39.94 -52.46
N ASN B 585 -2.01 38.71 -52.40
CA ASN B 585 -1.67 37.77 -51.34
C ASN B 585 -1.04 36.53 -51.94
N MET B 586 -0.16 35.89 -51.16
CA MET B 586 0.47 34.66 -51.62
C MET B 586 -0.56 33.56 -51.79
N ASN B 587 -0.47 32.81 -52.89
CA ASN B 587 -1.41 31.76 -53.22
C ASN B 587 -0.66 30.47 -53.49
N VAL B 588 -1.22 29.36 -53.03
CA VAL B 588 -0.56 28.05 -53.15
C VAL B 588 -1.01 27.29 -54.39
N ARG B 589 -2.02 27.76 -55.10
CA ARG B 589 -2.52 27.03 -56.27
C ARG B 589 -1.45 26.75 -57.32
N PRO B 590 -0.50 27.65 -57.62
CA PRO B 590 0.55 27.28 -58.58
C PRO B 590 1.35 26.04 -58.18
N LEU B 591 1.62 25.84 -56.89
CA LEU B 591 2.35 24.65 -56.48
C LEU B 591 1.55 23.39 -56.78
N LEU B 592 0.25 23.39 -56.47
CA LEU B 592 -0.58 22.24 -56.75
C LEU B 592 -0.71 22.00 -58.25
N ASN B 593 -0.79 23.08 -59.04
CA ASN B 593 -0.81 22.91 -60.49
C ASN B 593 0.49 22.31 -60.98
N TYR B 594 1.62 22.71 -60.40
CA TYR B 594 2.91 22.15 -60.79
C TYR B 594 3.00 20.67 -60.47
N PHE B 595 2.49 20.26 -59.32
CA PHE B 595 2.63 18.87 -58.88
C PHE B 595 1.40 18.01 -59.18
N GLU B 596 0.43 18.54 -59.92
CA GLU B 596 -0.74 17.75 -60.29
C GLU B 596 -0.41 16.47 -61.04
N PRO B 597 0.47 16.46 -62.04
CA PRO B 597 0.81 15.17 -62.68
C PRO B 597 1.35 14.16 -61.70
N LEU B 598 2.15 14.59 -60.72
CA LEU B 598 2.60 13.68 -59.68
C LEU B 598 1.47 13.34 -58.71
N PHE B 599 0.59 14.30 -58.44
CA PHE B 599 -0.48 14.06 -57.48
C PHE B 599 -1.42 12.96 -57.97
N THR B 600 -1.79 13.00 -59.25
CA THR B 600 -2.67 11.97 -59.80
C THR B 600 -2.01 10.60 -59.73
N TRP B 601 -0.73 10.52 -60.09
CA TRP B 601 -0.03 9.24 -60.05
C TRP B 601 0.08 8.71 -58.62
N LEU B 602 0.35 9.59 -57.66
CA LEU B 602 0.42 9.17 -56.27
C LEU B 602 -0.93 8.68 -55.77
N LYS B 603 -2.02 9.36 -56.15
CA LYS B 603 -3.34 8.88 -55.79
C LYS B 603 -3.61 7.52 -56.40
N ASP B 604 -3.18 7.31 -57.65
CA ASP B 604 -3.38 6.03 -58.29
C ASP B 604 -2.53 4.92 -57.67
N GLN B 605 -1.39 5.27 -57.09
CA GLN B 605 -0.50 4.28 -56.49
C GLN B 605 -0.92 3.87 -55.09
N ASN B 606 -1.82 4.62 -54.46
CA ASN B 606 -2.23 4.37 -53.07
C ASN B 606 -3.64 3.83 -52.97
N LYS B 607 -4.07 3.03 -53.94
CA LYS B 607 -5.43 2.50 -53.90
C LYS B 607 -5.63 1.55 -52.72
N ASN B 608 -4.66 0.68 -52.46
CA ASN B 608 -4.79 -0.30 -51.39
C ASN B 608 -4.11 0.11 -50.09
N SER B 609 -3.15 1.02 -50.15
CA SER B 609 -2.48 1.48 -48.94
C SER B 609 -3.38 2.46 -48.18
N PHE B 610 -3.02 2.69 -46.92
CA PHE B 610 -3.77 3.60 -46.05
C PHE B 610 -3.14 4.98 -46.12
N VAL B 611 -3.95 5.97 -46.49
CA VAL B 611 -3.47 7.35 -46.60
C VAL B 611 -3.75 8.06 -45.28
N GLY B 612 -2.74 8.74 -44.76
CA GLY B 612 -2.83 9.43 -43.49
C GLY B 612 -1.95 8.76 -42.44
N TRP B 613 -2.12 9.20 -41.20
CA TRP B 613 -1.34 8.65 -40.11
C TRP B 613 -2.12 8.82 -38.81
N SER B 614 -1.79 7.99 -37.84
CA SER B 614 -2.37 8.08 -36.51
C SER B 614 -1.36 8.67 -35.54
N THR B 615 -1.81 9.61 -34.72
CA THR B 615 -0.94 10.28 -33.77
C THR B 615 -0.75 9.50 -32.48
N ASP B 616 -1.02 8.19 -32.49
CA ASP B 616 -0.91 7.37 -31.31
C ASP B 616 0.08 6.22 -31.43
N TRP B 617 0.64 5.97 -32.60
CA TRP B 617 1.61 4.91 -32.77
C TRP B 617 3.02 5.48 -32.71
N SER B 618 3.91 4.75 -32.02
CA SER B 618 5.29 5.15 -31.87
C SER B 618 6.14 3.90 -31.81
N PRO B 619 7.40 3.97 -32.24
CA PRO B 619 8.25 2.76 -32.21
C PRO B 619 8.45 2.19 -30.83
N TYR B 620 8.34 3.00 -29.79
CA TYR B 620 8.48 2.53 -28.41
C TYR B 620 7.13 2.18 -27.77
N ALA B 621 6.05 2.22 -28.53
CA ALA B 621 4.74 1.93 -27.98
C ALA B 621 4.54 0.46 -27.67
N ASP B 622 5.39 -0.43 -28.19
CA ASP B 622 5.29 -1.84 -27.85
C ASP B 622 5.65 -2.08 -26.39
N GLN B 623 6.50 -1.24 -25.81
CA GLN B 623 6.97 -1.42 -24.45
C GLN B 623 6.01 -0.90 -23.40
N SER B 624 4.91 -0.28 -23.80
CA SER B 624 3.95 0.25 -22.85
C SER B 624 3.13 -0.88 -22.23
N ILE B 625 2.75 -0.72 -20.98
CA ILE B 625 1.87 -1.65 -20.27
C ILE B 625 0.62 -0.90 -19.88
N LYS B 626 -0.54 -1.48 -20.20
CA LYS B 626 -1.82 -0.81 -19.99
C LYS B 626 -2.44 -1.27 -18.67
N VAL B 627 -2.84 -0.32 -17.86
CA VAL B 627 -3.43 -0.57 -16.55
C VAL B 627 -4.86 -0.10 -16.56
N ARG B 628 -5.77 -0.94 -16.06
CA ARG B 628 -7.19 -0.62 -15.95
C ARG B 628 -7.62 -0.83 -14.51
N ILE B 629 -8.20 0.20 -13.90
CA ILE B 629 -8.53 0.20 -12.47
C ILE B 629 -10.02 0.40 -12.32
N SER B 630 -10.63 -0.40 -11.44
CA SER B 630 -12.07 -0.35 -11.17
C SER B 630 -12.26 -0.11 -9.67
N LEU B 631 -12.31 1.16 -9.27
CA LEU B 631 -12.40 1.48 -7.85
C LEU B 631 -13.78 1.17 -7.29
N LYS B 632 -14.84 1.55 -7.99
CA LYS B 632 -16.18 1.49 -7.42
C LYS B 632 -16.80 0.10 -7.49
N SER B 633 -16.13 -0.86 -8.10
CA SER B 633 -16.60 -2.24 -8.10
C SER B 633 -15.99 -3.07 -6.98
N ALA B 634 -14.70 -2.89 -6.71
CA ALA B 634 -14.06 -3.62 -5.63
C ALA B 634 -14.42 -3.05 -4.26
N LEU B 635 -14.66 -1.76 -4.17
CA LEU B 635 -14.99 -1.12 -2.90
C LEU B 635 -16.44 -0.71 -2.77
N GLY B 636 -17.16 -0.57 -3.87
CA GLY B 636 -18.53 -0.09 -3.81
C GLY B 636 -18.60 1.33 -3.29
N ASP B 637 -19.09 1.50 -2.07
CA ASP B 637 -19.03 2.79 -1.39
C ASP B 637 -17.63 2.96 -0.79
N LYS B 638 -17.47 3.98 0.06
CA LYS B 638 -16.23 4.28 0.76
C LYS B 638 -15.00 4.18 -0.16
N ALA B 639 -15.19 4.55 -1.43
CA ALA B 639 -14.14 4.46 -2.43
C ALA B 639 -13.54 5.83 -2.68
N TYR B 640 -12.22 5.93 -2.59
CA TYR B 640 -11.52 7.17 -2.81
C TYR B 640 -11.57 7.56 -4.28
N GLU B 641 -11.36 8.84 -4.55
CA GLU B 641 -11.30 9.34 -5.90
C GLU B 641 -9.88 9.30 -6.42
N TRP B 642 -9.73 9.15 -7.73
CA TRP B 642 -8.43 8.96 -8.35
C TRP B 642 -7.89 10.31 -8.83
N ASN B 643 -7.31 11.05 -7.88
CA ASN B 643 -6.71 12.34 -8.19
C ASN B 643 -5.22 12.16 -8.47
N ASP B 644 -4.48 13.27 -8.57
CA ASP B 644 -3.07 13.20 -8.91
C ASP B 644 -2.24 12.51 -7.82
N ASN B 645 -2.65 12.63 -6.56
CA ASN B 645 -1.92 11.97 -5.48
C ASN B 645 -1.96 10.46 -5.64
N GLU B 646 -3.10 9.92 -6.07
CA GLU B 646 -3.19 8.49 -6.31
C GLU B 646 -2.27 8.06 -7.45
N MET B 647 -2.17 8.89 -8.50
CA MET B 647 -1.23 8.57 -9.57
C MET B 647 0.21 8.61 -9.08
N TYR B 648 0.53 9.58 -8.21
CA TYR B 648 1.87 9.63 -7.63
C TYR B 648 2.16 8.37 -6.83
N LEU B 649 1.19 7.93 -6.02
CA LEU B 649 1.39 6.71 -5.25
C LEU B 649 1.54 5.50 -6.15
N PHE B 650 0.77 5.45 -7.24
CA PHE B 650 0.89 4.32 -8.17
C PHE B 650 2.26 4.29 -8.82
N ARG B 651 2.76 5.44 -9.26
CA ARG B 651 4.09 5.48 -9.86
C ARG B 651 5.16 5.10 -8.84
N SER B 652 5.00 5.54 -7.59
CA SER B 652 5.94 5.14 -6.55
C SER B 652 5.91 3.63 -6.33
N SER B 653 4.71 3.03 -6.34
CA SER B 653 4.62 1.58 -6.19
C SER B 653 5.27 0.85 -7.35
N VAL B 654 5.07 1.34 -8.58
CA VAL B 654 5.69 0.71 -9.73
C VAL B 654 7.21 0.81 -9.65
N ALA B 655 7.73 1.98 -9.25
CA ALA B 655 9.17 2.14 -9.11
C ALA B 655 9.72 1.23 -8.02
N TYR B 656 8.98 1.08 -6.92
CA TYR B 656 9.39 0.16 -5.87
C TYR B 656 9.44 -1.27 -6.39
N ALA B 657 8.46 -1.68 -7.18
CA ALA B 657 8.47 -3.02 -7.75
C ALA B 657 9.67 -3.22 -8.67
N MET B 658 9.99 -2.21 -9.47
CA MET B 658 11.16 -2.30 -10.34
C MET B 658 12.44 -2.41 -9.52
N ARG B 659 12.56 -1.64 -8.44
CA ARG B 659 13.73 -1.73 -7.58
C ARG B 659 13.85 -3.13 -6.99
N GLN B 660 12.74 -3.68 -6.50
CA GLN B 660 12.77 -5.02 -5.92
C GLN B 660 13.20 -6.06 -6.94
N TYR B 661 12.67 -5.97 -8.15
CA TYR B 661 13.05 -6.94 -9.17
C TYR B 661 14.52 -6.83 -9.53
N PHE B 662 15.02 -5.61 -9.71
CA PHE B 662 16.42 -5.46 -10.09
C PHE B 662 17.36 -5.79 -8.94
N LEU B 663 16.89 -5.77 -7.71
CA LEU B 663 17.74 -6.12 -6.58
C LEU B 663 17.74 -7.61 -6.29
N LYS B 664 16.58 -8.27 -6.40
CA LYS B 664 16.45 -9.66 -6.02
C LYS B 664 16.70 -10.64 -7.17
N VAL B 665 16.90 -10.14 -8.39
CA VAL B 665 17.10 -11.04 -9.53
C VAL B 665 18.43 -10.76 -10.20
N LYS B 666 18.60 -9.54 -10.69
CA LYS B 666 19.80 -9.17 -11.44
C LYS B 666 20.92 -8.67 -10.53
N ASN B 667 20.67 -8.53 -9.22
CA ASN B 667 21.68 -8.08 -8.27
C ASN B 667 22.28 -6.74 -8.66
N GLN B 668 21.45 -5.86 -9.19
CA GLN B 668 21.86 -4.51 -9.56
C GLN B 668 21.06 -3.52 -8.74
N MET B 669 21.74 -2.53 -8.18
CA MET B 669 21.08 -1.49 -7.40
C MET B 669 20.82 -0.30 -8.32
N ILE B 670 19.57 -0.16 -8.76
CA ILE B 670 19.16 0.91 -9.66
C ILE B 670 18.15 1.79 -8.92
N LEU B 671 18.42 3.09 -8.89
CA LEU B 671 17.59 4.04 -8.14
C LEU B 671 16.48 4.56 -9.03
N PHE B 672 15.42 3.76 -9.16
CA PHE B 672 14.23 4.22 -9.83
C PHE B 672 13.49 5.24 -8.96
N GLY B 673 12.59 5.98 -9.59
CA GLY B 673 11.84 7.00 -8.91
C GLY B 673 10.44 7.17 -9.50
N GLU B 674 9.70 8.11 -8.93
CA GLU B 674 8.35 8.37 -9.42
C GLU B 674 8.35 9.09 -10.76
N GLU B 675 9.48 9.65 -11.19
CA GLU B 675 9.59 10.30 -12.48
C GLU B 675 10.03 9.35 -13.57
N ASP B 676 10.42 8.13 -13.24
CA ASP B 676 10.86 7.14 -14.21
C ASP B 676 9.76 6.22 -14.66
N VAL B 677 8.53 6.47 -14.23
CA VAL B 677 7.37 5.68 -14.65
C VAL B 677 6.46 6.64 -15.40
N ARG B 678 6.62 6.69 -16.72
CA ARG B 678 5.91 7.67 -17.53
C ARG B 678 4.52 7.13 -17.89
N VAL B 679 3.51 7.97 -17.70
CA VAL B 679 2.10 7.58 -17.81
C VAL B 679 1.42 8.46 -18.84
N ALA B 680 0.60 7.84 -19.69
CA ALA B 680 -0.12 8.56 -20.72
C ALA B 680 -1.51 7.96 -20.90
N ASN B 681 -2.35 8.68 -21.63
CA ASN B 681 -3.70 8.22 -22.00
C ASN B 681 -4.57 7.96 -20.78
N LEU B 682 -4.53 8.87 -19.81
CA LEU B 682 -5.40 8.74 -18.66
C LEU B 682 -6.84 9.05 -19.04
N LYS B 683 -7.78 8.22 -18.57
CA LYS B 683 -9.17 8.37 -18.93
C LYS B 683 -10.09 8.10 -17.73
N PRO B 684 -11.35 8.55 -17.76
CA PRO B 684 -12.19 8.44 -16.56
C PRO B 684 -12.43 7.02 -16.08
N ARG B 685 -12.28 6.03 -16.96
CA ARG B 685 -12.31 4.64 -16.51
C ARG B 685 -11.14 4.33 -15.57
N ILE B 686 -10.15 5.21 -15.52
CA ILE B 686 -8.87 4.97 -14.85
C ILE B 686 -8.20 3.83 -15.59
N SER B 687 -7.81 4.10 -16.83
CA SER B 687 -7.10 3.14 -17.67
C SER B 687 -6.08 3.92 -18.47
N PHE B 688 -4.80 3.66 -18.19
CA PHE B 688 -3.71 4.41 -18.79
C PHE B 688 -2.64 3.44 -19.30
N ASN B 689 -1.58 4.01 -19.87
CA ASN B 689 -0.43 3.25 -20.35
C ASN B 689 0.81 3.80 -19.70
N PHE B 690 1.59 2.94 -19.04
CA PHE B 690 2.82 3.37 -18.40
C PHE B 690 3.99 2.56 -18.94
N PHE B 691 5.15 3.21 -19.00
CA PHE B 691 6.39 2.51 -19.28
C PHE B 691 7.49 3.06 -18.39
N VAL B 692 8.42 2.19 -18.01
CA VAL B 692 9.48 2.53 -17.07
C VAL B 692 10.78 2.69 -17.83
N THR B 693 11.43 3.83 -17.65
CA THR B 693 12.67 4.15 -18.35
C THR B 693 13.86 3.99 -17.40
N ALA B 694 15.05 4.33 -17.91
CA ALA B 694 16.24 4.29 -17.09
C ALA B 694 16.17 5.38 -16.02
N PRO B 695 16.92 5.22 -14.91
CA PRO B 695 16.76 6.16 -13.80
C PRO B 695 16.98 7.63 -14.15
N LYS B 696 17.95 7.92 -15.01
CA LYS B 696 18.21 9.31 -15.40
C LYS B 696 18.57 9.39 -16.86
N ASN B 697 17.90 8.59 -17.69
CA ASN B 697 18.21 8.53 -19.12
C ASN B 697 16.93 8.10 -19.83
N VAL B 698 16.20 9.08 -20.36
CA VAL B 698 14.87 8.81 -20.92
C VAL B 698 14.96 7.94 -22.17
N SER B 699 16.03 8.11 -22.95
CA SER B 699 16.15 7.38 -24.21
C SER B 699 16.17 5.88 -24.01
N ASP B 700 16.47 5.41 -22.81
CA ASP B 700 16.55 3.98 -22.50
C ASP B 700 15.24 3.54 -21.85
N ILE B 701 14.59 2.56 -22.45
CA ILE B 701 13.32 2.03 -21.96
C ILE B 701 13.55 0.60 -21.50
N ILE B 702 13.12 0.30 -20.28
CA ILE B 702 13.21 -1.08 -19.80
C ILE B 702 12.30 -1.95 -20.65
N PRO B 703 12.78 -3.06 -21.21
CA PRO B 703 11.93 -3.89 -22.07
C PRO B 703 10.73 -4.42 -21.30
N ARG B 704 9.63 -4.61 -22.05
CA ARG B 704 8.36 -4.95 -21.42
C ARG B 704 8.42 -6.27 -20.67
N THR B 705 9.25 -7.21 -21.11
CA THR B 705 9.34 -8.49 -20.43
C THR B 705 9.82 -8.33 -19.00
N GLU B 706 10.85 -7.51 -18.81
CA GLU B 706 11.37 -7.28 -17.47
C GLU B 706 10.35 -6.56 -16.60
N VAL B 707 9.62 -5.60 -17.16
CA VAL B 707 8.60 -4.90 -16.39
C VAL B 707 7.49 -5.85 -15.98
N GLU B 708 7.09 -6.75 -16.88
CA GLU B 708 6.07 -7.73 -16.54
C GLU B 708 6.54 -8.66 -15.43
N LYS B 709 7.81 -9.10 -15.50
CA LYS B 709 8.34 -9.94 -14.43
C LYS B 709 8.35 -9.19 -13.10
N ALA B 710 8.74 -7.91 -13.14
CA ALA B 710 8.74 -7.11 -11.91
C ALA B 710 7.34 -6.96 -11.34
N ILE B 711 6.35 -6.72 -12.20
CA ILE B 711 4.97 -6.59 -11.73
C ILE B 711 4.50 -7.90 -11.13
N ARG B 712 4.81 -9.03 -11.78
CA ARG B 712 4.42 -10.33 -11.24
C ARG B 712 5.04 -10.57 -9.87
N MET B 713 6.31 -10.18 -9.70
CA MET B 713 6.99 -10.43 -8.43
C MET B 713 6.31 -9.69 -7.28
N SER B 714 5.93 -8.45 -7.48
CA SER B 714 5.41 -7.60 -6.41
C SER B 714 4.02 -7.08 -6.74
N ARG B 715 3.17 -7.95 -7.29
CA ARG B 715 1.80 -7.54 -7.57
C ARG B 715 0.96 -7.46 -6.31
N SER B 716 1.25 -8.31 -5.32
CA SER B 716 0.48 -8.29 -4.09
C SER B 716 0.63 -6.97 -3.35
N ARG B 717 1.85 -6.43 -3.33
CA ARG B 717 2.07 -5.14 -2.65
C ARG B 717 1.34 -4.01 -3.36
N ILE B 718 1.37 -4.00 -4.69
CA ILE B 718 0.63 -2.97 -5.43
C ILE B 718 -0.86 -3.11 -5.18
N ASN B 719 -1.36 -4.34 -5.14
CA ASN B 719 -2.77 -4.55 -4.84
C ASN B 719 -3.13 -4.05 -3.45
N ASP B 720 -2.26 -4.31 -2.46
CA ASP B 720 -2.55 -3.89 -1.10
C ASP B 720 -2.47 -2.38 -0.94
N ALA B 721 -1.60 -1.72 -1.70
CA ALA B 721 -1.45 -0.28 -1.56
C ALA B 721 -2.74 0.46 -1.89
N PHE B 722 -3.59 -0.11 -2.73
CA PHE B 722 -4.83 0.53 -3.16
C PHE B 722 -6.07 -0.24 -2.72
N ARG B 723 -5.91 -1.32 -1.95
CA ARG B 723 -7.03 -2.14 -1.50
C ARG B 723 -7.82 -2.70 -2.68
N LEU B 724 -7.11 -3.19 -3.69
CA LEU B 724 -7.68 -3.85 -4.84
C LEU B 724 -7.15 -5.28 -4.89
N ASN B 725 -7.94 -6.18 -5.49
CA ASN B 725 -7.59 -7.61 -5.51
C ASN B 725 -7.70 -8.19 -6.92
N ASP B 726 -6.67 -7.98 -7.72
CA ASP B 726 -6.37 -8.81 -8.90
C ASP B 726 -7.46 -8.82 -9.95
N ASN B 727 -8.54 -8.08 -9.73
CA ASN B 727 -9.67 -8.07 -10.65
C ASN B 727 -10.08 -6.64 -10.94
N SER B 728 -9.90 -5.77 -9.95
CA SER B 728 -10.10 -4.35 -10.12
C SER B 728 -8.82 -3.61 -10.47
N LEU B 729 -7.69 -4.32 -10.53
CA LEU B 729 -6.40 -3.76 -10.95
C LEU B 729 -5.83 -4.71 -12.00
N GLU B 730 -6.19 -4.49 -13.25
CA GLU B 730 -5.82 -5.38 -14.34
C GLU B 730 -4.69 -4.75 -15.14
N PHE B 731 -3.60 -5.51 -15.33
CA PHE B 731 -2.47 -5.02 -16.09
C PHE B 731 -2.51 -5.39 -17.55
N LEU B 732 -3.57 -6.06 -18.00
CA LEU B 732 -3.83 -6.34 -19.41
C LEU B 732 -2.61 -6.94 -20.12
N GLY B 733 -2.23 -8.11 -19.64
CA GLY B 733 -1.09 -8.82 -20.20
C GLY B 733 -0.41 -9.67 -19.14
N ILE B 734 -0.69 -9.35 -17.89
CA ILE B 734 -0.18 -10.10 -16.75
C ILE B 734 -1.38 -10.76 -16.08
N GLN B 735 -1.48 -12.08 -16.20
CA GLN B 735 -2.65 -12.69 -15.60
C GLN B 735 -2.28 -13.45 -14.34
N PRO B 736 -3.08 -13.30 -13.29
CA PRO B 736 -2.76 -13.96 -12.02
C PRO B 736 -3.02 -15.45 -12.08
N THR B 737 -2.50 -16.16 -11.08
CA THR B 737 -2.69 -17.59 -10.93
C THR B 737 -3.54 -17.84 -9.70
N LEU B 738 -4.62 -18.60 -9.86
CA LEU B 738 -5.57 -18.80 -8.77
C LEU B 738 -5.00 -19.71 -7.69
N GLY B 739 -4.26 -20.74 -8.08
CA GLY B 739 -3.68 -21.66 -7.13
C GLY B 739 -4.27 -23.05 -7.22
N PRO B 740 -3.41 -24.06 -7.14
CA PRO B 740 -3.88 -25.45 -7.31
C PRO B 740 -4.84 -25.84 -6.19
N PRO B 741 -5.92 -26.53 -6.54
CA PRO B 741 -6.87 -27.00 -5.51
C PRO B 741 -6.47 -28.33 -4.91
N ASN B 742 -5.64 -28.30 -3.86
CA ASN B 742 -5.16 -29.49 -3.19
C ASN B 742 -6.27 -30.48 -2.88
N GLN B 743 -6.00 -31.77 -3.09
CA GLN B 743 -7.02 -32.79 -2.95
C GLN B 743 -6.94 -33.49 -1.59
N PRO B 744 -8.06 -33.97 -1.06
CA PRO B 744 -8.03 -34.78 0.17
C PRO B 744 -7.27 -36.07 -0.07
N PRO B 745 -6.91 -36.80 1.02
CA PRO B 745 -6.00 -37.96 0.88
C PRO B 745 -6.38 -38.96 -0.21
N VAL B 746 -7.56 -39.58 -0.12
CA VAL B 746 -7.96 -40.50 -1.18
C VAL B 746 -9.32 -40.11 -1.75
N SER B 747 -10.36 -40.23 -0.92
CA SER B 747 -11.73 -39.90 -1.31
C SER B 747 -12.63 -40.07 -0.10
N ILE B 748 -13.32 -39.00 0.32
CA ILE B 748 -14.21 -39.13 1.46
C ILE B 748 -15.44 -39.95 1.11
N TRP B 749 -16.01 -39.73 -0.07
CA TRP B 749 -17.21 -40.46 -0.50
C TRP B 749 -16.97 -41.96 -0.58
N LEU B 750 -15.81 -42.38 -1.08
CA LEU B 750 -15.52 -43.80 -1.19
C LEU B 750 -15.43 -44.46 0.17
N ILE B 751 -14.80 -43.77 1.13
CA ILE B 751 -14.70 -44.31 2.48
C ILE B 751 -16.08 -44.44 3.12
N VAL B 752 -16.89 -43.39 2.99
CA VAL B 752 -18.23 -43.43 3.58
C VAL B 752 -19.07 -44.53 2.93
N PHE B 753 -18.98 -44.66 1.61
CA PHE B 753 -19.73 -45.71 0.91
C PHE B 753 -19.27 -47.09 1.35
N GLY B 754 -17.95 -47.28 1.52
CA GLY B 754 -17.46 -48.55 1.99
C GLY B 754 -17.99 -48.91 3.36
N VAL B 755 -17.98 -47.94 4.29
CA VAL B 755 -18.49 -48.19 5.63
C VAL B 755 -19.97 -48.57 5.58
N VAL B 756 -20.76 -47.79 4.83
CA VAL B 756 -22.20 -48.03 4.76
C VAL B 756 -22.49 -49.39 4.14
N MET B 757 -21.80 -49.71 3.04
CA MET B 757 -22.03 -50.99 2.39
C MET B 757 -21.63 -52.15 3.29
N GLY B 758 -20.53 -52.00 4.03
CA GLY B 758 -20.12 -53.04 4.95
C GLY B 758 -21.16 -53.29 6.02
N VAL B 759 -21.67 -52.22 6.64
CA VAL B 759 -22.64 -52.41 7.71
C VAL B 759 -23.95 -52.99 7.17
N ILE B 760 -24.35 -52.55 5.97
CA ILE B 760 -25.57 -53.09 5.37
C ILE B 760 -25.42 -54.57 5.06
N VAL B 761 -24.27 -54.96 4.50
CA VAL B 761 -24.05 -56.37 4.17
C VAL B 761 -24.02 -57.21 5.44
N VAL B 762 -23.37 -56.71 6.49
CA VAL B 762 -23.35 -57.44 7.75
C VAL B 762 -24.76 -57.63 8.29
N GLY B 763 -25.58 -56.57 8.25
CA GLY B 763 -26.95 -56.69 8.71
C GLY B 763 -27.74 -57.70 7.91
N ILE B 764 -27.57 -57.67 6.58
CA ILE B 764 -28.29 -58.62 5.73
C ILE B 764 -27.88 -60.05 6.06
N VAL B 765 -26.57 -60.28 6.22
CA VAL B 765 -26.08 -61.63 6.49
C VAL B 765 -26.60 -62.12 7.83
N ILE B 766 -26.56 -61.27 8.86
CA ILE B 766 -27.00 -61.72 10.17
C ILE B 766 -28.50 -61.97 10.18
N LEU B 767 -29.27 -61.14 9.48
CA LEU B 767 -30.71 -61.36 9.43
C LEU B 767 -31.05 -62.66 8.69
N ILE B 768 -30.37 -62.93 7.57
CA ILE B 768 -30.61 -64.16 6.84
C ILE B 768 -30.25 -65.37 7.69
N PHE B 769 -29.10 -65.30 8.38
CA PHE B 769 -28.67 -66.42 9.21
C PHE B 769 -29.64 -66.67 10.35
N THR B 770 -30.10 -65.60 11.02
CA THR B 770 -31.04 -65.78 12.12
C THR B 770 -32.38 -66.32 11.63
N GLY B 771 -32.86 -65.83 10.47
CA GLY B 771 -34.10 -66.37 9.93
C GLY B 771 -34.01 -67.83 9.56
N ILE B 772 -32.87 -68.23 8.96
CA ILE B 772 -32.68 -69.63 8.60
C ILE B 772 -32.58 -70.50 9.85
N ARG B 773 -31.83 -70.03 10.87
CA ARG B 773 -31.65 -70.83 12.08
C ARG B 773 -32.94 -70.96 12.87
N ASP B 774 -33.77 -69.92 12.88
CA ASP B 774 -35.05 -70.00 13.60
C ASP B 774 -35.95 -71.08 12.99
N ARG B 775 -35.98 -71.17 11.67
CA ARG B 775 -36.78 -72.18 11.00
C ARG B 775 -35.96 -73.43 10.69
N ASN C 10 -38.51 -51.31 41.57
CA ASN C 10 -38.59 -50.27 42.60
C ASN C 10 -37.21 -49.75 42.96
N SER C 11 -36.19 -50.57 42.72
CA SER C 11 -34.81 -50.16 43.01
C SER C 11 -34.41 -48.96 42.16
N LEU C 12 -34.76 -48.97 40.87
CA LEU C 12 -34.40 -47.87 39.99
C LEU C 12 -35.00 -46.55 40.47
N GLN C 13 -36.27 -46.57 40.89
CA GLN C 13 -36.93 -45.35 41.35
C GLN C 13 -36.19 -44.74 42.54
N PHE C 14 -35.93 -45.55 43.57
CA PHE C 14 -35.28 -45.05 44.77
C PHE C 14 -33.85 -44.58 44.47
N VAL C 15 -33.11 -45.39 43.71
CA VAL C 15 -31.72 -45.03 43.39
C VAL C 15 -31.66 -43.72 42.61
N PHE C 16 -32.52 -43.56 41.61
CA PHE C 16 -32.50 -42.33 40.82
C PHE C 16 -33.02 -41.13 41.61
N ALA C 17 -33.96 -41.35 42.53
CA ALA C 17 -34.38 -40.26 43.41
C ALA C 17 -33.22 -39.78 44.28
N CYS C 18 -32.49 -40.73 44.87
CA CYS C 18 -31.34 -40.35 45.69
C CYS C 18 -30.26 -39.68 44.86
N ILE C 19 -30.03 -40.16 43.64
CA ILE C 19 -29.02 -39.56 42.78
C ILE C 19 -29.41 -38.13 42.41
N SER C 20 -30.67 -37.95 41.99
CA SER C 20 -31.14 -36.61 41.63
C SER C 20 -31.09 -35.66 42.82
N TYR C 21 -31.31 -36.16 44.03
CA TYR C 21 -31.15 -35.32 45.21
C TYR C 21 -29.68 -34.97 45.43
N ALA C 22 -28.80 -35.98 45.40
CA ALA C 22 -27.40 -35.75 45.75
C ALA C 22 -26.67 -34.94 44.68
N VAL C 23 -26.89 -35.25 43.41
CA VAL C 23 -26.19 -34.57 42.32
C VAL C 23 -26.84 -33.21 42.11
N GLY C 24 -26.13 -32.16 42.49
CA GLY C 24 -26.63 -30.80 42.33
C GLY C 24 -25.48 -29.83 42.15
N LEU C 25 -25.67 -28.62 42.69
CA LEU C 25 -24.63 -27.59 42.56
C LEU C 25 -23.45 -27.85 43.48
N GLY C 26 -23.58 -28.73 44.48
CA GLY C 26 -22.44 -29.06 45.30
C GLY C 26 -21.38 -29.85 44.56
N ASN C 27 -21.77 -30.56 43.51
CA ASN C 27 -20.84 -31.36 42.72
C ASN C 27 -20.18 -30.54 41.62
N VAL C 28 -20.97 -29.72 40.92
CA VAL C 28 -20.46 -29.00 39.76
C VAL C 28 -19.89 -27.63 40.11
N TRP C 29 -20.44 -26.97 41.13
CA TRP C 29 -20.03 -25.61 41.47
C TRP C 29 -19.15 -25.53 42.71
N ARG C 30 -19.56 -26.15 43.82
CA ARG C 30 -18.83 -25.98 45.07
C ARG C 30 -17.51 -26.76 45.07
N PHE C 31 -17.54 -27.98 44.55
CA PHE C 31 -16.34 -28.82 44.56
C PHE C 31 -15.18 -28.20 43.79
N PRO C 32 -15.36 -27.65 42.59
CA PRO C 32 -14.20 -27.05 41.89
C PRO C 32 -13.53 -25.93 42.66
N TYR C 33 -14.28 -24.96 43.19
CA TYR C 33 -13.60 -23.86 43.86
C TYR C 33 -13.07 -24.28 45.22
N LEU C 34 -13.71 -25.26 45.87
CA LEU C 34 -13.15 -25.79 47.10
C LEU C 34 -11.82 -26.50 46.83
N CYS C 35 -11.74 -27.24 45.72
CA CYS C 35 -10.49 -27.89 45.36
C CYS C 35 -9.42 -26.87 45.02
N GLN C 36 -9.79 -25.82 44.27
CA GLN C 36 -8.82 -24.79 43.90
C GLN C 36 -8.31 -24.05 45.13
N MET C 37 -9.20 -23.74 46.07
CA MET C 37 -8.81 -22.94 47.23
C MET C 37 -7.78 -23.65 48.09
N TYR C 38 -7.93 -24.96 48.27
CA TYR C 38 -7.11 -25.71 49.21
C TYR C 38 -6.04 -26.56 48.51
N GLY C 39 -5.51 -26.08 47.39
CA GLY C 39 -4.31 -26.66 46.83
C GLY C 39 -4.50 -27.70 45.74
N GLY C 40 -5.72 -27.98 45.32
CA GLY C 40 -5.92 -28.97 44.29
C GLY C 40 -5.77 -30.37 44.81
N GLY C 41 -4.64 -31.03 44.46
CA GLY C 41 -4.41 -32.37 44.96
C GLY C 41 -4.41 -32.46 46.47
N SER C 42 -3.88 -31.42 47.12
CA SER C 42 -3.87 -31.37 48.58
C SER C 42 -5.27 -31.41 49.16
N PHE C 43 -6.28 -31.09 48.36
CA PHE C 43 -7.67 -31.24 48.78
C PHE C 43 -8.28 -32.55 48.29
N LEU C 44 -7.79 -33.10 47.18
CA LEU C 44 -8.42 -34.30 46.62
C LEU C 44 -8.06 -35.54 47.41
N VAL C 45 -6.84 -35.61 47.95
CA VAL C 45 -6.45 -36.77 48.74
C VAL C 45 -7.30 -36.90 50.00
N PRO C 46 -7.53 -35.85 50.80
CA PRO C 46 -8.44 -36.02 51.95
C PRO C 46 -9.87 -36.36 51.54
N TYR C 47 -10.39 -35.73 50.48
CA TYR C 47 -11.73 -36.01 49.99
C TYR C 47 -11.99 -37.51 49.88
N ILE C 48 -11.20 -38.19 49.04
CA ILE C 48 -11.32 -39.64 48.92
C ILE C 48 -11.15 -40.30 50.28
N ILE C 49 -10.14 -39.87 51.03
CA ILE C 49 -9.92 -40.41 52.36
C ILE C 49 -11.14 -40.17 53.24
N MET C 50 -11.78 -39.02 53.10
CA MET C 50 -12.97 -38.74 53.90
C MET C 50 -14.23 -39.33 53.30
N LEU C 51 -14.16 -39.95 52.13
CA LEU C 51 -15.35 -40.57 51.54
C LEU C 51 -15.53 -42.01 52.00
N ILE C 52 -14.42 -42.76 52.11
CA ILE C 52 -14.49 -44.15 52.54
C ILE C 52 -14.86 -44.23 54.01
N VAL C 53 -14.44 -43.24 54.81
CA VAL C 53 -14.62 -43.27 56.25
C VAL C 53 -15.91 -42.59 56.67
N GLU C 54 -16.25 -41.46 56.06
CA GLU C 54 -17.38 -40.66 56.51
C GLU C 54 -18.60 -40.78 55.60
N GLY C 55 -18.41 -40.77 54.28
CA GLY C 55 -19.53 -40.81 53.36
C GLY C 55 -20.33 -42.09 53.36
N MET C 56 -19.70 -43.19 52.93
CA MET C 56 -20.42 -44.45 52.76
C MET C 56 -21.04 -44.96 54.05
N PRO C 57 -20.30 -45.11 55.16
CA PRO C 57 -20.91 -45.70 56.36
C PRO C 57 -22.07 -44.90 56.90
N LEU C 58 -21.93 -43.57 56.95
CA LEU C 58 -23.01 -42.76 57.49
C LEU C 58 -24.19 -42.66 56.54
N LEU C 59 -23.97 -42.63 55.23
CA LEU C 59 -25.09 -42.71 54.30
C LEU C 59 -25.85 -44.02 54.44
N TYR C 60 -25.12 -45.13 54.58
CA TYR C 60 -25.77 -46.42 54.81
C TYR C 60 -26.53 -46.42 56.13
N LEU C 61 -25.96 -45.79 57.16
CA LEU C 61 -26.64 -45.71 58.45
C LEU C 61 -27.93 -44.91 58.35
N GLU C 62 -27.90 -43.78 57.63
CA GLU C 62 -29.12 -43.02 57.43
C GLU C 62 -30.18 -43.84 56.70
N LEU C 63 -29.79 -44.54 55.63
CA LEU C 63 -30.76 -45.32 54.89
C LEU C 63 -31.32 -46.48 55.72
N ALA C 64 -30.50 -47.05 56.60
CA ALA C 64 -31.01 -48.13 57.43
C ALA C 64 -31.92 -47.61 58.52
N VAL C 65 -31.61 -46.44 59.11
CA VAL C 65 -32.53 -45.89 60.10
C VAL C 65 -33.84 -45.53 59.43
N GLY C 66 -33.77 -45.01 58.21
CA GLY C 66 -34.97 -44.72 57.43
C GLY C 66 -35.82 -45.96 57.19
N GLN C 67 -35.18 -47.12 57.08
CA GLN C 67 -35.98 -48.30 56.81
C GLN C 67 -36.51 -48.93 58.10
N ARG C 68 -35.64 -49.08 59.10
CA ARG C 68 -36.04 -49.82 60.29
C ARG C 68 -37.04 -49.02 61.14
N MET C 69 -36.88 -47.68 61.18
CA MET C 69 -37.93 -46.87 61.77
C MET C 69 -39.16 -46.78 60.86
N ARG C 70 -38.94 -46.57 59.56
CA ARG C 70 -40.03 -46.33 58.60
C ARG C 70 -40.87 -45.13 58.99
N GLN C 71 -40.26 -44.13 59.63
CA GLN C 71 -40.92 -42.89 59.98
C GLN C 71 -40.14 -41.72 59.40
N GLY C 72 -40.58 -40.50 59.71
CA GLY C 72 -39.85 -39.32 59.31
C GLY C 72 -38.65 -39.09 60.22
N SER C 73 -37.87 -38.06 59.88
CA SER C 73 -36.67 -37.77 60.64
C SER C 73 -37.00 -37.48 62.10
N ILE C 74 -37.92 -36.53 62.33
CA ILE C 74 -38.34 -36.21 63.69
C ILE C 74 -39.00 -37.40 64.34
N GLY C 75 -39.86 -38.11 63.60
CA GLY C 75 -40.50 -39.28 64.15
C GLY C 75 -39.51 -40.36 64.55
N ALA C 76 -38.51 -40.60 63.70
CA ALA C 76 -37.51 -41.62 63.99
C ALA C 76 -36.68 -41.24 65.22
N TRP C 77 -36.13 -40.03 65.23
CA TRP C 77 -35.28 -39.63 66.34
C TRP C 77 -36.06 -39.33 67.61
N ARG C 78 -37.40 -39.29 67.54
CA ARG C 78 -38.23 -39.21 68.73
C ARG C 78 -38.63 -40.59 69.24
N THR C 79 -38.83 -41.54 68.32
CA THR C 79 -39.14 -42.91 68.72
C THR C 79 -37.93 -43.63 69.29
N ILE C 80 -36.72 -43.31 68.82
CA ILE C 80 -35.53 -43.89 69.45
C ILE C 80 -35.44 -43.46 70.91
N SER C 81 -35.67 -42.18 71.18
CA SER C 81 -35.73 -41.67 72.56
C SER C 81 -36.29 -40.26 72.56
N PRO C 82 -37.18 -39.94 73.51
CA PRO C 82 -37.73 -38.57 73.56
C PRO C 82 -36.66 -37.50 73.77
N TYR C 83 -35.67 -37.78 74.63
CA TYR C 83 -34.64 -36.80 74.96
C TYR C 83 -33.82 -36.37 73.75
N LEU C 84 -34.16 -36.89 72.58
CA LEU C 84 -33.33 -36.75 71.39
C LEU C 84 -34.13 -36.11 70.26
N SER C 85 -35.44 -35.90 70.47
CA SER C 85 -36.31 -35.40 69.41
C SER C 85 -35.81 -34.11 68.78
N GLY C 86 -35.08 -33.30 69.55
CA GLY C 86 -34.53 -32.07 69.02
C GLY C 86 -33.69 -32.23 67.76
N VAL C 87 -32.97 -33.35 67.63
CA VAL C 87 -32.16 -33.53 66.43
C VAL C 87 -33.01 -33.67 65.17
N GLY C 88 -34.31 -33.92 65.32
CA GLY C 88 -35.20 -33.90 64.19
C GLY C 88 -35.57 -32.49 63.80
N VAL C 89 -35.70 -31.62 64.80
CA VAL C 89 -36.01 -30.22 64.53
C VAL C 89 -34.82 -29.51 63.92
N ALA C 90 -33.63 -29.72 64.49
CA ALA C 90 -32.44 -29.05 64.00
C ALA C 90 -32.15 -29.43 62.55
N SER C 91 -32.34 -30.69 62.20
CA SER C 91 -32.12 -31.13 60.82
C SER C 91 -33.02 -30.39 59.84
N VAL C 92 -34.15 -29.86 60.31
CA VAL C 92 -34.96 -28.99 59.46
C VAL C 92 -34.32 -27.61 59.35
N VAL C 93 -33.91 -27.04 60.49
CA VAL C 93 -33.44 -25.66 60.53
C VAL C 93 -32.27 -25.47 59.57
N VAL C 94 -31.32 -26.42 59.57
CA VAL C 94 -30.19 -26.33 58.66
C VAL C 94 -30.67 -26.20 57.22
N SER C 95 -31.61 -27.05 56.83
CA SER C 95 -32.18 -26.98 55.49
C SER C 95 -32.68 -25.57 55.21
N PHE C 96 -33.40 -24.99 56.17
CA PHE C 96 -33.87 -23.61 56.06
C PHE C 96 -32.72 -22.71 55.62
N PHE C 97 -31.64 -22.70 56.39
CA PHE C 97 -30.52 -21.82 56.07
C PHE C 97 -29.99 -22.13 54.68
N LEU C 98 -29.89 -23.41 54.33
CA LEU C 98 -29.48 -23.78 52.99
C LEU C 98 -30.41 -23.16 51.96
N SER C 99 -31.72 -23.40 52.10
CA SER C 99 -32.66 -22.84 51.16
C SER C 99 -32.65 -21.32 51.20
N MET C 100 -32.06 -20.74 52.24
CA MET C 100 -32.01 -19.29 52.33
C MET C 100 -31.02 -18.72 51.33
N TYR C 101 -29.93 -19.43 51.04
CA TYR C 101 -28.87 -18.89 50.20
C TYR C 101 -28.63 -19.67 48.92
N TYR C 102 -28.94 -20.96 48.91
CA TYR C 102 -28.74 -21.79 47.73
C TYR C 102 -29.36 -21.17 46.48
N ASN C 103 -30.58 -20.65 46.61
CA ASN C 103 -31.29 -20.08 45.47
C ASN C 103 -30.52 -18.95 44.82
N VAL C 104 -29.70 -18.24 45.58
CA VAL C 104 -28.91 -17.16 44.99
C VAL C 104 -28.09 -17.69 43.83
N ILE C 105 -27.48 -18.87 44.00
CA ILE C 105 -26.70 -19.46 42.93
C ILE C 105 -27.55 -19.59 41.67
N ASN C 106 -28.75 -20.16 41.82
CA ASN C 106 -29.64 -20.29 40.68
C ASN C 106 -29.90 -18.94 40.04
N ALA C 107 -30.16 -17.92 40.87
CA ALA C 107 -30.37 -16.58 40.33
C ALA C 107 -29.22 -16.17 39.43
N TRP C 108 -27.99 -16.37 39.90
CA TRP C 108 -26.83 -15.99 39.11
C TRP C 108 -26.86 -16.68 37.76
N ALA C 109 -27.16 -17.99 37.75
CA ALA C 109 -27.24 -18.71 36.49
C ALA C 109 -28.27 -18.07 35.58
N PHE C 110 -29.44 -17.75 36.13
CA PHE C 110 -30.46 -17.06 35.34
C PHE C 110 -29.87 -15.80 34.71
N TRP C 111 -29.18 -15.00 35.50
CA TRP C 111 -28.52 -13.82 34.97
C TRP C 111 -27.61 -14.19 33.81
N TYR C 112 -26.72 -15.16 34.05
CA TYR C 112 -25.79 -15.57 33.01
C TYR C 112 -26.51 -16.17 31.80
N LEU C 113 -27.72 -16.70 32.01
CA LEU C 113 -28.49 -17.16 30.87
C LEU C 113 -29.01 -15.98 30.06
N PHE C 114 -29.58 -14.98 30.74
CA PHE C 114 -30.24 -13.90 30.03
C PHE C 114 -29.24 -13.05 29.26
N HIS C 115 -28.03 -12.92 29.79
CA HIS C 115 -26.94 -12.31 29.02
C HIS C 115 -26.22 -13.37 28.18
N SER C 116 -26.99 -14.15 27.43
CA SER C 116 -26.41 -15.13 26.52
C SER C 116 -27.05 -15.10 25.14
N PHE C 117 -27.88 -14.09 24.84
CA PHE C 117 -28.51 -13.94 23.54
C PHE C 117 -27.99 -12.71 22.81
N GLN C 118 -26.72 -12.38 23.03
CA GLN C 118 -26.11 -11.20 22.44
C GLN C 118 -24.90 -11.62 21.63
N ASP C 119 -24.75 -11.07 20.43
CA ASP C 119 -23.58 -11.38 19.62
C ASP C 119 -22.30 -10.89 20.30
N PRO C 120 -22.19 -9.63 20.77
CA PRO C 120 -21.02 -9.27 21.58
C PRO C 120 -21.22 -9.69 23.03
N LEU C 121 -20.87 -10.93 23.35
CA LEU C 121 -21.12 -11.45 24.69
C LEU C 121 -20.50 -10.54 25.74
N PRO C 122 -21.22 -10.25 26.83
CA PRO C 122 -20.73 -9.23 27.78
C PRO C 122 -19.39 -9.58 28.40
N TRP C 123 -19.09 -10.86 28.59
CA TRP C 123 -17.85 -11.30 29.20
C TRP C 123 -16.76 -11.58 28.16
N SER C 124 -17.01 -11.25 26.90
CA SER C 124 -16.05 -11.49 25.83
C SER C 124 -15.16 -10.29 25.57
N VAL C 125 -15.70 -9.08 25.54
CA VAL C 125 -14.97 -7.87 25.20
C VAL C 125 -15.10 -6.88 26.34
N CYS C 126 -13.98 -6.31 26.76
CA CYS C 126 -14.00 -5.28 27.78
C CYS C 126 -14.57 -3.98 27.22
N PRO C 127 -15.20 -3.17 28.06
CA PRO C 127 -15.70 -1.87 27.59
C PRO C 127 -14.55 -0.90 27.32
N LEU C 128 -14.87 0.13 26.53
CA LEU C 128 -13.87 1.12 26.17
C LEU C 128 -13.57 2.05 27.33
N ASN C 129 -12.31 2.49 27.41
CA ASN C 129 -11.84 3.22 28.59
C ASN C 129 -12.56 4.55 28.74
N GLY C 130 -12.81 5.27 27.65
CA GLY C 130 -13.37 6.60 27.71
C GLY C 130 -12.73 7.54 26.71
N ASN C 131 -11.45 7.31 26.41
CA ASN C 131 -10.83 7.91 25.23
C ASN C 131 -11.34 7.29 23.94
N HIS C 132 -11.96 6.11 24.03
CA HIS C 132 -12.27 5.27 22.87
C HIS C 132 -11.01 4.88 22.11
N THR C 133 -9.93 4.64 22.86
CA THR C 133 -8.68 4.17 22.29
C THR C 133 -8.11 2.94 22.99
N GLY C 134 -8.59 2.60 24.18
CA GLY C 134 -8.09 1.46 24.92
C GLY C 134 -9.18 0.77 25.69
N TYR C 135 -8.81 0.07 26.77
CA TYR C 135 -9.76 -0.70 27.58
C TYR C 135 -9.74 -0.16 29.00
N ASP C 136 -10.73 -0.59 29.79
CA ASP C 136 -10.80 -0.15 31.17
C ASP C 136 -9.61 -0.67 31.96
N GLU C 137 -9.21 0.10 32.97
CA GLU C 137 -8.07 -0.29 33.80
C GLU C 137 -8.38 -1.58 34.57
N GLU C 138 -9.54 -1.64 35.23
CA GLU C 138 -9.85 -2.84 36.00
C GLU C 138 -10.20 -4.01 35.10
N CYS C 139 -10.83 -3.74 33.94
CA CYS C 139 -11.13 -4.81 33.00
C CYS C 139 -9.87 -5.35 32.34
N GLU C 140 -8.80 -4.57 32.27
CA GLU C 140 -7.54 -5.04 31.73
C GLU C 140 -6.69 -5.74 32.77
N LYS C 141 -6.63 -5.20 33.98
CA LYS C 141 -5.87 -5.85 35.06
C LYS C 141 -6.46 -7.21 35.37
N ALA C 142 -7.78 -7.29 35.45
CA ALA C 142 -8.45 -8.57 35.59
C ALA C 142 -8.82 -9.07 34.19
N SER C 143 -9.57 -10.17 34.12
CA SER C 143 -10.05 -10.65 32.84
C SER C 143 -11.43 -10.08 32.56
N SER C 144 -11.87 -10.21 31.30
CA SER C 144 -13.21 -9.78 30.95
C SER C 144 -14.26 -10.58 31.69
N THR C 145 -14.06 -11.89 31.82
CA THR C 145 -14.97 -12.72 32.59
C THR C 145 -14.99 -12.32 34.05
N GLN C 146 -13.80 -12.11 34.64
CA GLN C 146 -13.74 -11.68 36.04
C GLN C 146 -14.35 -10.31 36.23
N TYR C 147 -14.13 -9.39 35.28
CA TYR C 147 -14.73 -8.07 35.38
C TYR C 147 -16.25 -8.15 35.31
N PHE C 148 -16.77 -9.00 34.43
CA PHE C 148 -18.22 -9.18 34.34
C PHE C 148 -18.78 -9.79 35.61
N TRP C 149 -18.08 -10.77 36.19
CA TRP C 149 -18.60 -11.45 37.37
C TRP C 149 -18.55 -10.56 38.59
N TYR C 150 -17.48 -9.81 38.78
CA TYR C 150 -17.30 -9.03 40.00
C TYR C 150 -17.91 -7.64 39.94
N ARG C 151 -18.08 -7.07 38.75
CA ARG C 151 -18.63 -5.73 38.62
C ARG C 151 -19.99 -5.70 37.95
N LYS C 152 -20.13 -6.34 36.79
CA LYS C 152 -21.42 -6.29 36.09
C LYS C 152 -22.45 -7.17 36.75
N THR C 153 -22.04 -8.26 37.41
CA THR C 153 -22.98 -9.19 38.02
C THR C 153 -23.26 -8.86 39.49
N LEU C 154 -22.23 -8.85 40.32
CA LEU C 154 -22.42 -8.53 41.73
C LEU C 154 -22.23 -7.07 42.07
N ASN C 155 -21.38 -6.36 41.32
CA ASN C 155 -20.95 -5.01 41.70
C ASN C 155 -20.40 -5.03 43.13
N ILE C 156 -19.47 -5.95 43.36
CA ILE C 156 -19.01 -6.25 44.71
C ILE C 156 -18.30 -5.04 45.32
N SER C 157 -18.63 -4.75 46.56
CA SER C 157 -18.01 -3.67 47.31
C SER C 157 -16.62 -4.08 47.78
N PRO C 158 -15.69 -3.13 47.88
CA PRO C 158 -14.31 -3.48 48.26
C PRO C 158 -14.18 -4.10 49.64
N SER C 159 -15.14 -3.90 50.54
CA SER C 159 -15.04 -4.44 51.88
C SER C 159 -16.44 -4.74 52.41
N LEU C 160 -16.48 -5.62 53.41
CA LEU C 160 -17.76 -6.01 54.01
C LEU C 160 -18.40 -4.83 54.74
N GLN C 161 -17.59 -3.94 55.32
CA GLN C 161 -18.14 -2.81 56.05
C GLN C 161 -18.87 -1.84 55.13
N GLU C 162 -18.51 -1.80 53.85
CA GLU C 162 -19.13 -0.92 52.88
C GLU C 162 -20.20 -1.70 52.13
N ASN C 163 -21.46 -1.31 52.32
CA ASN C 163 -22.56 -1.89 51.57
C ASN C 163 -23.52 -0.79 51.14
N GLY C 164 -24.11 -0.95 49.97
CA GLY C 164 -25.06 -0.01 49.42
C GLY C 164 -26.49 -0.47 49.63
N GLY C 165 -27.32 -0.24 48.61
CA GLY C 165 -28.68 -0.70 48.62
C GLY C 165 -28.85 -2.05 47.92
N VAL C 166 -30.12 -2.47 47.82
CA VAL C 166 -30.45 -3.73 47.17
C VAL C 166 -30.33 -3.53 45.66
N GLN C 167 -29.39 -4.23 45.05
CA GLN C 167 -29.25 -4.18 43.59
C GLN C 167 -30.48 -4.80 42.96
N TRP C 168 -31.18 -4.03 42.12
CA TRP C 168 -32.49 -4.47 41.65
C TRP C 168 -32.39 -5.63 40.66
N GLU C 169 -31.34 -5.69 39.85
CA GLU C 169 -31.23 -6.79 38.89
C GLU C 169 -31.02 -8.14 39.58
N PRO C 170 -30.06 -8.30 40.51
CA PRO C 170 -29.99 -9.57 41.25
C PRO C 170 -31.24 -9.87 42.05
N ALA C 171 -31.89 -8.84 42.59
CA ALA C 171 -33.14 -9.06 43.33
C ALA C 171 -34.21 -9.65 42.41
N LEU C 172 -34.35 -9.10 41.20
CA LEU C 172 -35.32 -9.65 40.25
C LEU C 172 -34.94 -11.06 39.83
N CYS C 173 -33.65 -11.33 39.63
CA CYS C 173 -33.25 -12.70 39.27
C CYS C 173 -33.56 -13.69 40.39
N LEU C 174 -33.31 -13.29 41.64
CA LEU C 174 -33.64 -14.16 42.76
C LEU C 174 -35.14 -14.36 42.89
N LEU C 175 -35.92 -13.29 42.67
CA LEU C 175 -37.38 -13.42 42.68
C LEU C 175 -37.85 -14.39 41.61
N LEU C 176 -37.26 -14.31 40.41
CA LEU C 176 -37.63 -15.23 39.34
C LEU C 176 -37.29 -16.67 39.70
N ALA C 177 -36.11 -16.88 40.30
CA ALA C 177 -35.73 -18.24 40.69
C ALA C 177 -36.68 -18.79 41.74
N TRP C 178 -37.08 -17.96 42.70
CA TRP C 178 -38.00 -18.44 43.72
C TRP C 178 -39.39 -18.70 43.13
N LEU C 179 -39.82 -17.88 42.18
CA LEU C 179 -41.08 -18.15 41.50
C LEU C 179 -41.03 -19.47 40.75
N VAL C 180 -39.91 -19.75 40.08
CA VAL C 180 -39.76 -21.02 39.38
C VAL C 180 -39.80 -22.19 40.35
N VAL C 181 -39.13 -22.05 41.50
CA VAL C 181 -39.16 -23.11 42.51
C VAL C 181 -40.58 -23.32 43.02
N TYR C 182 -41.31 -22.24 43.27
CA TYR C 182 -42.69 -22.37 43.75
C TYR C 182 -43.58 -23.03 42.70
N LEU C 183 -43.40 -22.68 41.43
CA LEU C 183 -44.16 -23.31 40.35
C LEU C 183 -43.86 -24.80 40.26
N CYS C 184 -42.58 -25.17 40.37
CA CYS C 184 -42.22 -26.59 40.37
C CYS C 184 -42.80 -27.31 41.57
N ILE C 185 -42.88 -26.63 42.72
CA ILE C 185 -43.50 -27.24 43.91
C ILE C 185 -44.97 -27.51 43.64
N LEU C 186 -45.67 -26.51 43.10
CA LEU C 186 -47.11 -26.65 42.91
C LEU C 186 -47.43 -27.67 41.82
N ARG C 187 -46.62 -27.72 40.77
CA ARG C 187 -47.01 -28.45 39.56
C ARG C 187 -46.91 -29.95 39.75
N GLY C 188 -45.71 -30.44 40.02
CA GLY C 188 -45.44 -31.87 39.97
C GLY C 188 -44.85 -32.39 41.26
N THR C 189 -45.25 -33.61 41.62
CA THR C 189 -44.67 -34.31 42.76
C THR C 189 -44.30 -35.77 42.48
N GLU C 190 -44.92 -36.40 41.47
CA GLU C 190 -44.63 -37.79 41.14
C GLU C 190 -44.44 -38.02 39.65
N SER C 191 -44.47 -36.98 38.82
CA SER C 191 -44.33 -37.12 37.38
C SER C 191 -42.87 -37.14 36.93
N THR C 192 -41.94 -37.48 37.81
CA THR C 192 -40.53 -37.49 37.48
C THR C 192 -40.11 -38.70 36.64
N GLY C 193 -41.06 -39.45 36.09
CA GLY C 193 -40.77 -40.62 35.30
C GLY C 193 -39.80 -40.38 34.14
N LYS C 194 -40.23 -39.57 33.17
CA LYS C 194 -39.36 -39.26 32.05
C LYS C 194 -38.27 -38.28 32.44
N VAL C 195 -38.50 -37.47 33.48
CA VAL C 195 -37.50 -36.52 33.94
C VAL C 195 -36.24 -37.26 34.39
N VAL C 196 -36.42 -38.31 35.20
CA VAL C 196 -35.29 -39.11 35.66
C VAL C 196 -34.53 -39.73 34.49
N TYR C 197 -35.24 -40.00 33.38
CA TYR C 197 -34.56 -40.44 32.17
C TYR C 197 -33.81 -39.29 31.51
N PHE C 198 -34.30 -38.07 31.65
CA PHE C 198 -33.71 -36.91 31.00
C PHE C 198 -32.76 -36.13 31.90
N THR C 199 -33.21 -35.74 33.10
CA THR C 199 -32.42 -34.84 33.93
C THR C 199 -31.15 -35.48 34.48
N ALA C 200 -30.99 -36.80 34.36
CA ALA C 200 -29.78 -37.46 34.83
C ALA C 200 -28.72 -37.61 33.75
N SER C 201 -29.08 -37.45 32.49
CA SER C 201 -28.12 -37.58 31.39
C SER C 201 -27.69 -36.26 30.78
N LEU C 202 -28.52 -35.24 30.86
CA LEU C 202 -28.16 -33.93 30.28
C LEU C 202 -26.94 -33.31 30.95
N PRO C 203 -26.81 -33.28 32.28
CA PRO C 203 -25.56 -32.77 32.86
C PRO C 203 -24.33 -33.52 32.39
N TYR C 204 -24.41 -34.84 32.28
CA TYR C 204 -23.27 -35.62 31.81
C TYR C 204 -22.95 -35.30 30.35
N CYS C 205 -23.97 -35.12 29.52
CA CYS C 205 -23.73 -34.77 28.12
C CYS C 205 -23.04 -33.40 28.02
N VAL C 206 -23.51 -32.43 28.79
CA VAL C 206 -22.91 -31.09 28.73
C VAL C 206 -21.48 -31.14 29.24
N LEU C 207 -21.24 -31.87 30.33
CA LEU C 207 -19.88 -31.98 30.84
C LEU C 207 -18.98 -32.72 29.86
N ILE C 208 -19.53 -33.68 29.11
CA ILE C 208 -18.75 -34.37 28.09
C ILE C 208 -18.34 -33.41 26.99
N ILE C 209 -19.28 -32.56 26.55
CA ILE C 209 -18.96 -31.58 25.51
C ILE C 209 -17.88 -30.62 26.00
N TYR C 210 -18.05 -30.12 27.22
CA TYR C 210 -17.06 -29.18 27.75
C TYR C 210 -15.73 -29.85 28.07
N LEU C 211 -15.71 -31.16 28.30
CA LEU C 211 -14.46 -31.90 28.41
C LEU C 211 -13.76 -32.06 27.07
N ILE C 212 -14.55 -32.31 26.02
CA ILE C 212 -14.02 -32.38 24.66
C ILE C 212 -13.39 -31.06 24.23
N ARG C 213 -14.04 -29.94 24.55
CA ARG C 213 -13.38 -28.65 24.34
C ARG C 213 -12.24 -28.43 25.34
N GLY C 214 -12.45 -28.81 26.59
CA GLY C 214 -11.51 -28.49 27.66
C GLY C 214 -10.20 -29.23 27.61
N LEU C 215 -10.13 -30.35 26.89
CA LEU C 215 -8.88 -31.11 26.84
C LEU C 215 -8.10 -30.84 25.58
N THR C 216 -8.56 -29.94 24.71
CA THR C 216 -7.80 -29.59 23.53
C THR C 216 -7.30 -28.15 23.57
N LEU C 217 -7.54 -27.43 24.66
CA LEU C 217 -7.03 -26.09 24.80
C LEU C 217 -5.53 -26.11 25.09
N HIS C 218 -4.85 -25.02 24.76
CA HIS C 218 -3.44 -24.90 25.09
C HIS C 218 -3.24 -24.90 26.59
N GLY C 219 -2.28 -25.69 27.06
CA GLY C 219 -2.01 -25.79 28.49
C GLY C 219 -3.09 -26.39 29.36
N ALA C 220 -3.83 -27.37 28.86
CA ALA C 220 -4.80 -28.06 29.71
C ALA C 220 -4.13 -29.01 30.68
N THR C 221 -2.99 -29.58 30.28
CA THR C 221 -2.32 -30.50 31.18
C THR C 221 -1.79 -29.76 32.38
N ASN C 222 -1.50 -28.46 32.27
CA ASN C 222 -1.05 -27.75 33.45
C ASN C 222 -2.15 -27.77 34.50
N GLY C 223 -3.39 -27.56 34.07
CA GLY C 223 -4.51 -27.60 34.97
C GLY C 223 -4.71 -28.97 35.60
N LEU C 224 -4.58 -30.02 34.78
CA LEU C 224 -4.72 -31.37 35.32
C LEU C 224 -3.61 -31.70 36.31
N MET C 225 -2.37 -31.30 36.00
CA MET C 225 -1.25 -31.54 36.90
C MET C 225 -1.42 -30.80 38.21
N TYR C 226 -1.90 -29.55 38.15
CA TYR C 226 -2.21 -28.83 39.39
C TYR C 226 -3.31 -29.53 40.17
N MET C 227 -4.32 -30.03 39.48
CA MET C 227 -5.42 -30.72 40.15
C MET C 227 -4.95 -31.98 40.87
N PHE C 228 -4.10 -32.77 40.23
CA PHE C 228 -3.78 -34.10 40.73
C PHE C 228 -2.44 -34.18 41.47
N THR C 229 -1.78 -33.05 41.72
CA THR C 229 -0.52 -33.08 42.46
C THR C 229 -0.78 -32.86 43.94
N PRO C 230 -0.53 -33.83 44.80
CA PRO C 230 -0.77 -33.70 46.25
C PRO C 230 0.40 -33.04 46.99
N LYS C 231 0.44 -31.72 46.95
CA LYS C 231 1.50 -30.98 47.63
C LYS C 231 1.47 -31.26 49.13
N ILE C 232 2.55 -31.87 49.64
CA ILE C 232 2.60 -32.25 51.04
C ILE C 232 2.66 -31.03 51.94
N GLU C 233 3.26 -29.94 51.46
CA GLU C 233 3.45 -28.76 52.28
C GLU C 233 2.12 -28.18 52.77
N GLN C 234 1.13 -28.08 51.89
CA GLN C 234 -0.18 -27.59 52.25
C GLN C 234 -1.17 -28.71 52.57
N LEU C 235 -0.70 -29.96 52.60
CA LEU C 235 -1.57 -31.07 52.98
C LEU C 235 -1.80 -31.15 54.48
N ALA C 236 -1.00 -30.44 55.27
CA ALA C 236 -1.11 -30.46 56.72
C ALA C 236 -2.14 -29.48 57.25
N ASN C 237 -2.79 -28.72 56.38
CA ASN C 237 -3.76 -27.72 56.83
C ASN C 237 -5.03 -28.38 57.32
N PRO C 238 -5.41 -28.21 58.59
CA PRO C 238 -6.67 -28.83 59.07
C PRO C 238 -7.90 -28.31 58.35
N LYS C 239 -7.86 -27.07 57.87
CA LYS C 239 -9.00 -26.51 57.16
C LYS C 239 -9.32 -27.30 55.91
N ALA C 240 -8.30 -27.85 55.24
CA ALA C 240 -8.55 -28.66 54.06
C ALA C 240 -9.35 -29.91 54.42
N TRP C 241 -8.97 -30.58 55.51
CA TRP C 241 -9.69 -31.77 55.95
C TRP C 241 -11.11 -31.41 56.37
N ILE C 242 -11.28 -30.31 57.10
CA ILE C 242 -12.60 -29.88 57.52
C ILE C 242 -13.49 -29.63 56.31
N ASN C 243 -12.96 -28.89 55.33
CA ASN C 243 -13.75 -28.57 54.15
C ASN C 243 -14.07 -29.82 53.34
N ALA C 244 -13.14 -30.77 53.27
CA ALA C 244 -13.41 -32.02 52.56
C ALA C 244 -14.55 -32.78 53.22
N ALA C 245 -14.50 -32.94 54.54
CA ALA C 245 -15.55 -33.66 55.24
C ALA C 245 -16.90 -32.95 55.08
N THR C 246 -16.91 -31.63 55.24
CA THR C 246 -18.16 -30.89 55.17
C THR C 246 -18.72 -30.89 53.76
N GLN C 247 -17.86 -30.85 52.74
CA GLN C 247 -18.34 -30.95 51.38
C GLN C 247 -18.91 -32.33 51.09
N ILE C 248 -18.29 -33.38 51.65
CA ILE C 248 -18.86 -34.72 51.49
C ILE C 248 -20.25 -34.77 52.09
N PHE C 249 -20.40 -34.24 53.31
CA PHE C 249 -21.69 -34.25 53.98
C PHE C 249 -22.74 -33.42 53.24
N PHE C 250 -22.32 -32.27 52.71
CA PHE C 250 -23.23 -31.36 52.02
C PHE C 250 -23.60 -31.88 50.64
N SER C 251 -22.72 -32.66 50.00
CA SER C 251 -23.03 -33.23 48.70
C SER C 251 -23.86 -34.50 48.81
N LEU C 252 -23.60 -35.33 49.81
CA LEU C 252 -24.46 -36.50 50.01
C LEU C 252 -25.79 -36.16 50.65
N GLY C 253 -25.92 -34.97 51.24
CA GLY C 253 -27.14 -34.62 51.94
C GLY C 253 -27.24 -35.12 53.35
N LEU C 254 -26.14 -35.57 53.94
CA LEU C 254 -26.18 -36.11 55.29
C LEU C 254 -26.48 -35.01 56.29
N GLY C 255 -27.40 -35.26 57.21
CA GLY C 255 -27.77 -34.31 58.23
C GLY C 255 -29.00 -33.48 57.90
N PHE C 256 -29.37 -33.39 56.62
CA PHE C 256 -30.55 -32.63 56.23
C PHE C 256 -31.85 -33.36 56.56
N GLY C 257 -31.79 -34.68 56.77
CA GLY C 257 -32.95 -35.41 57.22
C GLY C 257 -33.90 -35.87 56.14
N SER C 258 -33.64 -35.53 54.87
CA SER C 258 -34.53 -35.96 53.81
C SER C 258 -34.16 -37.32 53.25
N LEU C 259 -32.91 -37.76 53.42
CA LEU C 259 -32.54 -39.12 53.04
C LEU C 259 -33.30 -40.14 53.88
N ILE C 260 -33.47 -39.84 55.18
CA ILE C 260 -34.25 -40.71 56.05
C ILE C 260 -35.70 -40.80 55.56
N ALA C 261 -36.28 -39.66 55.16
CA ALA C 261 -37.64 -39.68 54.64
C ALA C 261 -37.72 -40.46 53.34
N PHE C 262 -36.74 -40.30 52.46
CA PHE C 262 -36.73 -41.04 51.20
C PHE C 262 -36.62 -42.54 51.44
N ALA C 263 -35.75 -42.96 52.36
CA ALA C 263 -35.63 -44.38 52.66
C ALA C 263 -36.82 -44.90 53.48
N SER C 264 -37.63 -44.02 54.06
CA SER C 264 -38.78 -44.49 54.82
C SER C 264 -39.83 -45.13 53.92
N TYR C 265 -39.86 -44.78 52.64
CA TYR C 265 -40.85 -45.28 51.71
C TYR C 265 -40.40 -46.54 50.97
N ASN C 266 -39.24 -47.06 51.31
CA ASN C 266 -38.70 -48.25 50.67
C ASN C 266 -39.10 -49.51 51.44
N GLU C 267 -39.09 -50.64 50.74
CA GLU C 267 -39.39 -51.91 51.35
C GLU C 267 -38.29 -52.30 52.33
N PRO C 268 -38.63 -53.00 53.41
CA PRO C 268 -37.58 -53.47 54.33
C PRO C 268 -36.79 -54.64 53.79
N SER C 269 -37.29 -55.33 52.77
CA SER C 269 -36.54 -56.41 52.13
C SER C 269 -35.80 -55.88 50.90
N ASN C 270 -34.89 -54.94 51.14
CA ASN C 270 -34.11 -54.31 50.10
C ASN C 270 -32.66 -54.21 50.55
N ASN C 271 -31.75 -54.20 49.58
CA ASN C 271 -30.31 -54.10 49.86
C ASN C 271 -29.90 -52.63 49.89
N CYS C 272 -29.71 -52.09 51.10
CA CYS C 272 -29.24 -50.72 51.26
C CYS C 272 -27.73 -50.62 51.29
N GLN C 273 -27.05 -51.76 51.35
CA GLN C 273 -25.59 -51.78 51.21
C GLN C 273 -25.18 -51.54 49.78
N LYS C 274 -25.92 -52.09 48.82
CA LYS C 274 -25.60 -51.83 47.43
C LYS C 274 -25.97 -50.40 47.08
N HIS C 275 -27.16 -49.96 47.49
CA HIS C 275 -27.65 -48.65 47.10
C HIS C 275 -26.79 -47.53 47.68
N ALA C 276 -26.40 -47.64 48.95
CA ALA C 276 -25.55 -46.59 49.54
C ALA C 276 -24.22 -46.49 48.83
N ILE C 277 -23.59 -47.63 48.54
CA ILE C 277 -22.31 -47.65 47.85
C ILE C 277 -22.44 -47.04 46.47
N ILE C 278 -23.48 -47.43 45.73
CA ILE C 278 -23.66 -46.94 44.37
C ILE C 278 -23.91 -45.43 44.37
N VAL C 279 -24.75 -44.94 45.29
CA VAL C 279 -25.03 -43.51 45.34
C VAL C 279 -23.77 -42.72 45.66
N SER C 280 -23.02 -43.18 46.68
CA SER C 280 -21.81 -42.46 47.06
C SER C 280 -20.78 -42.45 45.93
N LEU C 281 -20.58 -43.59 45.27
CA LEU C 281 -19.63 -43.65 44.18
C LEU C 281 -20.05 -42.78 43.00
N ILE C 282 -21.35 -42.76 42.66
CA ILE C 282 -21.81 -41.93 41.57
C ILE C 282 -21.62 -40.46 41.90
N ASN C 283 -21.92 -40.06 43.14
CA ASN C 283 -21.71 -38.67 43.54
C ASN C 283 -20.23 -38.30 43.42
N SER C 284 -19.35 -39.17 43.90
CA SER C 284 -17.92 -38.90 43.83
C SER C 284 -17.45 -38.79 42.39
N PHE C 285 -17.90 -39.70 41.52
CA PHE C 285 -17.49 -39.68 40.12
C PHE C 285 -17.97 -38.42 39.41
N THR C 286 -19.21 -38.01 39.68
CA THR C 286 -19.70 -36.78 39.07
C THR C 286 -18.90 -35.57 39.52
N SER C 287 -18.60 -35.50 40.83
CA SER C 287 -17.80 -34.38 41.32
C SER C 287 -16.43 -34.37 40.68
N ILE C 288 -15.77 -35.54 40.59
CA ILE C 288 -14.44 -35.61 40.02
C ILE C 288 -14.46 -35.21 38.54
N PHE C 289 -15.45 -35.67 37.80
CA PHE C 289 -15.52 -35.34 36.37
C PHE C 289 -15.75 -33.85 36.15
N ALA C 290 -16.71 -33.26 36.87
CA ALA C 290 -16.95 -31.84 36.72
C ALA C 290 -15.74 -31.02 37.10
N SER C 291 -15.06 -31.39 38.20
CA SER C 291 -13.86 -30.69 38.60
C SER C 291 -12.72 -30.87 37.61
N ILE C 292 -12.65 -32.03 36.96
CA ILE C 292 -11.62 -32.24 35.94
C ILE C 292 -11.81 -31.28 34.78
N VAL C 293 -13.04 -31.16 34.30
CA VAL C 293 -13.31 -30.22 33.20
C VAL C 293 -13.00 -28.79 33.64
N THR C 294 -13.48 -28.40 34.82
CA THR C 294 -13.27 -27.05 35.32
C THR C 294 -11.78 -26.73 35.45
N PHE C 295 -11.00 -27.68 35.97
CA PHE C 295 -9.58 -27.44 36.17
C PHE C 295 -8.79 -27.51 34.88
N SER C 296 -9.26 -28.24 33.87
CA SER C 296 -8.63 -28.14 32.56
C SER C 296 -8.77 -26.74 31.99
N ILE C 297 -9.99 -26.19 32.06
CA ILE C 297 -10.17 -24.82 31.58
C ILE C 297 -9.37 -23.83 32.43
N TYR C 298 -9.32 -24.07 33.74
CA TYR C 298 -8.55 -23.21 34.64
C TYR C 298 -7.06 -23.23 34.31
N GLY C 299 -6.53 -24.41 34.00
CA GLY C 299 -5.15 -24.50 33.58
C GLY C 299 -4.89 -23.80 32.27
N PHE C 300 -5.85 -23.86 31.34
CA PHE C 300 -5.71 -23.05 30.13
C PHE C 300 -5.63 -21.56 30.47
N LYS C 301 -6.47 -21.11 31.40
CA LYS C 301 -6.44 -19.70 31.80
C LYS C 301 -5.08 -19.33 32.38
N ALA C 302 -4.55 -20.19 33.27
CA ALA C 302 -3.27 -19.90 33.90
C ALA C 302 -2.14 -19.87 32.88
N THR C 303 -2.14 -20.82 31.94
CA THR C 303 -1.12 -20.82 30.90
C THR C 303 -1.22 -19.56 30.04
N PHE C 304 -2.44 -19.14 29.71
CA PHE C 304 -2.59 -17.91 28.93
C PHE C 304 -2.07 -16.70 29.68
N ASN C 305 -2.35 -16.62 30.98
CA ASN C 305 -1.85 -15.50 31.77
C ASN C 305 -0.33 -15.49 31.82
N TYR C 306 0.28 -16.66 32.02
CA TYR C 306 1.74 -16.75 32.04
C TYR C 306 2.34 -16.32 30.71
N GLU C 307 1.78 -16.81 29.61
CA GLU C 307 2.29 -16.42 28.29
C GLU C 307 2.12 -14.93 28.05
N ASN C 308 0.99 -14.37 28.48
CA ASN C 308 0.76 -12.94 28.31
C ASN C 308 1.78 -12.13 29.09
N CYS C 309 2.09 -12.54 30.33
CA CYS C 309 3.08 -11.82 31.11
C CYS C 309 4.46 -11.90 30.45
N LEU C 310 4.83 -13.08 29.97
CA LEU C 310 6.12 -13.21 29.30
C LEU C 310 6.18 -12.34 28.05
N LYS C 311 5.10 -12.31 27.27
CA LYS C 311 5.06 -11.46 26.09
C LYS C 311 5.17 -9.99 26.45
N LYS C 312 4.49 -9.56 27.52
CA LYS C 312 4.58 -8.16 27.94
C LYS C 312 6.00 -7.80 28.36
N VAL C 313 6.66 -8.68 29.12
CA VAL C 313 8.03 -8.40 29.53
C VAL C 313 8.97 -8.34 28.32
N SER C 314 8.80 -9.27 27.37
CA SER C 314 9.61 -9.24 26.17
C SER C 314 9.40 -7.96 25.38
N LEU C 315 8.15 -7.53 25.24
CA LEU C 315 7.86 -6.27 24.54
C LEU C 315 8.47 -5.08 25.26
N LEU C 316 8.41 -5.08 26.59
CA LEU C 316 9.01 -4.00 27.37
C LEU C 316 10.51 -3.92 27.13
N LEU C 317 11.18 -5.08 27.14
CA LEU C 317 12.62 -5.07 26.88
C LEU C 317 12.93 -4.66 25.46
N THR C 318 12.13 -5.12 24.49
CA THR C 318 12.44 -4.85 23.09
C THR C 318 12.24 -3.37 22.76
N ASN C 319 11.16 -2.77 23.26
CA ASN C 319 10.91 -1.35 22.99
C ASN C 319 11.95 -0.43 23.61
N THR C 320 12.73 -0.92 24.57
CA THR C 320 13.72 -0.09 25.23
C THR C 320 15.13 -0.33 24.72
N PHE C 321 15.53 -1.60 24.55
CA PHE C 321 16.88 -1.91 24.11
C PHE C 321 17.03 -1.90 22.60
N ASP C 322 15.96 -1.58 21.86
CA ASP C 322 15.99 -1.57 20.39
C ASP C 322 16.47 -2.91 19.81
N LEU C 323 15.94 -3.98 20.37
CA LEU C 323 16.16 -5.34 19.88
C LEU C 323 15.24 -5.61 18.70
N GLU C 324 15.52 -6.71 17.99
CA GLU C 324 14.73 -7.08 16.84
C GLU C 324 13.32 -7.49 17.28
N ASP C 325 12.42 -7.58 16.29
CA ASP C 325 11.02 -7.84 16.60
C ASP C 325 10.84 -9.20 17.25
N GLY C 326 11.42 -10.25 16.66
CA GLY C 326 11.27 -11.58 17.19
C GLY C 326 12.50 -12.14 17.86
N PHE C 327 13.51 -11.31 18.12
CA PHE C 327 14.75 -11.81 18.71
C PHE C 327 14.51 -12.32 20.12
N LEU C 328 13.76 -11.56 20.90
CA LEU C 328 13.55 -11.87 22.31
C LEU C 328 12.30 -12.74 22.43
N THR C 329 12.50 -14.02 22.70
CA THR C 329 11.45 -15.00 22.86
C THR C 329 11.48 -15.53 24.28
N ALA C 330 10.51 -16.40 24.60
CA ALA C 330 10.43 -16.94 25.94
C ALA C 330 11.50 -18.00 26.21
N SER C 331 12.13 -18.54 25.19
CA SER C 331 13.14 -19.57 25.40
C SER C 331 14.54 -19.01 25.65
N ASN C 332 14.76 -17.73 25.40
CA ASN C 332 16.07 -17.11 25.59
C ASN C 332 15.94 -15.80 26.35
N LEU C 333 15.05 -15.77 27.34
CA LEU C 333 14.79 -14.52 28.05
C LEU C 333 15.85 -14.18 29.08
N GLU C 334 16.13 -15.14 29.98
CA GLU C 334 17.08 -14.86 31.05
C GLU C 334 18.48 -14.62 30.50
N GLN C 335 18.88 -15.41 29.51
CA GLN C 335 20.20 -15.22 28.95
C GLN C 335 20.31 -13.86 28.30
N VAL C 336 19.28 -13.45 27.55
CA VAL C 336 19.37 -12.14 26.93
C VAL C 336 19.26 -11.07 27.99
N LYS C 337 18.52 -11.34 29.06
CA LYS C 337 18.48 -10.38 30.16
C LYS C 337 19.86 -10.23 30.77
N GLY C 338 20.54 -11.35 31.00
CA GLY C 338 21.90 -11.27 31.50
C GLY C 338 22.80 -10.56 30.53
N TYR C 339 22.63 -10.85 29.24
CA TYR C 339 23.45 -10.18 28.25
C TYR C 339 23.19 -8.69 28.27
N LEU C 340 21.90 -8.31 28.34
CA LEU C 340 21.60 -6.89 28.39
C LEU C 340 22.15 -6.27 29.67
N ALA C 341 22.00 -6.99 30.78
CA ALA C 341 22.55 -6.47 32.03
C ALA C 341 24.06 -6.33 31.92
N SER C 342 24.73 -7.32 31.33
CA SER C 342 26.16 -7.21 31.19
C SER C 342 26.56 -6.12 30.19
N ALA C 343 25.72 -5.85 29.18
CA ALA C 343 26.09 -4.84 28.20
C ALA C 343 26.26 -3.45 28.83
N TYR C 344 25.27 -3.00 29.58
CA TYR C 344 25.34 -1.71 30.27
C TYR C 344 24.36 -1.65 31.44
N PRO C 345 24.85 -1.49 32.67
CA PRO C 345 23.94 -1.51 33.82
C PRO C 345 23.22 -0.20 34.07
N SER C 346 23.73 0.92 33.54
CA SER C 346 23.09 2.20 33.81
C SER C 346 21.66 2.25 33.28
N LYS C 347 21.47 1.77 32.05
CA LYS C 347 20.12 1.76 31.47
C LYS C 347 19.25 0.70 32.15
N TYR C 348 19.83 -0.47 32.43
CA TYR C 348 19.05 -1.55 33.05
C TYR C 348 18.59 -1.20 34.46
N SER C 349 19.33 -0.35 35.16
CA SER C 349 18.97 -0.03 36.54
C SER C 349 17.64 0.69 36.62
N GLU C 350 17.30 1.47 35.58
CA GLU C 350 16.10 2.30 35.63
C GLU C 350 14.85 1.46 35.68
N MET C 351 14.77 0.42 34.85
CA MET C 351 13.54 -0.36 34.72
C MET C 351 13.56 -1.68 35.46
N PHE C 352 14.60 -1.97 36.25
CA PHE C 352 14.68 -3.28 36.90
C PHE C 352 13.50 -3.53 37.83
N PRO C 353 13.05 -2.58 38.67
CA PRO C 353 11.75 -2.73 39.32
C PRO C 353 10.61 -3.06 38.39
N GLN C 354 10.61 -2.48 37.19
CA GLN C 354 9.47 -2.63 36.30
C GLN C 354 9.38 -4.03 35.70
N ILE C 355 10.51 -4.70 35.50
CA ILE C 355 10.48 -6.06 34.99
C ILE C 355 9.85 -6.98 36.02
N LYS C 356 8.79 -7.69 35.61
CA LYS C 356 7.98 -8.48 36.52
C LYS C 356 8.33 -9.95 36.38
N ASN C 357 8.37 -10.66 37.51
CA ASN C 357 8.59 -12.09 37.52
C ASN C 357 7.25 -12.81 37.46
N CYS C 358 7.09 -13.72 36.50
CA CYS C 358 5.89 -14.53 36.43
C CYS C 358 6.26 -15.98 36.19
N SER C 359 5.55 -16.88 36.88
CA SER C 359 5.76 -18.31 36.75
C SER C 359 4.41 -19.01 36.72
N LEU C 360 4.40 -20.24 36.20
CA LEU C 360 3.16 -20.98 36.08
C LEU C 360 2.55 -21.27 37.44
N GLU C 361 3.39 -21.55 38.45
CA GLU C 361 2.88 -21.97 39.75
C GLU C 361 2.04 -20.87 40.38
N SER C 362 2.60 -19.66 40.47
CA SER C 362 1.89 -18.56 41.13
C SER C 362 0.61 -18.21 40.38
N GLU C 363 0.65 -18.22 39.05
CA GLU C 363 -0.58 -18.01 38.28
C GLU C 363 -1.61 -19.09 38.59
N LEU C 364 -1.16 -20.34 38.72
CA LEU C 364 -2.08 -21.43 39.03
C LEU C 364 -2.74 -21.23 40.39
N ASP C 365 -1.97 -20.79 41.40
CA ASP C 365 -2.61 -20.52 42.68
C ASP C 365 -3.57 -19.34 42.60
N THR C 366 -3.19 -18.27 41.89
CA THR C 366 -3.95 -17.02 41.96
C THR C 366 -4.52 -16.58 40.60
N ALA C 367 -4.88 -17.51 39.72
CA ALA C 367 -5.55 -17.10 38.49
C ALA C 367 -6.98 -16.70 38.77
N VAL C 368 -7.79 -17.66 39.21
CA VAL C 368 -9.19 -17.43 39.57
C VAL C 368 -9.45 -18.15 40.89
N GLN C 369 -10.10 -17.49 41.83
CA GLN C 369 -10.46 -18.13 43.09
C GLN C 369 -11.67 -17.44 43.67
N GLY C 370 -12.47 -18.21 44.40
CA GLY C 370 -13.68 -17.70 45.02
C GLY C 370 -14.88 -18.55 44.64
N THR C 371 -16.05 -18.11 45.10
CA THR C 371 -17.27 -18.83 44.84
C THR C 371 -17.77 -18.66 43.41
N GLY C 372 -17.11 -17.82 42.62
CA GLY C 372 -17.50 -17.64 41.24
C GLY C 372 -16.58 -18.35 40.27
N LEU C 373 -15.82 -19.33 40.77
CA LEU C 373 -14.84 -20.01 39.94
C LEU C 373 -15.51 -20.71 38.77
N ALA C 374 -16.62 -21.41 39.03
CA ALA C 374 -17.30 -22.13 37.97
C ALA C 374 -17.81 -21.19 36.90
N PHE C 375 -18.45 -20.09 37.32
CA PHE C 375 -19.01 -19.16 36.35
C PHE C 375 -17.92 -18.51 35.50
N ILE C 376 -16.86 -18.03 36.14
CA ILE C 376 -15.79 -17.37 35.39
C ILE C 376 -15.12 -18.34 34.43
N VAL C 377 -14.78 -19.53 34.92
CA VAL C 377 -14.08 -20.52 34.09
C VAL C 377 -14.94 -20.93 32.90
N TYR C 378 -16.22 -21.21 33.15
CA TYR C 378 -17.06 -21.69 32.07
C TYR C 378 -17.44 -20.60 31.09
N THR C 379 -17.57 -19.35 31.55
CA THR C 379 -17.77 -18.26 30.62
C THR C 379 -16.55 -18.05 29.74
N GLU C 380 -15.35 -18.18 30.31
CA GLU C 380 -14.14 -18.12 29.48
C GLU C 380 -14.16 -19.22 28.42
N ALA C 381 -14.50 -20.44 28.83
CA ALA C 381 -14.56 -21.54 27.87
C ALA C 381 -15.60 -21.26 26.80
N ILE C 382 -16.74 -20.69 27.19
CA ILE C 382 -17.77 -20.39 26.20
C ILE C 382 -17.22 -19.34 25.23
N LYS C 383 -16.51 -18.34 25.75
CA LYS C 383 -16.02 -17.29 24.89
C LYS C 383 -14.97 -17.80 23.92
N ASN C 384 -14.48 -19.02 24.13
CA ASN C 384 -13.52 -19.62 23.21
C ASN C 384 -14.15 -20.69 22.33
N MET C 385 -15.48 -20.69 22.21
CA MET C 385 -16.18 -21.64 21.36
C MET C 385 -16.43 -21.02 19.98
N GLU C 386 -17.14 -21.78 19.13
CA GLU C 386 -17.51 -21.28 17.80
C GLU C 386 -18.86 -20.58 17.84
N VAL C 387 -19.91 -21.30 18.23
CA VAL C 387 -21.22 -20.70 18.49
C VAL C 387 -21.33 -20.60 20.00
N SER C 388 -20.86 -19.47 20.55
CA SER C 388 -20.80 -19.31 22.00
C SER C 388 -22.18 -19.29 22.64
N GLN C 389 -23.17 -18.73 21.94
CA GLN C 389 -24.50 -18.58 22.52
C GLN C 389 -25.13 -19.92 22.84
N LEU C 390 -25.05 -20.88 21.91
CA LEU C 390 -25.69 -22.17 22.10
C LEU C 390 -25.07 -22.93 23.27
N TRP C 391 -23.74 -22.97 23.33
CA TRP C 391 -23.08 -23.66 24.44
C TRP C 391 -23.33 -22.96 25.78
N SER C 392 -23.36 -21.63 25.79
CA SER C 392 -23.69 -20.93 27.01
C SER C 392 -25.10 -21.26 27.48
N VAL C 393 -26.07 -21.26 26.57
CA VAL C 393 -27.44 -21.62 26.93
C VAL C 393 -27.49 -23.04 27.48
N LEU C 394 -26.81 -23.96 26.79
CA LEU C 394 -26.86 -25.36 27.21
C LEU C 394 -26.24 -25.54 28.60
N TYR C 395 -25.09 -24.93 28.86
CA TYR C 395 -24.45 -25.10 30.15
C TYR C 395 -25.24 -24.45 31.28
N PHE C 396 -25.69 -23.20 31.08
CA PHE C 396 -26.44 -22.56 32.15
C PHE C 396 -27.88 -23.06 32.27
N PHE C 397 -28.31 -23.89 31.33
CA PHE C 397 -29.55 -24.63 31.52
C PHE C 397 -29.31 -25.93 32.27
N MET C 398 -28.22 -26.62 32.00
CA MET C 398 -27.90 -27.78 32.83
C MET C 398 -27.75 -27.33 34.28
N LEU C 399 -27.02 -26.24 34.50
CA LEU C 399 -26.84 -25.73 35.84
C LEU C 399 -28.18 -25.33 36.47
N LEU C 400 -29.08 -24.74 35.68
CA LEU C 400 -30.39 -24.39 36.21
C LEU C 400 -31.19 -25.62 36.62
N MET C 401 -31.17 -26.68 35.81
CA MET C 401 -31.85 -27.91 36.17
C MET C 401 -31.28 -28.52 37.44
N LEU C 402 -29.95 -28.57 37.56
CA LEU C 402 -29.34 -29.12 38.76
C LEU C 402 -29.76 -28.35 40.00
N GLY C 403 -29.67 -27.02 39.93
CA GLY C 403 -30.05 -26.21 41.07
C GLY C 403 -31.51 -26.36 41.43
N ILE C 404 -32.38 -26.41 40.42
CA ILE C 404 -33.82 -26.52 40.67
C ILE C 404 -34.15 -27.86 41.31
N GLY C 405 -33.55 -28.94 40.82
CA GLY C 405 -33.78 -30.24 41.43
C GLY C 405 -33.31 -30.30 42.87
N SER C 406 -32.10 -29.79 43.13
CA SER C 406 -31.59 -29.80 44.50
C SER C 406 -32.48 -28.97 45.41
N MET C 407 -32.97 -27.83 44.93
CA MET C 407 -33.83 -27.00 45.76
C MET C 407 -35.20 -27.62 45.97
N LEU C 408 -35.71 -28.34 44.97
CA LEU C 408 -36.96 -29.06 45.18
C LEU C 408 -36.80 -30.08 46.30
N GLY C 409 -35.67 -30.81 46.29
CA GLY C 409 -35.41 -31.74 47.39
C GLY C 409 -35.31 -31.05 48.73
N ASN C 410 -34.54 -29.96 48.79
CA ASN C 410 -34.35 -29.26 50.06
C ASN C 410 -35.66 -28.68 50.58
N THR C 411 -36.47 -28.08 49.70
CA THR C 411 -37.70 -27.46 50.14
C THR C 411 -38.74 -28.51 50.50
N ALA C 412 -38.72 -29.68 49.86
CA ALA C 412 -39.56 -30.78 50.31
C ALA C 412 -39.18 -31.21 51.72
N ALA C 413 -37.88 -31.30 51.99
CA ALA C 413 -37.41 -31.59 53.34
C ALA C 413 -37.84 -30.52 54.34
N ILE C 414 -37.84 -29.26 53.90
CA ILE C 414 -38.33 -28.17 54.74
C ILE C 414 -39.82 -28.32 55.02
N LEU C 415 -40.61 -28.63 54.00
CA LEU C 415 -42.05 -28.48 54.06
C LEU C 415 -42.76 -29.68 54.63
N THR C 416 -42.22 -30.88 54.46
CA THR C 416 -42.91 -32.08 54.96
C THR C 416 -43.23 -32.02 56.45
N PRO C 417 -42.33 -31.61 57.34
CA PRO C 417 -42.75 -31.44 58.75
C PRO C 417 -43.87 -30.43 58.93
N LEU C 418 -43.86 -29.35 58.14
CA LEU C 418 -44.92 -28.34 58.27
C LEU C 418 -46.26 -28.88 57.83
N THR C 419 -46.30 -29.58 56.69
CA THR C 419 -47.54 -30.17 56.22
C THR C 419 -48.04 -31.26 57.17
N ASP C 420 -47.12 -32.07 57.71
CA ASP C 420 -47.52 -33.14 58.62
C ASP C 420 -48.08 -32.62 59.93
N SER C 421 -47.86 -31.35 60.26
CA SER C 421 -48.39 -30.78 61.49
C SER C 421 -49.85 -30.41 61.28
N LYS C 422 -50.75 -31.08 62.02
CA LYS C 422 -52.18 -30.83 61.87
C LYS C 422 -52.57 -29.46 62.39
N ILE C 423 -51.77 -28.85 63.27
CA ILE C 423 -52.10 -27.52 63.79
C ILE C 423 -52.10 -26.50 62.67
N ILE C 424 -51.09 -26.55 61.80
CA ILE C 424 -51.02 -25.60 60.69
C ILE C 424 -51.89 -26.08 59.52
N SER C 425 -51.91 -27.39 59.27
CA SER C 425 -52.67 -27.92 58.14
C SER C 425 -54.17 -27.73 58.29
N SER C 426 -54.66 -27.48 59.50
CA SER C 426 -56.08 -27.27 59.73
C SER C 426 -56.49 -25.81 59.60
N HIS C 427 -55.56 -24.91 59.30
CA HIS C 427 -55.87 -23.49 59.19
C HIS C 427 -55.61 -22.92 57.79
N LEU C 428 -54.53 -23.32 57.13
CA LEU C 428 -54.19 -22.82 55.82
C LEU C 428 -53.95 -23.97 54.86
N PRO C 429 -54.26 -23.78 53.57
CA PRO C 429 -53.95 -24.83 52.58
C PRO C 429 -52.45 -25.00 52.43
N LYS C 430 -52.05 -26.20 52.01
CA LYS C 430 -50.64 -26.44 51.72
C LYS C 430 -50.11 -25.51 50.64
N GLU C 431 -50.95 -25.13 49.67
CA GLU C 431 -50.52 -24.18 48.66
C GLU C 431 -50.19 -22.82 49.26
N ALA C 432 -50.84 -22.48 50.36
CA ALA C 432 -50.52 -21.24 51.06
C ALA C 432 -49.35 -21.42 52.01
N ILE C 433 -49.21 -22.59 52.62
CA ILE C 433 -48.05 -22.80 53.49
C ILE C 433 -46.78 -22.74 52.65
N SER C 434 -46.79 -23.43 51.51
CA SER C 434 -45.65 -23.38 50.60
C SER C 434 -45.41 -21.96 50.08
N GLY C 435 -46.49 -21.23 49.76
CA GLY C 435 -46.32 -19.86 49.31
C GLY C 435 -45.67 -18.98 50.37
N LEU C 436 -46.12 -19.12 51.63
CA LEU C 436 -45.54 -18.36 52.73
C LEU C 436 -44.09 -18.71 52.95
N VAL C 437 -43.75 -20.00 52.88
CA VAL C 437 -42.36 -20.41 53.05
C VAL C 437 -41.49 -19.80 51.97
N CYS C 438 -41.94 -19.89 50.72
CA CYS C 438 -41.17 -19.32 49.61
C CYS C 438 -41.03 -17.81 49.76
N LEU C 439 -42.10 -17.14 50.17
CA LEU C 439 -42.05 -15.70 50.34
C LEU C 439 -41.08 -15.29 51.45
N VAL C 440 -41.10 -16.00 52.58
CA VAL C 440 -40.18 -15.69 53.67
C VAL C 440 -38.74 -15.92 53.22
N ASN C 441 -38.48 -17.04 52.55
CA ASN C 441 -37.12 -17.32 52.08
C ASN C 441 -36.64 -16.26 51.09
N CYS C 442 -37.49 -15.88 50.14
CA CYS C 442 -37.09 -14.88 49.14
C CYS C 442 -36.88 -13.52 49.78
N ALA C 443 -37.74 -13.14 50.73
CA ALA C 443 -37.60 -11.83 51.38
C ALA C 443 -36.34 -11.78 52.23
N ILE C 444 -36.01 -12.88 52.92
CA ILE C 444 -34.79 -12.88 53.74
C ILE C 444 -33.56 -12.94 52.85
N GLY C 445 -33.64 -13.63 51.71
CA GLY C 445 -32.47 -13.78 50.86
C GLY C 445 -32.08 -12.55 50.08
N MET C 446 -32.78 -11.42 50.27
CA MET C 446 -32.39 -10.18 49.61
C MET C 446 -31.08 -9.61 50.15
N VAL C 447 -30.61 -10.08 51.30
CA VAL C 447 -29.35 -9.57 51.83
C VAL C 447 -28.17 -10.04 50.99
N PHE C 448 -28.35 -11.07 50.17
CA PHE C 448 -27.28 -11.54 49.29
C PHE C 448 -27.24 -10.77 47.98
N THR C 449 -28.18 -9.86 47.76
CA THR C 449 -28.22 -9.05 46.55
C THR C 449 -27.68 -7.64 46.74
N MET C 450 -27.20 -7.31 47.94
CA MET C 450 -26.62 -6.00 48.18
C MET C 450 -25.28 -5.88 47.49
N GLU C 451 -24.67 -4.69 47.57
CA GLU C 451 -23.34 -4.50 47.01
C GLU C 451 -22.32 -5.38 47.71
N ALA C 452 -22.40 -5.46 49.04
CA ALA C 452 -21.56 -6.36 49.82
C ALA C 452 -22.26 -7.69 50.12
N GLY C 453 -23.15 -8.12 49.23
CA GLY C 453 -23.90 -9.35 49.45
C GLY C 453 -23.10 -10.61 49.20
N ASN C 454 -22.06 -10.53 48.37
CA ASN C 454 -21.24 -11.70 48.11
C ASN C 454 -20.48 -12.15 49.35
N TYR C 455 -20.14 -11.23 50.24
CA TYR C 455 -19.47 -11.61 51.48
C TYR C 455 -20.42 -12.34 52.42
N TRP C 456 -21.68 -11.91 52.47
CA TRP C 456 -22.66 -12.63 53.26
C TRP C 456 -22.96 -13.99 52.66
N PHE C 457 -22.97 -14.08 51.32
CA PHE C 457 -23.06 -15.39 50.67
C PHE C 457 -21.86 -16.27 51.01
N ASP C 458 -20.67 -15.68 51.09
CA ASP C 458 -19.49 -16.43 51.53
C ASP C 458 -19.66 -16.97 52.95
N ILE C 459 -20.19 -16.13 53.83
CA ILE C 459 -20.42 -16.55 55.22
C ILE C 459 -21.41 -17.70 55.26
N PHE C 460 -22.52 -17.57 54.54
CA PHE C 460 -23.52 -18.63 54.60
C PHE C 460 -23.03 -19.90 53.91
N ASN C 461 -22.27 -19.76 52.82
CA ASN C 461 -21.73 -20.92 52.14
C ASN C 461 -20.68 -21.64 52.95
N ASP C 462 -20.08 -20.98 53.94
CA ASP C 462 -19.01 -21.61 54.69
C ASP C 462 -19.38 -21.94 56.13
N TYR C 463 -20.52 -21.44 56.63
CA TYR C 463 -20.87 -21.69 58.03
C TYR C 463 -22.32 -22.07 58.27
N ALA C 464 -23.26 -21.77 57.36
CA ALA C 464 -24.66 -22.07 57.63
C ALA C 464 -24.92 -23.57 57.67
N ALA C 465 -24.42 -24.31 56.69
CA ALA C 465 -24.63 -25.75 56.62
C ALA C 465 -23.30 -26.48 56.45
N THR C 466 -22.32 -26.13 57.28
CA THR C 466 -20.98 -26.68 57.13
C THR C 466 -20.59 -27.54 58.33
N LEU C 467 -20.59 -26.97 59.53
CA LEU C 467 -20.19 -27.70 60.73
C LEU C 467 -21.36 -28.30 61.48
N SER C 468 -22.54 -27.69 61.36
CA SER C 468 -23.75 -28.24 61.96
C SER C 468 -24.08 -29.62 61.40
N LEU C 469 -23.83 -29.84 60.11
CA LEU C 469 -24.00 -31.17 59.53
C LEU C 469 -23.08 -32.22 60.15
N LEU C 470 -21.88 -31.81 60.59
CA LEU C 470 -21.03 -32.73 61.33
C LEU C 470 -21.59 -33.03 62.71
N LEU C 471 -22.05 -32.02 63.44
CA LEU C 471 -22.50 -32.32 64.79
C LEU C 471 -23.80 -33.12 64.74
N ILE C 472 -24.68 -32.78 63.79
CA ILE C 472 -25.93 -33.52 63.63
C ILE C 472 -25.64 -35.00 63.33
N VAL C 473 -24.71 -35.27 62.41
CA VAL C 473 -24.42 -36.65 62.06
C VAL C 473 -23.75 -37.37 63.22
N LEU C 474 -22.87 -36.68 63.96
CA LEU C 474 -22.27 -37.26 65.15
C LEU C 474 -23.33 -37.67 66.17
N VAL C 475 -24.26 -36.76 66.47
CA VAL C 475 -25.33 -37.10 67.41
C VAL C 475 -26.15 -38.27 66.89
N GLU C 476 -26.45 -38.28 65.59
CA GLU C 476 -27.25 -39.37 65.03
C GLU C 476 -26.55 -40.71 65.18
N THR C 477 -25.25 -40.76 64.87
CA THR C 477 -24.55 -42.04 64.93
C THR C 477 -24.35 -42.52 66.36
N ILE C 478 -24.07 -41.59 67.30
CA ILE C 478 -24.02 -41.99 68.70
C ILE C 478 -25.38 -42.50 69.17
N ALA C 479 -26.45 -41.85 68.72
CA ALA C 479 -27.80 -42.29 69.07
C ALA C 479 -28.05 -43.71 68.59
N VAL C 480 -27.70 -43.99 67.33
CA VAL C 480 -27.97 -45.28 66.74
C VAL C 480 -27.13 -46.37 67.41
N CYS C 481 -25.84 -46.08 67.65
CA CYS C 481 -24.94 -47.11 68.14
C CYS C 481 -25.13 -47.38 69.64
N TYR C 482 -25.08 -46.33 70.46
CA TYR C 482 -24.97 -46.52 71.90
C TYR C 482 -26.29 -46.40 72.66
N VAL C 483 -27.14 -45.45 72.28
CA VAL C 483 -28.41 -45.28 72.99
C VAL C 483 -29.41 -46.36 72.61
N TYR C 484 -29.60 -46.58 71.30
CA TYR C 484 -30.51 -47.63 70.87
C TYR C 484 -29.92 -49.02 71.11
N GLY C 485 -28.61 -49.14 70.96
CA GLY C 485 -27.98 -50.45 71.09
C GLY C 485 -27.68 -51.05 69.74
N LEU C 486 -26.40 -51.16 69.39
CA LEU C 486 -26.03 -51.63 68.06
C LEU C 486 -26.42 -53.08 67.85
N ARG C 487 -26.40 -53.90 68.91
CA ARG C 487 -26.84 -55.29 68.76
C ARG C 487 -28.31 -55.38 68.40
N ARG C 488 -29.15 -54.59 69.07
CA ARG C 488 -30.58 -54.58 68.77
C ARG C 488 -30.84 -54.10 67.35
N PHE C 489 -30.14 -53.03 66.94
CA PHE C 489 -30.31 -52.51 65.59
C PHE C 489 -29.88 -53.53 64.55
N GLU C 490 -28.76 -54.21 64.80
CA GLU C 490 -28.29 -55.23 63.86
C GLU C 490 -29.27 -56.39 63.77
N SER C 491 -29.82 -56.82 64.92
CA SER C 491 -30.80 -57.90 64.89
C SER C 491 -32.05 -57.48 64.12
N ASP C 492 -32.52 -56.26 64.35
CA ASP C 492 -33.70 -55.76 63.63
C ASP C 492 -33.45 -55.70 62.13
N LEU C 493 -32.28 -55.19 61.73
CA LEU C 493 -31.95 -55.12 60.30
C LEU C 493 -31.83 -56.50 59.68
N LYS C 494 -31.21 -57.44 60.41
CA LYS C 494 -31.10 -58.80 59.89
C LYS C 494 -32.47 -59.44 59.72
N ALA C 495 -33.36 -59.25 60.69
CA ALA C 495 -34.71 -59.76 60.53
C ALA C 495 -35.44 -59.08 59.38
N MET C 496 -35.16 -57.80 59.13
CA MET C 496 -35.83 -57.09 58.05
C MET C 496 -35.36 -57.57 56.67
N THR C 497 -34.07 -57.82 56.51
CA THR C 497 -33.53 -58.11 55.19
C THR C 497 -32.87 -59.48 55.07
N GLY C 498 -32.84 -60.28 56.13
CA GLY C 498 -32.30 -61.62 56.06
C GLY C 498 -30.80 -61.71 56.22
N ARG C 499 -30.06 -60.64 55.93
CA ARG C 499 -28.61 -60.62 56.02
C ARG C 499 -28.18 -59.67 57.13
N ALA C 500 -27.30 -60.14 58.00
CA ALA C 500 -26.77 -59.29 59.07
C ALA C 500 -25.79 -58.28 58.50
N VAL C 501 -25.72 -57.11 59.17
CA VAL C 501 -24.79 -56.07 58.75
C VAL C 501 -23.36 -56.59 58.80
N SER C 502 -22.57 -56.22 57.81
CA SER C 502 -21.18 -56.64 57.75
C SER C 502 -20.40 -56.05 58.93
N TRP C 503 -19.31 -56.72 59.28
CA TRP C 503 -18.47 -56.25 60.39
C TRP C 503 -17.82 -54.92 60.07
N TYR C 504 -17.49 -54.67 58.81
CA TYR C 504 -16.90 -53.40 58.42
C TYR C 504 -17.85 -52.24 58.69
N TRP C 505 -19.12 -52.39 58.33
CA TRP C 505 -20.09 -51.33 58.57
C TRP C 505 -20.29 -51.09 60.07
N LYS C 506 -20.31 -52.16 60.87
CA LYS C 506 -20.40 -51.99 62.31
C LYS C 506 -19.20 -51.25 62.87
N VAL C 507 -17.99 -51.59 62.38
CA VAL C 507 -16.79 -50.93 62.85
C VAL C 507 -16.83 -49.45 62.51
N MET C 508 -17.24 -49.11 61.29
CA MET C 508 -17.27 -47.70 60.89
C MET C 508 -18.37 -46.93 61.61
N TRP C 509 -19.50 -47.59 61.88
CA TRP C 509 -20.58 -46.93 62.62
C TRP C 509 -20.17 -46.63 64.06
N ALA C 510 -19.66 -47.64 64.76
CA ALA C 510 -19.48 -47.51 66.21
C ALA C 510 -18.34 -46.57 66.56
N GLY C 511 -17.13 -46.87 66.08
CA GLY C 511 -15.98 -46.14 66.56
C GLY C 511 -15.27 -45.19 65.60
N VAL C 512 -15.16 -45.56 64.33
CA VAL C 512 -14.21 -44.86 63.46
C VAL C 512 -14.74 -43.50 63.03
N SER C 513 -15.96 -43.45 62.51
CA SER C 513 -16.51 -42.20 62.02
C SER C 513 -16.70 -41.17 63.13
N PRO C 514 -17.32 -41.48 64.28
CA PRO C 514 -17.40 -40.46 65.34
C PRO C 514 -16.05 -39.99 65.84
N LEU C 515 -15.07 -40.90 65.97
CA LEU C 515 -13.75 -40.49 66.42
C LEU C 515 -13.08 -39.56 65.40
N LEU C 516 -13.22 -39.85 64.11
CA LEU C 516 -12.66 -38.97 63.10
C LEU C 516 -13.34 -37.61 63.09
N ILE C 517 -14.66 -37.59 63.27
CA ILE C 517 -15.37 -36.31 63.34
C ILE C 517 -14.92 -35.50 64.54
N VAL C 518 -14.77 -36.15 65.69
CA VAL C 518 -14.33 -35.46 66.90
C VAL C 518 -12.92 -34.92 66.71
N SER C 519 -12.04 -35.72 66.12
CA SER C 519 -10.67 -35.26 65.87
C SER C 519 -10.65 -34.07 64.93
N LEU C 520 -11.49 -34.10 63.89
CA LEU C 520 -11.56 -32.97 62.97
C LEU C 520 -12.05 -31.72 63.68
N PHE C 521 -13.07 -31.87 64.53
CA PHE C 521 -13.58 -30.71 65.26
C PHE C 521 -12.50 -30.14 66.18
N VAL C 522 -11.77 -31.02 66.88
CA VAL C 522 -10.73 -30.56 67.79
C VAL C 522 -9.64 -29.82 67.03
N PHE C 523 -9.22 -30.38 65.88
CA PHE C 523 -8.18 -29.74 65.09
C PHE C 523 -8.63 -28.39 64.58
N TYR C 524 -9.87 -28.30 64.09
CA TYR C 524 -10.38 -27.02 63.61
C TYR C 524 -10.45 -25.98 64.72
N LEU C 525 -10.94 -26.38 65.90
CA LEU C 525 -11.01 -25.44 67.01
C LEU C 525 -9.63 -24.98 67.44
N SER C 526 -8.68 -25.91 67.51
CA SER C 526 -7.31 -25.54 67.90
C SER C 526 -6.69 -24.60 66.89
N ASP C 527 -6.89 -24.87 65.60
CA ASP C 527 -6.35 -23.99 64.56
C ASP C 527 -6.96 -22.60 64.65
N TYR C 528 -8.29 -22.53 64.85
CA TYR C 528 -8.93 -21.22 64.95
C TYR C 528 -8.44 -20.45 66.17
N ILE C 529 -8.26 -21.14 67.30
CA ILE C 529 -7.78 -20.48 68.50
C ILE C 529 -6.36 -19.98 68.31
N LEU C 530 -5.48 -20.81 67.74
CA LEU C 530 -4.10 -20.41 67.55
C LEU C 530 -3.97 -19.26 66.57
N THR C 531 -4.74 -19.29 65.47
CA THR C 531 -4.68 -18.19 64.51
C THR C 531 -5.27 -16.91 65.10
N GLY C 532 -6.46 -17.02 65.69
CA GLY C 532 -7.05 -15.88 66.37
C GLY C 532 -7.49 -14.75 65.47
N THR C 533 -7.55 -14.98 64.15
CA THR C 533 -7.93 -13.94 63.20
C THR C 533 -8.59 -14.63 62.00
N LEU C 534 -9.92 -14.59 61.97
CA LEU C 534 -10.65 -15.16 60.84
C LEU C 534 -10.69 -14.15 59.70
N LYS C 535 -10.34 -14.60 58.51
CA LYS C 535 -10.17 -13.71 57.36
C LYS C 535 -11.05 -14.18 56.20
N TYR C 536 -11.36 -13.24 55.32
CA TYR C 536 -12.16 -13.51 54.14
C TYR C 536 -11.53 -12.83 52.94
N GLN C 537 -11.83 -13.36 51.76
CA GLN C 537 -11.33 -12.79 50.52
C GLN C 537 -12.22 -11.64 50.06
N ALA C 538 -11.60 -10.57 49.59
CA ALA C 538 -12.28 -9.39 49.12
C ALA C 538 -11.68 -8.94 47.80
N TRP C 539 -12.54 -8.49 46.88
CA TRP C 539 -12.09 -8.06 45.57
C TRP C 539 -11.39 -6.71 45.66
N ASP C 540 -10.32 -6.56 44.87
CA ASP C 540 -9.55 -5.33 44.79
C ASP C 540 -9.47 -4.97 43.31
N ALA C 541 -10.30 -4.03 42.89
CA ALA C 541 -10.34 -3.64 41.47
C ALA C 541 -9.10 -2.86 41.08
N SER C 542 -8.57 -2.03 41.99
CA SER C 542 -7.35 -1.29 41.69
C SER C 542 -6.18 -2.23 41.49
N GLN C 543 -6.05 -3.24 42.34
CA GLN C 543 -5.10 -4.31 42.12
C GLN C 543 -5.67 -5.43 41.26
N GLY C 544 -6.99 -5.48 41.11
CA GLY C 544 -7.63 -6.44 40.21
C GLY C 544 -7.44 -7.88 40.62
N GLN C 545 -7.43 -8.16 41.91
CA GLN C 545 -7.24 -9.53 42.41
C GLN C 545 -8.02 -9.67 43.72
N LEU C 546 -7.64 -10.65 44.53
CA LEU C 546 -8.29 -10.90 45.81
C LEU C 546 -7.30 -10.68 46.94
N VAL C 547 -7.75 -9.96 47.97
CA VAL C 547 -6.92 -9.69 49.15
C VAL C 547 -7.64 -10.26 50.36
N THR C 548 -6.87 -10.50 51.43
CA THR C 548 -7.41 -11.07 52.65
C THR C 548 -7.68 -9.95 53.65
N LYS C 549 -8.89 -9.93 54.21
CA LYS C 549 -9.27 -8.94 55.20
C LYS C 549 -9.90 -9.61 56.41
N ASP C 550 -9.65 -9.06 57.59
CA ASP C 550 -10.20 -9.60 58.82
C ASP C 550 -11.70 -9.35 58.88
N TYR C 551 -12.43 -10.33 59.42
CA TYR C 551 -13.86 -10.17 59.61
C TYR C 551 -14.15 -9.08 60.64
N PRO C 552 -15.16 -8.24 60.40
CA PRO C 552 -15.51 -7.24 61.41
C PRO C 552 -16.17 -7.85 62.63
N ALA C 553 -16.48 -7.01 63.62
CA ALA C 553 -17.07 -7.50 64.86
C ALA C 553 -18.45 -8.08 64.65
N TYR C 554 -19.29 -7.42 63.85
CA TYR C 554 -20.65 -7.88 63.64
C TYR C 554 -20.77 -9.09 62.73
N ALA C 555 -19.74 -9.39 61.93
CA ALA C 555 -19.80 -10.57 61.08
C ALA C 555 -19.53 -11.86 61.86
N LEU C 556 -18.82 -11.76 62.98
CA LEU C 556 -18.59 -12.93 63.80
C LEU C 556 -19.83 -13.31 64.59
N ALA C 557 -20.68 -12.34 64.94
CA ALA C 557 -21.90 -12.71 65.65
C ALA C 557 -22.79 -13.56 64.76
N VAL C 558 -22.95 -13.15 63.50
CA VAL C 558 -23.76 -13.91 62.55
C VAL C 558 -23.12 -15.27 62.28
N ILE C 559 -21.80 -15.30 62.11
CA ILE C 559 -21.10 -16.56 61.89
C ILE C 559 -21.34 -17.52 63.04
N GLY C 560 -21.23 -17.02 64.27
CA GLY C 560 -21.47 -17.87 65.43
C GLY C 560 -22.91 -18.33 65.54
N LEU C 561 -23.86 -17.42 65.30
CA LEU C 561 -25.28 -17.75 65.48
C LEU C 561 -25.75 -18.78 64.47
N LEU C 562 -25.29 -18.69 63.22
CA LEU C 562 -25.73 -19.64 62.20
C LEU C 562 -25.46 -21.08 62.62
N VAL C 563 -24.25 -21.35 63.09
CA VAL C 563 -23.92 -22.68 63.59
C VAL C 563 -24.61 -22.96 64.93
N ALA C 564 -24.63 -21.96 65.82
CA ALA C 564 -25.05 -22.18 67.19
C ALA C 564 -26.52 -22.56 67.29
N SER C 565 -27.39 -21.89 66.54
CA SER C 565 -28.81 -22.18 66.64
C SER C 565 -29.08 -23.64 66.28
N SER C 566 -28.59 -24.07 65.11
CA SER C 566 -28.87 -25.42 64.65
C SER C 566 -28.22 -26.46 65.55
N THR C 567 -26.98 -26.23 66.00
CA THR C 567 -26.32 -27.23 66.83
C THR C 567 -26.94 -27.31 68.22
N MET C 568 -27.16 -26.16 68.86
CA MET C 568 -27.69 -26.07 70.22
C MET C 568 -29.17 -26.39 70.29
N CYS C 569 -29.86 -26.51 69.15
CA CYS C 569 -31.26 -26.96 69.20
C CYS C 569 -31.43 -28.34 69.81
N ILE C 570 -30.38 -29.17 69.84
CA ILE C 570 -30.49 -30.49 70.45
C ILE C 570 -30.46 -30.40 71.98
N PRO C 571 -29.41 -29.84 72.60
CA PRO C 571 -29.39 -29.83 74.07
C PRO C 571 -30.56 -29.06 74.65
N LEU C 572 -31.03 -28.01 73.97
CA LEU C 572 -32.16 -27.27 74.52
C LEU C 572 -33.38 -28.18 74.60
N ALA C 573 -33.60 -29.00 73.57
CA ALA C 573 -34.71 -29.93 73.59
C ALA C 573 -34.54 -30.96 74.70
N ALA C 574 -33.31 -31.41 74.92
CA ALA C 574 -33.07 -32.35 76.02
C ALA C 574 -33.38 -31.73 77.38
N LEU C 575 -32.96 -30.48 77.57
CA LEU C 575 -33.27 -29.76 78.81
C LEU C 575 -34.78 -29.57 78.97
N GLY C 576 -35.48 -29.23 77.89
CA GLY C 576 -36.92 -29.08 77.96
C GLY C 576 -37.62 -30.38 78.32
N THR C 577 -37.16 -31.50 77.75
CA THR C 577 -37.74 -32.78 78.10
C THR C 577 -37.49 -33.14 79.55
N PHE C 578 -36.28 -32.86 80.05
CA PHE C 578 -35.98 -33.12 81.45
C PHE C 578 -36.84 -32.26 82.37
N VAL C 579 -37.06 -30.99 82.01
CA VAL C 579 -37.94 -30.13 82.79
C VAL C 579 -39.36 -30.65 82.78
N GLN C 580 -39.84 -31.08 81.61
CA GLN C 580 -41.20 -31.62 81.51
C GLN C 580 -41.37 -32.86 82.36
N ARG C 581 -40.36 -33.73 82.40
CA ARG C 581 -40.43 -34.92 83.25
C ARG C 581 -40.47 -34.52 84.72
N ARG C 582 -39.68 -33.53 85.11
CA ARG C 582 -39.65 -33.08 86.50
C ARG C 582 -40.60 -31.91 86.71
N ASN D 10 -57.84 -47.74 14.67
CA ASN D 10 -57.44 -48.44 13.47
C ASN D 10 -57.39 -47.51 12.27
N SER D 11 -58.15 -46.41 12.35
CA SER D 11 -58.17 -45.43 11.27
C SER D 11 -56.80 -44.80 11.08
N LEU D 12 -56.12 -44.46 12.18
CA LEU D 12 -54.81 -43.84 12.08
C LEU D 12 -53.81 -44.74 11.37
N GLN D 13 -53.82 -46.04 11.70
CA GLN D 13 -52.89 -46.98 11.08
C GLN D 13 -53.07 -47.01 9.57
N PHE D 14 -54.30 -47.21 9.11
CA PHE D 14 -54.57 -47.31 7.67
C PHE D 14 -54.27 -46.00 6.97
N VAL D 15 -54.69 -44.87 7.56
CA VAL D 15 -54.48 -43.57 6.93
C VAL D 15 -52.98 -43.28 6.80
N PHE D 16 -52.21 -43.55 7.86
CA PHE D 16 -50.78 -43.27 7.79
C PHE D 16 -50.06 -44.25 6.88
N ALA D 17 -50.53 -45.49 6.78
CA ALA D 17 -49.95 -46.42 5.82
C ALA D 17 -50.16 -45.93 4.39
N CYS D 18 -51.37 -45.48 4.08
CA CYS D 18 -51.65 -44.95 2.75
C CYS D 18 -50.84 -43.68 2.48
N ILE D 19 -50.71 -42.82 3.49
CA ILE D 19 -49.92 -41.59 3.30
C ILE D 19 -48.46 -41.93 3.05
N SER D 20 -47.88 -42.81 3.86
CA SER D 20 -46.49 -43.20 3.68
C SER D 20 -46.26 -43.86 2.33
N TYR D 21 -47.25 -44.60 1.83
CA TYR D 21 -47.13 -45.15 0.48
C TYR D 21 -47.18 -44.04 -0.57
N ALA D 22 -48.18 -43.15 -0.47
CA ALA D 22 -48.39 -42.15 -1.51
C ALA D 22 -47.29 -41.09 -1.51
N VAL D 23 -46.90 -40.60 -0.33
CA VAL D 23 -45.90 -39.54 -0.25
C VAL D 23 -44.52 -40.14 -0.46
N GLY D 24 -43.92 -39.85 -1.59
CA GLY D 24 -42.60 -40.36 -1.93
C GLY D 24 -41.87 -39.41 -2.84
N LEU D 25 -41.06 -39.97 -3.75
CA LEU D 25 -40.30 -39.14 -4.67
C LEU D 25 -41.15 -38.56 -5.77
N GLY D 26 -42.38 -39.06 -5.97
CA GLY D 26 -43.25 -38.46 -6.96
C GLY D 26 -43.75 -37.09 -6.55
N ASN D 27 -43.78 -36.81 -5.25
CA ASN D 27 -44.23 -35.53 -4.74
C ASN D 27 -43.09 -34.51 -4.69
N VAL D 28 -41.93 -34.93 -4.21
CA VAL D 28 -40.82 -33.99 -3.98
C VAL D 28 -39.92 -33.85 -5.20
N TRP D 29 -39.75 -34.90 -6.00
CA TRP D 29 -38.82 -34.89 -7.12
C TRP D 29 -39.50 -34.76 -8.48
N ARG D 30 -40.51 -35.59 -8.75
CA ARG D 30 -41.09 -35.61 -10.09
C ARG D 30 -41.98 -34.39 -10.34
N PHE D 31 -42.78 -34.01 -9.35
CA PHE D 31 -43.69 -32.89 -9.52
C PHE D 31 -42.98 -31.58 -9.84
N PRO D 32 -41.88 -31.19 -9.17
CA PRO D 32 -41.23 -29.93 -9.54
C PRO D 32 -40.76 -29.86 -10.97
N TYR D 33 -40.05 -30.88 -11.47
CA TYR D 33 -39.55 -30.78 -12.84
C TYR D 33 -40.67 -30.95 -13.85
N LEU D 34 -41.72 -31.70 -13.51
CA LEU D 34 -42.86 -31.77 -14.40
C LEU D 34 -43.56 -30.42 -14.50
N CYS D 35 -43.67 -29.71 -13.38
CA CYS D 35 -44.26 -28.37 -13.39
C CYS D 35 -43.38 -27.40 -14.19
N GLN D 36 -42.07 -27.47 -14.00
CA GLN D 36 -41.16 -26.58 -14.73
C GLN D 36 -41.20 -26.85 -16.22
N MET D 37 -41.26 -28.12 -16.62
CA MET D 37 -41.19 -28.45 -18.04
C MET D 37 -42.40 -27.93 -18.80
N TYR D 38 -43.59 -27.98 -18.20
CA TYR D 38 -44.82 -27.66 -18.89
C TYR D 38 -45.39 -26.29 -18.49
N GLY D 39 -44.52 -25.34 -18.18
CA GLY D 39 -44.94 -23.95 -18.07
C GLY D 39 -45.28 -23.45 -16.68
N GLY D 40 -45.10 -24.25 -15.65
CA GLY D 40 -45.41 -23.78 -14.32
C GLY D 40 -46.90 -23.75 -14.05
N GLY D 41 -47.48 -22.54 -14.03
CA GLY D 41 -48.91 -22.43 -13.82
C GLY D 41 -49.72 -23.17 -14.87
N SER D 42 -49.24 -23.17 -16.11
CA SER D 42 -49.91 -23.89 -17.18
C SER D 42 -49.99 -25.37 -16.90
N PHE D 43 -49.16 -25.89 -15.99
CA PHE D 43 -49.26 -27.26 -15.53
C PHE D 43 -50.04 -27.40 -14.23
N LEU D 44 -50.06 -26.35 -13.40
CA LEU D 44 -50.70 -26.47 -12.10
C LEU D 44 -52.21 -26.41 -12.21
N VAL D 45 -52.73 -25.62 -13.15
CA VAL D 45 -54.18 -25.54 -13.35
C VAL D 45 -54.78 -26.88 -13.76
N PRO D 46 -54.22 -27.61 -14.74
CA PRO D 46 -54.76 -28.95 -15.04
C PRO D 46 -54.63 -29.92 -13.88
N TYR D 47 -53.50 -29.91 -13.18
CA TYR D 47 -53.27 -30.79 -12.04
C TYR D 47 -54.47 -30.78 -11.08
N ILE D 48 -54.77 -29.60 -10.52
CA ILE D 48 -55.93 -29.47 -9.65
C ILE D 48 -57.18 -29.93 -10.38
N ILE D 49 -57.34 -29.50 -11.63
CA ILE D 49 -58.50 -29.90 -12.42
C ILE D 49 -58.52 -31.42 -12.57
N MET D 50 -57.36 -32.03 -12.73
CA MET D 50 -57.30 -33.48 -12.87
C MET D 50 -57.32 -34.20 -11.53
N LEU D 51 -57.29 -33.47 -10.41
CA LEU D 51 -57.34 -34.14 -9.11
C LEU D 51 -58.77 -34.34 -8.62
N ILE D 52 -59.64 -33.35 -8.87
CA ILE D 52 -61.03 -33.47 -8.45
C ILE D 52 -61.75 -34.52 -9.28
N VAL D 53 -61.37 -34.65 -10.55
CA VAL D 53 -62.07 -35.53 -11.48
C VAL D 53 -61.47 -36.93 -11.49
N GLU D 54 -60.15 -37.05 -11.47
CA GLU D 54 -59.50 -38.34 -11.62
C GLU D 54 -58.95 -38.92 -10.32
N GLY D 55 -58.34 -38.10 -9.48
CA GLY D 55 -57.74 -38.59 -8.25
C GLY D 55 -58.71 -39.13 -7.22
N MET D 56 -59.54 -38.24 -6.68
CA MET D 56 -60.41 -38.62 -5.57
C MET D 56 -61.38 -39.74 -5.93
N PRO D 57 -62.17 -39.65 -7.02
CA PRO D 57 -63.16 -40.70 -7.28
C PRO D 57 -62.55 -42.06 -7.52
N LEU D 58 -61.46 -42.12 -8.27
CA LEU D 58 -60.84 -43.42 -8.55
C LEU D 58 -60.09 -43.98 -7.34
N LEU D 59 -59.47 -43.12 -6.52
CA LEU D 59 -58.90 -43.61 -5.28
C LEU D 59 -59.97 -44.18 -4.34
N TYR D 60 -61.10 -43.49 -4.23
CA TYR D 60 -62.21 -44.01 -3.44
C TYR D 60 -62.74 -45.32 -4.02
N LEU D 61 -62.80 -45.42 -5.36
CA LEU D 61 -63.24 -46.66 -5.99
C LEU D 61 -62.29 -47.81 -5.69
N GLU D 62 -60.98 -47.56 -5.74
CA GLU D 62 -60.01 -48.60 -5.39
C GLU D 62 -60.20 -49.04 -3.94
N LEU D 63 -60.34 -48.09 -3.03
CA LEU D 63 -60.49 -48.47 -1.62
C LEU D 63 -61.79 -49.22 -1.37
N ALA D 64 -62.85 -48.89 -2.11
CA ALA D 64 -64.09 -49.62 -1.92
C ALA D 64 -64.02 -51.01 -2.52
N VAL D 65 -63.36 -51.16 -3.67
CA VAL D 65 -63.23 -52.51 -4.20
C VAL D 65 -62.38 -53.35 -3.28
N GLY D 66 -61.34 -52.73 -2.69
CA GLY D 66 -60.52 -53.42 -1.70
C GLY D 66 -61.32 -53.87 -0.50
N GLN D 67 -62.37 -53.14 -0.15
CA GLN D 67 -63.11 -53.55 1.03
C GLN D 67 -64.19 -54.56 0.68
N ARG D 68 -64.95 -54.31 -0.38
CA ARG D 68 -66.11 -55.16 -0.68
C ARG D 68 -65.66 -56.52 -1.19
N MET D 69 -64.57 -56.58 -1.97
CA MET D 69 -63.97 -57.88 -2.28
C MET D 69 -63.26 -58.48 -1.09
N ARG D 70 -62.48 -57.67 -0.37
CA ARG D 70 -61.62 -58.14 0.73
C ARG D 70 -60.64 -59.21 0.26
N GLN D 71 -60.20 -59.13 -0.99
CA GLN D 71 -59.20 -60.02 -1.55
C GLN D 71 -58.04 -59.19 -2.09
N GLY D 72 -57.08 -59.87 -2.71
CA GLY D 72 -56.00 -59.18 -3.38
C GLY D 72 -56.44 -58.63 -4.72
N SER D 73 -55.52 -57.92 -5.37
CA SER D 73 -55.85 -57.30 -6.66
C SER D 73 -56.25 -58.36 -7.69
N ILE D 74 -55.39 -59.37 -7.87
CA ILE D 74 -55.71 -60.45 -8.81
C ILE D 74 -56.95 -61.19 -8.35
N GLY D 75 -57.05 -61.48 -7.06
CA GLY D 75 -58.22 -62.17 -6.55
C GLY D 75 -59.49 -61.39 -6.78
N ALA D 76 -59.45 -60.07 -6.52
CA ALA D 76 -60.64 -59.24 -6.71
C ALA D 76 -61.05 -59.19 -8.18
N TRP D 77 -60.10 -58.87 -9.07
CA TRP D 77 -60.44 -58.74 -10.48
C TRP D 77 -60.68 -60.08 -11.15
N ARG D 78 -60.40 -61.19 -10.48
CA ARG D 78 -60.77 -62.51 -10.97
C ARG D 78 -62.13 -62.95 -10.44
N THR D 79 -62.46 -62.54 -9.22
CA THR D 79 -63.77 -62.85 -8.66
C THR D 79 -64.87 -62.01 -9.30
N ILE D 80 -64.57 -60.78 -9.71
CA ILE D 80 -65.57 -60.00 -10.45
C ILE D 80 -65.93 -60.71 -11.75
N SER D 81 -64.92 -61.19 -12.48
CA SER D 81 -65.15 -61.98 -13.69
C SER D 81 -63.85 -62.65 -14.12
N PRO D 82 -63.89 -63.92 -14.53
CA PRO D 82 -62.65 -64.57 -14.99
C PRO D 82 -62.02 -63.89 -16.19
N TYR D 83 -62.84 -63.43 -17.15
CA TYR D 83 -62.32 -62.83 -18.38
C TYR D 83 -61.50 -61.58 -18.12
N LEU D 84 -61.33 -61.21 -16.86
CA LEU D 84 -60.76 -59.94 -16.49
C LEU D 84 -59.53 -60.12 -15.60
N SER D 85 -59.23 -61.37 -15.22
CA SER D 85 -58.15 -61.66 -14.29
C SER D 85 -56.82 -61.08 -14.73
N GLY D 86 -56.63 -60.92 -16.04
CA GLY D 86 -55.39 -60.33 -16.54
C GLY D 86 -55.06 -58.96 -15.98
N VAL D 87 -56.07 -58.15 -15.67
CA VAL D 87 -55.77 -56.83 -15.12
C VAL D 87 -55.15 -56.91 -13.74
N GLY D 88 -55.22 -58.07 -13.08
CA GLY D 88 -54.50 -58.27 -11.85
C GLY D 88 -53.04 -58.56 -12.10
N VAL D 89 -52.76 -59.28 -13.18
CA VAL D 89 -51.38 -59.58 -13.54
C VAL D 89 -50.66 -58.34 -14.04
N ALA D 90 -51.33 -57.58 -14.92
CA ALA D 90 -50.70 -56.38 -15.48
C ALA D 90 -50.37 -55.37 -14.40
N SER D 91 -51.25 -55.20 -13.42
CA SER D 91 -50.99 -54.28 -12.32
C SER D 91 -49.73 -54.64 -11.56
N VAL D 92 -49.31 -55.91 -11.61
CA VAL D 92 -48.02 -56.29 -11.04
C VAL D 92 -46.89 -55.85 -11.96
N VAL D 93 -47.03 -56.13 -13.26
CA VAL D 93 -45.94 -55.90 -14.21
C VAL D 93 -45.51 -54.45 -14.19
N VAL D 94 -46.47 -53.52 -14.17
CA VAL D 94 -46.15 -52.10 -14.12
C VAL D 94 -45.25 -51.82 -12.92
N SER D 95 -45.63 -52.33 -11.75
CA SER D 95 -44.82 -52.15 -10.55
C SER D 95 -43.40 -52.61 -10.81
N PHE D 96 -43.25 -53.78 -11.45
CA PHE D 96 -41.94 -54.28 -11.83
C PHE D 96 -41.13 -53.18 -12.52
N PHE D 97 -41.68 -52.65 -13.62
CA PHE D 97 -40.95 -51.63 -14.37
C PHE D 97 -40.64 -50.44 -13.47
N LEU D 98 -41.58 -50.04 -12.63
CA LEU D 98 -41.31 -48.97 -11.69
C LEU D 98 -40.12 -49.32 -10.80
N SER D 99 -40.18 -50.49 -10.16
CA SER D 99 -39.07 -50.90 -9.30
C SER D 99 -37.80 -51.08 -10.09
N MET D 100 -37.91 -51.17 -11.42
CA MET D 100 -36.72 -51.35 -12.23
C MET D 100 -35.90 -50.06 -12.28
N TYR D 101 -36.56 -48.89 -12.25
CA TYR D 101 -35.85 -47.63 -12.43
C TYR D 101 -35.94 -46.70 -11.25
N TYR D 102 -36.99 -46.79 -10.43
CA TYR D 102 -37.16 -45.93 -9.28
C TYR D 102 -35.92 -45.92 -8.39
N ASN D 103 -35.34 -47.09 -8.16
CA ASN D 103 -34.18 -47.19 -7.28
C ASN D 103 -33.01 -46.34 -7.75
N VAL D 104 -32.90 -46.10 -9.05
CA VAL D 104 -31.82 -45.27 -9.56
C VAL D 104 -31.85 -43.91 -8.86
N ILE D 105 -33.04 -43.34 -8.68
CA ILE D 105 -33.17 -42.06 -8.00
C ILE D 105 -32.52 -42.15 -6.62
N ASN D 106 -32.88 -43.19 -5.86
CA ASN D 106 -32.29 -43.37 -4.54
C ASN D 106 -30.77 -43.43 -4.64
N ALA D 107 -30.26 -44.19 -5.61
CA ALA D 107 -28.82 -44.26 -5.81
C ALA D 107 -28.22 -42.87 -5.92
N TRP D 108 -28.82 -42.02 -6.76
CA TRP D 108 -28.30 -40.68 -6.94
C TRP D 108 -28.23 -39.94 -5.62
N ALA D 109 -29.29 -40.05 -4.81
CA ALA D 109 -29.29 -39.40 -3.51
C ALA D 109 -28.13 -39.89 -2.68
N PHE D 110 -27.92 -41.22 -2.66
CA PHE D 110 -26.78 -41.77 -1.94
C PHE D 110 -25.49 -41.11 -2.40
N TRP D 111 -25.31 -41.00 -3.72
CA TRP D 111 -24.14 -40.31 -4.25
C TRP D 111 -24.05 -38.91 -3.67
N TYR D 112 -25.13 -38.15 -3.78
CA TYR D 112 -25.14 -36.78 -3.29
C TYR D 112 -24.96 -36.73 -1.78
N LEU D 113 -25.30 -37.81 -1.08
CA LEU D 113 -25.01 -37.85 0.35
C LEU D 113 -23.52 -38.03 0.59
N PHE D 114 -22.91 -38.97 -0.13
CA PHE D 114 -21.52 -39.32 0.18
C PHE D 114 -20.59 -38.17 -0.19
N HIS D 115 -20.92 -37.41 -1.22
CA HIS D 115 -20.22 -36.16 -1.52
C HIS D 115 -20.82 -35.01 -0.74
N SER D 116 -21.01 -35.20 0.57
CA SER D 116 -21.49 -34.13 1.43
C SER D 116 -20.69 -33.99 2.71
N PHE D 117 -19.54 -34.68 2.82
CA PHE D 117 -18.68 -34.58 3.99
C PHE D 117 -17.35 -33.91 3.65
N GLN D 118 -17.38 -32.97 2.71
CA GLN D 118 -16.18 -32.30 2.24
C GLN D 118 -16.35 -30.80 2.43
N ASP D 119 -15.31 -30.15 2.95
CA ASP D 119 -15.37 -28.70 3.11
C ASP D 119 -15.50 -27.99 1.77
N PRO D 120 -14.67 -28.28 0.75
CA PRO D 120 -14.95 -27.74 -0.59
C PRO D 120 -15.98 -28.57 -1.32
N LEU D 121 -17.27 -28.29 -1.11
CA LEU D 121 -18.33 -29.11 -1.67
C LEU D 121 -18.16 -29.22 -3.19
N PRO D 122 -18.31 -30.40 -3.76
CA PRO D 122 -18.00 -30.58 -5.18
C PRO D 122 -18.83 -29.70 -6.11
N TRP D 123 -20.06 -29.39 -5.75
CA TRP D 123 -20.94 -28.57 -6.57
C TRP D 123 -20.84 -27.09 -6.22
N SER D 124 -19.91 -26.71 -5.35
CA SER D 124 -19.76 -25.32 -4.94
C SER D 124 -18.74 -24.57 -5.79
N VAL D 125 -17.60 -25.18 -6.10
CA VAL D 125 -16.52 -24.51 -6.82
C VAL D 125 -16.19 -25.31 -8.07
N CYS D 126 -16.11 -24.62 -9.21
CA CYS D 126 -15.72 -25.27 -10.45
C CYS D 126 -14.24 -25.64 -10.41
N PRO D 127 -13.85 -26.70 -11.12
CA PRO D 127 -12.43 -27.05 -11.19
C PRO D 127 -11.65 -26.04 -12.04
N LEU D 128 -10.33 -26.04 -11.83
CA LEU D 128 -9.47 -25.12 -12.55
C LEU D 128 -9.29 -25.56 -14.00
N ASN D 129 -9.15 -24.56 -14.89
CA ASN D 129 -9.18 -24.84 -16.33
C ASN D 129 -8.00 -25.70 -16.77
N GLY D 130 -6.81 -25.44 -16.21
CA GLY D 130 -5.60 -26.11 -16.66
C GLY D 130 -4.41 -25.17 -16.71
N ASN D 131 -4.68 -23.90 -17.00
CA ASN D 131 -3.69 -22.85 -16.77
C ASN D 131 -3.52 -22.57 -15.29
N HIS D 132 -4.46 -23.00 -14.46
CA HIS D 132 -4.57 -22.60 -13.05
C HIS D 132 -4.75 -21.09 -12.93
N THR D 133 -5.49 -20.51 -13.88
CA THR D 133 -5.83 -19.09 -13.83
C THR D 133 -7.32 -18.81 -14.00
N GLY D 134 -8.10 -19.77 -14.45
CA GLY D 134 -9.53 -19.58 -14.65
C GLY D 134 -10.32 -20.82 -14.32
N TYR D 135 -11.51 -20.96 -14.92
CA TYR D 135 -12.39 -22.08 -14.66
C TYR D 135 -12.63 -22.85 -15.95
N ASP D 136 -13.22 -24.04 -15.83
CA ASP D 136 -13.51 -24.85 -16.99
C ASP D 136 -14.54 -24.15 -17.88
N GLU D 137 -14.43 -24.41 -19.19
CA GLU D 137 -15.36 -23.80 -20.13
C GLU D 137 -16.79 -24.29 -19.89
N GLU D 138 -16.97 -25.60 -19.78
CA GLU D 138 -18.32 -26.11 -19.56
C GLU D 138 -18.82 -25.83 -18.16
N CYS D 139 -17.93 -25.82 -17.17
CA CYS D 139 -18.34 -25.48 -15.81
C CYS D 139 -18.69 -24.01 -15.67
N GLU D 140 -18.16 -23.15 -16.55
CA GLU D 140 -18.51 -21.74 -16.53
C GLU D 140 -19.77 -21.44 -17.34
N LYS D 141 -19.90 -22.06 -18.52
CA LYS D 141 -21.10 -21.87 -19.32
C LYS D 141 -22.33 -22.37 -18.58
N ALA D 142 -22.22 -23.53 -17.95
CA ALA D 142 -23.27 -24.04 -17.07
C ALA D 142 -22.96 -23.58 -15.65
N SER D 143 -23.73 -24.06 -14.69
CA SER D 143 -23.45 -23.78 -13.29
C SER D 143 -22.59 -24.89 -12.70
N SER D 144 -22.02 -24.63 -11.53
CA SER D 144 -21.25 -25.65 -10.84
C SER D 144 -22.13 -26.83 -10.47
N THR D 145 -23.35 -26.56 -9.99
CA THR D 145 -24.29 -27.63 -9.67
C THR D 145 -24.65 -28.42 -10.92
N GLN D 146 -24.95 -27.73 -12.02
CA GLN D 146 -25.28 -28.43 -13.26
C GLN D 146 -24.09 -29.21 -13.80
N TYR D 147 -22.88 -28.65 -13.69
CA TYR D 147 -21.70 -29.38 -14.13
C TYR D 147 -21.49 -30.64 -13.31
N PHE D 148 -21.70 -30.55 -11.99
CA PHE D 148 -21.56 -31.71 -11.13
C PHE D 148 -22.61 -32.76 -11.47
N TRP D 149 -23.84 -32.33 -11.72
CA TRP D 149 -24.93 -33.28 -11.98
C TRP D 149 -24.77 -33.97 -13.33
N TYR D 150 -24.39 -33.22 -14.36
CA TYR D 150 -24.36 -33.77 -15.71
C TYR D 150 -23.03 -34.42 -16.06
N ARG D 151 -21.93 -34.05 -15.40
CA ARG D 151 -20.63 -34.62 -15.73
C ARG D 151 -20.05 -35.45 -14.59
N LYS D 152 -20.00 -34.92 -13.38
CA LYS D 152 -19.41 -35.67 -12.27
C LYS D 152 -20.32 -36.79 -11.79
N THR D 153 -21.63 -36.64 -11.94
CA THR D 153 -22.57 -37.64 -11.44
C THR D 153 -22.96 -38.65 -12.52
N LEU D 154 -23.53 -38.19 -13.63
CA LEU D 154 -23.92 -39.09 -14.70
C LEU D 154 -22.85 -39.27 -15.76
N ASN D 155 -22.02 -38.26 -15.99
CA ASN D 155 -21.13 -38.23 -17.15
C ASN D 155 -21.93 -38.47 -18.44
N ILE D 156 -22.99 -37.66 -18.60
CA ILE D 156 -23.98 -37.93 -19.64
C ILE D 156 -23.35 -37.77 -21.02
N SER D 157 -23.66 -38.71 -21.90
CA SER D 157 -23.20 -38.67 -23.28
C SER D 157 -24.01 -37.66 -24.08
N PRO D 158 -23.40 -37.04 -25.09
CA PRO D 158 -24.11 -36.00 -25.86
C PRO D 158 -25.34 -36.50 -26.60
N SER D 159 -25.45 -37.80 -26.86
CA SER D 159 -26.58 -38.32 -27.60
C SER D 159 -26.87 -39.75 -27.16
N LEU D 160 -28.10 -40.19 -27.40
CA LEU D 160 -28.51 -41.53 -27.02
C LEU D 160 -27.76 -42.59 -27.83
N GLN D 161 -27.41 -42.28 -29.08
CA GLN D 161 -26.70 -43.26 -29.91
C GLN D 161 -25.30 -43.54 -29.38
N GLU D 162 -24.70 -42.59 -28.65
CA GLU D 162 -23.37 -42.75 -28.10
C GLU D 162 -23.50 -43.20 -26.65
N ASN D 163 -23.04 -44.42 -26.37
CA ASN D 163 -23.00 -44.93 -25.01
C ASN D 163 -21.69 -45.65 -24.78
N GLY D 164 -21.16 -45.55 -23.57
CA GLY D 164 -19.93 -46.22 -23.20
C GLY D 164 -20.19 -47.48 -22.41
N GLY D 165 -19.36 -47.71 -21.40
CA GLY D 165 -19.52 -48.84 -20.51
C GLY D 165 -20.31 -48.48 -19.25
N VAL D 166 -20.42 -49.46 -18.36
CA VAL D 166 -21.12 -49.27 -17.10
C VAL D 166 -20.24 -48.44 -16.18
N GLN D 167 -20.69 -47.24 -15.84
CA GLN D 167 -19.97 -46.39 -14.89
C GLN D 167 -19.98 -47.07 -13.52
N TRP D 168 -18.79 -47.33 -12.98
CA TRP D 168 -18.72 -48.17 -11.78
C TRP D 168 -19.26 -47.47 -10.55
N GLU D 169 -19.09 -46.14 -10.44
CA GLU D 169 -19.59 -45.43 -9.26
C GLU D 169 -21.11 -45.44 -9.18
N PRO D 170 -21.86 -45.07 -10.22
CA PRO D 170 -23.32 -45.22 -10.15
C PRO D 170 -23.76 -46.67 -9.98
N ALA D 171 -23.02 -47.62 -10.55
CA ALA D 171 -23.37 -49.02 -10.36
C ALA D 171 -23.25 -49.42 -8.89
N LEU D 172 -22.17 -48.99 -8.23
CA LEU D 172 -22.02 -49.27 -6.82
C LEU D 172 -23.09 -48.58 -5.98
N CYS D 173 -23.44 -47.35 -6.33
CA CYS D 173 -24.49 -46.66 -5.59
C CYS D 173 -25.84 -47.37 -5.74
N LEU D 174 -26.16 -47.82 -6.95
CA LEU D 174 -27.39 -48.57 -7.16
C LEU D 174 -27.37 -49.90 -6.42
N LEU D 175 -26.22 -50.58 -6.42
CA LEU D 175 -26.10 -51.82 -5.65
C LEU D 175 -26.32 -51.57 -4.17
N LEU D 176 -25.77 -50.48 -3.64
CA LEU D 176 -25.98 -50.16 -2.24
C LEU D 176 -27.44 -49.87 -1.94
N ALA D 177 -28.10 -49.12 -2.83
CA ALA D 177 -29.52 -48.83 -2.63
C ALA D 177 -30.35 -50.11 -2.63
N TRP D 178 -30.05 -51.04 -3.55
CA TRP D 178 -30.80 -52.28 -3.57
C TRP D 178 -30.50 -53.15 -2.36
N LEU D 179 -29.26 -53.13 -1.87
CA LEU D 179 -28.95 -53.84 -0.63
C LEU D 179 -29.74 -53.27 0.54
N VAL D 180 -29.84 -51.94 0.61
CA VAL D 180 -30.61 -51.31 1.68
C VAL D 180 -32.07 -51.70 1.59
N VAL D 181 -32.62 -51.71 0.37
CA VAL D 181 -34.01 -52.11 0.19
C VAL D 181 -34.22 -53.56 0.62
N TYR D 182 -33.29 -54.45 0.26
CA TYR D 182 -33.41 -55.85 0.65
C TYR D 182 -33.32 -56.01 2.17
N LEU D 183 -32.42 -55.26 2.80
CA LEU D 183 -32.32 -55.30 4.26
C LEU D 183 -33.59 -54.81 4.93
N CYS D 184 -34.18 -53.73 4.41
CA CYS D 184 -35.46 -53.26 4.95
C CYS D 184 -36.57 -54.27 4.74
N ILE D 185 -36.53 -54.99 3.61
CA ILE D 185 -37.52 -56.04 3.37
C ILE D 185 -37.38 -57.15 4.41
N LEU D 186 -36.15 -57.60 4.63
CA LEU D 186 -35.94 -58.72 5.55
C LEU D 186 -36.23 -58.32 6.99
N ARG D 187 -35.89 -57.09 7.38
CA ARG D 187 -35.85 -56.73 8.79
C ARG D 187 -37.25 -56.57 9.36
N GLY D 188 -38.01 -55.62 8.83
CA GLY D 188 -39.26 -55.20 9.45
C GLY D 188 -40.44 -55.27 8.50
N THR D 189 -41.59 -55.64 9.05
CA THR D 189 -42.84 -55.63 8.30
C THR D 189 -44.00 -55.01 9.06
N GLU D 190 -43.96 -54.96 10.39
CA GLU D 190 -45.03 -54.38 11.19
C GLU D 190 -44.54 -53.44 12.28
N SER D 191 -43.24 -53.18 12.37
CA SER D 191 -42.67 -52.32 13.40
C SER D 191 -42.71 -50.84 13.02
N THR D 192 -43.59 -50.45 12.11
CA THR D 192 -43.67 -49.07 11.66
C THR D 192 -44.37 -48.15 12.66
N GLY D 193 -44.58 -48.59 13.90
CA GLY D 193 -45.25 -47.81 14.91
C GLY D 193 -44.63 -46.44 15.14
N LYS D 194 -43.40 -46.41 15.65
CA LYS D 194 -42.72 -45.14 15.87
C LYS D 194 -42.26 -44.51 14.56
N VAL D 195 -42.03 -45.33 13.53
CA VAL D 195 -41.61 -44.80 12.24
C VAL D 195 -42.68 -43.87 11.67
N VAL D 196 -43.94 -44.30 11.70
CA VAL D 196 -45.04 -43.47 11.23
C VAL D 196 -45.12 -42.17 12.01
N TYR D 197 -44.70 -42.18 13.28
CA TYR D 197 -44.60 -40.94 14.03
C TYR D 197 -43.42 -40.10 13.58
N PHE D 198 -42.35 -40.74 13.09
CA PHE D 198 -41.14 -40.04 12.69
C PHE D 198 -41.07 -39.78 11.19
N THR D 199 -41.25 -40.81 10.36
CA THR D 199 -41.01 -40.65 8.93
C THR D 199 -42.02 -39.76 8.25
N ALA D 200 -43.13 -39.40 8.91
CA ALA D 200 -44.13 -38.53 8.32
C ALA D 200 -43.91 -37.06 8.64
N SER D 201 -43.09 -36.75 9.64
CA SER D 201 -42.84 -35.37 10.04
C SER D 201 -41.47 -34.86 9.60
N LEU D 202 -40.48 -35.73 9.44
CA LEU D 202 -39.16 -35.28 9.02
C LEU D 202 -39.16 -34.64 7.63
N PRO D 203 -39.80 -35.20 6.60
CA PRO D 203 -39.85 -34.48 5.32
C PRO D 203 -40.46 -33.09 5.43
N TYR D 204 -41.53 -32.95 6.22
CA TYR D 204 -42.15 -31.65 6.38
C TYR D 204 -41.23 -30.69 7.11
N CYS D 205 -40.50 -31.16 8.12
CA CYS D 205 -39.55 -30.30 8.82
C CYS D 205 -38.44 -29.82 7.88
N VAL D 206 -37.91 -30.72 7.06
CA VAL D 206 -36.84 -30.34 6.16
C VAL D 206 -37.36 -29.36 5.11
N LEU D 207 -38.55 -29.61 4.57
CA LEU D 207 -39.12 -28.68 3.61
C LEU D 207 -39.43 -27.34 4.25
N ILE D 208 -39.80 -27.32 5.52
CA ILE D 208 -40.03 -26.06 6.22
C ILE D 208 -38.72 -25.28 6.34
N ILE D 209 -37.63 -25.96 6.69
CA ILE D 209 -36.34 -25.29 6.79
C ILE D 209 -35.94 -24.71 5.43
N TYR D 210 -36.06 -25.53 4.37
CA TYR D 210 -35.69 -25.06 3.05
C TYR D 210 -36.63 -23.99 2.51
N LEU D 211 -37.88 -23.94 2.98
CA LEU D 211 -38.78 -22.84 2.67
C LEU D 211 -38.36 -21.55 3.37
N ILE D 212 -37.94 -21.66 4.64
CA ILE D 212 -37.42 -20.52 5.39
C ILE D 212 -36.19 -19.92 4.73
N ARG D 213 -35.27 -20.77 4.25
CA ARG D 213 -34.18 -20.25 3.43
C ARG D 213 -34.67 -19.80 2.06
N GLY D 214 -35.56 -20.56 1.44
CA GLY D 214 -35.97 -20.33 0.06
C GLY D 214 -36.79 -19.09 -0.16
N LEU D 215 -37.43 -18.54 0.88
CA LEU D 215 -38.25 -17.36 0.69
C LEU D 215 -37.54 -16.08 1.08
N THR D 216 -36.26 -16.15 1.46
CA THR D 216 -35.51 -14.95 1.77
C THR D 216 -34.39 -14.71 0.78
N LEU D 217 -34.26 -15.55 -0.25
CA LEU D 217 -33.26 -15.34 -1.28
C LEU D 217 -33.67 -14.20 -2.20
N HIS D 218 -32.68 -13.58 -2.83
CA HIS D 218 -32.98 -12.55 -3.81
C HIS D 218 -33.74 -13.13 -5.00
N GLY D 219 -34.80 -12.45 -5.41
CA GLY D 219 -35.63 -12.91 -6.51
C GLY D 219 -36.39 -14.21 -6.30
N ALA D 220 -36.87 -14.47 -5.09
CA ALA D 220 -37.70 -15.65 -4.88
C ALA D 220 -39.11 -15.45 -5.42
N THR D 221 -39.59 -14.21 -5.40
CA THR D 221 -40.93 -13.96 -5.92
C THR D 221 -40.98 -14.20 -7.40
N ASN D 222 -39.85 -14.05 -8.11
CA ASN D 222 -39.90 -14.34 -9.54
C ASN D 222 -40.25 -15.81 -9.75
N GLY D 223 -39.64 -16.67 -8.93
CA GLY D 223 -39.94 -18.09 -9.03
C GLY D 223 -41.37 -18.40 -8.69
N LEU D 224 -41.90 -17.76 -7.64
CA LEU D 224 -43.29 -17.99 -7.28
C LEU D 224 -44.25 -17.49 -8.36
N MET D 225 -43.96 -16.33 -8.94
CA MET D 225 -44.79 -15.78 -10.01
C MET D 225 -44.77 -16.68 -11.24
N TYR D 226 -43.59 -17.21 -11.59
CA TYR D 226 -43.52 -18.17 -12.68
C TYR D 226 -44.32 -19.43 -12.36
N MET D 227 -44.25 -19.89 -11.12
CA MET D 227 -44.98 -21.08 -10.72
C MET D 227 -46.49 -20.90 -10.84
N PHE D 228 -47.00 -19.75 -10.40
CA PHE D 228 -48.44 -19.56 -10.24
C PHE D 228 -49.08 -18.78 -11.38
N THR D 229 -48.35 -18.48 -12.45
CA THR D 229 -48.94 -17.76 -13.58
C THR D 229 -49.43 -18.74 -14.61
N PRO D 230 -50.73 -18.84 -14.86
CA PRO D 230 -51.28 -19.79 -15.86
C PRO D 230 -51.27 -19.24 -17.28
N LYS D 231 -50.12 -19.34 -17.94
CA LYS D 231 -50.00 -18.85 -19.31
C LYS D 231 -50.96 -19.60 -20.23
N ILE D 232 -51.91 -18.86 -20.81
CA ILE D 232 -52.94 -19.47 -21.65
C ILE D 232 -52.34 -20.01 -22.93
N GLU D 233 -51.26 -19.39 -23.42
CA GLU D 233 -50.68 -19.78 -24.71
C GLU D 233 -50.20 -21.23 -24.69
N GLN D 234 -49.52 -21.64 -23.62
CA GLN D 234 -49.06 -23.02 -23.50
C GLN D 234 -50.02 -23.88 -22.69
N LEU D 235 -51.19 -23.36 -22.30
CA LEU D 235 -52.17 -24.16 -21.60
C LEU D 235 -52.94 -25.09 -22.53
N ALA D 236 -52.85 -24.88 -23.84
CA ALA D 236 -53.56 -25.71 -24.81
C ALA D 236 -52.79 -26.97 -25.18
N ASN D 237 -51.61 -27.18 -24.62
CA ASN D 237 -50.82 -28.35 -24.97
C ASN D 237 -51.42 -29.62 -24.36
N PRO D 238 -51.82 -30.59 -25.18
CA PRO D 238 -52.38 -31.83 -24.60
C PRO D 238 -51.38 -32.59 -23.75
N LYS D 239 -50.09 -32.46 -24.04
CA LYS D 239 -49.08 -33.17 -23.26
C LYS D 239 -49.09 -32.71 -21.81
N ALA D 240 -49.39 -31.44 -21.55
CA ALA D 240 -49.49 -30.96 -20.18
C ALA D 240 -50.59 -31.69 -19.42
N TRP D 241 -51.77 -31.82 -20.05
CA TRP D 241 -52.88 -32.52 -19.43
C TRP D 241 -52.54 -33.99 -19.21
N ILE D 242 -51.93 -34.63 -20.21
CA ILE D 242 -51.54 -36.03 -20.09
C ILE D 242 -50.59 -36.21 -18.91
N ASN D 243 -49.57 -35.36 -18.83
CA ASN D 243 -48.59 -35.48 -17.76
C ASN D 243 -49.21 -35.21 -16.41
N ALA D 244 -50.14 -34.26 -16.33
CA ALA D 244 -50.82 -33.99 -15.06
C ALA D 244 -51.61 -35.21 -14.60
N ALA D 245 -52.40 -35.81 -15.50
CA ALA D 245 -53.17 -36.97 -15.12
C ALA D 245 -52.27 -38.14 -14.72
N THR D 246 -51.22 -38.38 -15.48
CA THR D 246 -50.34 -39.50 -15.19
C THR D 246 -49.56 -39.28 -13.91
N GLN D 247 -49.18 -38.04 -13.62
CA GLN D 247 -48.51 -37.76 -12.35
C GLN D 247 -49.47 -37.94 -11.18
N ILE D 248 -50.73 -37.56 -11.35
CA ILE D 248 -51.72 -37.81 -10.30
C ILE D 248 -51.83 -39.30 -10.03
N PHE D 249 -51.93 -40.10 -11.09
CA PHE D 249 -52.06 -41.54 -10.93
C PHE D 249 -50.81 -42.16 -10.31
N PHE D 250 -49.64 -41.69 -10.72
CA PHE D 250 -48.37 -42.22 -10.23
C PHE D 250 -48.08 -41.79 -8.79
N SER D 251 -48.58 -40.63 -8.39
CA SER D 251 -48.38 -40.17 -7.02
C SER D 251 -49.39 -40.78 -6.05
N LEU D 252 -50.63 -40.97 -6.48
CA LEU D 252 -51.58 -41.65 -5.62
C LEU D 252 -51.38 -43.16 -5.60
N GLY D 253 -50.63 -43.72 -6.55
CA GLY D 253 -50.46 -45.16 -6.63
C GLY D 253 -51.57 -45.89 -7.35
N LEU D 254 -52.43 -45.18 -8.08
CA LEU D 254 -53.55 -45.83 -8.75
C LEU D 254 -53.04 -46.71 -9.88
N GLY D 255 -53.56 -47.94 -9.96
CA GLY D 255 -53.17 -48.87 -10.99
C GLY D 255 -52.10 -49.86 -10.58
N PHE D 256 -51.33 -49.55 -9.52
CA PHE D 256 -50.30 -50.45 -9.05
C PHE D 256 -50.87 -51.64 -8.28
N GLY D 257 -52.11 -51.54 -7.80
CA GLY D 257 -52.77 -52.68 -7.20
C GLY D 257 -52.47 -52.90 -5.73
N SER D 258 -51.61 -52.08 -5.12
CA SER D 258 -51.31 -52.27 -3.71
C SER D 258 -52.27 -51.50 -2.81
N LEU D 259 -52.93 -50.47 -3.32
CA LEU D 259 -53.97 -49.80 -2.54
C LEU D 259 -55.13 -50.76 -2.28
N ILE D 260 -55.49 -51.58 -3.26
CA ILE D 260 -56.52 -52.59 -3.06
C ILE D 260 -56.12 -53.56 -1.97
N ALA D 261 -54.86 -54.00 -1.97
CA ALA D 261 -54.38 -54.91 -0.93
C ALA D 261 -54.41 -54.24 0.44
N PHE D 262 -54.00 -52.97 0.50
CA PHE D 262 -54.03 -52.24 1.77
C PHE D 262 -55.45 -52.09 2.30
N ALA D 263 -56.41 -51.76 1.43
CA ALA D 263 -57.79 -51.64 1.86
C ALA D 263 -58.44 -52.99 2.12
N SER D 264 -57.83 -54.08 1.65
CA SER D 264 -58.40 -55.40 1.91
C SER D 264 -58.35 -55.78 3.38
N TYR D 265 -57.42 -55.20 4.14
CA TYR D 265 -57.23 -55.54 5.54
C TYR D 265 -58.01 -54.63 6.47
N ASN D 266 -58.84 -53.74 5.93
CA ASN D 266 -59.63 -52.82 6.73
C ASN D 266 -61.02 -53.40 6.99
N GLU D 267 -61.63 -52.90 8.05
CA GLU D 267 -62.98 -53.32 8.41
C GLU D 267 -63.97 -52.81 7.36
N PRO D 268 -65.05 -53.57 7.10
CA PRO D 268 -66.07 -53.07 6.18
C PRO D 268 -66.95 -51.98 6.77
N SER D 269 -66.96 -51.81 8.09
CA SER D 269 -67.69 -50.73 8.72
C SER D 269 -66.76 -49.55 8.98
N ASN D 270 -66.23 -49.00 7.88
CA ASN D 270 -65.30 -47.87 7.94
C ASN D 270 -65.68 -46.87 6.86
N ASN D 271 -65.34 -45.60 7.10
CA ASN D 271 -65.63 -44.53 6.16
C ASN D 271 -64.46 -44.35 5.19
N CYS D 272 -64.61 -44.86 3.97
CA CYS D 272 -63.59 -44.71 2.94
C CYS D 272 -63.78 -43.43 2.13
N GLN D 273 -64.89 -42.74 2.32
CA GLN D 273 -65.09 -41.42 1.73
C GLN D 273 -64.25 -40.38 2.43
N LYS D 274 -64.13 -40.47 3.75
CA LYS D 274 -63.28 -39.54 4.47
C LYS D 274 -61.82 -39.84 4.17
N HIS D 275 -61.45 -41.13 4.25
CA HIS D 275 -60.06 -41.51 4.11
C HIS D 275 -59.52 -41.18 2.71
N ALA D 276 -60.30 -41.47 1.66
CA ALA D 276 -59.83 -41.17 0.31
C ALA D 276 -59.61 -39.67 0.12
N ILE D 277 -60.56 -38.86 0.58
CA ILE D 277 -60.45 -37.41 0.47
C ILE D 277 -59.23 -36.90 1.22
N ILE D 278 -59.03 -37.39 2.45
CA ILE D 278 -57.91 -36.93 3.27
C ILE D 278 -56.59 -37.31 2.63
N VAL D 279 -56.48 -38.55 2.14
CA VAL D 279 -55.23 -38.99 1.51
C VAL D 279 -54.92 -38.16 0.27
N SER D 280 -55.92 -37.97 -0.59
CA SER D 280 -55.69 -37.20 -1.82
C SER D 280 -55.31 -35.76 -1.50
N LEU D 281 -56.00 -35.13 -0.55
CA LEU D 281 -55.67 -33.75 -0.21
C LEU D 281 -54.28 -33.64 0.40
N ILE D 282 -53.90 -34.58 1.26
CA ILE D 282 -52.57 -34.52 1.85
C ILE D 282 -51.50 -34.70 0.79
N ASN D 283 -51.71 -35.63 -0.15
CA ASN D 283 -50.76 -35.81 -1.23
C ASN D 283 -50.62 -34.53 -2.06
N SER D 284 -51.75 -33.91 -2.40
CA SER D 284 -51.72 -32.68 -3.17
C SER D 284 -50.99 -31.56 -2.43
N PHE D 285 -51.28 -31.42 -1.13
CA PHE D 285 -50.65 -30.36 -0.34
C PHE D 285 -49.15 -30.57 -0.23
N THR D 286 -48.71 -31.81 -0.02
CA THR D 286 -47.27 -32.08 0.04
C THR D 286 -46.60 -31.77 -1.29
N SER D 287 -47.23 -32.16 -2.40
CA SER D 287 -46.65 -31.86 -3.70
C SER D 287 -46.54 -30.35 -3.91
N ILE D 288 -47.61 -29.62 -3.58
CA ILE D 288 -47.62 -28.18 -3.79
C ILE D 288 -46.55 -27.50 -2.92
N PHE D 289 -46.41 -27.94 -1.67
CA PHE D 289 -45.43 -27.32 -0.79
C PHE D 289 -44.00 -27.57 -1.27
N ALA D 290 -43.69 -28.83 -1.61
CA ALA D 290 -42.35 -29.13 -2.09
C ALA D 290 -42.04 -28.37 -3.38
N SER D 291 -43.01 -28.31 -4.29
CA SER D 291 -42.80 -27.56 -5.53
C SER D 291 -42.67 -26.06 -5.28
N ILE D 292 -43.36 -25.53 -4.27
CA ILE D 292 -43.21 -24.12 -3.93
C ILE D 292 -41.78 -23.81 -3.49
N VAL D 293 -41.24 -24.66 -2.60
CA VAL D 293 -39.86 -24.44 -2.16
C VAL D 293 -38.89 -24.56 -3.34
N THR D 294 -39.07 -25.61 -4.14
CA THR D 294 -38.18 -25.83 -5.28
C THR D 294 -38.22 -24.66 -6.25
N PHE D 295 -39.42 -24.14 -6.53
CA PHE D 295 -39.54 -23.05 -7.49
C PHE D 295 -39.10 -21.72 -6.92
N SER D 296 -39.16 -21.53 -5.59
CA SER D 296 -38.55 -20.35 -5.02
C SER D 296 -37.03 -20.36 -5.23
N ILE D 297 -36.39 -21.50 -4.98
CA ILE D 297 -34.96 -21.58 -5.23
C ILE D 297 -34.66 -21.44 -6.73
N TYR D 298 -35.51 -22.01 -7.57
CA TYR D 298 -35.34 -21.91 -9.01
C TYR D 298 -35.45 -20.46 -9.49
N GLY D 299 -36.39 -19.71 -8.93
CA GLY D 299 -36.50 -18.31 -9.26
C GLY D 299 -35.29 -17.51 -8.81
N PHE D 300 -34.74 -17.86 -7.64
CA PHE D 300 -33.48 -17.24 -7.25
C PHE D 300 -32.38 -17.51 -8.27
N LYS D 301 -32.29 -18.76 -8.75
CA LYS D 301 -31.29 -19.08 -9.77
C LYS D 301 -31.49 -18.26 -11.04
N ALA D 302 -32.74 -18.15 -11.49
CA ALA D 302 -33.02 -17.40 -12.72
C ALA D 302 -32.68 -15.92 -12.55
N THR D 303 -33.03 -15.34 -11.39
CA THR D 303 -32.70 -13.95 -11.15
C THR D 303 -31.18 -13.75 -11.12
N PHE D 304 -30.45 -14.68 -10.50
CA PHE D 304 -29.00 -14.57 -10.48
C PHE D 304 -28.42 -14.64 -11.88
N ASN D 305 -28.93 -15.54 -12.71
CA ASN D 305 -28.43 -15.63 -14.09
C ASN D 305 -28.71 -14.36 -14.87
N TYR D 306 -29.91 -13.79 -14.72
CA TYR D 306 -30.24 -12.55 -15.40
C TYR D 306 -29.32 -11.41 -14.96
N GLU D 307 -29.10 -11.28 -13.65
CA GLU D 307 -28.22 -10.24 -13.14
C GLU D 307 -26.80 -10.44 -13.63
N ASN D 308 -26.34 -11.69 -13.68
CA ASN D 308 -25.00 -11.97 -14.16
C ASN D 308 -24.83 -11.59 -15.62
N CYS D 309 -25.85 -11.89 -16.45
CA CYS D 309 -25.77 -11.51 -17.86
C CYS D 309 -25.76 -10.00 -18.01
N LEU D 310 -26.59 -9.30 -17.26
CA LEU D 310 -26.59 -7.84 -17.34
C LEU D 310 -25.25 -7.26 -16.91
N LYS D 311 -24.66 -7.80 -15.85
CA LYS D 311 -23.34 -7.34 -15.41
C LYS D 311 -22.28 -7.60 -16.46
N LYS D 312 -22.32 -8.77 -17.10
CA LYS D 312 -21.36 -9.07 -18.15
C LYS D 312 -21.48 -8.12 -19.33
N VAL D 313 -22.71 -7.81 -19.74
CA VAL D 313 -22.91 -6.88 -20.84
C VAL D 313 -22.41 -5.48 -20.46
N SER D 314 -22.72 -5.05 -19.24
CA SER D 314 -22.24 -3.74 -18.79
C SER D 314 -20.72 -3.68 -18.76
N LEU D 315 -20.08 -4.74 -18.28
CA LEU D 315 -18.62 -4.79 -18.26
C LEU D 315 -18.04 -4.76 -19.66
N LEU D 316 -18.68 -5.48 -20.59
CA LEU D 316 -18.23 -5.49 -21.98
C LEU D 316 -18.31 -4.08 -22.57
N LEU D 317 -19.41 -3.38 -22.34
CA LEU D 317 -19.52 -2.02 -22.85
C LEU D 317 -18.51 -1.09 -22.19
N THR D 318 -18.31 -1.23 -20.87
CA THR D 318 -17.45 -0.31 -20.16
C THR D 318 -15.99 -0.49 -20.57
N ASN D 319 -15.53 -1.73 -20.70
CA ASN D 319 -14.15 -1.98 -21.08
C ASN D 319 -13.84 -1.50 -22.50
N THR D 320 -14.85 -1.26 -23.33
CA THR D 320 -14.62 -0.84 -24.70
C THR D 320 -14.81 0.66 -24.90
N PHE D 321 -15.88 1.23 -24.34
CA PHE D 321 -16.16 2.64 -24.51
C PHE D 321 -15.43 3.54 -23.52
N ASP D 322 -14.63 2.95 -22.62
CA ASP D 322 -13.91 3.70 -21.60
C ASP D 322 -14.85 4.56 -20.75
N LEU D 323 -15.96 3.95 -20.34
CA LEU D 323 -16.91 4.54 -19.42
C LEU D 323 -16.42 4.39 -17.99
N GLU D 324 -17.06 5.11 -17.07
CA GLU D 324 -16.68 5.05 -15.68
C GLU D 324 -17.01 3.67 -15.11
N ASP D 325 -16.46 3.40 -13.92
CA ASP D 325 -16.61 2.08 -13.33
C ASP D 325 -18.07 1.76 -13.02
N GLY D 326 -18.76 2.68 -12.36
CA GLY D 326 -20.15 2.44 -11.99
C GLY D 326 -21.15 3.24 -12.79
N PHE D 327 -20.74 3.87 -13.88
CA PHE D 327 -21.66 4.70 -14.65
C PHE D 327 -22.74 3.85 -15.30
N LEU D 328 -22.35 2.73 -15.87
CA LEU D 328 -23.27 1.87 -16.62
C LEU D 328 -23.86 0.85 -15.66
N THR D 329 -25.12 1.04 -15.31
CA THR D 329 -25.87 0.17 -14.41
C THR D 329 -27.02 -0.46 -15.19
N ALA D 330 -27.76 -1.33 -14.51
CA ALA D 330 -28.87 -2.01 -15.17
C ALA D 330 -30.08 -1.12 -15.36
N SER D 331 -30.16 0.01 -14.64
CA SER D 331 -31.31 0.89 -14.77
C SER D 331 -31.17 1.89 -15.91
N ASN D 332 -29.99 2.07 -16.49
CA ASN D 332 -29.77 3.02 -17.57
C ASN D 332 -29.01 2.36 -18.71
N LEU D 333 -29.31 1.11 -19.00
CA LEU D 333 -28.53 0.38 -20.00
C LEU D 333 -28.93 0.73 -21.43
N GLU D 334 -30.22 0.64 -21.73
CA GLU D 334 -30.68 0.89 -23.10
C GLU D 334 -30.43 2.33 -23.50
N GLN D 335 -30.69 3.26 -22.59
CA GLN D 335 -30.48 4.66 -22.92
C GLN D 335 -29.01 4.91 -23.20
N VAL D 336 -28.13 4.36 -22.37
CA VAL D 336 -26.71 4.58 -22.62
C VAL D 336 -26.29 3.84 -23.88
N LYS D 337 -26.92 2.69 -24.15
CA LYS D 337 -26.63 2.00 -25.39
C LYS D 337 -27.04 2.87 -26.57
N GLY D 338 -28.22 3.47 -26.50
CA GLY D 338 -28.61 4.36 -27.56
C GLY D 338 -27.68 5.54 -27.66
N TYR D 339 -27.28 6.08 -26.51
CA TYR D 339 -26.35 7.20 -26.53
C TYR D 339 -25.04 6.78 -27.17
N LEU D 340 -24.54 5.60 -26.79
CA LEU D 340 -23.30 5.15 -27.39
C LEU D 340 -23.48 4.91 -28.87
N ALA D 341 -24.62 4.31 -29.25
CA ALA D 341 -24.86 4.09 -30.66
C ALA D 341 -24.94 5.43 -31.40
N SER D 342 -25.61 6.41 -30.79
CA SER D 342 -25.69 7.70 -31.45
C SER D 342 -24.34 8.42 -31.47
N ALA D 343 -23.48 8.17 -30.48
CA ALA D 343 -22.18 8.84 -30.46
C ALA D 343 -21.34 8.51 -31.69
N TYR D 344 -21.14 7.23 -31.96
CA TYR D 344 -20.39 6.80 -33.14
C TYR D 344 -20.74 5.37 -33.54
N PRO D 345 -21.29 5.16 -34.73
CA PRO D 345 -21.72 3.80 -35.10
C PRO D 345 -20.60 2.90 -35.58
N SER D 346 -19.46 3.47 -36.02
CA SER D 346 -18.39 2.64 -36.55
C SER D 346 -17.86 1.68 -35.49
N LYS D 347 -17.63 2.17 -34.28
CA LYS D 347 -17.14 1.31 -33.21
C LYS D 347 -18.23 0.36 -32.73
N TYR D 348 -19.47 0.85 -32.64
CA TYR D 348 -20.57 0.00 -32.15
C TYR D 348 -20.87 -1.14 -33.11
N SER D 349 -20.62 -0.96 -34.41
CA SER D 349 -20.95 -2.00 -35.37
C SER D 349 -20.15 -3.27 -35.15
N GLU D 350 -18.92 -3.13 -34.64
CA GLU D 350 -18.04 -4.27 -34.51
C GLU D 350 -18.58 -5.28 -33.51
N MET D 351 -19.05 -4.81 -32.35
CA MET D 351 -19.45 -5.71 -31.27
C MET D 351 -20.95 -5.89 -31.15
N PHE D 352 -21.76 -5.36 -32.07
CA PHE D 352 -23.20 -5.47 -31.93
C PHE D 352 -23.68 -6.93 -31.89
N PRO D 353 -23.20 -7.84 -32.74
CA PRO D 353 -23.42 -9.26 -32.51
C PRO D 353 -23.07 -9.74 -31.12
N GLN D 354 -21.99 -9.20 -30.55
CA GLN D 354 -21.49 -9.71 -29.28
C GLN D 354 -22.38 -9.33 -28.11
N ILE D 355 -23.05 -8.17 -28.19
CA ILE D 355 -23.96 -7.79 -27.11
C ILE D 355 -25.14 -8.74 -27.08
N LYS D 356 -25.37 -9.35 -25.93
CA LYS D 356 -26.37 -10.41 -25.78
C LYS D 356 -27.62 -9.86 -25.11
N ASN D 357 -28.78 -10.32 -25.59
CA ASN D 357 -30.05 -9.95 -24.98
C ASN D 357 -30.41 -10.99 -23.93
N CYS D 358 -30.69 -10.54 -22.71
CA CYS D 358 -31.16 -11.45 -21.66
C CYS D 358 -32.35 -10.83 -20.95
N SER D 359 -33.34 -11.68 -20.65
CA SER D 359 -34.55 -11.26 -19.95
C SER D 359 -34.90 -12.32 -18.92
N LEU D 360 -35.70 -11.93 -17.93
CA LEU D 360 -36.07 -12.85 -16.86
C LEU D 360 -36.89 -14.01 -17.40
N GLU D 361 -37.75 -13.76 -18.38
CA GLU D 361 -38.66 -14.81 -18.85
C GLU D 361 -37.89 -15.97 -19.45
N SER D 362 -36.98 -15.67 -20.39
CA SER D 362 -36.24 -16.74 -21.06
C SER D 362 -35.38 -17.51 -20.09
N GLU D 363 -34.73 -16.82 -19.15
CA GLU D 363 -33.98 -17.50 -18.11
C GLU D 363 -34.88 -18.41 -17.28
N LEU D 364 -36.09 -17.94 -16.96
CA LEU D 364 -37.02 -18.77 -16.20
C LEU D 364 -37.41 -20.02 -16.95
N ASP D 365 -37.64 -19.93 -18.26
CA ASP D 365 -37.93 -21.16 -19.00
C ASP D 365 -36.73 -22.07 -19.08
N THR D 366 -35.52 -21.52 -19.28
CA THR D 366 -34.36 -22.35 -19.58
C THR D 366 -33.23 -22.21 -18.57
N ALA D 367 -33.54 -21.97 -17.29
CA ALA D 367 -32.48 -21.97 -16.29
C ALA D 367 -32.03 -23.40 -16.00
N VAL D 368 -32.93 -24.21 -15.43
CA VAL D 368 -32.68 -25.60 -15.13
C VAL D 368 -33.91 -26.40 -15.58
N GLN D 369 -33.68 -27.51 -16.27
CA GLN D 369 -34.79 -28.37 -16.68
C GLN D 369 -34.28 -29.78 -16.85
N GLY D 370 -35.16 -30.74 -16.60
CA GLY D 370 -34.83 -32.15 -16.70
C GLY D 370 -35.17 -32.89 -15.43
N THR D 371 -34.82 -34.17 -15.42
CA THR D 371 -35.11 -35.02 -14.27
C THR D 371 -34.19 -34.73 -13.10
N GLY D 372 -33.18 -33.88 -13.27
CA GLY D 372 -32.30 -33.54 -12.17
C GLY D 372 -32.59 -32.18 -11.58
N LEU D 373 -33.80 -31.67 -11.82
CA LEU D 373 -34.14 -30.32 -11.35
C LEU D 373 -34.06 -30.24 -9.83
N ALA D 374 -34.60 -31.24 -9.13
CA ALA D 374 -34.59 -31.21 -7.69
C ALA D 374 -33.17 -31.22 -7.15
N PHE D 375 -32.33 -32.11 -7.68
CA PHE D 375 -30.96 -32.22 -7.18
C PHE D 375 -30.18 -30.93 -7.43
N ILE D 376 -30.25 -30.39 -8.65
CA ILE D 376 -29.50 -29.18 -8.97
C ILE D 376 -29.98 -28.01 -8.11
N VAL D 377 -31.28 -27.82 -8.02
CA VAL D 377 -31.85 -26.70 -7.29
C VAL D 377 -31.49 -26.80 -5.81
N TYR D 378 -31.63 -27.98 -5.23
CA TYR D 378 -31.38 -28.10 -3.79
C TYR D 378 -29.89 -28.07 -3.47
N THR D 379 -29.03 -28.57 -4.36
CA THR D 379 -27.60 -28.39 -4.14
C THR D 379 -27.19 -26.93 -4.21
N GLU D 380 -27.78 -26.17 -5.12
CA GLU D 380 -27.54 -24.72 -5.16
C GLU D 380 -27.96 -24.07 -3.84
N ALA D 381 -29.14 -24.44 -3.35
CA ALA D 381 -29.60 -23.87 -2.09
C ALA D 381 -28.68 -24.27 -0.96
N ILE D 382 -28.18 -25.51 -0.97
CA ILE D 382 -27.28 -25.93 0.09
C ILE D 382 -26.00 -25.11 0.00
N LYS D 383 -25.51 -24.88 -1.22
CA LYS D 383 -24.26 -24.14 -1.37
C LYS D 383 -24.41 -22.70 -0.93
N ASN D 384 -25.64 -22.24 -0.71
CA ASN D 384 -25.86 -20.88 -0.22
C ASN D 384 -26.25 -20.85 1.26
N MET D 385 -25.97 -21.93 1.99
CA MET D 385 -26.24 -22.00 3.42
C MET D 385 -25.01 -21.60 4.22
N GLU D 386 -25.12 -21.69 5.54
CA GLU D 386 -23.99 -21.40 6.42
C GLU D 386 -23.18 -22.66 6.71
N VAL D 387 -23.81 -23.67 7.30
CA VAL D 387 -23.21 -25.00 7.45
C VAL D 387 -23.85 -25.86 6.36
N SER D 388 -23.23 -25.86 5.18
CA SER D 388 -23.80 -26.56 4.04
C SER D 388 -23.87 -28.06 4.24
N GLN D 389 -22.88 -28.64 4.94
CA GLN D 389 -22.81 -30.08 5.10
C GLN D 389 -24.03 -30.62 5.85
N LEU D 390 -24.40 -29.97 6.95
CA LEU D 390 -25.50 -30.46 7.77
C LEU D 390 -26.82 -30.42 7.02
N TRP D 391 -27.10 -29.31 6.34
CA TRP D 391 -28.34 -29.22 5.58
C TRP D 391 -28.36 -30.18 4.39
N SER D 392 -27.22 -30.37 3.73
CA SER D 392 -27.16 -31.36 2.66
C SER D 392 -27.43 -32.77 3.18
N VAL D 393 -26.83 -33.13 4.30
CA VAL D 393 -27.08 -34.45 4.89
C VAL D 393 -28.56 -34.59 5.24
N LEU D 394 -29.14 -33.57 5.86
CA LEU D 394 -30.52 -33.64 6.28
C LEU D 394 -31.47 -33.79 5.09
N TYR D 395 -31.25 -33.01 4.03
CA TYR D 395 -32.14 -33.07 2.87
C TYR D 395 -31.99 -34.40 2.13
N PHE D 396 -30.77 -34.83 1.87
CA PHE D 396 -30.60 -36.09 1.14
C PHE D 396 -30.85 -37.31 2.01
N PHE D 397 -31.04 -37.13 3.30
CA PHE D 397 -31.55 -38.19 4.15
C PHE D 397 -33.07 -38.21 4.15
N MET D 398 -33.71 -37.05 4.15
CA MET D 398 -35.16 -37.06 3.98
C MET D 398 -35.52 -37.71 2.65
N LEU D 399 -34.80 -37.32 1.59
CA LEU D 399 -35.06 -37.91 0.28
C LEU D 399 -34.81 -39.41 0.28
N LEU D 400 -33.76 -39.86 0.99
CA LEU D 400 -33.49 -41.30 1.07
C LEU D 400 -34.63 -42.04 1.78
N MET D 401 -35.13 -41.48 2.89
CA MET D 401 -36.26 -42.10 3.58
C MET D 401 -37.49 -42.18 2.69
N LEU D 402 -37.80 -41.09 1.99
CA LEU D 402 -38.98 -41.10 1.12
C LEU D 402 -38.84 -42.17 0.03
N GLY D 403 -37.69 -42.22 -0.62
CA GLY D 403 -37.48 -43.22 -1.66
C GLY D 403 -37.55 -44.63 -1.13
N ILE D 404 -36.95 -44.87 0.04
CA ILE D 404 -36.93 -46.20 0.61
C ILE D 404 -38.33 -46.65 1.00
N GLY D 405 -39.12 -45.76 1.59
CA GLY D 405 -40.50 -46.11 1.91
C GLY D 405 -41.33 -46.42 0.69
N SER D 406 -41.22 -45.58 -0.34
CA SER D 406 -41.98 -45.82 -1.56
C SER D 406 -41.56 -47.14 -2.20
N MET D 407 -40.27 -47.45 -2.18
CA MET D 407 -39.82 -48.70 -2.79
C MET D 407 -40.23 -49.90 -1.95
N LEU D 408 -40.27 -49.77 -0.63
CA LEU D 408 -40.79 -50.86 0.19
C LEU D 408 -42.23 -51.15 -0.18
N GLY D 409 -43.05 -50.10 -0.35
CA GLY D 409 -44.41 -50.31 -0.80
C GLY D 409 -44.49 -50.99 -2.16
N ASN D 410 -43.72 -50.48 -3.13
CA ASN D 410 -43.76 -51.04 -4.47
C ASN D 410 -43.30 -52.49 -4.49
N THR D 411 -42.23 -52.80 -3.77
CA THR D 411 -41.71 -54.16 -3.80
C THR D 411 -42.62 -55.12 -3.03
N ALA D 412 -43.31 -54.62 -1.99
CA ALA D 412 -44.34 -55.45 -1.36
C ALA D 412 -45.45 -55.77 -2.34
N ALA D 413 -45.88 -54.78 -3.12
CA ALA D 413 -46.87 -55.01 -4.17
C ALA D 413 -46.35 -56.02 -5.20
N ILE D 414 -45.07 -55.95 -5.52
CA ILE D 414 -44.46 -56.92 -6.44
C ILE D 414 -44.47 -58.32 -5.84
N LEU D 415 -44.11 -58.43 -4.56
CA LEU D 415 -43.77 -59.73 -3.98
C LEU D 415 -44.97 -60.49 -3.44
N THR D 416 -46.01 -59.79 -2.99
CA THR D 416 -47.16 -60.48 -2.40
C THR D 416 -47.78 -61.52 -3.34
N PRO D 417 -48.01 -61.24 -4.63
CA PRO D 417 -48.48 -62.32 -5.52
C PRO D 417 -47.52 -63.49 -5.60
N LEU D 418 -46.21 -63.22 -5.59
CA LEU D 418 -45.23 -64.30 -5.67
C LEU D 418 -45.26 -65.18 -4.42
N THR D 419 -45.30 -64.55 -3.24
CA THR D 419 -45.37 -65.32 -2.00
C THR D 419 -46.68 -66.09 -1.90
N ASP D 420 -47.80 -65.48 -2.33
CA ASP D 420 -49.08 -66.15 -2.24
C ASP D 420 -49.19 -67.34 -3.18
N SER D 421 -48.30 -67.47 -4.15
CA SER D 421 -48.33 -68.61 -5.07
C SER D 421 -47.66 -69.81 -4.39
N LYS D 422 -48.45 -70.85 -4.14
CA LYS D 422 -47.92 -72.04 -3.47
C LYS D 422 -46.93 -72.81 -4.34
N ILE D 423 -46.98 -72.63 -5.66
CA ILE D 423 -46.04 -73.33 -6.54
C ILE D 423 -44.61 -72.90 -6.25
N ILE D 424 -44.39 -71.59 -6.09
CA ILE D 424 -43.05 -71.08 -5.80
C ILE D 424 -42.75 -71.18 -4.31
N SER D 425 -43.75 -70.92 -3.46
CA SER D 425 -43.53 -70.94 -2.02
C SER D 425 -43.19 -72.33 -1.49
N SER D 426 -43.48 -73.38 -2.25
CA SER D 426 -43.18 -74.75 -1.82
C SER D 426 -41.80 -75.20 -2.25
N HIS D 427 -41.04 -74.36 -2.95
CA HIS D 427 -39.71 -74.74 -3.43
C HIS D 427 -38.59 -73.89 -2.85
N LEU D 428 -38.79 -72.59 -2.70
CA LEU D 428 -37.77 -71.69 -2.17
C LEU D 428 -38.33 -70.87 -1.02
N PRO D 429 -37.50 -70.51 -0.04
CA PRO D 429 -37.95 -69.63 1.03
C PRO D 429 -38.28 -68.25 0.50
N LYS D 430 -39.17 -67.56 1.21
CA LYS D 430 -39.47 -66.17 0.85
C LYS D 430 -38.22 -65.29 0.91
N GLU D 431 -37.29 -65.57 1.81
CA GLU D 431 -36.05 -64.80 1.86
C GLU D 431 -35.24 -64.98 0.58
N ALA D 432 -35.37 -66.13 -0.06
CA ALA D 432 -34.71 -66.36 -1.34
C ALA D 432 -35.51 -65.81 -2.50
N ILE D 433 -36.85 -65.85 -2.41
CA ILE D 433 -37.63 -65.27 -3.49
C ILE D 433 -37.38 -63.77 -3.55
N SER D 434 -37.42 -63.12 -2.39
CA SER D 434 -37.12 -61.69 -2.32
C SER D 434 -35.69 -61.40 -2.77
N GLY D 435 -34.74 -62.25 -2.38
CA GLY D 435 -33.37 -62.04 -2.83
C GLY D 435 -33.24 -62.12 -4.34
N LEU D 436 -33.90 -63.12 -4.94
CA LEU D 436 -33.86 -63.27 -6.39
C LEU D 436 -34.53 -62.09 -7.10
N VAL D 437 -35.66 -61.60 -6.56
CA VAL D 437 -36.32 -60.45 -7.16
C VAL D 437 -35.41 -59.23 -7.10
N CYS D 438 -34.80 -58.98 -5.94
CA CYS D 438 -33.90 -57.83 -5.83
C CYS D 438 -32.70 -57.97 -6.74
N LEU D 439 -32.15 -59.18 -6.86
CA LEU D 439 -31.00 -59.38 -7.73
C LEU D 439 -31.36 -59.15 -9.19
N VAL D 440 -32.51 -59.66 -9.63
CA VAL D 440 -32.93 -59.44 -11.01
C VAL D 440 -33.15 -57.96 -11.29
N ASN D 441 -33.82 -57.26 -10.36
CA ASN D 441 -34.06 -55.84 -10.55
C ASN D 441 -32.76 -55.05 -10.61
N CYS D 442 -31.82 -55.34 -9.71
CA CYS D 442 -30.54 -54.63 -9.69
C CYS D 442 -29.71 -54.93 -10.93
N ALA D 443 -29.71 -56.18 -11.39
CA ALA D 443 -28.95 -56.54 -12.57
C ALA D 443 -29.52 -55.89 -13.82
N ILE D 444 -30.85 -55.83 -13.93
CA ILE D 444 -31.44 -55.20 -15.10
C ILE D 444 -31.28 -53.69 -15.04
N GLY D 445 -31.30 -53.10 -13.84
CA GLY D 445 -31.20 -51.66 -13.72
C GLY D 445 -29.83 -51.08 -13.96
N MET D 446 -28.84 -51.90 -14.32
CA MET D 446 -27.52 -51.39 -14.67
C MET D 446 -27.51 -50.60 -15.97
N VAL D 447 -28.55 -50.72 -16.79
CA VAL D 447 -28.59 -49.96 -18.04
C VAL D 447 -28.77 -48.47 -17.78
N PHE D 448 -29.23 -48.09 -16.59
CA PHE D 448 -29.37 -46.68 -16.24
C PHE D 448 -28.08 -46.09 -15.71
N THR D 449 -27.03 -46.88 -15.55
CA THR D 449 -25.75 -46.41 -15.07
C THR D 449 -24.73 -46.21 -16.18
N MET D 450 -25.11 -46.44 -17.44
CA MET D 450 -24.19 -46.22 -18.55
C MET D 450 -23.97 -44.73 -18.76
N GLU D 451 -23.10 -44.40 -19.72
CA GLU D 451 -22.88 -43.00 -20.05
C GLU D 451 -24.15 -42.37 -20.61
N ALA D 452 -24.86 -43.09 -21.48
CA ALA D 452 -26.15 -42.65 -22.00
C ALA D 452 -27.31 -43.24 -21.20
N GLY D 453 -27.09 -43.52 -19.91
CA GLY D 453 -28.13 -44.12 -19.10
C GLY D 453 -29.23 -43.17 -18.68
N ASN D 454 -28.93 -41.87 -18.63
CA ASN D 454 -29.94 -40.89 -18.25
C ASN D 454 -31.06 -40.81 -19.28
N TYR D 455 -30.75 -41.07 -20.55
CA TYR D 455 -31.80 -41.07 -21.58
C TYR D 455 -32.72 -42.27 -21.42
N TRP D 456 -32.17 -43.43 -21.05
CA TRP D 456 -33.02 -44.57 -20.78
C TRP D 456 -33.84 -44.37 -19.52
N PHE D 457 -33.26 -43.70 -18.52
CA PHE D 457 -34.04 -43.30 -17.35
C PHE D 457 -35.16 -42.34 -17.73
N ASP D 458 -34.90 -41.42 -18.67
CA ASP D 458 -35.95 -40.54 -19.18
C ASP D 458 -37.07 -41.33 -19.84
N ILE D 459 -36.71 -42.32 -20.65
CA ILE D 459 -37.70 -43.16 -21.30
C ILE D 459 -38.54 -43.90 -20.28
N PHE D 460 -37.90 -44.50 -19.28
CA PHE D 460 -38.68 -45.27 -18.32
C PHE D 460 -39.50 -44.36 -17.43
N ASN D 461 -38.97 -43.17 -17.08
CA ASN D 461 -39.72 -42.23 -16.27
C ASN D 461 -40.91 -41.65 -17.01
N ASP D 462 -40.92 -41.72 -18.34
CA ASP D 462 -42.01 -41.09 -19.08
C ASP D 462 -42.93 -42.10 -19.77
N TYR D 463 -42.56 -43.37 -19.83
CA TYR D 463 -43.40 -44.34 -20.52
C TYR D 463 -43.60 -45.67 -19.81
N ALA D 464 -42.75 -46.05 -18.86
CA ALA D 464 -42.90 -47.35 -18.20
C ALA D 464 -44.17 -47.41 -17.36
N ALA D 465 -44.40 -46.42 -16.53
CA ALA D 465 -45.58 -46.39 -15.65
C ALA D 465 -46.33 -45.08 -15.81
N THR D 466 -46.59 -44.69 -17.05
CA THR D 466 -47.23 -43.40 -17.33
C THR D 466 -48.61 -43.57 -17.95
N LEU D 467 -48.70 -44.23 -19.10
CA LEU D 467 -49.98 -44.40 -19.78
C LEU D 467 -50.67 -45.71 -19.44
N SER D 468 -49.88 -46.74 -19.10
CA SER D 468 -50.46 -48.01 -18.65
C SER D 468 -51.31 -47.85 -17.40
N LEU D 469 -50.92 -46.96 -16.50
CA LEU D 469 -51.74 -46.65 -15.34
C LEU D 469 -53.10 -46.05 -15.70
N LEU D 470 -53.16 -45.30 -16.79
CA LEU D 470 -54.45 -44.83 -17.28
C LEU D 470 -55.29 -45.97 -17.84
N LEU D 471 -54.70 -46.84 -18.65
CA LEU D 471 -55.54 -47.87 -19.24
C LEU D 471 -55.98 -48.87 -18.18
N ILE D 472 -55.09 -49.19 -17.24
CA ILE D 472 -55.44 -50.08 -16.14
C ILE D 472 -56.60 -49.52 -15.33
N VAL D 473 -56.53 -48.23 -14.99
CA VAL D 473 -57.60 -47.64 -14.19
C VAL D 473 -58.90 -47.55 -14.99
N LEU D 474 -58.81 -47.25 -16.29
CA LEU D 474 -59.99 -47.26 -17.14
C LEU D 474 -60.66 -48.63 -17.16
N VAL D 475 -59.88 -49.69 -17.36
CA VAL D 475 -60.44 -51.04 -17.35
C VAL D 475 -61.06 -51.35 -15.99
N GLU D 476 -60.38 -50.95 -14.91
CA GLU D 476 -60.90 -51.23 -13.57
C GLU D 476 -62.25 -50.55 -13.35
N THR D 477 -62.36 -49.27 -13.74
CA THR D 477 -63.60 -48.54 -13.47
C THR D 477 -64.74 -49.03 -14.37
N ILE D 478 -64.44 -49.37 -15.63
CA ILE D 478 -65.49 -49.98 -16.46
C ILE D 478 -65.93 -51.31 -15.88
N ALA D 479 -64.97 -52.09 -15.36
CA ALA D 479 -65.30 -53.37 -14.74
C ALA D 479 -66.24 -53.17 -13.56
N VAL D 480 -65.91 -52.22 -12.69
CA VAL D 480 -66.70 -52.00 -11.49
C VAL D 480 -68.09 -51.47 -11.83
N CYS D 481 -68.17 -50.53 -12.77
CA CYS D 481 -69.45 -49.88 -13.04
C CYS D 481 -70.38 -50.76 -13.89
N TYR D 482 -69.89 -51.26 -15.02
CA TYR D 482 -70.77 -51.86 -16.02
C TYR D 482 -70.82 -53.38 -15.98
N VAL D 483 -69.67 -54.03 -15.77
CA VAL D 483 -69.66 -55.50 -15.75
C VAL D 483 -70.24 -56.03 -14.45
N TYR D 484 -69.77 -55.52 -13.32
CA TYR D 484 -70.30 -55.96 -12.03
C TYR D 484 -71.69 -55.42 -11.79
N GLY D 485 -71.96 -54.20 -12.25
CA GLY D 485 -73.24 -53.57 -12.00
C GLY D 485 -73.15 -52.56 -10.88
N LEU D 486 -73.28 -51.27 -11.20
CA LEU D 486 -73.10 -50.25 -10.19
C LEU D 486 -74.19 -50.30 -9.12
N ARG D 487 -75.39 -50.71 -9.48
CA ARG D 487 -76.45 -50.84 -8.48
C ARG D 487 -76.10 -51.91 -7.45
N ARG D 488 -75.61 -53.07 -7.92
CA ARG D 488 -75.23 -54.14 -7.01
C ARG D 488 -74.07 -53.72 -6.12
N PHE D 489 -73.07 -53.05 -6.69
CA PHE D 489 -71.94 -52.57 -5.91
C PHE D 489 -72.38 -51.56 -4.86
N GLU D 490 -73.28 -50.63 -5.23
CA GLU D 490 -73.77 -49.65 -4.28
C GLU D 490 -74.56 -50.31 -3.16
N SER D 491 -75.39 -51.30 -3.49
CA SER D 491 -76.14 -52.00 -2.46
C SER D 491 -75.20 -52.74 -1.52
N ASP D 492 -74.18 -53.41 -2.06
CA ASP D 492 -73.22 -54.11 -1.22
C ASP D 492 -72.47 -53.15 -0.30
N LEU D 493 -72.03 -52.01 -0.84
CA LEU D 493 -71.32 -51.03 -0.01
C LEU D 493 -72.24 -50.45 1.06
N LYS D 494 -73.49 -50.17 0.72
CA LYS D 494 -74.42 -49.64 1.71
C LYS D 494 -74.66 -50.66 2.83
N ALA D 495 -74.82 -51.93 2.46
CA ALA D 495 -74.96 -52.97 3.49
C ALA D 495 -73.70 -53.09 4.34
N MET D 496 -72.53 -52.87 3.73
CA MET D 496 -71.27 -53.00 4.47
C MET D 496 -71.09 -51.85 5.47
N THR D 497 -71.44 -50.63 5.08
CA THR D 497 -71.14 -49.46 5.91
C THR D 497 -72.37 -48.68 6.37
N GLY D 498 -73.57 -49.10 5.99
CA GLY D 498 -74.78 -48.44 6.45
C GLY D 498 -75.18 -47.22 5.65
N ARG D 499 -74.24 -46.57 4.96
CA ARG D 499 -74.51 -45.37 4.18
C ARG D 499 -74.30 -45.67 2.71
N ALA D 500 -75.28 -45.30 1.89
CA ALA D 500 -75.16 -45.47 0.45
C ALA D 500 -74.19 -44.46 -0.14
N VAL D 501 -73.52 -44.87 -1.23
CA VAL D 501 -72.57 -43.99 -1.90
C VAL D 501 -73.28 -42.73 -2.37
N SER D 502 -72.60 -41.60 -2.24
CA SER D 502 -73.17 -40.34 -2.67
C SER D 502 -73.37 -40.32 -4.18
N TRP D 503 -74.30 -39.47 -4.62
CA TRP D 503 -74.57 -39.37 -6.06
C TRP D 503 -73.38 -38.81 -6.82
N TYR D 504 -72.61 -37.92 -6.20
CA TYR D 504 -71.43 -37.38 -6.85
C TYR D 504 -70.41 -38.46 -7.16
N TRP D 505 -70.15 -39.36 -6.20
CA TRP D 505 -69.20 -40.44 -6.45
C TRP D 505 -69.68 -41.38 -7.55
N LYS D 506 -70.99 -41.67 -7.56
CA LYS D 506 -71.54 -42.49 -8.63
C LYS D 506 -71.37 -41.83 -9.99
N VAL D 507 -71.64 -40.52 -10.06
CA VAL D 507 -71.48 -39.79 -11.31
C VAL D 507 -70.04 -39.84 -11.79
N MET D 508 -69.09 -39.61 -10.88
CA MET D 508 -67.69 -39.60 -11.30
C MET D 508 -67.19 -41.00 -11.66
N TRP D 509 -67.70 -42.03 -10.97
CA TRP D 509 -67.32 -43.40 -11.30
C TRP D 509 -67.83 -43.80 -12.69
N ALA D 510 -69.13 -43.60 -12.93
CA ALA D 510 -69.74 -44.18 -14.11
C ALA D 510 -69.31 -43.49 -15.39
N GLY D 511 -69.52 -42.18 -15.48
CA GLY D 511 -69.33 -41.51 -16.75
C GLY D 511 -68.16 -40.55 -16.89
N VAL D 512 -67.88 -39.76 -15.86
CA VAL D 512 -67.02 -38.60 -16.04
C VAL D 512 -65.55 -39.00 -16.16
N SER D 513 -65.06 -39.80 -15.21
CA SER D 513 -63.64 -40.18 -15.22
C SER D 513 -63.26 -41.01 -16.44
N PRO D 514 -64.00 -42.08 -16.81
CA PRO D 514 -63.63 -42.80 -18.04
C PRO D 514 -63.69 -41.94 -19.30
N LEU D 515 -64.69 -41.07 -19.41
CA LEU D 515 -64.78 -40.20 -20.58
C LEU D 515 -63.61 -39.23 -20.64
N LEU D 516 -63.20 -38.68 -19.50
CA LEU D 516 -62.05 -37.78 -19.49
C LEU D 516 -60.77 -38.53 -19.84
N ILE D 517 -60.62 -39.76 -19.33
CA ILE D 517 -59.43 -40.55 -19.67
C ILE D 517 -59.39 -40.86 -21.16
N VAL D 518 -60.54 -41.24 -21.73
CA VAL D 518 -60.61 -41.54 -23.16
C VAL D 518 -60.29 -40.29 -23.98
N SER D 519 -60.83 -39.15 -23.58
CA SER D 519 -60.55 -37.91 -24.30
C SER D 519 -59.07 -37.56 -24.24
N LEU D 520 -58.45 -37.75 -23.07
CA LEU D 520 -57.02 -37.50 -22.93
C LEU D 520 -56.22 -38.42 -23.83
N PHE D 521 -56.58 -39.70 -23.88
CA PHE D 521 -55.87 -40.64 -24.73
C PHE D 521 -56.01 -40.25 -26.20
N VAL D 522 -57.21 -39.86 -26.62
CA VAL D 522 -57.43 -39.48 -28.00
C VAL D 522 -56.62 -38.24 -28.35
N PHE D 523 -56.61 -37.25 -27.46
CA PHE D 523 -55.85 -36.03 -27.72
C PHE D 523 -54.36 -36.33 -27.82
N TYR D 524 -53.85 -37.17 -26.90
CA TYR D 524 -52.42 -37.51 -26.95
C TYR D 524 -52.08 -38.24 -28.24
N LEU D 525 -52.90 -39.20 -28.64
CA LEU D 525 -52.63 -39.95 -29.87
C LEU D 525 -52.67 -39.02 -31.08
N SER D 526 -53.67 -38.13 -31.13
CA SER D 526 -53.76 -37.20 -32.25
C SER D 526 -52.56 -36.27 -32.30
N ASP D 527 -52.13 -35.77 -31.15
CA ASP D 527 -50.96 -34.89 -31.12
C ASP D 527 -49.71 -35.62 -31.57
N TYR D 528 -49.53 -36.86 -31.12
CA TYR D 528 -48.36 -37.62 -31.52
C TYR D 528 -48.37 -37.90 -33.01
N ILE D 529 -49.54 -38.23 -33.57
CA ILE D 529 -49.64 -38.50 -35.00
C ILE D 529 -49.35 -37.24 -35.80
N LEU D 530 -49.93 -36.11 -35.40
CA LEU D 530 -49.73 -34.87 -36.13
C LEU D 530 -48.27 -34.42 -36.08
N THR D 531 -47.64 -34.51 -34.90
CA THR D 531 -46.25 -34.11 -34.80
C THR D 531 -45.34 -35.07 -35.57
N GLY D 532 -45.52 -36.37 -35.37
CA GLY D 532 -44.78 -37.35 -36.13
C GLY D 532 -43.29 -37.41 -35.83
N THR D 533 -42.84 -36.78 -34.75
CA THR D 533 -41.42 -36.75 -34.41
C THR D 533 -41.32 -36.64 -32.89
N LEU D 534 -41.06 -37.76 -32.23
CA LEU D 534 -40.86 -37.77 -30.78
C LEU D 534 -39.43 -37.35 -30.45
N LYS D 535 -39.29 -36.39 -29.55
CA LYS D 535 -38.01 -35.78 -29.24
C LYS D 535 -37.70 -35.90 -27.76
N TYR D 536 -36.41 -35.84 -27.45
CA TYR D 536 -35.93 -35.90 -26.07
C TYR D 536 -34.87 -34.84 -25.86
N GLN D 537 -34.69 -34.45 -24.60
CA GLN D 537 -33.69 -33.46 -24.25
C GLN D 537 -32.33 -34.14 -24.07
N ALA D 538 -31.29 -33.49 -24.56
CA ALA D 538 -29.93 -33.99 -24.49
C ALA D 538 -29.00 -32.86 -24.05
N TRP D 539 -28.03 -33.20 -23.21
CA TRP D 539 -27.10 -32.20 -22.71
C TRP D 539 -26.10 -31.80 -23.79
N ASP D 540 -25.76 -30.52 -23.82
CA ASP D 540 -24.79 -29.96 -24.75
C ASP D 540 -23.78 -29.19 -23.91
N ALA D 541 -22.62 -29.80 -23.68
CA ALA D 541 -21.60 -29.18 -22.84
C ALA D 541 -20.94 -28.01 -23.56
N SER D 542 -20.76 -28.11 -24.88
CA SER D 542 -20.18 -27.01 -25.63
C SER D 542 -21.08 -25.79 -25.58
N GLN D 543 -22.39 -25.98 -25.75
CA GLN D 543 -23.36 -24.93 -25.52
C GLN D 543 -23.81 -24.85 -24.06
N GLY D 544 -23.55 -25.91 -23.29
CA GLY D 544 -23.84 -25.89 -21.87
C GLY D 544 -25.31 -25.77 -21.51
N GLN D 545 -26.18 -26.36 -22.31
CA GLN D 545 -27.61 -26.29 -22.07
C GLN D 545 -28.25 -27.60 -22.56
N LEU D 546 -29.55 -27.56 -22.84
CA LEU D 546 -30.28 -28.72 -23.31
C LEU D 546 -30.80 -28.47 -24.71
N VAL D 547 -30.62 -29.45 -25.59
CA VAL D 547 -31.09 -29.37 -26.97
C VAL D 547 -32.06 -30.52 -27.21
N THR D 548 -32.91 -30.36 -28.22
CA THR D 548 -33.90 -31.37 -28.55
C THR D 548 -33.38 -32.24 -29.69
N LYS D 549 -33.44 -33.55 -29.51
CA LYS D 549 -33.01 -34.50 -30.53
C LYS D 549 -34.07 -35.56 -30.75
N ASP D 550 -34.21 -36.00 -32.00
CA ASP D 550 -35.20 -37.02 -32.34
C ASP D 550 -34.77 -38.37 -31.78
N TYR D 551 -35.74 -39.15 -31.33
CA TYR D 551 -35.46 -40.49 -30.83
C TYR D 551 -34.97 -41.38 -31.99
N PRO D 552 -33.97 -42.23 -31.74
CA PRO D 552 -33.54 -43.16 -32.79
C PRO D 552 -34.56 -44.25 -33.05
N ALA D 553 -34.26 -45.13 -34.03
CA ALA D 553 -35.20 -46.18 -34.38
C ALA D 553 -35.37 -47.20 -33.26
N TYR D 554 -34.27 -47.59 -32.61
CA TYR D 554 -34.33 -48.60 -31.57
C TYR D 554 -34.91 -48.10 -30.25
N ALA D 555 -34.95 -46.78 -30.03
CA ALA D 555 -35.54 -46.27 -28.80
C ALA D 555 -37.06 -46.27 -28.84
N LEU D 556 -37.63 -46.25 -30.05
CA LEU D 556 -39.08 -46.32 -30.16
C LEU D 556 -39.58 -47.73 -29.92
N ALA D 557 -38.80 -48.75 -30.25
CA ALA D 557 -39.25 -50.11 -29.99
C ALA D 557 -39.40 -50.33 -28.48
N VAL D 558 -38.40 -49.88 -27.71
CA VAL D 558 -38.46 -50.01 -26.26
C VAL D 558 -39.59 -49.17 -25.69
N ILE D 559 -39.76 -47.94 -26.21
CA ILE D 559 -40.85 -47.09 -25.74
C ILE D 559 -42.20 -47.75 -25.98
N GLY D 560 -42.39 -48.34 -27.15
CA GLY D 560 -43.63 -49.02 -27.45
C GLY D 560 -43.84 -50.25 -26.59
N LEU D 561 -42.80 -51.06 -26.41
CA LEU D 561 -42.92 -52.32 -25.69
C LEU D 561 -43.24 -52.11 -24.22
N LEU D 562 -42.63 -51.10 -23.60
CA LEU D 562 -42.87 -50.84 -22.18
C LEU D 562 -44.35 -50.65 -21.89
N VAL D 563 -45.02 -49.82 -22.68
CA VAL D 563 -46.46 -49.64 -22.52
C VAL D 563 -47.23 -50.85 -23.01
N ALA D 564 -46.80 -51.44 -24.13
CA ALA D 564 -47.61 -52.46 -24.81
C ALA D 564 -47.72 -53.73 -23.97
N SER D 565 -46.63 -54.17 -23.35
CA SER D 565 -46.70 -55.41 -22.58
C SER D 565 -47.73 -55.29 -21.46
N SER D 566 -47.62 -54.24 -20.64
CA SER D 566 -48.50 -54.07 -19.51
C SER D 566 -49.94 -53.85 -19.94
N THR D 567 -50.16 -53.04 -20.98
CA THR D 567 -51.54 -52.76 -21.40
C THR D 567 -52.18 -53.99 -22.05
N MET D 568 -51.46 -54.63 -22.98
CA MET D 568 -51.97 -55.77 -23.74
C MET D 568 -52.03 -57.05 -22.91
N CYS D 569 -51.46 -57.06 -21.70
CA CYS D 569 -51.64 -58.22 -20.83
C CYS D 569 -53.11 -58.50 -20.50
N ILE D 570 -54.00 -57.53 -20.61
CA ILE D 570 -55.42 -57.76 -20.33
C ILE D 570 -56.08 -58.52 -21.48
N PRO D 571 -56.07 -57.99 -22.72
CA PRO D 571 -56.78 -58.71 -23.79
C PRO D 571 -56.22 -60.09 -24.02
N LEU D 572 -54.90 -60.29 -23.83
CA LEU D 572 -54.36 -61.62 -24.04
C LEU D 572 -54.97 -62.60 -23.06
N ALA D 573 -55.13 -62.16 -21.80
CA ALA D 573 -55.76 -63.03 -20.81
C ALA D 573 -57.21 -63.32 -21.16
N ALA D 574 -57.91 -62.31 -21.70
CA ALA D 574 -59.29 -62.54 -22.12
C ALA D 574 -59.36 -63.57 -23.25
N LEU D 575 -58.46 -63.46 -24.23
CA LEU D 575 -58.39 -64.42 -25.31
C LEU D 575 -58.06 -65.81 -24.80
N GLY D 576 -57.13 -65.91 -23.86
CA GLY D 576 -56.80 -67.21 -23.28
C GLY D 576 -57.97 -67.83 -22.55
N THR D 577 -58.72 -67.02 -21.80
CA THR D 577 -59.90 -67.55 -21.11
C THR D 577 -60.96 -68.02 -22.11
N PHE D 578 -61.16 -67.25 -23.18
CA PHE D 578 -62.11 -67.66 -24.22
C PHE D 578 -61.68 -68.97 -24.87
N VAL D 579 -60.39 -69.12 -25.16
CA VAL D 579 -59.88 -70.36 -25.73
C VAL D 579 -60.09 -71.52 -24.76
N GLN D 580 -59.80 -71.30 -23.47
CA GLN D 580 -59.99 -72.34 -22.47
C GLN D 580 -61.44 -72.77 -22.38
N ARG D 581 -62.37 -71.82 -22.45
CA ARG D 581 -63.79 -72.16 -22.45
C ARG D 581 -64.17 -72.99 -23.67
N ARG D 582 -63.64 -72.61 -24.83
CA ARG D 582 -63.94 -73.34 -26.07
C ARG D 582 -62.88 -74.40 -26.35
#